data_5XVI
#
_entry.id   5XVI
#
_cell.length_a   92.800
_cell.length_b   92.820
_cell.length_c   111.690
_cell.angle_alpha   103.46
_cell.angle_beta   94.17
_cell.angle_gamma   120.13
#
_symmetry.space_group_name_H-M   'P 1'
#
loop_
_entity.id
_entity.type
_entity.pdbx_description
1 polymer 'Glutamate dehydrogenase'
2 non-polymer GLYCEROL
3 water water
#
_entity_poly.entity_id   1
_entity_poly.type   'polypeptide(L)'
_entity_poly.pdbx_seq_one_letter_code
;MSNLPHEPEFEQAYKELASTLENSTLFQKNPEYRKALAVVSVPERVIQFRVVWEDDAGNVQVNRGFRVQFNSALGPYKGG
LRFHPSVNLSILKFLGFEQIFKNALTGLNMGGGKGGSDFDPKGKSDNEIRRFCVSFMTELCKHIGADTDVPAGDIGVTGR
EVGFLFGQYRKIRNQWEGVLTGKGGSWGGSLIRPEATGYGVVYYVEHMIAHATNGQESFKGKRVAISGSGNVAQYAALKV
IELGGSVVSLSDSQGSLIINGEGSFTPEEIELIAQTKVERKQLASIVGAAPFSDANKFKYIAGARPWVHVGKVDVALPSA
TQNEISGEEAQVLINAGCKFIAEGSNMGCTQEAIDTFEAHRTANAGAAAIWYAPGKAANAGGVAVSGLEMAQNSARLSWT
SEEVDARLKDIMRDCFKNGLETAQEYATPAEGVLPSLVTGSNIAGFTKVAAAMKDQGDWW
;
_entity_poly.pdbx_strand_id   A,B,C,D,E,F
#
loop_
_chem_comp.id
_chem_comp.type
_chem_comp.name
_chem_comp.formula
GOL non-polymer GLYCEROL 'C3 H8 O3'
#
# COMPACT_ATOMS: atom_id res chain seq x y z
N SER A 2 34.01 12.07 -9.76
CA SER A 2 33.36 10.75 -9.48
C SER A 2 34.36 9.61 -9.44
N ASN A 3 34.15 8.68 -8.50
CA ASN A 3 34.75 7.35 -8.57
C ASN A 3 33.73 6.52 -9.32
N LEU A 4 34.21 5.76 -10.30
CA LEU A 4 33.39 4.84 -11.09
C LEU A 4 34.10 3.48 -11.11
N PRO A 5 33.33 2.39 -10.94
CA PRO A 5 33.91 1.06 -10.97
C PRO A 5 34.16 0.63 -12.40
N HIS A 6 35.09 -0.30 -12.56
CA HIS A 6 35.47 -0.80 -13.89
C HIS A 6 34.42 -1.84 -14.34
N GLU A 7 33.65 -1.48 -15.37
CA GLU A 7 32.64 -2.36 -15.97
C GLU A 7 32.98 -2.45 -17.47
N PRO A 8 34.02 -3.26 -17.80
CA PRO A 8 34.67 -3.22 -19.14
C PRO A 8 33.76 -3.57 -20.31
N GLU A 9 33.05 -4.68 -20.16
CA GLU A 9 32.08 -5.12 -21.15
C GLU A 9 31.10 -3.96 -21.48
N PHE A 10 30.53 -3.33 -20.45
CA PHE A 10 29.54 -2.24 -20.61
C PHE A 10 30.16 -1.04 -21.33
N GLU A 11 31.16 -0.44 -20.67
CA GLU A 11 31.89 0.74 -21.20
C GLU A 11 32.20 0.64 -22.70
N GLN A 12 32.58 -0.56 -23.15
CA GLN A 12 32.87 -0.88 -24.56
C GLN A 12 31.65 -0.80 -25.47
N ALA A 13 30.54 -1.39 -25.03
CA ALA A 13 29.28 -1.34 -25.73
C ALA A 13 28.73 0.10 -25.81
N TYR A 14 28.97 0.88 -24.76
CA TYR A 14 28.63 2.30 -24.75
C TYR A 14 29.45 3.05 -25.81
N LYS A 15 30.77 2.99 -25.68
CA LYS A 15 31.68 3.74 -26.56
C LYS A 15 31.41 3.41 -28.02
N GLU A 16 31.22 2.13 -28.32
CA GLU A 16 30.98 1.71 -29.69
C GLU A 16 29.66 2.25 -30.25
N LEU A 17 28.63 2.37 -29.42
CA LEU A 17 27.36 3.00 -29.84
C LEU A 17 27.60 4.46 -30.17
N ALA A 18 28.26 5.17 -29.25
CA ALA A 18 28.56 6.60 -29.46
C ALA A 18 29.30 6.82 -30.79
N SER A 19 30.19 5.87 -31.09
CA SER A 19 30.94 5.81 -32.37
C SER A 19 29.97 5.71 -33.55
N THR A 20 29.18 4.64 -33.61
CA THR A 20 28.30 4.41 -34.78
C THR A 20 27.30 5.54 -34.99
N LEU A 21 26.89 6.19 -33.90
CA LEU A 21 26.03 7.38 -33.96
C LEU A 21 26.80 8.62 -34.45
N GLU A 22 28.02 8.78 -33.97
CA GLU A 22 28.89 9.86 -34.46
C GLU A 22 29.18 9.74 -35.94
N ASN A 23 29.60 8.54 -36.36
CA ASN A 23 29.96 8.24 -37.76
C ASN A 23 28.75 8.28 -38.74
N SER A 24 27.97 9.36 -38.68
CA SER A 24 26.69 9.53 -39.39
C SER A 24 26.14 10.94 -39.24
N THR A 25 25.25 11.31 -40.15
CA THR A 25 24.66 12.66 -40.20
C THR A 25 23.68 12.98 -39.07
N LEU A 26 23.58 12.14 -38.02
CA LEU A 26 22.65 12.37 -36.91
C LEU A 26 22.95 13.66 -36.13
N PHE A 27 24.05 13.72 -35.40
CA PHE A 27 24.31 14.87 -34.47
C PHE A 27 24.58 16.22 -35.12
N GLN A 28 24.71 16.24 -36.45
CA GLN A 28 24.72 17.51 -37.19
C GLN A 28 23.31 18.05 -37.32
N LYS A 29 22.41 17.18 -37.77
CA LYS A 29 20.99 17.52 -37.94
C LYS A 29 20.22 17.67 -36.60
N ASN A 30 20.67 16.97 -35.57
CA ASN A 30 20.01 16.94 -34.25
C ASN A 30 21.11 16.96 -33.18
N PRO A 31 21.80 18.10 -33.00
CA PRO A 31 22.93 18.17 -32.02
C PRO A 31 22.54 18.00 -30.56
N GLU A 32 21.29 18.28 -30.23
CA GLU A 32 20.77 18.10 -28.86
C GLU A 32 20.70 16.63 -28.38
N TYR A 33 20.51 15.66 -29.28
CA TYR A 33 20.53 14.21 -28.93
C TYR A 33 21.81 13.74 -28.19
N ARG A 34 22.92 14.45 -28.39
CA ARG A 34 24.15 14.28 -27.58
C ARG A 34 23.96 14.37 -26.07
N LYS A 35 22.89 15.00 -25.61
CA LYS A 35 22.60 15.07 -24.18
C LYS A 35 21.93 13.76 -23.67
N ALA A 36 21.03 13.18 -24.47
CA ALA A 36 20.48 11.83 -24.21
C ALA A 36 21.55 10.79 -23.89
N LEU A 37 22.72 10.98 -24.52
CA LEU A 37 23.90 10.11 -24.39
C LEU A 37 24.34 9.89 -22.97
N ALA A 38 24.53 10.99 -22.24
CA ALA A 38 24.98 10.91 -20.84
C ALA A 38 23.87 10.46 -19.89
N VAL A 39 22.61 10.64 -20.28
CA VAL A 39 21.48 10.30 -19.44
C VAL A 39 21.12 8.84 -19.61
N VAL A 40 20.83 8.43 -20.86
CA VAL A 40 20.44 7.05 -21.19
C VAL A 40 21.42 6.05 -20.57
N SER A 41 22.71 6.35 -20.65
CA SER A 41 23.80 5.43 -20.25
C SER A 41 24.00 5.20 -18.75
N VAL A 42 23.38 6.03 -17.91
CA VAL A 42 23.27 5.73 -16.49
C VAL A 42 21.95 4.96 -16.33
N PRO A 43 21.95 3.89 -15.49
CA PRO A 43 20.66 3.18 -15.27
C PRO A 43 19.65 3.94 -14.41
N GLU A 44 18.36 3.87 -14.76
CA GLU A 44 17.26 4.39 -13.91
C GLU A 44 17.34 3.84 -12.47
N ARG A 45 17.37 2.52 -12.34
CA ARG A 45 17.38 1.87 -11.04
C ARG A 45 18.05 0.50 -11.12
N VAL A 46 18.92 0.20 -10.15
CA VAL A 46 19.55 -1.12 -9.99
C VAL A 46 19.29 -1.57 -8.57
N ILE A 47 18.72 -2.76 -8.42
CA ILE A 47 18.47 -3.37 -7.13
C ILE A 47 19.41 -4.54 -7.00
N GLN A 48 20.20 -4.53 -5.92
CA GLN A 48 21.06 -5.66 -5.54
C GLN A 48 20.53 -6.22 -4.25
N PHE A 49 20.76 -7.50 -4.02
CA PHE A 49 20.33 -8.12 -2.77
C PHE A 49 21.00 -9.46 -2.49
N ARG A 50 21.42 -9.63 -1.23
CA ARG A 50 21.80 -10.96 -0.73
C ARG A 50 20.66 -11.97 -0.90
N VAL A 51 20.96 -13.12 -1.53
CA VAL A 51 20.06 -14.29 -1.60
C VAL A 51 20.59 -15.46 -0.73
N VAL A 52 19.87 -15.82 0.32
CA VAL A 52 20.27 -16.88 1.21
C VAL A 52 19.32 -18.06 0.98
N TRP A 53 19.90 -19.24 0.76
CA TRP A 53 19.16 -20.48 0.46
C TRP A 53 19.87 -21.69 1.10
N GLU A 54 19.24 -22.86 0.92
CA GLU A 54 19.60 -24.07 1.65
C GLU A 54 19.76 -25.29 0.71
N ASP A 55 20.93 -25.95 0.78
CA ASP A 55 21.23 -27.18 0.00
C ASP A 55 20.61 -28.46 0.63
N ASP A 56 20.62 -29.57 -0.14
CA ASP A 56 19.96 -30.87 0.25
C ASP A 56 20.39 -31.54 1.59
N ALA A 57 21.60 -31.19 2.01
CA ALA A 57 22.19 -31.55 3.28
C ALA A 57 21.72 -30.62 4.40
N GLY A 58 21.03 -29.57 4.03
CA GLY A 58 20.58 -28.55 4.97
C GLY A 58 21.59 -27.54 5.46
N ASN A 59 22.61 -27.20 4.64
CA ASN A 59 23.60 -26.17 4.96
C ASN A 59 23.33 -24.84 4.26
N VAL A 60 23.60 -23.74 4.97
CA VAL A 60 23.29 -22.40 4.47
C VAL A 60 24.20 -22.07 3.28
N GLN A 61 23.62 -21.40 2.28
CA GLN A 61 24.36 -20.92 1.11
C GLN A 61 23.97 -19.49 0.83
N VAL A 62 24.94 -18.70 0.34
CA VAL A 62 24.79 -17.26 0.08
C VAL A 62 24.99 -17.02 -1.41
N ASN A 63 24.23 -16.10 -1.99
CA ASN A 63 24.45 -15.66 -3.39
C ASN A 63 23.98 -14.22 -3.60
N ARG A 64 24.42 -13.62 -4.70
CA ARG A 64 24.14 -12.23 -5.03
C ARG A 64 23.08 -12.04 -6.09
N GLY A 65 22.10 -11.22 -5.74
CA GLY A 65 20.93 -11.04 -6.54
C GLY A 65 21.04 -9.68 -7.14
N PHE A 66 20.63 -9.59 -8.43
CA PHE A 66 20.69 -8.39 -9.20
C PHE A 66 19.45 -8.23 -10.07
N ARG A 67 18.89 -7.02 -10.11
CA ARG A 67 18.01 -6.60 -11.21
C ARG A 67 18.36 -5.19 -11.69
N VAL A 68 18.89 -5.08 -12.92
CA VAL A 68 19.22 -3.78 -13.55
C VAL A 68 18.01 -3.26 -14.37
N GLN A 69 17.43 -2.15 -13.89
CA GLN A 69 16.27 -1.51 -14.50
C GLN A 69 16.79 -0.25 -15.18
N PHE A 70 17.13 -0.38 -16.46
CA PHE A 70 18.00 0.58 -17.15
C PHE A 70 17.23 1.75 -17.71
N ASN A 71 16.23 1.45 -18.55
CA ASN A 71 15.38 2.46 -19.17
C ASN A 71 13.94 1.96 -19.23
N SER A 72 13.01 2.91 -19.12
CA SER A 72 11.57 2.63 -19.13
C SER A 72 10.72 3.64 -19.88
N ALA A 73 11.35 4.51 -20.66
CA ALA A 73 10.60 5.45 -21.47
C ALA A 73 9.61 4.74 -22.44
N LEU A 74 10.06 3.71 -23.15
CA LEU A 74 9.20 3.05 -24.12
C LEU A 74 8.23 2.10 -23.49
N GLY A 75 8.55 1.56 -22.33
CA GLY A 75 7.69 0.56 -21.67
C GLY A 75 8.12 0.13 -20.27
N PRO A 76 7.44 -0.91 -19.71
CA PRO A 76 7.97 -1.53 -18.52
C PRO A 76 9.28 -2.27 -18.82
N TYR A 77 10.14 -2.37 -17.81
CA TYR A 77 11.49 -2.92 -17.96
C TYR A 77 11.41 -4.38 -18.40
N LYS A 78 12.00 -4.69 -19.53
CA LYS A 78 11.92 -6.02 -20.12
C LYS A 78 13.30 -6.59 -20.30
N GLY A 79 13.50 -7.85 -19.93
CA GLY A 79 14.80 -8.46 -20.13
C GLY A 79 15.12 -9.51 -19.11
N GLY A 80 15.92 -10.50 -19.54
CA GLY A 80 15.96 -11.78 -18.89
C GLY A 80 16.66 -11.83 -17.55
N LEU A 81 16.62 -13.03 -16.97
CA LEU A 81 17.38 -13.41 -15.78
C LEU A 81 18.42 -14.48 -16.14
N ARG A 82 19.69 -14.25 -15.83
CA ARG A 82 20.78 -15.20 -16.06
C ARG A 82 21.35 -15.67 -14.73
N PHE A 83 21.39 -16.98 -14.51
CA PHE A 83 22.02 -17.55 -13.32
C PHE A 83 23.33 -18.20 -13.73
N HIS A 84 24.44 -17.48 -13.63
CA HIS A 84 25.77 -18.05 -13.96
C HIS A 84 26.88 -17.48 -13.06
N PRO A 85 27.90 -18.29 -12.65
CA PRO A 85 28.84 -17.78 -11.64
C PRO A 85 29.66 -16.55 -12.03
N SER A 86 29.76 -16.25 -13.33
CA SER A 86 30.41 -15.02 -13.81
C SER A 86 29.57 -13.73 -13.70
N VAL A 87 28.30 -13.84 -13.29
CA VAL A 87 27.35 -12.70 -13.22
C VAL A 87 27.71 -11.65 -12.15
N ASN A 88 27.79 -10.39 -12.58
CA ASN A 88 27.90 -9.24 -11.69
C ASN A 88 27.10 -8.05 -12.23
N LEU A 89 27.17 -6.92 -11.54
CA LEU A 89 26.55 -5.69 -12.01
C LEU A 89 27.11 -5.26 -13.37
N SER A 90 28.43 -5.29 -13.54
CA SER A 90 29.08 -4.95 -14.84
C SER A 90 28.39 -5.60 -16.03
N ILE A 91 28.41 -6.93 -16.02
CA ILE A 91 27.83 -7.77 -17.07
C ILE A 91 26.33 -7.52 -17.23
N LEU A 92 25.60 -7.55 -16.15
CA LEU A 92 24.17 -7.26 -16.20
C LEU A 92 23.86 -5.84 -16.72
N LYS A 93 24.69 -4.86 -16.38
CA LYS A 93 24.53 -3.52 -16.97
C LYS A 93 24.72 -3.54 -18.47
N PHE A 94 25.76 -4.22 -18.91
CA PHE A 94 26.06 -4.43 -20.34
C PHE A 94 24.89 -5.11 -21.07
N LEU A 95 24.52 -6.31 -20.63
CA LEU A 95 23.41 -7.04 -21.24
C LEU A 95 22.11 -6.22 -21.16
N GLY A 96 21.88 -5.60 -20.00
CA GLY A 96 20.81 -4.59 -19.80
C GLY A 96 20.77 -3.50 -20.86
N PHE A 97 21.81 -2.68 -20.93
CA PHE A 97 21.91 -1.59 -21.92
C PHE A 97 21.50 -2.08 -23.31
N GLU A 98 22.13 -3.14 -23.77
CA GLU A 98 21.87 -3.69 -25.13
C GLU A 98 20.40 -4.09 -25.32
N GLN A 99 19.80 -4.59 -24.26
CA GLN A 99 18.42 -5.05 -24.28
C GLN A 99 17.42 -3.92 -24.57
N ILE A 100 17.79 -2.68 -24.21
CA ILE A 100 16.96 -1.45 -24.38
C ILE A 100 16.60 -1.16 -25.84
N PHE A 101 17.62 -1.14 -26.71
CA PHE A 101 17.46 -0.76 -28.11
C PHE A 101 16.86 -1.94 -28.89
N LYS A 102 17.32 -3.14 -28.57
CA LYS A 102 16.73 -4.39 -29.07
C LYS A 102 15.23 -4.44 -28.84
N ASN A 103 14.78 -4.04 -27.66
CA ASN A 103 13.35 -4.00 -27.35
C ASN A 103 12.63 -2.83 -28.02
N ALA A 104 13.36 -1.74 -28.21
CA ALA A 104 12.84 -0.62 -28.99
C ALA A 104 12.64 -0.96 -30.49
N LEU A 105 13.47 -1.85 -31.04
CA LEU A 105 13.37 -2.22 -32.45
C LEU A 105 12.17 -3.10 -32.82
N THR A 106 11.63 -3.80 -31.83
CA THR A 106 10.43 -4.63 -31.99
C THR A 106 9.19 -3.81 -32.24
N GLY A 107 9.23 -2.52 -31.89
CA GLY A 107 8.06 -1.63 -32.00
C GLY A 107 6.92 -1.87 -31.01
N LEU A 108 7.16 -2.68 -29.98
CA LEU A 108 6.20 -2.86 -28.90
C LEU A 108 6.72 -1.98 -27.79
N ASN A 109 5.82 -1.52 -26.93
CA ASN A 109 6.15 -0.62 -25.82
C ASN A 109 6.84 -1.39 -24.69
N MET A 110 8.14 -1.61 -24.87
CA MET A 110 8.95 -2.47 -24.02
C MET A 110 10.31 -1.82 -23.76
N GLY A 111 10.62 -1.64 -22.47
CA GLY A 111 11.80 -0.93 -22.00
C GLY A 111 13.04 -1.78 -22.09
N GLY A 112 13.90 -1.63 -21.08
CA GLY A 112 15.16 -2.36 -21.06
C GLY A 112 15.72 -2.58 -19.68
N GLY A 113 16.29 -3.78 -19.49
CA GLY A 113 16.89 -4.18 -18.24
C GLY A 113 17.37 -5.62 -18.28
N LYS A 114 18.05 -6.03 -17.21
CA LYS A 114 18.50 -7.40 -17.07
C LYS A 114 18.78 -7.65 -15.60
N GLY A 115 18.63 -8.90 -15.19
CA GLY A 115 18.92 -9.31 -13.81
C GLY A 115 19.42 -10.73 -13.79
N GLY A 116 19.65 -11.24 -12.60
CA GLY A 116 20.11 -12.61 -12.44
C GLY A 116 20.72 -12.84 -11.09
N SER A 117 21.55 -13.87 -11.00
CA SER A 117 22.33 -14.14 -9.81
C SER A 117 23.58 -14.82 -10.28
N ASP A 118 24.55 -14.93 -9.36
CA ASP A 118 25.77 -15.68 -9.64
C ASP A 118 25.68 -17.12 -9.17
N PHE A 119 24.53 -17.51 -8.59
CA PHE A 119 24.18 -18.90 -8.35
C PHE A 119 24.57 -19.63 -9.63
N ASP A 120 25.38 -20.69 -9.51
CA ASP A 120 25.68 -21.62 -10.63
C ASP A 120 24.70 -22.81 -10.53
N PRO A 121 23.79 -23.00 -11.51
CA PRO A 121 22.98 -24.23 -11.45
C PRO A 121 23.77 -25.55 -11.64
N LYS A 122 25.02 -25.47 -12.11
CA LYS A 122 25.85 -26.64 -12.33
C LYS A 122 25.96 -27.55 -11.10
N GLY A 123 25.58 -28.82 -11.29
CA GLY A 123 25.71 -29.89 -10.28
C GLY A 123 24.59 -30.01 -9.26
N LYS A 124 23.58 -29.13 -9.40
CA LYS A 124 22.58 -28.87 -8.36
C LYS A 124 21.26 -29.58 -8.66
N SER A 125 20.65 -30.18 -7.64
CA SER A 125 19.31 -30.76 -7.77
C SER A 125 18.20 -29.72 -8.00
N ASP A 126 17.20 -30.10 -8.79
CA ASP A 126 15.90 -29.41 -8.86
C ASP A 126 15.37 -28.88 -7.52
N ASN A 127 15.56 -29.61 -6.42
CA ASN A 127 15.14 -29.11 -5.08
C ASN A 127 15.96 -27.91 -4.63
N GLU A 128 17.25 -27.89 -4.94
CA GLU A 128 18.12 -26.72 -4.71
C GLU A 128 17.77 -25.47 -5.54
N ILE A 129 17.53 -25.67 -6.84
CA ILE A 129 17.13 -24.59 -7.78
C ILE A 129 15.79 -23.97 -7.36
N ARG A 130 14.79 -24.82 -7.12
CA ARG A 130 13.49 -24.43 -6.59
C ARG A 130 13.66 -23.54 -5.33
N ARG A 131 14.30 -24.09 -4.30
CA ARG A 131 14.61 -23.36 -3.07
C ARG A 131 15.42 -22.08 -3.33
N PHE A 132 16.26 -22.10 -4.36
CA PHE A 132 16.94 -20.87 -4.76
C PHE A 132 15.96 -19.83 -5.34
N CYS A 133 15.20 -20.23 -6.35
CA CYS A 133 14.15 -19.38 -6.96
C CYS A 133 13.10 -18.78 -5.97
N VAL A 134 12.80 -19.56 -4.95
CA VAL A 134 11.90 -19.17 -3.87
C VAL A 134 12.51 -17.99 -3.08
N SER A 135 13.70 -18.16 -2.52
CA SER A 135 14.38 -17.05 -1.83
C SER A 135 14.75 -15.87 -2.75
N PHE A 136 15.16 -16.15 -3.99
CA PHE A 136 15.41 -15.11 -5.01
C PHE A 136 14.19 -14.25 -5.23
N MET A 137 13.05 -14.89 -5.47
CA MET A 137 11.85 -14.16 -5.89
C MET A 137 11.19 -13.40 -4.74
N THR A 138 11.38 -13.92 -3.53
CA THR A 138 10.89 -13.29 -2.28
C THR A 138 11.31 -11.86 -2.10
N GLU A 139 12.56 -11.55 -2.47
CA GLU A 139 13.02 -10.16 -2.61
C GLU A 139 12.67 -9.50 -3.95
N LEU A 140 12.89 -10.18 -5.06
CA LEU A 140 12.63 -9.55 -6.37
C LEU A 140 11.17 -9.11 -6.56
N CYS A 141 10.22 -9.84 -5.95
CA CYS A 141 8.78 -9.55 -6.06
CA CYS A 141 8.79 -9.54 -6.07
C CYS A 141 8.43 -8.10 -5.70
N LYS A 142 9.25 -7.46 -4.87
CA LYS A 142 9.00 -6.04 -4.50
C LYS A 142 9.11 -5.09 -5.69
N HIS A 143 10.04 -5.37 -6.60
CA HIS A 143 10.48 -4.38 -7.58
C HIS A 143 10.02 -4.69 -9.01
N ILE A 144 9.07 -5.60 -9.16
CA ILE A 144 8.63 -6.03 -10.48
C ILE A 144 7.10 -6.10 -10.47
N GLY A 145 6.54 -6.35 -11.65
CA GLY A 145 5.08 -6.35 -11.84
C GLY A 145 4.74 -6.17 -13.31
N ALA A 146 3.55 -6.60 -13.70
CA ALA A 146 3.17 -6.66 -15.12
C ALA A 146 3.11 -5.32 -15.82
N ASP A 147 3.03 -4.22 -15.07
CA ASP A 147 3.17 -2.84 -15.59
C ASP A 147 4.47 -2.10 -15.16
N THR A 148 5.49 -2.85 -14.73
CA THR A 148 6.69 -2.31 -14.05
C THR A 148 8.01 -2.93 -14.56
N ASP A 149 8.10 -4.26 -14.46
CA ASP A 149 9.25 -5.02 -14.92
C ASP A 149 8.75 -6.43 -15.19
N VAL A 150 8.99 -6.92 -16.42
CA VAL A 150 8.60 -8.28 -16.80
C VAL A 150 9.87 -9.02 -17.21
N PRO A 151 10.56 -9.71 -16.26
CA PRO A 151 11.75 -10.51 -16.64
C PRO A 151 11.46 -11.69 -17.60
N ALA A 152 12.45 -12.57 -17.75
CA ALA A 152 12.33 -13.73 -18.65
C ALA A 152 13.48 -14.70 -18.43
N GLY A 153 13.55 -15.73 -19.29
CA GLY A 153 14.68 -16.68 -19.34
C GLY A 153 16.00 -16.09 -19.83
N ASP A 154 17.08 -16.87 -19.68
CA ASP A 154 18.43 -16.61 -20.20
C ASP A 154 19.30 -17.80 -19.78
N ILE A 155 20.63 -17.73 -19.86
CA ILE A 155 21.49 -18.84 -19.40
C ILE A 155 21.25 -19.04 -17.90
N GLY A 156 21.03 -20.28 -17.49
CA GLY A 156 20.73 -20.59 -16.10
C GLY A 156 19.26 -20.54 -15.72
N VAL A 157 18.46 -19.82 -16.50
CA VAL A 157 17.01 -19.67 -16.27
C VAL A 157 16.24 -20.08 -17.54
N THR A 158 15.53 -21.19 -17.42
CA THR A 158 14.72 -21.70 -18.50
C THR A 158 13.27 -21.80 -18.05
N GLY A 159 12.46 -22.57 -18.76
CA GLY A 159 11.08 -22.86 -18.37
C GLY A 159 10.94 -23.40 -16.96
N ARG A 160 11.91 -24.18 -16.51
CA ARG A 160 11.90 -24.73 -15.16
C ARG A 160 11.97 -23.61 -14.12
N GLU A 161 12.95 -22.73 -14.29
CA GLU A 161 13.22 -21.70 -13.32
C GLU A 161 12.15 -20.63 -13.38
N VAL A 162 11.55 -20.39 -14.54
CA VAL A 162 10.53 -19.34 -14.66
C VAL A 162 9.23 -19.75 -13.96
N GLY A 163 8.90 -21.05 -14.00
CA GLY A 163 7.83 -21.63 -13.17
C GLY A 163 8.05 -21.45 -11.68
N PHE A 164 9.22 -21.83 -11.20
CA PHE A 164 9.57 -21.67 -9.79
C PHE A 164 9.44 -20.22 -9.31
N LEU A 165 9.97 -19.31 -10.10
CA LEU A 165 9.93 -17.88 -9.81
C LEU A 165 8.52 -17.35 -9.91
N PHE A 166 7.78 -17.76 -10.93
CA PHE A 166 6.41 -17.30 -11.10
C PHE A 166 5.55 -17.66 -9.90
N GLY A 167 5.66 -18.89 -9.46
CA GLY A 167 4.83 -19.39 -8.37
C GLY A 167 5.10 -18.72 -7.03
N GLN A 168 6.33 -18.26 -6.79
CA GLN A 168 6.64 -17.55 -5.55
C GLN A 168 6.18 -16.08 -5.60
N TYR A 169 6.16 -15.49 -6.81
CA TYR A 169 5.57 -14.18 -6.99
C TYR A 169 4.09 -14.23 -6.59
N ARG A 170 3.36 -15.16 -7.20
CA ARG A 170 1.93 -15.33 -7.00
C ARG A 170 1.57 -15.57 -5.52
N LYS A 171 2.40 -16.31 -4.80
CA LYS A 171 2.22 -16.54 -3.36
C LYS A 171 2.24 -15.21 -2.55
N ILE A 172 3.32 -14.45 -2.71
CA ILE A 172 3.55 -13.23 -1.92
C ILE A 172 2.64 -12.08 -2.31
N ARG A 173 2.55 -11.84 -3.62
CA ARG A 173 1.85 -10.71 -4.18
C ARG A 173 0.34 -10.95 -4.34
N ASN A 174 -0.04 -12.21 -4.54
CA ASN A 174 -1.45 -12.62 -4.67
C ASN A 174 -2.12 -12.05 -5.93
N GLN A 175 -1.39 -12.12 -7.03
CA GLN A 175 -1.94 -11.79 -8.31
C GLN A 175 -1.32 -12.74 -9.31
N TRP A 176 -2.13 -13.16 -10.27
CA TRP A 176 -1.69 -13.96 -11.38
C TRP A 176 -1.60 -12.98 -12.54
N GLU A 177 -0.43 -12.82 -13.14
CA GLU A 177 -0.24 -11.80 -14.21
C GLU A 177 1.00 -12.01 -15.05
N GLY A 178 1.04 -11.30 -16.18
CA GLY A 178 2.23 -11.32 -17.03
C GLY A 178 3.46 -10.64 -16.45
N VAL A 179 3.78 -10.97 -15.20
CA VAL A 179 4.97 -10.45 -14.53
C VAL A 179 6.23 -11.19 -15.01
N LEU A 180 6.07 -12.23 -15.82
CA LEU A 180 7.19 -12.86 -16.50
C LEU A 180 6.78 -13.22 -17.90
N THR A 181 7.75 -13.73 -18.66
CA THR A 181 7.53 -14.37 -19.98
C THR A 181 8.36 -15.65 -20.02
N GLY A 182 8.25 -16.39 -21.13
CA GLY A 182 8.83 -17.73 -21.23
C GLY A 182 8.05 -18.76 -20.43
N LYS A 183 6.78 -18.49 -20.18
CA LYS A 183 5.93 -19.33 -19.32
C LYS A 183 5.37 -20.52 -20.08
N GLY A 184 4.86 -21.47 -19.31
CA GLY A 184 4.36 -22.75 -19.81
C GLY A 184 3.01 -22.48 -20.43
N GLY A 185 2.64 -23.31 -21.39
CA GLY A 185 1.42 -23.09 -22.19
C GLY A 185 0.08 -23.04 -21.50
N SER A 186 -0.03 -23.66 -20.32
CA SER A 186 -1.30 -23.73 -19.59
C SER A 186 -1.48 -22.64 -18.54
N TRP A 187 -0.37 -22.04 -18.11
CA TRP A 187 -0.33 -20.93 -17.13
C TRP A 187 0.27 -19.61 -17.71
N GLY A 188 -0.25 -19.22 -18.87
CA GLY A 188 -0.01 -17.89 -19.43
C GLY A 188 0.97 -17.84 -20.56
N GLY A 189 1.50 -19.00 -20.95
CA GLY A 189 2.50 -19.10 -22.01
C GLY A 189 1.94 -18.72 -23.36
N SER A 190 2.87 -18.49 -24.30
CA SER A 190 2.54 -18.16 -25.70
C SER A 190 3.07 -19.19 -26.66
N LEU A 191 2.24 -19.60 -27.61
CA LEU A 191 2.71 -20.45 -28.73
C LEU A 191 3.69 -19.67 -29.60
N ILE A 192 4.66 -20.39 -30.17
CA ILE A 192 5.77 -19.84 -30.99
C ILE A 192 6.92 -19.26 -30.15
N ARG A 193 6.83 -19.21 -28.81
CA ARG A 193 7.95 -18.73 -27.97
CA ARG A 193 7.94 -18.72 -27.97
C ARG A 193 9.25 -19.56 -28.17
N PRO A 194 9.15 -20.93 -28.17
CA PRO A 194 10.38 -21.72 -28.44
C PRO A 194 10.93 -21.58 -29.88
N GLU A 195 10.04 -21.30 -30.83
CA GLU A 195 10.40 -21.11 -32.24
C GLU A 195 10.98 -19.72 -32.56
N ALA A 196 10.77 -18.77 -31.66
CA ALA A 196 10.67 -17.35 -32.03
C ALA A 196 11.96 -16.69 -32.48
N THR A 197 13.03 -16.90 -31.73
CA THR A 197 14.32 -16.38 -32.11
C THR A 197 14.76 -16.99 -33.46
N GLY A 198 14.67 -18.31 -33.59
CA GLY A 198 15.22 -18.96 -34.76
C GLY A 198 14.47 -18.51 -36.01
N TYR A 199 13.15 -18.59 -35.91
CA TYR A 199 12.24 -18.09 -36.93
C TYR A 199 12.57 -16.63 -37.23
N GLY A 200 12.76 -15.85 -36.17
CA GLY A 200 12.98 -14.42 -36.30
C GLY A 200 14.17 -14.03 -37.15
N VAL A 201 15.30 -14.71 -36.96
CA VAL A 201 16.53 -14.37 -37.70
CA VAL A 201 16.52 -14.36 -37.71
C VAL A 201 16.43 -14.76 -39.17
N VAL A 202 15.88 -15.94 -39.45
CA VAL A 202 15.70 -16.35 -40.83
C VAL A 202 14.76 -15.36 -41.49
N TYR A 203 13.61 -15.09 -40.85
CA TYR A 203 12.65 -14.08 -41.38
C TYR A 203 13.34 -12.75 -41.76
N TYR A 204 14.10 -12.24 -40.80
CA TYR A 204 14.85 -11.02 -41.01
C TYR A 204 15.78 -11.13 -42.24
N VAL A 205 16.64 -12.15 -42.21
CA VAL A 205 17.62 -12.42 -43.27
C VAL A 205 16.94 -12.53 -44.66
N GLU A 206 15.80 -13.21 -44.74
CA GLU A 206 15.07 -13.35 -46.01
C GLU A 206 14.65 -12.01 -46.63
N HIS A 207 14.55 -10.95 -45.81
CA HIS A 207 14.35 -9.59 -46.34
C HIS A 207 15.67 -8.98 -46.81
N MET A 208 16.77 -9.32 -46.15
CA MET A 208 18.10 -8.98 -46.65
C MET A 208 18.33 -9.52 -48.06
N ILE A 209 17.79 -10.70 -48.35
CA ILE A 209 18.02 -11.35 -49.64
C ILE A 209 17.23 -10.62 -50.71
N ALA A 210 15.94 -10.46 -50.48
CA ALA A 210 15.03 -9.76 -51.39
C ALA A 210 15.55 -8.38 -51.76
N HIS A 211 15.94 -7.60 -50.75
CA HIS A 211 16.52 -6.28 -51.02
C HIS A 211 17.82 -6.37 -51.83
N ALA A 212 18.81 -7.08 -51.31
CA ALA A 212 20.12 -7.18 -51.98
C ALA A 212 20.06 -7.77 -53.43
N THR A 213 19.09 -8.64 -53.68
CA THR A 213 18.90 -9.26 -55.00
C THR A 213 17.75 -8.66 -55.84
N ASN A 214 17.31 -7.43 -55.51
CA ASN A 214 16.22 -6.76 -56.23
C ASN A 214 15.09 -7.73 -56.57
N GLY A 215 14.64 -8.48 -55.57
CA GLY A 215 13.56 -9.46 -55.71
C GLY A 215 13.90 -10.81 -56.35
N GLN A 216 15.13 -11.00 -56.81
CA GLN A 216 15.47 -12.18 -57.64
C GLN A 216 15.59 -13.50 -56.88
N GLU A 217 16.10 -13.42 -55.66
CA GLU A 217 16.43 -14.59 -54.86
C GLU A 217 15.72 -14.55 -53.49
N SER A 218 15.84 -15.67 -52.78
CA SER A 218 15.19 -15.90 -51.51
C SER A 218 15.99 -17.04 -50.89
N PHE A 219 15.47 -17.71 -49.85
CA PHE A 219 16.17 -18.88 -49.26
C PHE A 219 16.10 -20.13 -50.17
N LYS A 220 15.19 -20.12 -51.15
CA LYS A 220 15.11 -21.19 -52.16
C LYS A 220 16.46 -21.33 -52.83
N GLY A 221 17.05 -22.51 -52.70
CA GLY A 221 18.34 -22.84 -53.31
C GLY A 221 19.51 -22.70 -52.38
N LYS A 222 19.31 -21.98 -51.27
CA LYS A 222 20.44 -21.43 -50.50
C LYS A 222 21.02 -22.42 -49.53
N ARG A 223 22.34 -22.55 -49.56
CA ARG A 223 23.06 -23.33 -48.57
C ARG A 223 23.36 -22.39 -47.40
N VAL A 224 23.05 -22.84 -46.19
CA VAL A 224 23.04 -21.96 -45.02
C VAL A 224 23.77 -22.62 -43.84
N ALA A 225 24.89 -22.04 -43.40
CA ALA A 225 25.74 -22.67 -42.38
C ALA A 225 25.35 -22.28 -40.95
N ILE A 226 24.63 -23.14 -40.25
CA ILE A 226 24.15 -22.77 -38.92
C ILE A 226 25.14 -23.27 -37.86
N SER A 227 25.32 -22.50 -36.80
CA SER A 227 26.11 -22.98 -35.66
C SER A 227 25.16 -23.26 -34.50
N GLY A 228 25.64 -24.06 -33.55
CA GLY A 228 24.81 -24.45 -32.40
C GLY A 228 23.82 -25.54 -32.72
N SER A 229 23.22 -26.09 -31.67
CA SER A 229 22.21 -27.15 -31.80
C SER A 229 21.07 -27.09 -30.76
N GLY A 230 20.88 -25.94 -30.11
CA GLY A 230 19.77 -25.73 -29.16
C GLY A 230 18.49 -25.30 -29.88
N ASN A 231 17.58 -24.62 -29.19
CA ASN A 231 16.28 -24.27 -29.78
CA ASN A 231 16.28 -24.24 -29.78
C ASN A 231 16.38 -23.26 -30.95
N VAL A 232 17.29 -22.31 -30.87
N VAL A 232 17.28 -22.29 -30.87
CA VAL A 232 17.44 -21.26 -31.90
CA VAL A 232 17.44 -21.27 -31.93
C VAL A 232 17.90 -21.80 -33.26
C VAL A 232 17.88 -21.83 -33.27
N ALA A 233 18.93 -22.65 -33.25
CA ALA A 233 19.47 -23.25 -34.46
C ALA A 233 18.53 -24.30 -35.03
N GLN A 234 17.94 -25.11 -34.14
CA GLN A 234 16.90 -26.08 -34.49
C GLN A 234 15.83 -25.43 -35.39
N TYR A 235 15.12 -24.46 -34.84
CA TYR A 235 13.99 -23.85 -35.55
C TYR A 235 14.43 -22.83 -36.60
N ALA A 236 15.65 -22.28 -36.50
CA ALA A 236 16.22 -21.51 -37.62
C ALA A 236 16.38 -22.48 -38.79
N ALA A 237 17.13 -23.57 -38.56
CA ALA A 237 17.33 -24.62 -39.55
C ALA A 237 16.02 -25.05 -40.21
N LEU A 238 15.05 -25.50 -39.41
CA LEU A 238 13.72 -25.94 -39.90
C LEU A 238 13.03 -24.90 -40.81
N LYS A 239 13.13 -23.63 -40.42
CA LYS A 239 12.57 -22.53 -41.21
C LYS A 239 13.26 -22.35 -42.56
N VAL A 240 14.56 -22.64 -42.62
CA VAL A 240 15.31 -22.65 -43.89
C VAL A 240 14.90 -23.84 -44.78
N ILE A 241 14.71 -25.01 -44.15
CA ILE A 241 14.23 -26.24 -44.83
C ILE A 241 12.79 -26.12 -45.33
N GLU A 242 11.92 -25.43 -44.59
CA GLU A 242 10.57 -25.09 -45.07
C GLU A 242 10.60 -24.08 -46.23
N LEU A 243 11.56 -23.16 -46.25
CA LEU A 243 11.64 -22.13 -47.31
C LEU A 243 12.53 -22.50 -48.53
N GLY A 244 12.75 -23.79 -48.76
CA GLY A 244 13.56 -24.25 -49.89
C GLY A 244 15.08 -24.08 -49.79
N GLY A 245 15.62 -23.89 -48.58
CA GLY A 245 17.08 -23.89 -48.38
C GLY A 245 17.63 -25.23 -47.94
N SER A 246 18.95 -25.34 -47.94
CA SER A 246 19.66 -26.46 -47.32
C SER A 246 20.47 -26.02 -46.09
N VAL A 247 20.44 -26.85 -45.05
CA VAL A 247 21.25 -26.62 -43.87
C VAL A 247 22.39 -27.64 -43.87
N VAL A 248 23.62 -27.11 -43.86
CA VAL A 248 24.85 -27.90 -44.07
C VAL A 248 25.74 -28.02 -42.84
N SER A 249 25.26 -27.57 -41.69
CA SER A 249 25.97 -27.77 -40.44
C SER A 249 25.08 -27.51 -39.23
N LEU A 250 25.39 -28.24 -38.17
CA LEU A 250 25.05 -27.85 -36.80
C LEU A 250 26.28 -28.12 -35.94
N SER A 251 26.29 -27.66 -34.68
CA SER A 251 27.44 -27.88 -33.79
C SER A 251 27.07 -27.82 -32.32
N ASP A 252 27.90 -28.43 -31.46
CA ASP A 252 27.85 -28.17 -30.01
C ASP A 252 29.22 -27.68 -29.56
N SER A 253 29.47 -27.60 -28.25
CA SER A 253 30.79 -27.18 -27.76
C SER A 253 31.91 -28.22 -28.05
N GLN A 254 31.53 -29.48 -28.27
CA GLN A 254 32.49 -30.55 -28.58
C GLN A 254 32.86 -30.68 -30.07
N GLY A 255 31.97 -30.26 -30.97
CA GLY A 255 32.28 -30.31 -32.38
C GLY A 255 31.16 -29.89 -33.31
N SER A 256 31.44 -30.03 -34.61
CA SER A 256 30.53 -29.68 -35.71
C SER A 256 30.19 -30.89 -36.58
N LEU A 257 28.92 -30.97 -36.98
CA LEU A 257 28.37 -32.08 -37.76
C LEU A 257 28.01 -31.55 -39.16
N ILE A 258 28.83 -31.83 -40.18
CA ILE A 258 28.65 -31.19 -41.50
C ILE A 258 28.09 -32.10 -42.61
N ILE A 259 27.45 -31.46 -43.59
CA ILE A 259 26.97 -32.16 -44.78
C ILE A 259 28.12 -32.47 -45.73
N ASN A 260 28.03 -33.62 -46.38
CA ASN A 260 28.91 -33.97 -47.49
C ASN A 260 28.17 -33.66 -48.78
N GLY A 261 28.88 -33.07 -49.73
CA GLY A 261 28.30 -32.76 -51.02
C GLY A 261 27.25 -31.69 -50.83
N GLU A 262 26.06 -31.95 -51.40
CA GLU A 262 25.09 -30.90 -51.70
C GLU A 262 23.72 -30.98 -51.01
N GLY A 263 23.48 -32.02 -50.23
CA GLY A 263 22.19 -32.17 -49.54
C GLY A 263 21.95 -31.20 -48.37
N SER A 264 20.97 -31.57 -47.54
CA SER A 264 20.56 -30.78 -46.38
C SER A 264 20.31 -31.67 -45.20
N PHE A 265 20.31 -31.05 -44.02
CA PHE A 265 19.68 -31.63 -42.86
C PHE A 265 18.18 -31.71 -43.17
N THR A 266 17.50 -32.66 -42.54
CA THR A 266 16.06 -32.88 -42.70
C THR A 266 15.38 -32.70 -41.33
N PRO A 267 14.06 -32.37 -41.28
CA PRO A 267 13.32 -32.22 -39.98
C PRO A 267 13.41 -33.45 -39.05
N GLU A 268 13.34 -34.62 -39.68
CA GLU A 268 13.57 -35.94 -39.09
C GLU A 268 14.86 -35.99 -38.26
N GLU A 269 15.94 -35.53 -38.89
CA GLU A 269 17.27 -35.52 -38.26
C GLU A 269 17.36 -34.47 -37.17
N ILE A 270 16.86 -33.27 -37.47
CA ILE A 270 16.82 -32.17 -36.53
C ILE A 270 16.03 -32.56 -35.26
N GLU A 271 14.90 -33.26 -35.42
CA GLU A 271 14.12 -33.78 -34.28
C GLU A 271 14.92 -34.77 -33.40
N LEU A 272 15.75 -35.62 -34.02
CA LEU A 272 16.59 -36.56 -33.26
C LEU A 272 17.66 -35.81 -32.49
N ILE A 273 18.40 -34.97 -33.22
CA ILE A 273 19.38 -34.06 -32.61
C ILE A 273 18.78 -33.30 -31.42
N ALA A 274 17.50 -32.93 -31.50
CA ALA A 274 16.77 -32.27 -30.41
C ALA A 274 16.57 -33.16 -29.18
N GLN A 275 15.98 -34.34 -29.38
CA GLN A 275 15.81 -35.30 -28.28
C GLN A 275 17.14 -35.75 -27.63
N THR A 276 18.23 -35.74 -28.41
CA THR A 276 19.58 -35.98 -27.89
C THR A 276 20.00 -34.86 -26.95
N LYS A 277 19.72 -33.64 -27.39
CA LYS A 277 20.06 -32.44 -26.64
C LYS A 277 19.21 -32.28 -25.36
N VAL A 278 18.03 -32.92 -25.33
CA VAL A 278 17.18 -32.99 -24.12
C VAL A 278 17.90 -33.68 -22.93
N GLU A 279 18.36 -34.92 -23.12
CA GLU A 279 19.19 -35.62 -22.13
C GLU A 279 20.53 -34.90 -21.91
N ARG A 280 20.89 -34.06 -22.88
CA ARG A 280 22.08 -33.23 -22.87
C ARG A 280 23.28 -34.13 -23.20
N LYS A 281 23.04 -35.09 -24.09
CA LYS A 281 24.10 -35.85 -24.74
C LYS A 281 24.61 -35.04 -25.93
N GLN A 282 25.80 -35.39 -26.42
CA GLN A 282 26.54 -34.56 -27.42
C GLN A 282 26.47 -35.09 -28.88
N LEU A 283 26.89 -34.27 -29.84
CA LEU A 283 26.95 -34.66 -31.27
C LEU A 283 27.99 -35.75 -31.56
N ALA A 284 29.01 -35.87 -30.70
CA ALA A 284 29.98 -36.99 -30.78
C ALA A 284 29.45 -38.34 -30.27
N SER A 285 28.30 -38.32 -29.59
CA SER A 285 27.69 -39.51 -29.01
C SER A 285 26.61 -40.13 -29.91
N ILE A 286 26.37 -39.52 -31.09
CA ILE A 286 25.22 -39.86 -31.96
C ILE A 286 25.54 -40.09 -33.45
N VAL A 287 26.83 -40.18 -33.79
CA VAL A 287 27.31 -40.38 -35.14
C VAL A 287 27.68 -41.85 -35.37
N GLY A 288 27.63 -42.68 -34.32
CA GLY A 288 28.03 -44.10 -34.37
C GLY A 288 26.90 -45.12 -34.53
N ALA A 289 25.70 -44.63 -34.79
CA ALA A 289 24.60 -45.47 -35.29
C ALA A 289 23.72 -44.59 -36.20
N ALA A 290 22.96 -45.23 -37.09
CA ALA A 290 22.15 -44.50 -38.11
C ALA A 290 21.13 -43.51 -37.49
N PRO A 291 20.75 -42.44 -38.20
CA PRO A 291 21.17 -42.15 -39.59
C PRO A 291 22.43 -41.30 -39.75
N PHE A 292 23.19 -41.11 -38.66
CA PHE A 292 24.39 -40.24 -38.67
C PHE A 292 25.71 -40.97 -38.89
N SER A 293 25.68 -42.30 -38.85
CA SER A 293 26.81 -43.11 -39.30
C SER A 293 27.09 -42.80 -40.78
N ASP A 294 26.07 -43.05 -41.60
CA ASP A 294 26.07 -42.79 -43.05
C ASP A 294 27.08 -41.69 -43.46
N ALA A 295 28.32 -42.11 -43.74
CA ALA A 295 29.41 -41.18 -44.00
C ALA A 295 29.37 -40.57 -45.41
N ASN A 296 28.45 -41.01 -46.26
CA ASN A 296 28.23 -40.36 -47.58
C ASN A 296 27.45 -39.04 -47.46
N LYS A 297 26.56 -38.96 -46.47
CA LYS A 297 25.85 -37.71 -46.14
C LYS A 297 26.53 -36.85 -45.04
N PHE A 298 27.12 -37.47 -44.02
CA PHE A 298 27.70 -36.73 -42.85
C PHE A 298 29.21 -36.93 -42.59
N LYS A 299 29.83 -35.91 -41.99
CA LYS A 299 31.17 -36.02 -41.43
C LYS A 299 31.25 -35.22 -40.11
N TYR A 300 31.53 -35.92 -39.02
CA TYR A 300 31.63 -35.33 -37.69
C TYR A 300 33.04 -34.85 -37.46
N ILE A 301 33.17 -33.60 -37.00
CA ILE A 301 34.46 -32.97 -36.80
C ILE A 301 34.56 -32.53 -35.33
N ALA A 302 35.58 -33.04 -34.63
CA ALA A 302 35.80 -32.74 -33.20
C ALA A 302 36.62 -31.47 -32.97
N GLY A 303 36.16 -30.63 -32.03
CA GLY A 303 36.86 -29.39 -31.63
C GLY A 303 36.72 -28.18 -32.53
N ALA A 304 35.99 -28.35 -33.63
CA ALA A 304 35.90 -27.37 -34.71
C ALA A 304 34.54 -26.66 -34.73
N ARG A 305 34.58 -25.38 -35.10
CA ARG A 305 33.42 -24.66 -35.59
C ARG A 305 33.25 -25.01 -37.09
N PRO A 306 32.00 -25.03 -37.60
CA PRO A 306 31.71 -25.59 -38.93
C PRO A 306 32.26 -24.84 -40.15
N TRP A 307 32.51 -23.54 -40.00
CA TRP A 307 32.63 -22.56 -41.11
C TRP A 307 33.59 -22.93 -42.26
N VAL A 308 34.81 -23.35 -41.93
CA VAL A 308 35.79 -23.76 -42.95
C VAL A 308 35.39 -25.08 -43.59
N HIS A 309 34.72 -25.93 -42.80
CA HIS A 309 34.44 -27.33 -43.21
C HIS A 309 33.24 -27.48 -44.16
N VAL A 310 32.23 -26.61 -44.03
CA VAL A 310 31.12 -26.55 -45.02
C VAL A 310 31.48 -26.16 -46.47
N GLY A 311 32.63 -25.53 -46.68
CA GLY A 311 33.04 -25.08 -48.02
C GLY A 311 32.24 -23.84 -48.42
N LYS A 312 31.65 -23.87 -49.61
CA LYS A 312 30.87 -22.73 -50.15
C LYS A 312 29.45 -22.65 -49.56
N VAL A 313 29.11 -21.49 -48.99
CA VAL A 313 27.82 -21.26 -48.32
C VAL A 313 27.30 -19.94 -48.76
N ASP A 314 25.99 -19.75 -48.67
CA ASP A 314 25.38 -18.47 -49.06
C ASP A 314 25.04 -17.62 -47.83
N VAL A 315 24.41 -18.25 -46.85
CA VAL A 315 24.02 -17.59 -45.60
C VAL A 315 24.80 -18.22 -44.47
N ALA A 316 25.05 -17.46 -43.40
CA ALA A 316 25.70 -18.02 -42.19
C ALA A 316 24.94 -17.62 -40.94
N LEU A 317 24.53 -18.60 -40.15
CA LEU A 317 23.60 -18.38 -39.02
C LEU A 317 24.16 -18.77 -37.61
N PRO A 318 25.26 -18.11 -37.15
CA PRO A 318 25.85 -18.47 -35.84
C PRO A 318 24.83 -18.45 -34.70
N SER A 319 24.49 -19.63 -34.20
CA SER A 319 23.51 -19.81 -33.11
C SER A 319 24.01 -20.80 -32.03
N ALA A 320 25.31 -20.72 -31.72
CA ALA A 320 25.94 -21.56 -30.69
C ALA A 320 26.02 -20.77 -29.39
N THR A 321 26.93 -19.81 -29.35
CA THR A 321 27.21 -19.04 -28.15
C THR A 321 27.85 -17.71 -28.57
N GLN A 322 28.14 -16.87 -27.59
CA GLN A 322 28.74 -15.55 -27.77
C GLN A 322 30.15 -15.68 -28.34
N ASN A 323 30.63 -14.61 -28.98
CA ASN A 323 32.01 -14.47 -29.48
C ASN A 323 32.53 -15.74 -30.16
N GLU A 324 31.66 -16.32 -30.97
CA GLU A 324 31.93 -17.56 -31.66
C GLU A 324 32.53 -17.30 -33.04
N ILE A 325 32.48 -16.04 -33.49
CA ILE A 325 33.04 -15.64 -34.78
C ILE A 325 34.01 -14.48 -34.59
N SER A 326 35.17 -14.62 -35.21
CA SER A 326 36.27 -13.67 -35.12
C SER A 326 36.64 -13.29 -36.54
N GLY A 327 37.63 -12.39 -36.68
CA GLY A 327 38.12 -11.97 -38.00
C GLY A 327 38.50 -13.13 -38.89
N GLU A 328 39.19 -14.10 -38.28
CA GLU A 328 39.64 -15.29 -38.99
C GLU A 328 38.45 -15.94 -39.69
N GLU A 329 37.39 -16.20 -38.93
CA GLU A 329 36.20 -16.87 -39.46
C GLU A 329 35.39 -15.98 -40.40
N ALA A 330 35.39 -14.67 -40.12
CA ALA A 330 34.74 -13.69 -40.98
C ALA A 330 35.24 -13.77 -42.42
N GLN A 331 36.58 -13.76 -42.53
CA GLN A 331 37.26 -13.88 -43.82
C GLN A 331 37.02 -15.24 -44.44
N VAL A 332 36.94 -16.26 -43.61
CA VAL A 332 36.57 -17.59 -44.05
C VAL A 332 35.18 -17.61 -44.70
N LEU A 333 34.22 -16.91 -44.09
CA LEU A 333 32.88 -16.78 -44.67
C LEU A 333 32.84 -15.87 -45.91
N ILE A 334 33.61 -14.78 -45.93
CA ILE A 334 33.80 -13.96 -47.15
C ILE A 334 34.30 -14.81 -48.36
N ASN A 335 35.34 -15.60 -48.09
CA ASN A 335 35.92 -16.54 -49.07
C ASN A 335 35.03 -17.72 -49.47
N ALA A 336 34.09 -18.07 -48.60
CA ALA A 336 33.10 -19.10 -48.90
C ALA A 336 31.97 -18.63 -49.84
N GLY A 337 31.99 -17.37 -50.28
CA GLY A 337 30.89 -16.82 -51.09
C GLY A 337 29.63 -16.49 -50.28
N CYS A 338 29.81 -16.21 -48.97
CA CYS A 338 28.72 -15.86 -48.06
C CYS A 338 28.36 -14.40 -48.24
N LYS A 339 27.08 -14.13 -48.33
CA LYS A 339 26.56 -12.80 -48.66
C LYS A 339 25.62 -12.17 -47.60
N PHE A 340 25.18 -13.00 -46.65
CA PHE A 340 24.22 -12.65 -45.60
C PHE A 340 24.63 -13.36 -44.31
N ILE A 341 24.71 -12.59 -43.22
CA ILE A 341 25.06 -13.14 -41.90
C ILE A 341 24.32 -12.33 -40.82
N ALA A 342 23.69 -13.06 -39.93
CA ALA A 342 22.98 -12.52 -38.80
C ALA A 342 23.11 -13.57 -37.72
N GLU A 343 23.19 -13.13 -36.46
CA GLU A 343 23.32 -14.04 -35.31
C GLU A 343 21.96 -14.52 -34.85
N GLY A 344 21.88 -15.80 -34.50
CA GLY A 344 20.75 -16.33 -33.73
C GLY A 344 21.07 -16.14 -32.25
N SER A 345 22.27 -16.58 -31.89
CA SER A 345 22.75 -16.48 -30.54
C SER A 345 23.00 -15.00 -30.24
N ASN A 346 22.95 -14.67 -28.96
CA ASN A 346 23.29 -13.36 -28.48
C ASN A 346 24.74 -13.08 -28.86
N MET A 347 25.00 -11.94 -29.49
CA MET A 347 26.36 -11.39 -29.58
C MET A 347 27.38 -12.41 -30.15
N GLY A 348 26.94 -13.15 -31.18
CA GLY A 348 27.76 -14.20 -31.80
C GLY A 348 29.05 -13.76 -32.49
N CYS A 349 29.08 -12.51 -32.95
CA CYS A 349 30.21 -11.97 -33.73
C CYS A 349 31.00 -10.96 -32.90
N THR A 350 32.32 -11.14 -32.82
CA THR A 350 33.21 -10.23 -32.09
C THR A 350 33.33 -8.96 -32.89
N GLN A 351 33.91 -7.91 -32.32
CA GLN A 351 33.92 -6.62 -33.03
C GLN A 351 34.73 -6.75 -34.32
N GLU A 352 35.79 -7.56 -34.27
CA GLU A 352 36.64 -7.84 -35.44
C GLU A 352 35.86 -8.34 -36.62
N ALA A 353 34.91 -9.26 -36.38
CA ALA A 353 34.03 -9.76 -37.46
C ALA A 353 33.23 -8.62 -38.08
N ILE A 354 32.63 -7.83 -37.22
CA ILE A 354 31.77 -6.74 -37.61
C ILE A 354 32.56 -5.64 -38.36
N ASP A 355 33.81 -5.39 -37.95
CA ASP A 355 34.69 -4.44 -38.66
C ASP A 355 35.01 -5.01 -40.04
N THR A 356 35.28 -6.32 -40.07
CA THR A 356 35.57 -7.01 -41.33
C THR A 356 34.35 -6.92 -42.27
N PHE A 357 33.20 -7.45 -41.82
CA PHE A 357 31.94 -7.46 -42.59
C PHE A 357 31.51 -6.05 -43.09
N GLU A 358 31.70 -5.03 -42.24
CA GLU A 358 31.38 -3.61 -42.58
C GLU A 358 32.47 -2.92 -43.40
N ALA A 359 33.70 -3.44 -43.38
CA ALA A 359 34.71 -2.99 -44.32
C ALA A 359 34.40 -3.61 -45.68
N HIS A 360 34.09 -4.90 -45.67
CA HIS A 360 33.74 -5.61 -46.90
C HIS A 360 32.58 -4.98 -47.65
N ARG A 361 31.57 -4.55 -46.90
CA ARG A 361 30.35 -3.94 -47.47
C ARG A 361 30.64 -2.62 -48.16
N THR A 362 31.36 -1.73 -47.47
CA THR A 362 31.83 -0.48 -48.07
C THR A 362 32.49 -0.73 -49.44
N ALA A 363 33.43 -1.68 -49.48
CA ALA A 363 34.30 -1.88 -50.63
C ALA A 363 33.60 -2.28 -51.94
N ASN A 364 32.74 -3.29 -51.85
CA ASN A 364 32.14 -3.93 -53.03
C ASN A 364 30.68 -3.55 -53.19
N ALA A 365 30.34 -2.93 -54.32
CA ALA A 365 28.94 -2.55 -54.59
C ALA A 365 28.03 -3.78 -54.85
N GLY A 366 26.80 -3.74 -54.33
CA GLY A 366 25.74 -4.69 -54.72
C GLY A 366 25.69 -6.07 -54.06
N ALA A 367 25.47 -7.10 -54.88
CA ALA A 367 25.43 -8.48 -54.43
C ALA A 367 26.80 -9.14 -54.19
N ALA A 368 27.90 -8.43 -54.47
CA ALA A 368 29.24 -8.89 -54.05
C ALA A 368 29.56 -8.63 -52.57
N ALA A 369 28.79 -7.76 -51.90
CA ALA A 369 29.02 -7.50 -50.49
C ALA A 369 28.43 -8.59 -49.63
N ILE A 370 29.21 -8.99 -48.61
CA ILE A 370 28.68 -9.64 -47.40
C ILE A 370 28.00 -8.54 -46.59
N TRP A 371 26.77 -8.81 -46.18
CA TRP A 371 25.95 -7.88 -45.40
C TRP A 371 25.67 -8.54 -44.04
N TYR A 372 26.05 -7.87 -42.96
CA TYR A 372 25.83 -8.37 -41.61
C TYR A 372 24.69 -7.60 -40.91
N ALA A 373 23.72 -8.34 -40.35
CA ALA A 373 22.66 -7.74 -39.50
C ALA A 373 23.03 -7.91 -38.03
N PRO A 374 22.96 -6.81 -37.24
CA PRO A 374 23.33 -6.88 -35.82
C PRO A 374 22.33 -7.64 -34.95
N GLY A 375 22.73 -7.93 -33.73
CA GLY A 375 21.91 -8.64 -32.76
C GLY A 375 20.63 -7.92 -32.37
N LYS A 376 20.73 -6.63 -32.04
CA LYS A 376 19.57 -5.87 -31.57
C LYS A 376 18.42 -5.86 -32.55
N ALA A 377 18.74 -5.86 -33.85
CA ALA A 377 17.76 -5.90 -34.93
C ALA A 377 17.31 -7.32 -35.25
N ALA A 378 18.27 -8.19 -35.55
CA ALA A 378 17.97 -9.50 -36.14
C ALA A 378 17.51 -10.58 -35.17
N ASN A 379 18.19 -10.81 -34.04
CA ASN A 379 17.69 -11.86 -33.08
C ASN A 379 16.68 -11.38 -31.99
N ALA A 380 15.90 -10.34 -32.34
CA ALA A 380 14.79 -9.82 -31.53
C ALA A 380 13.48 -10.60 -31.70
N GLY A 381 13.49 -11.70 -32.44
CA GLY A 381 12.32 -12.54 -32.61
C GLY A 381 11.81 -13.18 -31.33
N GLY A 382 12.72 -13.76 -30.55
CA GLY A 382 12.37 -14.33 -29.24
C GLY A 382 11.83 -13.31 -28.27
N VAL A 383 12.38 -12.09 -28.34
CA VAL A 383 11.98 -11.00 -27.46
C VAL A 383 10.74 -10.24 -27.96
N ALA A 384 10.48 -10.31 -29.26
CA ALA A 384 9.23 -9.77 -29.85
C ALA A 384 8.02 -10.58 -29.42
N VAL A 385 8.18 -11.88 -29.47
CA VAL A 385 7.20 -12.83 -28.97
C VAL A 385 6.98 -12.71 -27.45
N SER A 386 8.01 -12.32 -26.68
CA SER A 386 7.83 -11.96 -25.26
C SER A 386 6.78 -10.87 -25.10
N GLY A 387 6.93 -9.80 -25.88
CA GLY A 387 5.94 -8.72 -25.89
C GLY A 387 4.55 -9.20 -26.23
N LEU A 388 4.42 -10.11 -27.20
CA LEU A 388 3.14 -10.71 -27.56
C LEU A 388 2.60 -11.66 -26.45
N GLU A 389 3.50 -12.31 -25.69
CA GLU A 389 3.10 -13.06 -24.48
C GLU A 389 2.36 -12.15 -23.46
N MET A 390 2.94 -10.96 -23.21
CA MET A 390 2.35 -9.94 -22.33
C MET A 390 1.01 -9.51 -22.91
N ALA A 391 1.00 -9.21 -24.21
CA ALA A 391 -0.21 -8.86 -24.96
C ALA A 391 -1.35 -9.83 -24.68
N GLN A 392 -1.00 -11.12 -24.72
CA GLN A 392 -1.94 -12.19 -24.52
C GLN A 392 -2.36 -12.39 -23.07
N ASN A 393 -1.45 -12.19 -22.11
CA ASN A 393 -1.81 -12.18 -20.67
C ASN A 393 -2.80 -11.06 -20.37
N SER A 394 -2.49 -9.84 -20.81
CA SER A 394 -3.42 -8.71 -20.72
C SER A 394 -4.75 -8.97 -21.47
N ALA A 395 -4.70 -9.46 -22.70
CA ALA A 395 -5.93 -9.80 -23.42
C ALA A 395 -6.72 -10.94 -22.76
N ARG A 396 -6.04 -11.73 -21.92
CA ARG A 396 -6.57 -12.90 -21.22
C ARG A 396 -6.99 -13.98 -22.18
N LEU A 397 -6.17 -14.19 -23.22
CA LEU A 397 -6.45 -15.16 -24.28
C LEU A 397 -5.17 -15.78 -24.74
N SER A 398 -5.32 -16.90 -25.46
CA SER A 398 -4.21 -17.68 -25.96
C SER A 398 -4.38 -17.81 -27.47
N TRP A 399 -3.63 -16.97 -28.19
CA TRP A 399 -3.70 -16.86 -29.64
C TRP A 399 -3.08 -18.08 -30.34
N THR A 400 -3.52 -18.31 -31.58
CA THR A 400 -3.08 -19.46 -32.36
C THR A 400 -1.61 -19.32 -32.80
N SER A 401 -1.03 -20.43 -33.26
CA SER A 401 0.33 -20.43 -33.83
CA SER A 401 0.34 -20.40 -33.81
C SER A 401 0.45 -19.42 -34.98
N GLU A 402 -0.53 -19.44 -35.89
CA GLU A 402 -0.55 -18.54 -37.08
C GLU A 402 -0.64 -17.03 -36.74
N GLU A 403 -1.60 -16.67 -35.89
CA GLU A 403 -1.75 -15.29 -35.40
C GLU A 403 -0.46 -14.71 -34.80
N VAL A 404 0.14 -15.42 -33.84
CA VAL A 404 1.44 -15.02 -33.28
C VAL A 404 2.49 -14.95 -34.39
N ASP A 405 2.51 -15.97 -35.24
CA ASP A 405 3.51 -16.05 -36.31
C ASP A 405 3.36 -14.86 -37.24
N ALA A 406 2.15 -14.69 -37.76
CA ALA A 406 1.79 -13.48 -38.53
C ALA A 406 2.31 -12.19 -37.85
N ARG A 407 2.10 -12.06 -36.53
CA ARG A 407 2.61 -10.89 -35.78
C ARG A 407 4.13 -10.85 -35.65
N LEU A 408 4.74 -12.00 -35.38
CA LEU A 408 6.20 -12.08 -35.34
C LEU A 408 6.79 -11.64 -36.70
N LYS A 409 6.27 -12.27 -37.76
CA LYS A 409 6.60 -11.91 -39.14
C LYS A 409 6.60 -10.39 -39.35
N ASP A 410 5.47 -9.76 -39.00
CA ASP A 410 5.34 -8.31 -39.17
C ASP A 410 6.43 -7.59 -38.45
N ILE A 411 6.69 -8.02 -37.20
CA ILE A 411 7.66 -7.37 -36.31
C ILE A 411 9.08 -7.33 -36.89
N MET A 412 9.48 -8.44 -37.50
CA MET A 412 10.81 -8.52 -38.13
C MET A 412 10.87 -7.82 -39.49
N ARG A 413 9.73 -7.71 -40.16
CA ARG A 413 9.64 -6.95 -41.41
C ARG A 413 9.94 -5.50 -41.06
N ASP A 414 9.14 -4.93 -40.18
CA ASP A 414 9.24 -3.49 -39.89
C ASP A 414 10.60 -3.10 -39.33
N CYS A 415 11.19 -3.97 -38.50
CA CYS A 415 12.54 -3.82 -37.95
C CYS A 415 13.62 -3.71 -39.03
N PHE A 416 13.52 -4.59 -40.03
CA PHE A 416 14.40 -4.57 -41.22
C PHE A 416 14.20 -3.27 -42.00
N LYS A 417 12.96 -2.98 -42.35
CA LYS A 417 12.62 -1.68 -42.97
C LYS A 417 13.21 -0.49 -42.18
N ASN A 418 12.94 -0.43 -40.88
CA ASN A 418 13.39 0.65 -40.01
C ASN A 418 14.91 0.84 -40.07
N GLY A 419 15.64 -0.26 -39.88
CA GLY A 419 17.11 -0.25 -39.95
C GLY A 419 17.61 0.24 -41.30
N LEU A 420 17.15 -0.41 -42.36
CA LEU A 420 17.46 -0.05 -43.77
C LEU A 420 17.18 1.43 -44.12
N GLU A 421 15.96 1.88 -43.82
CA GLU A 421 15.51 3.27 -44.06
C GLU A 421 16.14 4.30 -43.13
N THR A 422 16.51 3.89 -41.92
CA THR A 422 17.24 4.79 -41.02
C THR A 422 18.69 5.11 -41.53
N ALA A 423 19.43 4.09 -41.95
CA ALA A 423 20.78 4.31 -42.43
C ALA A 423 20.73 5.12 -43.73
N GLN A 424 19.87 4.69 -44.66
CA GLN A 424 19.59 5.40 -45.92
C GLN A 424 19.37 6.90 -45.76
N GLU A 425 18.64 7.27 -44.70
CA GLU A 425 18.44 8.68 -44.35
C GLU A 425 19.74 9.27 -43.79
N TYR A 426 20.35 8.62 -42.78
CA TYR A 426 21.47 9.20 -41.97
C TYR A 426 22.92 8.72 -42.25
N ALA A 427 23.17 7.42 -42.37
CA ALA A 427 24.45 6.94 -42.88
C ALA A 427 24.23 6.49 -44.32
N THR A 428 24.23 7.45 -45.24
CA THR A 428 23.85 7.18 -46.64
C THR A 428 24.98 6.52 -47.43
N PRO A 429 24.69 5.37 -48.06
CA PRO A 429 25.76 4.68 -48.78
C PRO A 429 26.02 5.29 -50.16
N ALA A 430 27.18 4.97 -50.73
CA ALA A 430 27.46 5.20 -52.15
C ALA A 430 26.44 4.40 -52.99
N GLU A 431 26.49 4.55 -54.31
CA GLU A 431 25.52 3.91 -55.21
C GLU A 431 25.74 2.42 -55.35
N GLY A 432 24.68 1.63 -55.25
CA GLY A 432 24.74 0.15 -55.33
C GLY A 432 24.97 -0.55 -54.00
N VAL A 433 25.97 -0.02 -53.28
CA VAL A 433 26.33 -0.37 -51.89
C VAL A 433 25.13 -0.52 -50.94
N LEU A 434 25.11 -1.65 -50.23
CA LEU A 434 24.04 -1.97 -49.30
C LEU A 434 24.18 -1.01 -48.11
N PRO A 435 23.06 -0.44 -47.61
CA PRO A 435 23.19 0.49 -46.50
C PRO A 435 23.45 -0.27 -45.19
N SER A 436 24.17 0.38 -44.28
CA SER A 436 24.57 -0.26 -43.01
C SER A 436 23.39 -0.62 -42.10
N LEU A 437 23.17 -1.91 -41.90
CA LEU A 437 22.19 -2.38 -40.89
C LEU A 437 22.69 -2.16 -39.46
N VAL A 438 24.00 -2.04 -39.29
CA VAL A 438 24.58 -1.88 -37.96
C VAL A 438 24.38 -0.45 -37.51
N THR A 439 24.78 0.49 -38.35
CA THR A 439 24.67 1.90 -38.03
C THR A 439 23.20 2.32 -38.07
N GLY A 440 22.43 1.78 -39.01
CA GLY A 440 20.98 2.06 -39.10
C GLY A 440 20.15 1.58 -37.92
N SER A 441 20.31 0.31 -37.57
CA SER A 441 19.63 -0.26 -36.39
C SER A 441 19.97 0.46 -35.06
N ASN A 442 21.25 0.79 -34.85
CA ASN A 442 21.67 1.56 -33.66
C ASN A 442 21.09 2.96 -33.59
N ILE A 443 20.88 3.62 -34.73
CA ILE A 443 20.33 4.97 -34.74
C ILE A 443 18.84 4.85 -34.49
N ALA A 444 18.17 4.05 -35.32
CA ALA A 444 16.72 3.93 -35.26
C ALA A 444 16.23 3.66 -33.83
N GLY A 445 16.97 2.86 -33.07
CA GLY A 445 16.58 2.53 -31.71
C GLY A 445 16.91 3.63 -30.72
N PHE A 446 18.15 4.10 -30.79
CA PHE A 446 18.60 5.22 -29.99
C PHE A 446 17.68 6.43 -30.07
N THR A 447 17.18 6.66 -31.27
CA THR A 447 16.42 7.85 -31.51
C THR A 447 15.09 7.64 -30.85
N LYS A 448 14.44 6.52 -31.17
CA LYS A 448 13.15 6.12 -30.59
C LYS A 448 13.14 6.19 -29.06
N VAL A 449 14.23 5.69 -28.45
CA VAL A 449 14.47 5.78 -26.99
C VAL A 449 14.67 7.21 -26.47
N ALA A 450 15.72 7.89 -26.95
CA ALA A 450 15.99 9.26 -26.51
C ALA A 450 14.89 10.27 -26.87
N ALA A 451 14.15 10.00 -27.95
CA ALA A 451 13.02 10.85 -28.36
C ALA A 451 11.86 10.71 -27.41
N ALA A 452 11.54 9.47 -27.06
CA ALA A 452 10.51 9.17 -26.05
C ALA A 452 10.91 9.67 -24.64
N MET A 453 12.21 9.57 -24.32
CA MET A 453 12.79 10.12 -23.10
C MET A 453 12.71 11.65 -23.08
N LYS A 454 13.02 12.31 -24.18
CA LYS A 454 12.97 13.78 -24.18
C LYS A 454 11.55 14.27 -23.87
N ASP A 455 10.58 13.73 -24.60
CA ASP A 455 9.16 14.07 -24.38
C ASP A 455 8.74 13.90 -22.90
N GLN A 456 9.23 12.83 -22.27
CA GLN A 456 8.91 12.50 -20.86
C GLN A 456 9.74 13.26 -19.78
N GLY A 457 10.48 14.28 -20.21
CA GLY A 457 11.25 15.10 -19.30
C GLY A 457 12.48 14.48 -18.67
N ASP A 458 12.94 13.34 -19.17
CA ASP A 458 14.20 12.71 -18.73
C ASP A 458 15.41 13.59 -19.02
N TRP A 459 15.43 14.14 -20.22
CA TRP A 459 16.47 15.09 -20.63
C TRP A 459 15.81 16.25 -21.42
N TRP A 460 16.56 17.35 -21.51
CA TRP A 460 16.06 18.60 -22.12
C TRP A 460 17.21 19.51 -22.50
N SER B 2 -5.35 -32.96 10.94
CA SER B 2 -5.66 -32.53 12.35
C SER B 2 -6.62 -33.54 12.97
N ASN B 3 -7.48 -33.05 13.86
CA ASN B 3 -8.83 -33.56 14.03
C ASN B 3 -9.69 -32.54 13.27
N LEU B 4 -10.09 -32.90 12.03
CA LEU B 4 -10.72 -31.96 11.08
C LEU B 4 -12.24 -32.10 11.04
N PRO B 5 -12.96 -30.97 10.86
CA PRO B 5 -14.43 -30.99 10.80
C PRO B 5 -15.06 -31.87 9.72
N HIS B 6 -16.33 -32.22 9.93
CA HIS B 6 -17.09 -33.05 9.03
C HIS B 6 -17.57 -32.16 7.91
N GLU B 7 -17.21 -32.54 6.68
CA GLU B 7 -17.50 -31.74 5.49
C GLU B 7 -17.92 -32.66 4.35
N PRO B 8 -19.13 -33.22 4.45
CA PRO B 8 -19.40 -34.50 3.80
C PRO B 8 -19.42 -34.45 2.28
N GLU B 9 -20.08 -33.44 1.71
CA GLU B 9 -20.07 -33.26 0.26
C GLU B 9 -18.61 -33.12 -0.24
N PHE B 10 -17.74 -32.46 0.54
CA PHE B 10 -16.33 -32.32 0.12
C PHE B 10 -15.60 -33.65 0.15
N GLU B 11 -15.43 -34.21 1.35
CA GLU B 11 -14.87 -35.56 1.53
C GLU B 11 -15.31 -36.49 0.42
N GLN B 12 -16.61 -36.48 0.16
CA GLN B 12 -17.24 -37.20 -0.96
C GLN B 12 -16.55 -36.88 -2.29
N ALA B 13 -16.55 -35.61 -2.67
CA ALA B 13 -16.08 -35.17 -3.98
C ALA B 13 -14.58 -35.42 -4.21
N TYR B 14 -13.80 -35.30 -3.14
CA TYR B 14 -12.37 -35.66 -3.15
C TYR B 14 -12.20 -37.11 -3.54
N LYS B 15 -12.89 -37.98 -2.81
CA LYS B 15 -12.65 -39.43 -2.86
C LYS B 15 -13.02 -40.06 -4.20
N GLU B 16 -14.12 -39.61 -4.81
CA GLU B 16 -14.55 -40.14 -6.11
CA GLU B 16 -14.53 -40.15 -6.12
C GLU B 16 -13.66 -39.67 -7.28
N LEU B 17 -12.90 -38.59 -7.07
CA LEU B 17 -11.87 -38.12 -8.02
C LEU B 17 -10.62 -38.98 -7.84
N ALA B 18 -10.12 -39.03 -6.61
CA ALA B 18 -9.01 -39.91 -6.27
C ALA B 18 -9.16 -41.28 -6.95
N SER B 19 -10.28 -41.95 -6.70
CA SER B 19 -10.62 -43.25 -7.33
C SER B 19 -11.02 -43.20 -8.85
N THR B 20 -11.13 -42.01 -9.45
CA THR B 20 -11.12 -41.85 -10.93
C THR B 20 -9.68 -41.87 -11.45
N LEU B 21 -8.77 -41.31 -10.66
CA LEU B 21 -7.34 -41.26 -10.98
C LEU B 21 -6.57 -42.53 -10.55
N GLU B 22 -7.14 -43.32 -9.65
CA GLU B 22 -6.56 -44.60 -9.23
C GLU B 22 -6.90 -45.75 -10.16
N ASN B 23 -8.17 -45.80 -10.60
CA ASN B 23 -8.64 -46.80 -11.58
C ASN B 23 -8.35 -46.22 -12.97
N SER B 24 -7.07 -46.12 -13.30
CA SER B 24 -6.60 -45.25 -14.36
C SER B 24 -5.08 -45.47 -14.51
N THR B 25 -4.54 -45.11 -15.67
CA THR B 25 -3.08 -45.24 -15.92
C THR B 25 -2.31 -43.92 -15.69
N LEU B 26 -2.99 -42.93 -15.11
CA LEU B 26 -2.33 -41.70 -14.68
C LEU B 26 -1.13 -42.05 -13.77
N PHE B 27 -1.36 -42.64 -12.60
CA PHE B 27 -0.26 -42.95 -11.66
C PHE B 27 0.59 -44.14 -12.10
N GLN B 28 0.01 -44.97 -12.95
CA GLN B 28 0.75 -46.05 -13.59
C GLN B 28 1.82 -45.51 -14.55
N LYS B 29 1.68 -44.25 -15.00
CA LYS B 29 2.71 -43.55 -15.78
C LYS B 29 3.40 -42.38 -15.06
N ASN B 30 2.69 -41.71 -14.17
CA ASN B 30 3.29 -40.66 -13.35
C ASN B 30 2.90 -40.90 -11.91
N PRO B 31 3.55 -41.87 -11.23
CA PRO B 31 3.20 -42.12 -9.81
C PRO B 31 3.41 -40.88 -8.92
N GLU B 32 4.26 -39.99 -9.43
CA GLU B 32 4.61 -38.70 -8.87
C GLU B 32 3.37 -37.89 -8.52
N TYR B 33 2.38 -37.97 -9.40
CA TYR B 33 1.13 -37.21 -9.28
C TYR B 33 0.22 -37.58 -8.13
N ARG B 34 0.54 -38.65 -7.42
CA ARG B 34 -0.20 -38.95 -6.22
C ARG B 34 0.16 -37.99 -5.05
N LYS B 35 1.32 -37.31 -5.13
CA LYS B 35 1.65 -36.24 -4.17
C LYS B 35 0.79 -34.99 -4.39
N ALA B 36 0.29 -34.80 -5.61
CA ALA B 36 -0.45 -33.60 -6.04
C ALA B 36 -1.82 -33.45 -5.37
N LEU B 37 -2.56 -34.55 -5.39
CA LEU B 37 -3.90 -34.61 -4.82
C LEU B 37 -3.98 -34.08 -3.39
N ALA B 38 -3.09 -34.55 -2.51
CA ALA B 38 -3.13 -34.16 -1.08
C ALA B 38 -3.02 -32.66 -0.89
N VAL B 39 -2.26 -32.04 -1.79
CA VAL B 39 -2.04 -30.61 -1.78
C VAL B 39 -3.23 -29.85 -2.39
N VAL B 40 -3.57 -30.11 -3.66
CA VAL B 40 -4.66 -29.37 -4.35
C VAL B 40 -5.97 -29.27 -3.57
N SER B 41 -6.34 -30.37 -2.93
CA SER B 41 -7.60 -30.46 -2.18
C SER B 41 -7.54 -29.82 -0.79
N VAL B 42 -6.49 -29.04 -0.48
CA VAL B 42 -6.50 -28.13 0.67
C VAL B 42 -6.59 -26.72 0.11
N PRO B 43 -7.66 -25.93 0.44
CA PRO B 43 -7.78 -24.55 -0.03
C PRO B 43 -6.53 -23.69 0.10
N GLU B 44 -6.23 -22.87 -0.91
CA GLU B 44 -5.11 -21.92 -0.83
C GLU B 44 -5.37 -20.91 0.29
N ARG B 45 -6.58 -20.36 0.27
CA ARG B 45 -6.98 -19.32 1.22
C ARG B 45 -8.49 -19.28 1.38
N VAL B 46 -8.94 -19.14 2.61
CA VAL B 46 -10.36 -18.98 2.92
C VAL B 46 -10.38 -17.72 3.76
N ILE B 47 -11.34 -16.85 3.46
CA ILE B 47 -11.70 -15.84 4.42
C ILE B 47 -13.14 -16.14 4.85
N GLN B 48 -13.35 -16.12 6.16
CA GLN B 48 -14.67 -16.11 6.78
C GLN B 48 -14.76 -14.74 7.39
N PHE B 49 -15.98 -14.24 7.58
CA PHE B 49 -16.19 -12.92 8.17
C PHE B 49 -17.63 -12.62 8.60
N ARG B 50 -17.73 -11.74 9.62
CA ARG B 50 -19.00 -11.28 10.16
C ARG B 50 -19.55 -10.21 9.25
N VAL B 51 -20.88 -10.18 9.14
CA VAL B 51 -21.57 -9.23 8.28
C VAL B 51 -22.75 -8.63 9.05
N VAL B 52 -22.62 -7.35 9.38
CA VAL B 52 -23.61 -6.59 10.13
C VAL B 52 -24.37 -5.66 9.17
N TRP B 53 -25.66 -5.93 8.97
CA TRP B 53 -26.53 -5.14 8.06
C TRP B 53 -27.85 -4.70 8.75
N GLU B 54 -28.37 -3.53 8.38
CA GLU B 54 -29.64 -3.00 8.97
C GLU B 54 -30.92 -3.41 8.20
N ASP B 55 -31.85 -4.10 8.87
CA ASP B 55 -33.14 -4.45 8.24
C ASP B 55 -33.99 -3.17 8.15
N ASP B 56 -35.20 -3.25 7.58
CA ASP B 56 -35.98 -2.02 7.29
C ASP B 56 -36.63 -1.32 8.50
N ALA B 57 -36.71 -2.06 9.61
CA ALA B 57 -37.20 -1.54 10.90
C ALA B 57 -36.10 -0.94 11.79
N GLY B 58 -34.88 -0.87 11.27
CA GLY B 58 -33.73 -0.39 12.04
C GLY B 58 -33.13 -1.35 13.07
N ASN B 59 -33.37 -2.65 12.91
CA ASN B 59 -32.77 -3.68 13.78
C ASN B 59 -31.47 -4.27 13.22
N VAL B 60 -30.47 -4.42 14.09
CA VAL B 60 -29.17 -5.05 13.73
C VAL B 60 -29.36 -6.54 13.38
N GLN B 61 -28.82 -6.94 12.23
CA GLN B 61 -28.83 -8.35 11.79
C GLN B 61 -27.41 -8.81 11.58
N VAL B 62 -27.16 -10.10 11.81
CA VAL B 62 -25.80 -10.68 11.73
C VAL B 62 -25.75 -11.91 10.81
N ASN B 63 -24.86 -11.88 9.83
CA ASN B 63 -24.66 -13.01 8.93
C ASN B 63 -23.20 -13.32 8.71
N ARG B 64 -22.94 -14.55 8.24
CA ARG B 64 -21.59 -15.06 8.03
C ARG B 64 -21.24 -15.04 6.54
N GLY B 65 -20.30 -14.17 6.17
CA GLY B 65 -19.75 -14.09 4.80
C GLY B 65 -18.49 -14.95 4.65
N PHE B 66 -18.40 -15.67 3.52
CA PHE B 66 -17.34 -16.67 3.23
C PHE B 66 -16.76 -16.44 1.84
N ARG B 67 -15.49 -16.80 1.67
CA ARG B 67 -14.85 -16.79 0.35
C ARG B 67 -13.71 -17.80 0.27
N VAL B 68 -14.02 -18.98 -0.27
CA VAL B 68 -13.03 -20.05 -0.46
C VAL B 68 -12.24 -19.73 -1.73
N GLN B 69 -10.95 -19.49 -1.58
CA GLN B 69 -10.06 -19.28 -2.72
C GLN B 69 -9.19 -20.51 -2.84
N PHE B 70 -9.62 -21.44 -3.66
CA PHE B 70 -9.16 -22.84 -3.53
C PHE B 70 -7.79 -23.06 -4.17
N ASN B 71 -7.72 -22.88 -5.49
CA ASN B 71 -6.52 -23.08 -6.26
C ASN B 71 -6.40 -21.96 -7.32
N SER B 72 -5.18 -21.49 -7.59
CA SER B 72 -4.98 -20.35 -8.54
C SER B 72 -3.80 -20.51 -9.47
N ALA B 73 -3.44 -21.74 -9.78
CA ALA B 73 -2.27 -22.01 -10.59
C ALA B 73 -2.53 -21.75 -12.08
N LEU B 74 -3.77 -21.91 -12.53
CA LEU B 74 -4.10 -21.60 -13.91
C LEU B 74 -4.56 -20.18 -14.12
N GLY B 75 -4.81 -19.46 -13.04
CA GLY B 75 -5.37 -18.11 -13.19
C GLY B 75 -5.97 -17.57 -11.92
N PRO B 76 -6.35 -16.27 -11.94
CA PRO B 76 -6.91 -15.68 -10.73
C PRO B 76 -8.15 -16.43 -10.32
N TYR B 77 -8.47 -16.40 -9.03
CA TYR B 77 -9.52 -17.22 -8.50
C TYR B 77 -10.78 -16.87 -9.24
N LYS B 78 -11.63 -17.87 -9.49
CA LYS B 78 -12.89 -17.70 -10.23
C LYS B 78 -14.04 -18.61 -9.70
N GLY B 79 -15.21 -18.03 -9.46
CA GLY B 79 -16.37 -18.82 -9.00
C GLY B 79 -17.41 -18.02 -8.24
N GLY B 80 -18.64 -18.50 -8.29
CA GLY B 80 -19.80 -17.72 -7.89
C GLY B 80 -19.91 -17.38 -6.42
N LEU B 81 -20.95 -16.60 -6.12
CA LEU B 81 -21.32 -16.32 -4.75
C LEU B 81 -22.76 -16.81 -4.48
N ARG B 82 -22.98 -17.49 -3.36
CA ARG B 82 -24.32 -18.00 -2.99
C ARG B 82 -24.87 -17.33 -1.71
N PHE B 83 -26.06 -16.75 -1.80
CA PHE B 83 -26.77 -16.25 -0.61
C PHE B 83 -27.95 -17.16 -0.32
N HIS B 84 -27.73 -18.18 0.52
CA HIS B 84 -28.77 -19.14 0.90
C HIS B 84 -28.52 -19.53 2.38
N PRO B 85 -29.59 -19.78 3.17
CA PRO B 85 -29.37 -20.10 4.59
C PRO B 85 -28.63 -21.43 4.82
N SER B 86 -28.65 -22.30 3.83
CA SER B 86 -27.89 -23.55 3.87
C SER B 86 -26.36 -23.39 3.72
N VAL B 87 -25.89 -22.17 3.42
CA VAL B 87 -24.50 -21.88 3.00
C VAL B 87 -23.54 -21.98 4.17
N ASN B 88 -22.47 -22.77 3.98
CA ASN B 88 -21.40 -22.94 5.00
C ASN B 88 -20.05 -23.36 4.37
N LEU B 89 -18.98 -23.41 5.18
CA LEU B 89 -17.63 -23.63 4.63
C LEU B 89 -17.51 -24.96 3.86
N SER B 90 -18.11 -26.02 4.40
CA SER B 90 -18.18 -27.33 3.74
C SER B 90 -18.75 -27.26 2.32
N ILE B 91 -19.95 -26.70 2.19
CA ILE B 91 -20.68 -26.63 0.89
C ILE B 91 -19.96 -25.68 -0.11
N LEU B 92 -19.36 -24.60 0.37
CA LEU B 92 -18.49 -23.77 -0.47
C LEU B 92 -17.12 -24.40 -0.76
N LYS B 93 -16.72 -25.39 0.02
CA LYS B 93 -15.52 -26.19 -0.32
C LYS B 93 -15.82 -27.21 -1.41
N PHE B 94 -16.96 -27.85 -1.31
CA PHE B 94 -17.45 -28.77 -2.35
C PHE B 94 -17.56 -28.03 -3.66
N LEU B 95 -18.26 -26.90 -3.64
CA LEU B 95 -18.53 -26.14 -4.86
C LEU B 95 -17.26 -25.54 -5.37
N GLY B 96 -16.54 -24.84 -4.50
CA GLY B 96 -15.21 -24.31 -4.83
C GLY B 96 -14.26 -25.30 -5.48
N PHE B 97 -14.27 -26.56 -5.02
CA PHE B 97 -13.37 -27.60 -5.52
C PHE B 97 -13.76 -28.06 -6.91
N GLU B 98 -15.05 -28.11 -7.19
CA GLU B 98 -15.53 -28.47 -8.52
C GLU B 98 -15.35 -27.33 -9.53
N GLN B 99 -15.33 -26.10 -9.03
CA GLN B 99 -15.10 -24.92 -9.89
C GLN B 99 -13.69 -24.91 -10.51
N ILE B 100 -12.68 -25.29 -9.71
CA ILE B 100 -11.26 -25.39 -10.15
C ILE B 100 -11.09 -26.18 -11.47
N PHE B 101 -11.79 -27.30 -11.55
CA PHE B 101 -11.64 -28.24 -12.66
C PHE B 101 -12.57 -27.90 -13.80
N LYS B 102 -13.76 -27.39 -13.48
CA LYS B 102 -14.69 -26.90 -14.49
C LYS B 102 -14.06 -25.74 -15.23
N ASN B 103 -13.58 -24.76 -14.47
CA ASN B 103 -12.84 -23.63 -15.03
C ASN B 103 -11.63 -24.13 -15.82
N ALA B 104 -10.90 -25.12 -15.27
CA ALA B 104 -9.73 -25.68 -15.94
C ALA B 104 -10.11 -26.15 -17.32
N LEU B 105 -11.10 -27.04 -17.38
CA LEU B 105 -11.55 -27.62 -18.66
C LEU B 105 -11.72 -26.65 -19.82
N THR B 106 -12.25 -25.46 -19.49
CA THR B 106 -12.55 -24.40 -20.47
C THR B 106 -11.35 -24.06 -21.32
N GLY B 107 -10.17 -23.98 -20.66
CA GLY B 107 -8.90 -23.65 -21.31
C GLY B 107 -8.39 -22.23 -21.15
N LEU B 108 -9.16 -21.38 -20.47
CA LEU B 108 -8.75 -19.99 -20.21
C LEU B 108 -8.02 -19.93 -18.88
N ASN B 109 -7.37 -18.80 -18.61
CA ASN B 109 -6.62 -18.64 -17.37
C ASN B 109 -7.56 -18.18 -16.24
N MET B 110 -8.07 -19.19 -15.50
CA MET B 110 -8.97 -19.05 -14.35
C MET B 110 -8.77 -20.19 -13.33
N GLY B 111 -8.55 -19.84 -12.05
CA GLY B 111 -8.32 -20.79 -10.98
C GLY B 111 -9.62 -21.39 -10.48
N GLY B 112 -9.91 -21.20 -9.19
CA GLY B 112 -11.12 -21.79 -8.62
C GLY B 112 -11.47 -21.40 -7.21
N GLY B 113 -12.77 -21.10 -7.01
CA GLY B 113 -13.35 -20.89 -5.69
C GLY B 113 -14.86 -20.68 -5.68
N LYS B 114 -15.35 -20.22 -4.54
CA LYS B 114 -16.76 -19.99 -4.31
C LYS B 114 -16.85 -19.23 -2.99
N GLY B 115 -17.88 -18.40 -2.87
CA GLY B 115 -18.09 -17.63 -1.62
C GLY B 115 -19.56 -17.35 -1.41
N GLY B 116 -19.84 -16.35 -0.58
CA GLY B 116 -21.23 -15.97 -0.31
C GLY B 116 -21.50 -15.88 1.19
N SER B 117 -22.73 -16.17 1.58
CA SER B 117 -23.17 -15.95 2.95
C SER B 117 -24.43 -16.74 3.24
N ASP B 118 -24.73 -16.87 4.54
CA ASP B 118 -25.95 -17.54 4.98
C ASP B 118 -27.16 -16.59 5.01
N PHE B 119 -26.94 -15.31 4.70
CA PHE B 119 -28.04 -14.35 4.47
C PHE B 119 -29.06 -14.87 3.43
N ASP B 120 -30.34 -14.75 3.78
CA ASP B 120 -31.49 -15.33 3.06
C ASP B 120 -32.31 -14.25 2.33
N PRO B 121 -32.23 -14.19 0.98
CA PRO B 121 -32.99 -13.16 0.21
C PRO B 121 -34.52 -13.22 0.34
N LYS B 122 -35.07 -14.41 0.54
CA LYS B 122 -36.53 -14.61 0.61
C LYS B 122 -37.17 -13.75 1.71
N GLY B 123 -38.16 -12.94 1.33
CA GLY B 123 -38.79 -12.00 2.26
C GLY B 123 -38.07 -10.66 2.43
N LYS B 124 -36.90 -10.50 1.82
CA LYS B 124 -36.14 -9.26 1.91
C LYS B 124 -36.53 -8.28 0.80
N SER B 125 -36.73 -7.03 1.20
CA SER B 125 -36.90 -5.92 0.26
C SER B 125 -35.58 -5.67 -0.48
N ASP B 126 -35.67 -5.00 -1.62
CA ASP B 126 -34.45 -4.62 -2.38
C ASP B 126 -33.46 -3.76 -1.59
N ASN B 127 -33.99 -2.96 -0.66
CA ASN B 127 -33.14 -2.15 0.22
C ASN B 127 -32.38 -3.01 1.20
N GLU B 128 -33.07 -3.94 1.83
CA GLU B 128 -32.38 -4.86 2.73
C GLU B 128 -31.17 -5.55 2.04
N ILE B 129 -31.38 -5.94 0.78
CA ILE B 129 -30.37 -6.61 -0.08
C ILE B 129 -29.25 -5.66 -0.53
N ARG B 130 -29.56 -4.38 -0.77
CA ARG B 130 -28.55 -3.36 -1.07
C ARG B 130 -27.63 -3.10 0.14
N ARG B 131 -28.23 -2.91 1.33
CA ARG B 131 -27.44 -2.71 2.57
C ARG B 131 -26.55 -3.87 2.91
N PHE B 132 -27.04 -5.08 2.63
CA PHE B 132 -26.28 -6.31 2.91
C PHE B 132 -25.05 -6.35 2.04
N CYS B 133 -25.27 -6.21 0.72
CA CYS B 133 -24.21 -6.26 -0.29
C CYS B 133 -23.11 -5.31 0.07
N VAL B 134 -23.50 -4.07 0.32
CA VAL B 134 -22.60 -3.02 0.81
C VAL B 134 -21.79 -3.51 2.01
N SER B 135 -22.50 -4.12 2.96
CA SER B 135 -21.91 -4.62 4.20
C SER B 135 -20.98 -5.82 3.98
N PHE B 136 -21.39 -6.71 3.08
CA PHE B 136 -20.64 -7.88 2.65
C PHE B 136 -19.35 -7.47 1.94
N MET B 137 -19.50 -6.54 1.01
CA MET B 137 -18.43 -6.25 0.06
C MET B 137 -17.38 -5.34 0.66
N THR B 138 -17.78 -4.49 1.61
CA THR B 138 -16.83 -3.75 2.47
C THR B 138 -15.68 -4.63 3.01
N GLU B 139 -16.01 -5.80 3.53
CA GLU B 139 -14.98 -6.74 3.99
C GLU B 139 -14.30 -7.47 2.84
N LEU B 140 -15.09 -8.17 2.01
CA LEU B 140 -14.55 -8.91 0.86
C LEU B 140 -13.69 -8.04 -0.06
N CYS B 141 -14.09 -6.80 -0.33
CA CYS B 141 -13.31 -5.88 -1.14
CA CYS B 141 -13.31 -5.92 -1.20
C CYS B 141 -11.80 -6.06 -0.94
N LYS B 142 -11.40 -6.23 0.31
CA LYS B 142 -9.96 -6.41 0.68
C LYS B 142 -9.20 -7.60 0.05
N HIS B 143 -9.88 -8.71 -0.22
CA HIS B 143 -9.20 -9.97 -0.65
C HIS B 143 -9.45 -10.38 -2.11
N ILE B 144 -10.00 -9.46 -2.92
CA ILE B 144 -10.36 -9.76 -4.31
C ILE B 144 -9.78 -8.71 -5.24
N GLY B 145 -9.89 -8.98 -6.54
CA GLY B 145 -9.39 -8.05 -7.56
C GLY B 145 -9.46 -8.66 -8.94
N ALA B 146 -9.32 -7.84 -9.98
CA ALA B 146 -9.36 -8.31 -11.37
C ALA B 146 -8.24 -9.29 -11.71
N ASP B 147 -7.13 -9.18 -10.99
CA ASP B 147 -5.94 -10.03 -11.15
C ASP B 147 -5.78 -11.06 -10.06
N THR B 148 -6.73 -11.11 -9.12
CA THR B 148 -6.57 -11.85 -7.87
C THR B 148 -7.69 -12.87 -7.66
N ASP B 149 -8.93 -12.36 -7.58
CA ASP B 149 -10.16 -13.15 -7.40
C ASP B 149 -11.35 -12.44 -8.09
N VAL B 150 -11.99 -13.13 -9.05
CA VAL B 150 -13.10 -12.55 -9.81
C VAL B 150 -14.35 -13.38 -9.57
N PRO B 151 -15.19 -12.98 -8.60
CA PRO B 151 -16.46 -13.71 -8.42
C PRO B 151 -17.49 -13.56 -9.55
N ALA B 152 -18.66 -14.13 -9.31
CA ALA B 152 -19.81 -14.00 -10.19
C ALA B 152 -21.06 -14.35 -9.40
N GLY B 153 -22.15 -14.63 -10.11
CA GLY B 153 -23.40 -15.08 -9.50
C GLY B 153 -23.47 -16.57 -9.22
N ASP B 154 -24.51 -16.93 -8.46
CA ASP B 154 -25.01 -18.29 -8.24
C ASP B 154 -26.37 -18.14 -7.52
N ILE B 155 -26.90 -19.21 -6.92
CA ILE B 155 -28.17 -19.18 -6.17
C ILE B 155 -28.21 -18.00 -5.18
N GLY B 156 -29.13 -17.07 -5.40
CA GLY B 156 -29.32 -15.92 -4.50
C GLY B 156 -28.64 -14.63 -4.95
N VAL B 157 -27.70 -14.75 -5.90
CA VAL B 157 -26.93 -13.62 -6.40
C VAL B 157 -27.04 -13.55 -7.92
N THR B 158 -27.70 -12.49 -8.38
CA THR B 158 -27.89 -12.18 -9.81
C THR B 158 -27.50 -10.72 -10.10
N GLY B 159 -27.73 -10.28 -11.34
CA GLY B 159 -27.56 -8.88 -11.75
C GLY B 159 -27.91 -7.74 -10.79
N ARG B 160 -28.88 -7.98 -9.92
CA ARG B 160 -29.20 -7.05 -8.83
C ARG B 160 -28.06 -6.98 -7.81
N GLU B 161 -27.64 -8.14 -7.31
CA GLU B 161 -26.65 -8.20 -6.23
C GLU B 161 -25.24 -8.05 -6.80
N VAL B 162 -25.02 -8.45 -8.06
CA VAL B 162 -23.72 -8.21 -8.70
C VAL B 162 -23.50 -6.70 -8.88
N GLY B 163 -24.59 -5.99 -9.20
CA GLY B 163 -24.62 -4.53 -9.21
C GLY B 163 -24.21 -3.90 -7.89
N PHE B 164 -25.00 -4.18 -6.84
CA PHE B 164 -24.75 -3.63 -5.49
C PHE B 164 -23.33 -3.88 -4.94
N LEU B 165 -22.81 -5.09 -5.22
CA LEU B 165 -21.47 -5.50 -4.78
C LEU B 165 -20.42 -4.67 -5.49
N PHE B 166 -20.47 -4.69 -6.83
CA PHE B 166 -19.58 -3.89 -7.69
C PHE B 166 -19.49 -2.41 -7.29
N GLY B 167 -20.63 -1.77 -7.16
CA GLY B 167 -20.70 -0.37 -6.79
C GLY B 167 -19.88 -0.11 -5.54
N GLN B 168 -20.14 -0.85 -4.47
CA GLN B 168 -19.44 -0.64 -3.21
C GLN B 168 -17.95 -1.03 -3.25
N TYR B 169 -17.57 -1.91 -4.17
CA TYR B 169 -16.14 -2.22 -4.38
C TYR B 169 -15.44 -1.04 -5.03
N ARG B 170 -16.05 -0.49 -6.07
CA ARG B 170 -15.50 0.67 -6.76
C ARG B 170 -15.38 1.88 -5.83
N LYS B 171 -16.28 2.00 -4.86
CA LYS B 171 -16.30 3.12 -3.93
C LYS B 171 -15.15 3.10 -2.91
N ILE B 172 -14.89 1.94 -2.30
CA ILE B 172 -13.83 1.81 -1.28
C ILE B 172 -12.46 1.70 -1.95
N ARG B 173 -12.42 0.97 -3.07
CA ARG B 173 -11.19 0.58 -3.75
C ARG B 173 -10.72 1.60 -4.79
N ASN B 174 -11.64 2.42 -5.28
CA ASN B 174 -11.40 3.47 -6.30
C ASN B 174 -10.90 2.93 -7.67
N GLN B 175 -11.43 1.77 -8.05
CA GLN B 175 -11.04 1.10 -9.27
C GLN B 175 -12.29 0.59 -9.98
N TRP B 176 -12.35 0.87 -11.29
CA TRP B 176 -13.33 0.31 -12.19
C TRP B 176 -12.56 -0.67 -13.03
N GLU B 177 -12.86 -1.97 -12.87
CA GLU B 177 -12.14 -3.08 -13.54
C GLU B 177 -13.02 -4.32 -13.52
N GLY B 178 -12.57 -5.41 -14.15
CA GLY B 178 -13.31 -6.68 -14.16
C GLY B 178 -13.21 -7.49 -12.87
N VAL B 179 -13.69 -6.91 -11.79
CA VAL B 179 -13.64 -7.57 -10.48
C VAL B 179 -14.82 -8.55 -10.32
N LEU B 180 -15.89 -8.34 -11.07
CA LEU B 180 -17.00 -9.29 -11.09
C LEU B 180 -17.40 -9.62 -12.55
N THR B 181 -18.11 -10.73 -12.68
CA THR B 181 -18.67 -11.16 -13.96
C THR B 181 -20.18 -11.22 -13.72
N GLY B 182 -20.98 -11.46 -14.76
CA GLY B 182 -22.44 -11.25 -14.67
C GLY B 182 -22.88 -9.78 -14.55
N LYS B 183 -22.05 -8.88 -15.06
CA LYS B 183 -22.32 -7.46 -14.97
C LYS B 183 -23.32 -7.04 -16.06
N GLY B 184 -23.90 -5.86 -15.86
CA GLY B 184 -24.93 -5.35 -16.77
C GLY B 184 -24.25 -4.80 -18.00
N GLY B 185 -24.94 -4.91 -19.14
CA GLY B 185 -24.41 -4.50 -20.45
C GLY B 185 -23.49 -3.29 -20.50
N SER B 186 -23.91 -2.21 -19.85
CA SER B 186 -23.25 -0.91 -19.96
C SER B 186 -22.18 -0.63 -18.91
N TRP B 187 -22.05 -1.50 -17.92
CA TRP B 187 -20.94 -1.37 -16.99
C TRP B 187 -20.04 -2.62 -16.95
N GLY B 188 -19.82 -3.21 -18.13
CA GLY B 188 -18.82 -4.26 -18.34
C GLY B 188 -19.31 -5.69 -18.52
N GLY B 189 -20.61 -5.86 -18.70
CA GLY B 189 -21.16 -7.16 -19.03
C GLY B 189 -20.81 -7.61 -20.44
N SER B 190 -21.12 -8.89 -20.68
CA SER B 190 -20.82 -9.57 -21.92
C SER B 190 -22.13 -9.84 -22.61
N LEU B 191 -22.19 -9.59 -23.91
CA LEU B 191 -23.26 -10.10 -24.76
C LEU B 191 -23.12 -11.63 -24.80
N ILE B 192 -24.21 -12.31 -25.10
CA ILE B 192 -24.25 -13.78 -25.11
C ILE B 192 -24.09 -14.41 -23.69
N ARG B 193 -24.13 -13.60 -22.63
CA ARG B 193 -24.11 -14.14 -21.26
C ARG B 193 -25.38 -14.93 -20.92
N PRO B 194 -26.59 -14.38 -21.22
CA PRO B 194 -27.81 -15.20 -21.04
C PRO B 194 -27.85 -16.54 -21.79
N GLU B 195 -27.26 -16.57 -22.99
CA GLU B 195 -27.32 -17.73 -23.89
C GLU B 195 -26.29 -18.82 -23.60
N ALA B 196 -25.32 -18.50 -22.74
CA ALA B 196 -24.05 -19.22 -22.68
C ALA B 196 -24.14 -20.69 -22.32
N THR B 197 -24.74 -20.98 -21.18
CA THR B 197 -24.86 -22.36 -20.70
C THR B 197 -25.78 -23.20 -21.59
N GLY B 198 -26.87 -22.64 -22.09
CA GLY B 198 -27.77 -23.38 -22.98
C GLY B 198 -27.07 -23.79 -24.26
N TYR B 199 -26.53 -22.79 -24.95
CA TYR B 199 -25.75 -22.95 -26.17
C TYR B 199 -24.61 -23.92 -26.02
N GLY B 200 -23.78 -23.65 -25.01
CA GLY B 200 -22.62 -24.50 -24.71
C GLY B 200 -22.92 -25.98 -24.78
N VAL B 201 -23.97 -26.41 -24.08
CA VAL B 201 -24.34 -27.83 -24.00
C VAL B 201 -24.60 -28.39 -25.41
N VAL B 202 -25.46 -27.74 -26.18
CA VAL B 202 -25.80 -28.23 -27.53
C VAL B 202 -24.57 -28.25 -28.43
N TYR B 203 -23.76 -27.19 -28.41
CA TYR B 203 -22.47 -27.19 -29.10
C TYR B 203 -21.70 -28.44 -28.68
N TYR B 204 -21.43 -28.56 -27.39
CA TYR B 204 -20.69 -29.70 -26.82
C TYR B 204 -21.19 -31.05 -27.36
N VAL B 205 -22.51 -31.19 -27.47
CA VAL B 205 -23.14 -32.43 -27.93
C VAL B 205 -22.99 -32.62 -29.44
N GLU B 206 -22.95 -31.56 -30.24
CA GLU B 206 -22.62 -31.69 -31.67
C GLU B 206 -21.30 -32.46 -31.90
N HIS B 207 -20.33 -32.19 -31.02
CA HIS B 207 -19.03 -32.85 -31.03
C HIS B 207 -19.12 -34.32 -30.57
N MET B 208 -20.08 -34.63 -29.70
CA MET B 208 -20.44 -36.04 -29.38
C MET B 208 -21.06 -36.78 -30.58
N ILE B 209 -21.98 -36.13 -31.28
CA ILE B 209 -22.65 -36.74 -32.42
C ILE B 209 -21.66 -36.90 -33.59
N ALA B 210 -20.83 -35.86 -33.80
CA ALA B 210 -19.77 -35.85 -34.82
C ALA B 210 -18.71 -36.93 -34.62
N HIS B 211 -18.19 -37.04 -33.39
CA HIS B 211 -17.21 -38.09 -33.06
C HIS B 211 -17.79 -39.50 -33.09
N ALA B 212 -18.98 -39.66 -32.51
CA ALA B 212 -19.64 -40.98 -32.38
C ALA B 212 -20.06 -41.60 -33.73
N THR B 213 -20.51 -40.77 -34.66
CA THR B 213 -20.96 -41.22 -35.99
C THR B 213 -19.93 -41.01 -37.15
N ASN B 214 -18.73 -40.54 -36.80
CA ASN B 214 -17.60 -40.31 -37.74
C ASN B 214 -17.91 -39.19 -38.75
N GLY B 215 -18.50 -38.11 -38.24
CA GLY B 215 -18.86 -36.97 -39.06
C GLY B 215 -20.04 -37.15 -40.01
N GLN B 216 -20.74 -38.28 -39.91
CA GLN B 216 -21.88 -38.62 -40.80
C GLN B 216 -23.24 -38.13 -40.27
N GLU B 217 -23.26 -37.52 -39.09
CA GLU B 217 -24.51 -37.15 -38.42
C GLU B 217 -24.31 -36.01 -37.43
N SER B 218 -25.40 -35.27 -37.18
CA SER B 218 -25.39 -34.12 -36.27
C SER B 218 -26.80 -33.95 -35.62
N PHE B 219 -27.13 -32.77 -35.09
CA PHE B 219 -28.48 -32.54 -34.53
C PHE B 219 -29.54 -32.48 -35.59
N LYS B 220 -29.12 -32.23 -36.83
CA LYS B 220 -30.00 -32.13 -38.01
C LYS B 220 -30.91 -33.34 -38.14
N GLY B 221 -32.20 -33.14 -37.87
CA GLY B 221 -33.21 -34.20 -37.97
C GLY B 221 -33.61 -34.87 -36.67
N LYS B 222 -32.69 -34.89 -35.69
CA LYS B 222 -32.90 -35.55 -34.39
C LYS B 222 -33.94 -34.88 -33.52
N ARG B 223 -34.53 -35.68 -32.64
CA ARG B 223 -35.55 -35.25 -31.68
C ARG B 223 -34.90 -35.17 -30.31
N VAL B 224 -35.08 -34.05 -29.63
CA VAL B 224 -34.38 -33.77 -28.38
C VAL B 224 -35.37 -33.53 -27.27
N ALA B 225 -35.29 -34.39 -26.27
CA ALA B 225 -36.03 -34.20 -25.03
C ALA B 225 -35.27 -33.20 -24.14
N ILE B 226 -35.94 -32.12 -23.76
CA ILE B 226 -35.39 -31.18 -22.77
C ILE B 226 -36.32 -31.16 -21.55
N SER B 227 -35.72 -30.88 -20.40
CA SER B 227 -36.46 -30.58 -19.18
C SER B 227 -35.93 -29.27 -18.63
N GLY B 228 -36.70 -28.69 -17.73
CA GLY B 228 -36.46 -27.32 -17.28
C GLY B 228 -37.03 -26.31 -18.26
N SER B 229 -37.09 -25.06 -17.81
CA SER B 229 -37.48 -23.94 -18.66
C SER B 229 -36.93 -22.60 -18.18
N GLY B 230 -35.68 -22.59 -17.67
CA GLY B 230 -34.94 -21.35 -17.38
C GLY B 230 -34.14 -20.93 -18.60
N ASN B 231 -33.19 -20.01 -18.42
CA ASN B 231 -32.26 -19.64 -19.49
C ASN B 231 -31.67 -20.86 -20.20
N VAL B 232 -31.10 -21.76 -19.42
CA VAL B 232 -30.40 -22.94 -19.94
C VAL B 232 -31.24 -23.66 -20.99
N ALA B 233 -32.41 -24.14 -20.58
CA ALA B 233 -33.30 -24.95 -21.43
C ALA B 233 -33.78 -24.16 -22.64
N GLN B 234 -34.18 -22.91 -22.40
CA GLN B 234 -34.73 -22.05 -23.44
C GLN B 234 -33.82 -21.92 -24.64
N TYR B 235 -32.58 -21.58 -24.35
CA TYR B 235 -31.58 -21.27 -25.37
C TYR B 235 -30.85 -22.50 -25.91
N ALA B 236 -30.78 -23.55 -25.10
CA ALA B 236 -30.46 -24.87 -25.61
C ALA B 236 -31.56 -25.31 -26.57
N ALA B 237 -32.82 -25.12 -26.19
CA ALA B 237 -33.94 -25.50 -27.04
C ALA B 237 -33.84 -24.81 -28.39
N LEU B 238 -33.69 -23.49 -28.33
CA LEU B 238 -33.55 -22.64 -29.52
C LEU B 238 -32.36 -23.00 -30.41
N LYS B 239 -31.24 -23.35 -29.80
CA LYS B 239 -30.04 -23.71 -30.57
C LYS B 239 -30.24 -24.93 -31.42
N VAL B 240 -30.87 -25.96 -30.83
CA VAL B 240 -31.17 -27.19 -31.58
C VAL B 240 -32.12 -26.87 -32.74
N ILE B 241 -33.06 -25.96 -32.50
CA ILE B 241 -33.97 -25.50 -33.55
C ILE B 241 -33.20 -24.89 -34.73
N GLU B 242 -32.36 -23.88 -34.46
CA GLU B 242 -31.37 -23.39 -35.45
C GLU B 242 -30.70 -24.58 -36.17
N LEU B 243 -30.09 -25.48 -35.42
CA LEU B 243 -29.32 -26.59 -36.01
C LEU B 243 -30.12 -27.65 -36.81
N GLY B 244 -31.45 -27.58 -36.78
CA GLY B 244 -32.30 -28.46 -37.59
C GLY B 244 -32.81 -29.70 -36.87
N GLY B 245 -32.70 -29.71 -35.54
CA GLY B 245 -33.32 -30.74 -34.71
C GLY B 245 -34.71 -30.32 -34.27
N SER B 246 -35.48 -31.28 -33.79
CA SER B 246 -36.80 -31.03 -33.19
C SER B 246 -36.68 -31.02 -31.67
N VAL B 247 -37.24 -29.99 -31.03
CA VAL B 247 -37.37 -29.97 -29.57
C VAL B 247 -38.75 -30.51 -29.23
N VAL B 248 -38.79 -31.62 -28.48
CA VAL B 248 -40.06 -32.34 -28.19
C VAL B 248 -40.59 -32.22 -26.75
N SER B 249 -39.84 -31.58 -25.84
CA SER B 249 -40.34 -31.38 -24.47
C SER B 249 -39.67 -30.22 -23.73
N LEU B 250 -40.49 -29.51 -22.93
CA LEU B 250 -40.05 -28.57 -21.87
C LEU B 250 -40.95 -28.80 -20.67
N SER B 251 -40.48 -28.38 -19.50
CA SER B 251 -41.14 -28.72 -18.24
C SER B 251 -40.65 -27.86 -17.10
N ASP B 252 -41.49 -27.74 -16.07
CA ASP B 252 -41.17 -26.94 -14.88
C ASP B 252 -41.56 -27.71 -13.64
N SER B 253 -41.23 -27.14 -12.48
CA SER B 253 -41.63 -27.66 -11.17
C SER B 253 -42.94 -28.50 -11.10
N GLN B 254 -43.97 -28.07 -11.86
CA GLN B 254 -45.34 -28.60 -11.72
CA GLN B 254 -45.35 -28.58 -11.72
C GLN B 254 -45.81 -29.54 -12.84
N GLY B 255 -45.14 -29.54 -13.99
CA GLY B 255 -45.53 -30.44 -15.07
C GLY B 255 -44.64 -30.44 -16.28
N SER B 256 -45.12 -31.04 -17.37
CA SER B 256 -44.37 -31.16 -18.61
C SER B 256 -45.27 -30.99 -19.82
N LEU B 257 -44.79 -30.20 -20.78
CA LEU B 257 -45.51 -29.85 -21.98
C LEU B 257 -44.76 -30.44 -23.15
N ILE B 258 -45.35 -31.45 -23.79
CA ILE B 258 -44.61 -32.28 -24.77
C ILE B 258 -45.25 -32.24 -26.16
N ILE B 259 -44.65 -32.97 -27.10
CA ILE B 259 -45.16 -33.12 -28.48
C ILE B 259 -45.76 -34.52 -28.67
N ASN B 260 -46.90 -34.55 -29.35
CA ASN B 260 -47.58 -35.79 -29.70
C ASN B 260 -47.14 -36.16 -31.10
N GLY B 261 -46.50 -37.31 -31.22
CA GLY B 261 -45.92 -37.74 -32.49
C GLY B 261 -44.71 -36.86 -32.79
N GLU B 262 -44.27 -36.86 -34.04
CA GLU B 262 -43.15 -36.03 -34.44
C GLU B 262 -43.59 -34.57 -34.57
N GLY B 263 -42.64 -33.66 -34.36
CA GLY B 263 -42.91 -32.23 -34.46
C GLY B 263 -41.68 -31.40 -34.16
N SER B 264 -41.90 -30.34 -33.38
CA SER B 264 -40.84 -29.48 -32.83
C SER B 264 -41.51 -28.24 -32.23
N PHE B 265 -41.03 -27.81 -31.07
CA PHE B 265 -41.41 -26.51 -30.54
C PHE B 265 -40.98 -25.47 -31.57
N THR B 266 -41.67 -24.33 -31.61
CA THR B 266 -41.27 -23.21 -32.48
C THR B 266 -40.57 -22.11 -31.63
N PRO B 267 -39.60 -21.37 -32.24
CA PRO B 267 -38.93 -20.24 -31.57
C PRO B 267 -39.85 -19.26 -30.84
N GLU B 268 -41.06 -19.09 -31.38
CA GLU B 268 -42.09 -18.21 -30.83
C GLU B 268 -42.81 -18.85 -29.63
N GLU B 269 -42.99 -20.18 -29.67
CA GLU B 269 -43.51 -20.96 -28.51
C GLU B 269 -42.58 -20.92 -27.30
N ILE B 270 -41.28 -20.87 -27.57
CA ILE B 270 -40.28 -20.79 -26.52
C ILE B 270 -40.32 -19.38 -25.91
N GLU B 271 -40.52 -18.36 -26.76
CA GLU B 271 -40.61 -16.95 -26.31
C GLU B 271 -41.83 -16.69 -25.43
N LEU B 272 -42.96 -17.29 -25.76
CA LEU B 272 -44.15 -17.22 -24.90
C LEU B 272 -43.88 -17.93 -23.56
N ILE B 273 -43.22 -19.10 -23.61
CA ILE B 273 -42.83 -19.85 -22.39
C ILE B 273 -41.79 -19.08 -21.59
N ALA B 274 -40.88 -18.41 -22.30
CA ALA B 274 -39.89 -17.51 -21.69
C ALA B 274 -40.54 -16.33 -20.99
N GLN B 275 -41.36 -15.59 -21.73
CA GLN B 275 -42.13 -14.46 -21.18
C GLN B 275 -43.02 -14.90 -20.01
N THR B 276 -43.69 -16.04 -20.18
CA THR B 276 -44.47 -16.68 -19.12
C THR B 276 -43.63 -16.89 -17.87
N LYS B 277 -42.42 -17.40 -18.06
CA LYS B 277 -41.47 -17.55 -16.94
C LYS B 277 -40.97 -16.23 -16.36
N VAL B 278 -40.80 -15.20 -17.19
CA VAL B 278 -40.42 -13.86 -16.71
C VAL B 278 -41.46 -13.28 -15.69
N GLU B 279 -42.74 -13.62 -15.86
CA GLU B 279 -43.81 -13.15 -14.95
C GLU B 279 -44.04 -14.03 -13.69
N ARG B 280 -43.44 -15.22 -13.67
CA ARG B 280 -43.62 -16.24 -12.61
C ARG B 280 -45.00 -16.92 -12.68
N LYS B 281 -45.24 -17.62 -13.80
CA LYS B 281 -46.42 -18.50 -13.96
C LYS B 281 -46.01 -19.82 -14.63
N GLN B 282 -46.68 -20.90 -14.21
CA GLN B 282 -46.39 -22.26 -14.65
C GLN B 282 -46.69 -22.48 -16.14
N LEU B 283 -46.23 -23.62 -16.64
CA LEU B 283 -46.67 -24.14 -17.93
C LEU B 283 -48.13 -24.58 -17.85
N ALA B 284 -48.55 -25.06 -16.67
CA ALA B 284 -49.91 -25.55 -16.42
C ALA B 284 -51.04 -24.61 -16.88
N SER B 285 -50.92 -23.32 -16.57
CA SER B 285 -51.98 -22.33 -16.87
C SER B 285 -52.10 -21.99 -18.37
N ILE B 286 -50.96 -21.74 -19.00
CA ILE B 286 -50.87 -21.25 -20.38
C ILE B 286 -51.24 -22.26 -21.48
N VAL B 287 -51.62 -23.47 -21.09
CA VAL B 287 -52.13 -24.49 -22.02
C VAL B 287 -53.60 -24.18 -22.40
N GLY B 288 -54.36 -23.56 -21.49
CA GLY B 288 -55.77 -23.20 -21.74
C GLY B 288 -56.05 -22.22 -22.87
N ALA B 289 -55.09 -21.32 -23.13
CA ALA B 289 -55.13 -20.41 -24.28
C ALA B 289 -54.18 -20.91 -25.37
N ALA B 290 -54.57 -20.68 -26.63
CA ALA B 290 -53.80 -21.13 -27.81
C ALA B 290 -52.45 -20.42 -27.95
N PRO B 291 -51.45 -21.04 -28.60
CA PRO B 291 -51.54 -22.31 -29.35
C PRO B 291 -51.19 -23.63 -28.63
N PHE B 292 -51.10 -23.60 -27.30
CA PHE B 292 -50.81 -24.82 -26.50
C PHE B 292 -52.08 -25.63 -26.15
N SER B 293 -53.24 -24.98 -26.23
CA SER B 293 -54.57 -25.60 -26.19
C SER B 293 -54.84 -26.58 -27.33
N ASP B 294 -54.23 -26.35 -28.48
CA ASP B 294 -54.25 -27.31 -29.58
C ASP B 294 -53.52 -28.59 -29.17
N ALA B 295 -54.27 -29.52 -28.61
CA ALA B 295 -53.71 -30.72 -28.00
C ALA B 295 -53.22 -31.77 -29.00
N ASN B 296 -53.65 -31.74 -30.26
CA ASN B 296 -53.14 -32.73 -31.23
C ASN B 296 -51.65 -32.48 -31.57
N LYS B 297 -51.15 -31.28 -31.26
CA LYS B 297 -49.70 -31.01 -31.19
C LYS B 297 -49.13 -31.11 -29.77
N PHE B 298 -49.93 -30.79 -28.75
CA PHE B 298 -49.45 -30.67 -27.37
C PHE B 298 -50.06 -31.64 -26.34
N LYS B 299 -49.39 -31.76 -25.20
CA LYS B 299 -49.79 -32.67 -24.12
C LYS B 299 -49.11 -32.18 -22.83
N TYR B 300 -49.84 -31.42 -22.02
CA TYR B 300 -49.35 -31.10 -20.67
C TYR B 300 -49.57 -32.32 -19.79
N ILE B 301 -48.62 -32.62 -18.89
CA ILE B 301 -48.70 -33.83 -18.03
C ILE B 301 -48.35 -33.51 -16.54
N ALA B 302 -49.36 -33.10 -15.79
CA ALA B 302 -49.21 -32.63 -14.39
C ALA B 302 -48.34 -33.51 -13.51
N GLY B 303 -47.49 -32.88 -12.71
CA GLY B 303 -46.57 -33.59 -11.80
C GLY B 303 -45.34 -34.29 -12.39
N ALA B 304 -45.34 -34.52 -13.72
CA ALA B 304 -44.41 -35.46 -14.35
C ALA B 304 -43.17 -34.80 -14.95
N ARG B 305 -42.14 -35.64 -15.16
CA ARG B 305 -40.94 -35.27 -15.89
C ARG B 305 -41.08 -35.84 -17.29
N PRO B 306 -40.52 -35.18 -18.31
CA PRO B 306 -40.91 -35.51 -19.70
C PRO B 306 -40.56 -36.92 -20.28
N TRP B 307 -39.90 -37.77 -19.49
CA TRP B 307 -39.08 -38.85 -20.05
C TRP B 307 -39.82 -40.06 -20.64
N VAL B 308 -40.80 -40.57 -19.89
CA VAL B 308 -41.70 -41.67 -20.39
C VAL B 308 -42.69 -41.21 -21.49
N HIS B 309 -42.75 -39.89 -21.69
CA HIS B 309 -43.82 -39.21 -22.41
C HIS B 309 -43.44 -38.82 -23.85
N VAL B 310 -42.17 -38.48 -24.04
CA VAL B 310 -41.60 -38.25 -25.39
C VAL B 310 -41.38 -39.52 -26.23
N GLY B 311 -41.49 -40.69 -25.63
CA GLY B 311 -41.39 -41.95 -26.39
C GLY B 311 -39.99 -42.19 -26.93
N LYS B 312 -39.89 -42.34 -28.26
CA LYS B 312 -38.60 -42.57 -28.95
C LYS B 312 -37.85 -41.25 -29.18
N VAL B 313 -36.59 -41.19 -28.76
CA VAL B 313 -35.88 -39.93 -28.60
C VAL B 313 -34.39 -40.14 -28.90
N ASP B 314 -33.78 -39.19 -29.58
CA ASP B 314 -32.38 -39.28 -30.00
C ASP B 314 -31.40 -38.62 -29.02
N VAL B 315 -31.68 -37.38 -28.61
CA VAL B 315 -30.86 -36.66 -27.64
C VAL B 315 -31.72 -36.41 -26.40
N ALA B 316 -31.08 -36.27 -25.24
CA ALA B 316 -31.76 -35.86 -24.01
C ALA B 316 -30.91 -34.85 -23.23
N LEU B 317 -31.36 -33.61 -23.16
CA LEU B 317 -30.65 -32.55 -22.39
C LEU B 317 -31.39 -32.16 -21.13
N PRO B 318 -31.05 -32.80 -19.98
CA PRO B 318 -31.69 -32.39 -18.71
C PRO B 318 -31.22 -31.00 -18.21
N SER B 319 -32.17 -30.07 -18.06
CA SER B 319 -31.86 -28.68 -17.65
C SER B 319 -32.80 -28.11 -16.58
N ALA B 320 -33.44 -28.98 -15.80
CA ALA B 320 -34.39 -28.55 -14.76
C ALA B 320 -33.73 -28.25 -13.40
N THR B 321 -33.18 -29.27 -12.77
CA THR B 321 -32.79 -29.21 -11.36
C THR B 321 -31.74 -30.31 -11.04
N GLN B 322 -31.84 -30.96 -9.89
CA GLN B 322 -30.91 -32.03 -9.50
C GLN B 322 -31.61 -33.38 -9.50
N ASN B 323 -30.80 -34.44 -9.45
CA ASN B 323 -31.23 -35.85 -9.45
C ASN B 323 -32.56 -36.10 -10.16
N GLU B 324 -32.56 -35.72 -11.42
CA GLU B 324 -33.75 -35.70 -12.26
C GLU B 324 -33.77 -36.84 -13.29
N ILE B 325 -32.76 -37.71 -13.26
CA ILE B 325 -32.79 -38.99 -14.03
C ILE B 325 -32.24 -40.18 -13.18
N SER B 326 -33.16 -41.07 -12.76
CA SER B 326 -32.83 -42.33 -12.08
C SER B 326 -32.76 -43.44 -13.09
N GLY B 327 -32.08 -44.52 -12.70
CA GLY B 327 -31.79 -45.66 -13.58
C GLY B 327 -32.93 -46.24 -14.40
N GLU B 328 -34.15 -46.10 -13.92
CA GLU B 328 -35.34 -46.47 -14.70
C GLU B 328 -35.44 -45.57 -15.92
N GLU B 329 -35.42 -44.26 -15.67
CA GLU B 329 -35.50 -43.26 -16.74
C GLU B 329 -34.33 -43.36 -17.71
N ALA B 330 -33.15 -43.68 -17.18
CA ALA B 330 -31.99 -44.02 -18.01
C ALA B 330 -32.32 -45.18 -18.95
N GLN B 331 -32.98 -46.20 -18.40
CA GLN B 331 -33.47 -47.36 -19.16
C GLN B 331 -34.64 -47.04 -20.12
N VAL B 332 -35.45 -46.03 -19.81
CA VAL B 332 -36.44 -45.47 -20.77
C VAL B 332 -35.74 -44.82 -21.96
N LEU B 333 -34.73 -44.00 -21.67
CA LEU B 333 -33.97 -43.30 -22.71
C LEU B 333 -33.19 -44.29 -23.61
N ILE B 334 -32.72 -45.41 -23.04
CA ILE B 334 -32.13 -46.51 -23.82
C ILE B 334 -33.18 -47.20 -24.71
N ASN B 335 -34.33 -47.53 -24.11
CA ASN B 335 -35.48 -48.10 -24.82
C ASN B 335 -36.07 -47.12 -25.87
N ALA B 336 -35.87 -45.82 -25.64
CA ALA B 336 -36.26 -44.78 -26.59
C ALA B 336 -35.41 -44.74 -27.86
N GLY B 337 -34.16 -45.17 -27.77
CA GLY B 337 -33.19 -44.96 -28.84
C GLY B 337 -32.27 -43.78 -28.58
N CYS B 338 -32.30 -43.25 -27.36
CA CYS B 338 -31.40 -42.16 -26.96
C CYS B 338 -29.98 -42.70 -26.97
N LYS B 339 -29.07 -41.93 -27.55
CA LYS B 339 -27.66 -42.26 -27.47
C LYS B 339 -26.72 -41.04 -27.24
N PHE B 340 -27.29 -39.91 -26.84
CA PHE B 340 -26.55 -38.76 -26.35
C PHE B 340 -27.25 -38.15 -25.14
N ILE B 341 -26.46 -37.79 -24.13
CA ILE B 341 -27.03 -37.12 -22.96
C ILE B 341 -25.99 -36.25 -22.26
N ALA B 342 -26.39 -35.00 -21.98
CA ALA B 342 -25.53 -33.98 -21.37
C ALA B 342 -26.31 -33.04 -20.47
N GLU B 343 -25.73 -32.77 -19.29
CA GLU B 343 -26.42 -32.02 -18.22
C GLU B 343 -26.35 -30.52 -18.43
N GLY B 344 -27.51 -29.90 -18.62
CA GLY B 344 -27.59 -28.45 -18.66
C GLY B 344 -27.57 -27.89 -17.24
N SER B 345 -28.15 -28.64 -16.32
CA SER B 345 -28.17 -28.31 -14.90
C SER B 345 -27.18 -29.19 -14.14
N ASN B 346 -26.36 -28.54 -13.30
CA ASN B 346 -25.44 -29.22 -12.37
C ASN B 346 -26.07 -30.46 -11.74
N MET B 347 -25.45 -31.61 -11.95
CA MET B 347 -25.72 -32.79 -11.13
C MET B 347 -27.21 -33.20 -11.23
N GLY B 348 -27.71 -33.23 -12.47
CA GLY B 348 -29.09 -33.62 -12.78
C GLY B 348 -29.28 -35.10 -13.01
N CYS B 349 -28.19 -35.81 -13.28
CA CYS B 349 -28.21 -37.27 -13.35
C CYS B 349 -27.70 -37.89 -12.06
N THR B 350 -28.43 -38.92 -11.60
CA THR B 350 -28.09 -39.68 -10.39
C THR B 350 -26.96 -40.66 -10.73
N GLN B 351 -26.27 -41.15 -9.70
CA GLN B 351 -25.18 -42.07 -9.94
C GLN B 351 -25.64 -43.35 -10.60
N GLU B 352 -26.82 -43.87 -10.22
CA GLU B 352 -27.45 -45.04 -10.88
C GLU B 352 -27.60 -44.90 -12.41
N ALA B 353 -27.89 -43.67 -12.86
CA ALA B 353 -28.08 -43.36 -14.29
C ALA B 353 -26.77 -43.09 -15.01
N ILE B 354 -25.85 -42.38 -14.38
CA ILE B 354 -24.48 -42.28 -14.88
C ILE B 354 -24.00 -43.71 -15.14
N ASP B 355 -24.04 -44.52 -14.08
CA ASP B 355 -23.72 -45.95 -14.12
C ASP B 355 -24.37 -46.73 -15.30
N THR B 356 -25.68 -46.56 -15.50
CA THR B 356 -26.40 -47.33 -16.54
C THR B 356 -25.98 -46.91 -17.94
N PHE B 357 -25.72 -45.60 -18.11
CA PHE B 357 -25.17 -45.05 -19.35
C PHE B 357 -23.75 -45.56 -19.62
N GLU B 358 -22.90 -45.52 -18.59
CA GLU B 358 -21.52 -45.97 -18.72
C GLU B 358 -21.50 -47.47 -18.98
N ALA B 359 -22.26 -48.20 -18.19
CA ALA B 359 -22.48 -49.62 -18.44
C ALA B 359 -22.94 -49.82 -19.88
N HIS B 360 -24.01 -49.16 -20.29
CA HIS B 360 -24.48 -49.29 -21.68
C HIS B 360 -23.43 -48.86 -22.74
N ARG B 361 -22.61 -47.87 -22.41
CA ARG B 361 -21.51 -47.43 -23.29
C ARG B 361 -20.50 -48.53 -23.61
N THR B 362 -20.16 -49.36 -22.62
CA THR B 362 -19.06 -50.36 -22.75
C THR B 362 -19.38 -51.58 -23.65
N ALA B 363 -20.62 -52.04 -23.63
CA ALA B 363 -21.04 -53.24 -24.38
C ALA B 363 -21.52 -53.01 -25.83
N ASN B 364 -21.73 -51.76 -26.23
CA ASN B 364 -22.27 -51.41 -27.56
C ASN B 364 -21.27 -50.52 -28.33
N ALA B 365 -20.39 -51.14 -29.12
CA ALA B 365 -19.31 -50.41 -29.78
C ALA B 365 -19.82 -49.31 -30.74
N GLY B 366 -19.04 -48.24 -30.88
CA GLY B 366 -19.29 -47.20 -31.88
C GLY B 366 -20.43 -46.25 -31.56
N ALA B 367 -21.34 -46.05 -32.52
CA ALA B 367 -22.49 -45.14 -32.38
C ALA B 367 -23.83 -45.81 -32.00
N ALA B 368 -23.79 -47.07 -31.51
CA ALA B 368 -25.01 -47.74 -31.05
C ALA B 368 -25.27 -47.53 -29.55
N ALA B 369 -24.37 -46.83 -28.87
CA ALA B 369 -24.37 -46.70 -27.41
C ALA B 369 -24.72 -45.28 -26.93
N ILE B 370 -25.27 -45.22 -25.70
CA ILE B 370 -25.72 -43.95 -25.14
C ILE B 370 -24.57 -43.21 -24.47
N TRP B 371 -24.20 -42.06 -25.05
CA TRP B 371 -23.07 -41.26 -24.56
C TRP B 371 -23.49 -40.21 -23.55
N TYR B 372 -22.90 -40.33 -22.37
CA TYR B 372 -23.08 -39.39 -21.30
C TYR B 372 -21.91 -38.42 -21.30
N ALA B 373 -22.23 -37.13 -21.30
CA ALA B 373 -21.26 -36.09 -21.04
C ALA B 373 -21.62 -35.41 -19.74
N PRO B 374 -20.62 -35.22 -18.85
CA PRO B 374 -20.88 -34.70 -17.52
C PRO B 374 -21.10 -33.19 -17.55
N GLY B 375 -21.78 -32.70 -16.51
CA GLY B 375 -21.93 -31.27 -16.27
C GLY B 375 -20.65 -30.45 -16.25
N LYS B 376 -19.59 -30.98 -15.64
CA LYS B 376 -18.35 -30.20 -15.50
C LYS B 376 -17.72 -29.83 -16.85
N ALA B 377 -17.97 -30.63 -17.89
CA ALA B 377 -17.58 -30.29 -19.27
C ALA B 377 -18.72 -29.66 -20.08
N ALA B 378 -19.94 -30.16 -19.90
CA ALA B 378 -21.09 -29.82 -20.79
C ALA B 378 -21.80 -28.51 -20.48
N ASN B 379 -22.06 -28.21 -19.21
CA ASN B 379 -22.64 -26.89 -18.84
C ASN B 379 -21.55 -25.85 -18.51
N ALA B 380 -20.42 -25.90 -19.23
CA ALA B 380 -19.28 -24.97 -19.01
C ALA B 380 -19.36 -23.64 -19.77
N GLY B 381 -20.48 -23.40 -20.46
CA GLY B 381 -20.65 -22.17 -21.25
C GLY B 381 -20.79 -20.89 -20.43
N GLY B 382 -21.60 -20.94 -19.38
CA GLY B 382 -21.70 -19.85 -18.42
C GLY B 382 -20.35 -19.38 -17.93
N VAL B 383 -19.47 -20.33 -17.64
CA VAL B 383 -18.17 -20.05 -17.01
C VAL B 383 -17.08 -19.76 -18.07
N ALA B 384 -17.24 -20.31 -19.27
CA ALA B 384 -16.49 -19.88 -20.47
C ALA B 384 -16.76 -18.41 -20.80
N VAL B 385 -18.03 -18.06 -20.74
CA VAL B 385 -18.46 -16.69 -21.00
C VAL B 385 -18.12 -15.77 -19.77
N SER B 386 -18.04 -16.32 -18.54
CA SER B 386 -17.33 -15.60 -17.42
C SER B 386 -15.95 -15.07 -17.83
N GLY B 387 -15.04 -16.00 -18.16
CA GLY B 387 -13.71 -15.63 -18.64
C GLY B 387 -13.69 -14.63 -19.80
N LEU B 388 -14.61 -14.79 -20.74
CA LEU B 388 -14.75 -13.86 -21.88
C LEU B 388 -15.17 -12.44 -21.43
N GLU B 389 -16.04 -12.37 -20.43
CA GLU B 389 -16.32 -11.09 -19.76
C GLU B 389 -15.00 -10.42 -19.31
N MET B 390 -14.14 -11.17 -18.60
CA MET B 390 -12.86 -10.62 -18.12
C MET B 390 -11.96 -10.17 -19.28
N ALA B 391 -12.06 -10.85 -20.41
CA ALA B 391 -11.19 -10.57 -21.57
C ALA B 391 -11.53 -9.23 -22.12
N GLN B 392 -12.82 -9.02 -22.33
CA GLN B 392 -13.39 -7.76 -22.80
C GLN B 392 -13.18 -6.57 -21.86
N ASN B 393 -13.27 -6.80 -20.55
CA ASN B 393 -12.97 -5.77 -19.54
C ASN B 393 -11.51 -5.30 -19.65
N SER B 394 -10.58 -6.25 -19.70
CA SER B 394 -9.16 -5.94 -19.93
C SER B 394 -8.85 -5.41 -21.35
N ALA B 395 -9.56 -5.88 -22.38
CA ALA B 395 -9.42 -5.27 -23.72
C ALA B 395 -10.06 -3.86 -23.82
N ARG B 396 -10.98 -3.55 -22.89
CA ARG B 396 -11.74 -2.28 -22.85
C ARG B 396 -12.62 -2.11 -24.08
N LEU B 397 -13.29 -3.21 -24.42
CA LEU B 397 -14.10 -3.31 -25.62
C LEU B 397 -15.26 -4.27 -25.36
N SER B 398 -16.42 -3.93 -25.89
CA SER B 398 -17.58 -4.80 -25.86
C SER B 398 -17.64 -5.47 -27.21
N TRP B 399 -17.26 -6.74 -27.26
CA TRP B 399 -17.35 -7.54 -28.48
C TRP B 399 -18.80 -7.88 -28.87
N THR B 400 -19.03 -8.10 -30.17
CA THR B 400 -20.37 -8.42 -30.69
C THR B 400 -20.88 -9.76 -30.17
N SER B 401 -22.15 -10.08 -30.45
CA SER B 401 -22.70 -11.43 -30.23
C SER B 401 -21.85 -12.43 -30.99
N GLU B 402 -21.49 -12.08 -32.24
CA GLU B 402 -20.78 -13.01 -33.13
C GLU B 402 -19.34 -13.34 -32.67
N GLU B 403 -18.64 -12.36 -32.12
CA GLU B 403 -17.27 -12.58 -31.58
C GLU B 403 -17.27 -13.29 -30.23
N VAL B 404 -18.29 -13.09 -29.42
CA VAL B 404 -18.44 -13.88 -28.17
C VAL B 404 -18.86 -15.34 -28.45
N ASP B 405 -19.81 -15.52 -29.37
CA ASP B 405 -20.34 -16.84 -29.73
C ASP B 405 -19.26 -17.65 -30.42
N ALA B 406 -18.53 -17.02 -31.33
CA ALA B 406 -17.41 -17.66 -32.02
C ALA B 406 -16.37 -18.27 -31.07
N ARG B 407 -16.06 -17.55 -29.98
CA ARG B 407 -15.10 -18.06 -28.98
C ARG B 407 -15.70 -19.09 -28.04
N LEU B 408 -16.98 -18.97 -27.72
CA LEU B 408 -17.71 -19.98 -26.94
C LEU B 408 -17.65 -21.33 -27.66
N LYS B 409 -18.03 -21.35 -28.94
CA LYS B 409 -17.92 -22.55 -29.77
C LYS B 409 -16.55 -23.26 -29.64
N ASP B 410 -15.47 -22.49 -29.81
CA ASP B 410 -14.08 -23.02 -29.74
C ASP B 410 -13.69 -23.60 -28.37
N ILE B 411 -14.09 -22.93 -27.28
CA ILE B 411 -13.83 -23.42 -25.92
C ILE B 411 -14.62 -24.68 -25.65
N MET B 412 -15.87 -24.73 -26.11
CA MET B 412 -16.66 -25.95 -26.03
C MET B 412 -16.07 -27.03 -26.93
N ARG B 413 -15.44 -26.64 -28.03
CA ARG B 413 -14.68 -27.57 -28.87
C ARG B 413 -13.44 -28.11 -28.15
N ASP B 414 -12.71 -27.21 -27.49
CA ASP B 414 -11.51 -27.61 -26.73
C ASP B 414 -11.88 -28.45 -25.50
N CYS B 415 -12.88 -28.01 -24.74
CA CYS B 415 -13.38 -28.76 -23.57
C CYS B 415 -13.80 -30.22 -23.86
N PHE B 416 -14.23 -30.49 -25.08
CA PHE B 416 -14.58 -31.85 -25.55
C PHE B 416 -13.36 -32.76 -25.82
N LYS B 417 -12.40 -32.22 -26.60
CA LYS B 417 -11.17 -32.92 -26.99
C LYS B 417 -10.35 -33.27 -25.77
N ASN B 418 -10.08 -32.24 -24.98
CA ASN B 418 -9.35 -32.38 -23.72
C ASN B 418 -9.86 -33.58 -22.92
N GLY B 419 -11.18 -33.65 -22.73
CA GLY B 419 -11.85 -34.82 -22.14
C GLY B 419 -11.77 -36.08 -23.00
N LEU B 420 -11.89 -35.93 -24.32
CA LEU B 420 -11.76 -37.06 -25.25
C LEU B 420 -10.36 -37.71 -25.31
N GLU B 421 -9.34 -36.89 -25.58
CA GLU B 421 -7.92 -37.33 -25.71
C GLU B 421 -7.20 -37.59 -24.35
N THR B 422 -7.83 -37.21 -23.24
CA THR B 422 -7.40 -37.66 -21.92
C THR B 422 -7.90 -39.08 -21.67
N ALA B 423 -9.17 -39.34 -22.00
CA ALA B 423 -9.75 -40.69 -21.84
C ALA B 423 -9.10 -41.70 -22.78
N GLN B 424 -8.87 -41.30 -24.02
CA GLN B 424 -8.11 -42.14 -24.95
C GLN B 424 -6.73 -42.53 -24.40
N GLU B 425 -6.14 -41.66 -23.58
CA GLU B 425 -4.83 -41.89 -22.97
C GLU B 425 -4.89 -42.63 -21.63
N TYR B 426 -5.58 -42.06 -20.65
CA TYR B 426 -5.47 -42.51 -19.25
C TYR B 426 -6.57 -43.46 -18.75
N ALA B 427 -7.63 -43.63 -19.55
CA ALA B 427 -8.60 -44.70 -19.32
C ALA B 427 -9.00 -45.25 -20.69
N THR B 428 -8.01 -45.80 -21.38
CA THR B 428 -8.19 -46.27 -22.77
C THR B 428 -9.25 -47.38 -22.78
N PRO B 429 -10.32 -47.20 -23.59
CA PRO B 429 -11.38 -48.19 -23.71
C PRO B 429 -11.03 -49.20 -24.79
N ALA B 430 -11.97 -50.10 -25.04
CA ALA B 430 -11.83 -51.06 -26.12
C ALA B 430 -11.92 -50.35 -27.47
N GLU B 431 -11.20 -50.91 -28.45
CA GLU B 431 -11.28 -50.51 -29.86
C GLU B 431 -12.76 -50.49 -30.29
N GLY B 432 -13.17 -49.37 -30.88
CA GLY B 432 -14.56 -49.15 -31.28
C GLY B 432 -15.40 -48.44 -30.23
N VAL B 433 -15.21 -48.85 -28.96
CA VAL B 433 -15.97 -48.29 -27.83
C VAL B 433 -15.63 -46.82 -27.63
N LEU B 434 -16.68 -46.05 -27.31
CA LEU B 434 -16.55 -44.63 -27.11
C LEU B 434 -15.71 -44.37 -25.86
N PRO B 435 -14.82 -43.36 -25.91
CA PRO B 435 -14.13 -43.00 -24.68
C PRO B 435 -15.08 -42.42 -23.63
N SER B 436 -14.79 -42.69 -22.36
CA SER B 436 -15.56 -42.16 -21.25
C SER B 436 -15.36 -40.65 -21.18
N LEU B 437 -16.42 -39.90 -21.47
CA LEU B 437 -16.37 -38.45 -21.35
C LEU B 437 -16.39 -37.98 -19.90
N VAL B 438 -16.74 -38.86 -18.98
CA VAL B 438 -16.71 -38.53 -17.53
C VAL B 438 -15.33 -38.82 -16.91
N THR B 439 -14.80 -40.02 -17.15
CA THR B 439 -13.47 -40.38 -16.67
C THR B 439 -12.39 -39.47 -17.26
N GLY B 440 -12.52 -39.10 -18.52
CA GLY B 440 -11.60 -38.16 -19.14
C GLY B 440 -11.63 -36.77 -18.51
N SER B 441 -12.81 -36.15 -18.55
CA SER B 441 -12.97 -34.76 -18.11
C SER B 441 -12.55 -34.54 -16.65
N ASN B 442 -12.80 -35.53 -15.80
CA ASN B 442 -12.31 -35.52 -14.40
C ASN B 442 -10.77 -35.56 -14.30
N ILE B 443 -10.12 -36.38 -15.11
CA ILE B 443 -8.65 -36.48 -15.17
C ILE B 443 -8.01 -35.24 -15.82
N ALA B 444 -8.57 -34.81 -16.95
CA ALA B 444 -8.09 -33.65 -17.72
C ALA B 444 -8.07 -32.39 -16.90
N GLY B 445 -9.02 -32.26 -15.97
CA GLY B 445 -9.03 -31.16 -15.02
C GLY B 445 -7.84 -31.26 -14.09
N PHE B 446 -7.73 -32.42 -13.43
CA PHE B 446 -6.64 -32.70 -12.50
C PHE B 446 -5.28 -32.46 -13.14
N THR B 447 -4.98 -33.13 -14.25
CA THR B 447 -3.62 -33.08 -14.85
C THR B 447 -3.23 -31.70 -15.36
N LYS B 448 -4.22 -30.93 -15.82
CA LYS B 448 -4.02 -29.52 -16.15
CA LYS B 448 -4.05 -29.50 -16.13
C LYS B 448 -3.56 -28.72 -14.91
N VAL B 449 -4.26 -28.92 -13.78
CA VAL B 449 -3.97 -28.17 -12.55
C VAL B 449 -2.76 -28.74 -11.82
N ALA B 450 -2.76 -30.06 -11.67
CA ALA B 450 -1.67 -30.79 -11.04
C ALA B 450 -0.31 -30.48 -11.69
N ALA B 451 -0.30 -30.49 -13.03
CA ALA B 451 0.93 -30.24 -13.80
C ALA B 451 1.37 -28.80 -13.68
N ALA B 452 0.41 -27.87 -13.77
CA ALA B 452 0.70 -26.44 -13.62
C ALA B 452 1.25 -26.05 -12.22
N MET B 453 0.70 -26.67 -11.18
CA MET B 453 1.19 -26.51 -9.81
C MET B 453 2.65 -26.96 -9.66
N LYS B 454 3.04 -28.02 -10.38
CA LYS B 454 4.42 -28.54 -10.29
C LYS B 454 5.41 -27.63 -11.03
N ASP B 455 5.01 -27.09 -12.18
CA ASP B 455 5.79 -26.05 -12.83
C ASP B 455 5.98 -24.91 -11.80
N GLN B 456 4.91 -24.56 -11.09
CA GLN B 456 4.92 -23.45 -10.12
C GLN B 456 5.50 -23.76 -8.74
N GLY B 457 5.87 -25.01 -8.50
CA GLY B 457 6.49 -25.40 -7.24
C GLY B 457 5.58 -25.37 -6.04
N ASP B 458 4.28 -25.58 -6.25
CA ASP B 458 3.33 -25.70 -5.13
C ASP B 458 3.56 -27.03 -4.42
N TRP B 459 3.67 -28.09 -5.21
CA TRP B 459 4.11 -29.41 -4.78
C TRP B 459 5.33 -29.79 -5.62
N TRP B 460 5.98 -30.87 -5.25
CA TRP B 460 7.12 -31.38 -6.04
C TRP B 460 7.29 -32.87 -5.76
N SER C 2 -28.92 25.45 1.19
CA SER C 2 -27.54 25.27 1.74
C SER C 2 -26.59 26.37 1.25
N ASN C 3 -25.36 26.34 1.76
CA ASN C 3 -24.37 27.40 1.49
C ASN C 3 -23.34 26.96 0.44
N LEU C 4 -23.86 26.67 -0.75
CA LEU C 4 -23.05 26.31 -1.90
C LEU C 4 -22.46 27.62 -2.48
N PRO C 5 -21.29 27.54 -3.15
CA PRO C 5 -20.73 28.74 -3.76
C PRO C 5 -21.39 29.00 -5.10
N HIS C 6 -21.32 30.25 -5.57
CA HIS C 6 -21.86 30.58 -6.88
C HIS C 6 -20.97 30.01 -7.96
N GLU C 7 -21.58 29.22 -8.83
CA GLU C 7 -20.89 28.47 -9.87
C GLU C 7 -21.78 28.56 -11.12
N PRO C 8 -21.91 29.77 -11.68
CA PRO C 8 -22.92 30.05 -12.73
C PRO C 8 -22.84 29.14 -13.98
N GLU C 9 -21.62 28.86 -14.42
CA GLU C 9 -21.37 28.06 -15.61
C GLU C 9 -21.94 26.64 -15.42
N PHE C 10 -21.65 26.07 -14.24
CA PHE C 10 -22.16 24.74 -13.85
C PHE C 10 -23.66 24.78 -13.70
N GLU C 11 -24.12 25.71 -12.86
CA GLU C 11 -25.54 25.90 -12.57
C GLU C 11 -26.40 25.94 -13.83
N GLN C 12 -25.96 26.65 -14.86
CA GLN C 12 -26.70 26.71 -16.13
C GLN C 12 -26.85 25.33 -16.79
N ALA C 13 -25.74 24.60 -16.94
CA ALA C 13 -25.76 23.32 -17.64
C ALA C 13 -26.60 22.26 -16.94
N TYR C 14 -26.55 22.22 -15.61
CA TYR C 14 -27.44 21.31 -14.85
C TYR C 14 -28.91 21.58 -15.23
N LYS C 15 -29.27 22.86 -15.22
CA LYS C 15 -30.67 23.31 -15.40
C LYS C 15 -31.15 22.97 -16.81
N GLU C 16 -30.37 23.40 -17.80
CA GLU C 16 -30.71 23.14 -19.20
C GLU C 16 -30.77 21.63 -19.48
N LEU C 17 -29.91 20.85 -18.83
CA LEU C 17 -29.99 19.40 -18.95
C LEU C 17 -31.31 18.87 -18.39
N ALA C 18 -31.67 19.28 -17.17
CA ALA C 18 -32.94 18.87 -16.53
C ALA C 18 -34.21 19.35 -17.25
N SER C 19 -34.12 20.46 -17.99
CA SER C 19 -35.24 20.96 -18.79
C SER C 19 -35.51 20.03 -19.98
N THR C 20 -34.47 19.60 -20.67
CA THR C 20 -34.60 18.71 -21.84
C THR C 20 -35.16 17.31 -21.46
N LEU C 21 -34.88 16.89 -20.23
CA LEU C 21 -35.45 15.69 -19.63
C LEU C 21 -36.91 15.89 -19.27
N GLU C 22 -37.22 17.01 -18.63
CA GLU C 22 -38.61 17.33 -18.25
C GLU C 22 -39.55 17.52 -19.42
N ASN C 23 -39.14 18.29 -20.45
CA ASN C 23 -39.96 18.45 -21.65
C ASN C 23 -39.75 17.22 -22.50
N SER C 24 -40.27 16.11 -21.97
CA SER C 24 -40.15 14.80 -22.58
C SER C 24 -41.14 13.88 -21.89
N THR C 25 -41.10 12.58 -22.21
CA THR C 25 -41.87 11.56 -21.49
C THR C 25 -41.02 10.79 -20.47
N LEU C 26 -39.73 11.12 -20.34
CA LEU C 26 -38.82 10.33 -19.52
C LEU C 26 -39.39 10.12 -18.11
N PHE C 27 -39.62 11.21 -17.40
CA PHE C 27 -40.06 11.15 -16.01
C PHE C 27 -41.55 10.79 -15.86
N GLN C 28 -42.33 10.89 -16.95
CA GLN C 28 -43.70 10.34 -16.97
C GLN C 28 -43.63 8.81 -16.88
N LYS C 29 -42.77 8.22 -17.69
CA LYS C 29 -42.59 6.78 -17.73
C LYS C 29 -41.70 6.22 -16.61
N ASN C 30 -40.76 7.01 -16.12
CA ASN C 30 -39.77 6.53 -15.14
C ASN C 30 -39.51 7.59 -14.09
N PRO C 31 -40.56 8.05 -13.37
CA PRO C 31 -40.47 9.20 -12.45
C PRO C 31 -39.38 9.11 -11.40
N GLU C 32 -39.09 7.88 -10.98
CA GLU C 32 -37.99 7.59 -10.09
C GLU C 32 -36.60 8.13 -10.52
N TYR C 33 -36.39 8.42 -11.82
CA TYR C 33 -35.14 9.06 -12.28
C TYR C 33 -34.91 10.50 -11.83
N ARG C 34 -35.92 11.18 -11.29
CA ARG C 34 -35.71 12.54 -10.81
C ARG C 34 -34.80 12.59 -9.57
N LYS C 35 -34.66 11.44 -8.89
CA LYS C 35 -33.73 11.28 -7.75
C LYS C 35 -32.33 10.90 -8.18
N ALA C 36 -32.20 10.37 -9.40
CA ALA C 36 -30.91 10.21 -10.03
C ALA C 36 -30.26 11.56 -10.33
N LEU C 37 -31.10 12.53 -10.66
CA LEU C 37 -30.66 13.84 -11.08
C LEU C 37 -29.95 14.55 -9.94
N ALA C 38 -30.55 14.46 -8.75
CA ALA C 38 -29.99 15.06 -7.55
C ALA C 38 -28.61 14.49 -7.19
N VAL C 39 -28.41 13.19 -7.41
CA VAL C 39 -27.14 12.54 -7.08
C VAL C 39 -26.09 12.81 -8.17
N VAL C 40 -26.40 12.53 -9.44
CA VAL C 40 -25.43 12.68 -10.54
C VAL C 40 -24.76 14.05 -10.51
N SER C 41 -25.57 15.07 -10.20
CA SER C 41 -25.11 16.47 -10.16
CA SER C 41 -25.09 16.46 -10.18
C SER C 41 -23.97 16.74 -9.18
N VAL C 42 -23.92 16.00 -8.07
CA VAL C 42 -22.84 16.20 -7.09
C VAL C 42 -21.63 15.33 -7.43
N PRO C 43 -20.45 15.95 -7.69
CA PRO C 43 -19.22 15.21 -8.06
C PRO C 43 -18.85 14.14 -7.08
N GLU C 44 -18.38 13.00 -7.55
CA GLU C 44 -17.91 11.93 -6.63
C GLU C 44 -16.78 12.38 -5.72
N ARG C 45 -15.76 12.96 -6.37
CA ARG C 45 -14.56 13.44 -5.69
C ARG C 45 -14.00 14.65 -6.40
N VAL C 46 -13.58 15.66 -5.63
CA VAL C 46 -12.82 16.77 -6.17
C VAL C 46 -11.56 16.95 -5.32
N ILE C 47 -10.41 16.95 -5.98
CA ILE C 47 -9.13 17.18 -5.31
C ILE C 47 -8.65 18.54 -5.72
N GLN C 48 -8.33 19.39 -4.76
CA GLN C 48 -7.57 20.61 -5.05
C GLN C 48 -6.24 20.49 -4.39
N PHE C 49 -5.24 21.09 -5.01
CA PHE C 49 -3.90 21.08 -4.45
C PHE C 49 -3.14 22.35 -4.87
N ARG C 50 -2.22 22.77 -4.01
CA ARG C 50 -1.27 23.85 -4.31
C ARG C 50 -0.12 23.28 -5.14
N VAL C 51 0.31 24.07 -6.12
CA VAL C 51 1.36 23.70 -7.05
C VAL C 51 2.44 24.77 -7.02
N VAL C 52 3.51 24.51 -6.27
CA VAL C 52 4.69 25.39 -6.23
C VAL C 52 5.65 24.97 -7.34
N TRP C 53 6.24 25.95 -8.03
CA TRP C 53 7.25 25.66 -9.06
C TRP C 53 8.26 26.80 -9.17
N GLU C 54 9.30 26.60 -9.98
CA GLU C 54 10.41 27.52 -10.12
C GLU C 54 10.45 28.10 -11.52
N ASP C 55 10.57 29.42 -11.63
CA ASP C 55 10.77 30.10 -12.92
C ASP C 55 12.26 30.10 -13.29
N ASP C 56 12.59 30.52 -14.51
CA ASP C 56 13.96 30.46 -15.04
C ASP C 56 14.98 31.39 -14.36
N ALA C 57 14.42 32.41 -13.70
CA ALA C 57 15.16 33.34 -12.87
C ALA C 57 15.52 32.73 -11.53
N GLY C 58 14.74 31.74 -11.09
CA GLY C 58 14.92 31.06 -9.79
C GLY C 58 14.03 31.61 -8.68
N ASN C 59 12.78 31.89 -9.05
CA ASN C 59 11.82 32.56 -8.20
C ASN C 59 10.57 31.72 -8.00
N VAL C 60 10.22 31.50 -6.73
CA VAL C 60 9.08 30.65 -6.34
C VAL C 60 7.75 31.23 -6.82
N GLN C 61 7.00 30.44 -7.58
CA GLN C 61 5.65 30.81 -7.97
C GLN C 61 4.71 29.71 -7.51
N VAL C 62 3.46 30.11 -7.25
CA VAL C 62 2.40 29.23 -6.79
C VAL C 62 1.31 29.19 -7.83
N ASN C 63 0.65 28.05 -7.99
CA ASN C 63 -0.57 27.95 -8.81
C ASN C 63 -1.51 26.94 -8.18
N ARG C 64 -2.80 27.09 -8.47
CA ARG C 64 -3.85 26.20 -7.99
C ARG C 64 -4.02 25.08 -8.96
N GLY C 65 -4.17 23.87 -8.41
CA GLY C 65 -4.40 22.68 -9.20
C GLY C 65 -5.71 22.03 -8.80
N PHE C 66 -6.37 21.39 -9.77
CA PHE C 66 -7.70 20.83 -9.58
C PHE C 66 -7.80 19.48 -10.24
N ARG C 67 -8.71 18.65 -9.74
CA ARG C 67 -9.21 17.52 -10.52
C ARG C 67 -10.63 17.16 -10.06
N VAL C 68 -11.59 17.31 -10.98
CA VAL C 68 -12.97 16.88 -10.74
C VAL C 68 -13.17 15.47 -11.29
N GLN C 69 -13.34 14.52 -10.37
CA GLN C 69 -13.62 13.12 -10.66
C GLN C 69 -15.13 12.99 -10.49
N PHE C 70 -15.86 13.19 -11.58
CA PHE C 70 -17.31 13.48 -11.47
C PHE C 70 -18.17 12.24 -11.31
N ASN C 71 -18.27 11.42 -12.35
CA ASN C 71 -18.99 10.15 -12.29
C ASN C 71 -17.96 9.06 -12.67
N SER C 72 -18.02 7.90 -12.01
CA SER C 72 -17.19 6.73 -12.38
C SER C 72 -18.03 5.48 -12.67
N ALA C 73 -19.33 5.66 -12.90
CA ALA C 73 -20.26 4.53 -12.93
C ALA C 73 -20.07 3.67 -14.18
N LEU C 74 -19.78 4.32 -15.33
CA LEU C 74 -19.60 3.60 -16.59
C LEU C 74 -18.19 3.15 -16.84
N GLY C 75 -17.23 3.75 -16.18
CA GLY C 75 -15.81 3.46 -16.43
C GLY C 75 -14.92 4.10 -15.39
N PRO C 76 -13.59 4.11 -15.65
CA PRO C 76 -12.76 4.95 -14.80
C PRO C 76 -13.08 6.38 -15.13
N TYR C 77 -12.71 7.31 -14.25
CA TYR C 77 -12.89 8.72 -14.52
C TYR C 77 -12.19 9.09 -15.84
N LYS C 78 -12.76 10.02 -16.59
CA LYS C 78 -12.26 10.32 -17.93
C LYS C 78 -12.48 11.75 -18.40
N GLY C 79 -11.40 12.42 -18.81
CA GLY C 79 -11.47 13.81 -19.30
C GLY C 79 -10.27 14.74 -19.12
N GLY C 80 -10.30 15.83 -19.88
CA GLY C 80 -9.13 16.66 -20.12
C GLY C 80 -8.60 17.48 -18.96
N LEU C 81 -7.34 17.92 -19.13
CA LEU C 81 -6.66 18.85 -18.22
C LEU C 81 -6.50 20.18 -18.92
N ARG C 82 -6.85 21.27 -18.24
CA ARG C 82 -6.73 22.61 -18.81
C ARG C 82 -5.76 23.49 -18.02
N PHE C 83 -4.71 23.99 -18.68
CA PHE C 83 -3.81 25.00 -18.12
C PHE C 83 -4.17 26.39 -18.64
N HIS C 84 -4.89 27.17 -17.85
CA HIS C 84 -5.45 28.45 -18.32
C HIS C 84 -5.87 29.35 -17.15
N PRO C 85 -5.50 30.65 -17.16
CA PRO C 85 -5.76 31.47 -15.95
C PRO C 85 -7.23 31.71 -15.59
N SER C 86 -8.14 31.44 -16.52
CA SER C 86 -9.58 31.35 -16.23
C SER C 86 -10.01 30.13 -15.41
N VAL C 87 -9.25 29.03 -15.48
CA VAL C 87 -9.56 27.76 -14.75
C VAL C 87 -9.85 27.88 -13.25
N ASN C 88 -11.00 27.34 -12.85
CA ASN C 88 -11.40 27.19 -11.43
C ASN C 88 -12.36 25.98 -11.24
N LEU C 89 -12.88 25.78 -10.03
CA LEU C 89 -13.69 24.61 -9.72
C LEU C 89 -15.01 24.57 -10.45
N SER C 90 -15.73 25.70 -10.45
CA SER C 90 -16.97 25.87 -11.21
C SER C 90 -16.81 25.57 -12.70
N ILE C 91 -15.79 26.18 -13.32
CA ILE C 91 -15.61 26.00 -14.76
C ILE C 91 -15.32 24.53 -15.05
N LEU C 92 -14.33 23.98 -14.36
CA LEU C 92 -14.03 22.55 -14.44
C LEU C 92 -15.21 21.61 -14.02
N LYS C 93 -16.10 22.08 -13.13
CA LYS C 93 -17.32 21.32 -12.82
C LYS C 93 -18.22 21.18 -14.05
N PHE C 94 -18.54 22.31 -14.63
CA PHE C 94 -19.25 22.38 -15.91
C PHE C 94 -18.63 21.46 -16.97
N LEU C 95 -17.33 21.56 -17.16
CA LEU C 95 -16.63 20.79 -18.20
C LEU C 95 -16.64 19.31 -17.83
N GLY C 96 -16.24 19.01 -16.59
CA GLY C 96 -16.40 17.67 -16.03
C GLY C 96 -17.77 17.07 -16.29
N PHE C 97 -18.82 17.83 -15.94
CA PHE C 97 -20.23 17.40 -16.09
C PHE C 97 -20.64 17.08 -17.52
N GLU C 98 -20.11 17.83 -18.48
CA GLU C 98 -20.37 17.56 -19.91
C GLU C 98 -19.64 16.32 -20.45
N GLN C 99 -18.46 16.06 -19.90
CA GLN C 99 -17.66 14.87 -20.23
C GLN C 99 -18.33 13.55 -19.87
N ILE C 100 -19.08 13.54 -18.77
CA ILE C 100 -19.77 12.35 -18.28
C ILE C 100 -20.68 11.74 -19.34
N PHE C 101 -21.49 12.60 -19.93
CA PHE C 101 -22.50 12.19 -20.91
C PHE C 101 -21.85 12.10 -22.29
N LYS C 102 -20.83 12.90 -22.56
CA LYS C 102 -20.13 12.86 -23.85
C LYS C 102 -19.42 11.53 -24.03
N ASN C 103 -18.69 11.13 -22.98
CA ASN C 103 -18.03 9.83 -22.90
C ASN C 103 -19.04 8.66 -22.89
N ALA C 104 -20.16 8.84 -22.20
CA ALA C 104 -21.22 7.82 -22.13
C ALA C 104 -21.89 7.53 -23.50
N LEU C 105 -22.00 8.57 -24.32
CA LEU C 105 -22.59 8.45 -25.65
C LEU C 105 -21.76 7.59 -26.63
N THR C 106 -20.44 7.55 -26.40
CA THR C 106 -19.51 6.68 -27.15
C THR C 106 -19.87 5.18 -27.07
N GLY C 107 -20.41 4.75 -25.94
CA GLY C 107 -20.71 3.33 -25.67
C GLY C 107 -19.56 2.53 -25.09
N LEU C 108 -18.45 3.19 -24.79
CA LEU C 108 -17.30 2.55 -24.15
C LEU C 108 -17.28 2.88 -22.69
N ASN C 109 -16.54 2.08 -21.95
CA ASN C 109 -16.58 2.17 -20.50
C ASN C 109 -15.69 3.34 -20.05
N MET C 110 -16.28 4.52 -20.02
CA MET C 110 -15.61 5.75 -19.58
C MET C 110 -16.53 6.63 -18.73
N GLY C 111 -16.02 7.01 -17.54
CA GLY C 111 -16.72 7.92 -16.60
C GLY C 111 -16.70 9.37 -17.08
N GLY C 112 -16.63 10.29 -16.13
CA GLY C 112 -16.49 11.71 -16.48
C GLY C 112 -15.67 12.53 -15.48
N GLY C 113 -14.96 13.51 -16.02
CA GLY C 113 -14.18 14.40 -15.19
C GLY C 113 -13.44 15.44 -15.97
N LYS C 114 -12.77 16.32 -15.24
CA LYS C 114 -11.95 17.38 -15.82
C LYS C 114 -11.05 17.94 -14.74
N GLY C 115 -9.87 18.39 -15.14
CA GLY C 115 -8.88 18.90 -14.21
C GLY C 115 -8.05 20.00 -14.86
N GLY C 116 -7.14 20.56 -14.08
CA GLY C 116 -6.29 21.58 -14.62
C GLY C 116 -5.68 22.45 -13.58
N SER C 117 -5.11 23.56 -14.07
CA SER C 117 -4.56 24.60 -13.23
C SER C 117 -4.76 25.97 -13.89
N ASP C 118 -4.57 27.04 -13.12
CA ASP C 118 -4.67 28.43 -13.61
C ASP C 118 -3.33 28.95 -14.13
N PHE C 119 -2.28 28.15 -13.94
CA PHE C 119 -0.98 28.39 -14.54
C PHE C 119 -1.18 28.80 -15.99
N ASP C 120 -0.69 29.98 -16.34
CA ASP C 120 -0.75 30.47 -17.72
C ASP C 120 0.45 29.97 -18.53
N PRO C 121 0.24 29.08 -19.53
CA PRO C 121 1.38 28.78 -20.40
C PRO C 121 1.88 29.94 -21.28
N LYS C 122 1.13 31.03 -21.37
CA LYS C 122 1.51 32.20 -22.18
C LYS C 122 2.83 32.84 -21.71
N GLY C 123 3.76 33.04 -22.65
CA GLY C 123 5.06 33.66 -22.38
C GLY C 123 6.10 32.77 -21.69
N LYS C 124 5.67 31.56 -21.29
CA LYS C 124 6.49 30.63 -20.50
C LYS C 124 7.39 29.82 -21.43
N SER C 125 8.70 29.82 -21.18
CA SER C 125 9.64 28.89 -21.83
C SER C 125 9.21 27.43 -21.68
N ASP C 126 9.82 26.57 -22.47
CA ASP C 126 9.50 25.16 -22.38
C ASP C 126 10.04 24.54 -21.10
N ASN C 127 11.07 25.17 -20.50
CA ASN C 127 11.60 24.72 -19.22
C ASN C 127 10.54 24.85 -18.17
N GLU C 128 9.92 26.03 -18.09
CA GLU C 128 8.97 26.35 -17.03
C GLU C 128 7.71 25.47 -16.97
N ILE C 129 7.13 25.28 -18.17
CA ILE C 129 6.09 24.29 -18.44
C ILE C 129 6.47 22.92 -17.81
N ARG C 130 7.72 22.47 -18.03
CA ARG C 130 8.26 21.21 -17.45
C ARG C 130 8.27 21.20 -15.93
N ARG C 131 8.91 22.20 -15.31
CA ARG C 131 8.98 22.27 -13.83
C ARG C 131 7.59 22.40 -13.18
N PHE C 132 6.65 22.98 -13.92
CA PHE C 132 5.25 23.01 -13.53
C PHE C 132 4.57 21.63 -13.61
N CYS C 133 4.74 20.91 -14.73
CA CYS C 133 4.24 19.52 -14.87
C CYS C 133 4.79 18.57 -13.79
N VAL C 134 6.07 18.71 -13.52
CA VAL C 134 6.76 17.97 -12.44
C VAL C 134 6.05 18.17 -11.11
N SER C 135 5.81 19.42 -10.79
CA SER C 135 5.14 19.73 -9.56
C SER C 135 3.66 19.29 -9.58
N PHE C 136 2.96 19.59 -10.69
CA PHE C 136 1.52 19.27 -10.89
C PHE C 136 1.24 17.81 -10.70
N MET C 137 2.03 16.98 -11.37
CA MET C 137 1.84 15.53 -11.34
C MET C 137 2.28 14.89 -10.02
N THR C 138 3.26 15.53 -9.34
CA THR C 138 3.79 15.05 -8.06
C THR C 138 2.67 14.86 -7.06
N GLU C 139 1.70 15.77 -7.04
CA GLU C 139 0.46 15.61 -6.23
C GLU C 139 -0.66 14.84 -6.93
N LEU C 140 -0.85 15.04 -8.23
CA LEU C 140 -1.94 14.41 -8.95
C LEU C 140 -1.80 12.90 -9.06
N CYS C 141 -0.57 12.39 -9.03
CA CYS C 141 -0.33 10.94 -9.21
CA CYS C 141 -0.33 10.93 -9.21
C CYS C 141 -0.97 10.10 -8.09
N LYS C 142 -1.24 10.69 -6.93
CA LYS C 142 -1.92 9.97 -5.85
C LYS C 142 -3.34 9.54 -6.19
N HIS C 143 -3.96 10.25 -7.12
CA HIS C 143 -5.39 10.14 -7.35
C HIS C 143 -5.80 9.62 -8.72
N ILE C 144 -4.83 9.37 -9.61
CA ILE C 144 -5.14 8.96 -10.99
C ILE C 144 -4.48 7.61 -11.28
N GLY C 145 -4.82 7.01 -12.42
CA GLY C 145 -4.33 5.68 -12.79
C GLY C 145 -5.15 5.04 -13.89
N ALA C 146 -4.56 4.03 -14.55
CA ALA C 146 -5.19 3.32 -15.70
C ALA C 146 -6.61 2.81 -15.42
N ASP C 147 -6.81 2.33 -14.19
CA ASP C 147 -8.08 1.77 -13.73
C ASP C 147 -8.92 2.72 -12.85
N THR C 148 -8.46 3.96 -12.69
CA THR C 148 -9.03 4.96 -11.75
C THR C 148 -9.49 6.24 -12.47
N ASP C 149 -8.53 6.95 -13.06
CA ASP C 149 -8.73 8.25 -13.71
C ASP C 149 -7.67 8.42 -14.80
N VAL C 150 -8.12 8.56 -16.06
CA VAL C 150 -7.23 8.74 -17.17
C VAL C 150 -7.48 10.14 -17.71
N PRO C 151 -6.63 11.13 -17.33
CA PRO C 151 -6.78 12.43 -17.99
C PRO C 151 -6.37 12.41 -19.46
N ALA C 152 -6.22 13.62 -20.01
CA ALA C 152 -5.93 13.83 -21.42
C ALA C 152 -5.48 15.26 -21.57
N GLY C 153 -5.34 15.71 -22.80
CA GLY C 153 -5.16 17.13 -23.07
C GLY C 153 -6.46 17.90 -23.11
N ASP C 154 -6.30 19.20 -23.35
CA ASP C 154 -7.38 20.16 -23.53
C ASP C 154 -6.70 21.47 -23.90
N ILE C 155 -7.31 22.61 -23.63
CA ILE C 155 -6.60 23.90 -23.80
C ILE C 155 -5.41 23.97 -22.84
N GLY C 156 -4.21 24.21 -23.38
CA GLY C 156 -2.99 24.40 -22.58
C GLY C 156 -2.16 23.16 -22.31
N VAL C 157 -2.79 22.00 -22.49
CA VAL C 157 -2.14 20.70 -22.38
C VAL C 157 -2.20 20.04 -23.76
N THR C 158 -1.02 19.87 -24.37
CA THR C 158 -0.85 19.12 -25.62
C THR C 158 0.17 18.00 -25.36
N GLY C 159 0.39 17.17 -26.38
CA GLY C 159 1.46 16.16 -26.37
C GLY C 159 2.75 16.58 -25.68
N ARG C 160 3.05 17.89 -25.67
CA ARG C 160 4.19 18.42 -24.95
C ARG C 160 4.01 18.09 -23.46
N GLU C 161 2.93 18.65 -22.90
CA GLU C 161 2.66 18.61 -21.46
C GLU C 161 2.27 17.20 -21.03
N VAL C 162 1.62 16.45 -21.91
CA VAL C 162 1.20 15.06 -21.64
C VAL C 162 2.44 14.15 -21.42
N GLY C 163 3.50 14.36 -22.22
CA GLY C 163 4.78 13.67 -22.03
C GLY C 163 5.43 13.98 -20.69
N PHE C 164 5.59 15.27 -20.39
CA PHE C 164 6.16 15.70 -19.10
C PHE C 164 5.39 15.13 -17.93
N LEU C 165 4.08 15.27 -18.00
CA LEU C 165 3.23 14.70 -17.01
C LEU C 165 3.45 13.19 -16.96
N PHE C 166 3.43 12.56 -18.12
CA PHE C 166 3.62 11.11 -18.19
C PHE C 166 4.91 10.67 -17.49
N GLY C 167 6.01 11.36 -17.84
CA GLY C 167 7.33 11.10 -17.30
C GLY C 167 7.37 11.12 -15.78
N GLN C 168 6.85 12.20 -15.20
CA GLN C 168 6.79 12.38 -13.73
C GLN C 168 5.87 11.37 -12.96
N TYR C 169 4.74 11.00 -13.56
CA TYR C 169 3.87 9.99 -13.02
C TYR C 169 4.61 8.67 -12.96
N ARG C 170 5.36 8.31 -14.00
CA ARG C 170 5.96 6.97 -14.03
C ARG C 170 7.18 6.87 -13.09
N LYS C 171 7.87 8.00 -12.88
CA LYS C 171 9.04 8.01 -12.01
C LYS C 171 8.65 7.71 -10.58
N ILE C 172 7.60 8.35 -10.12
CA ILE C 172 7.16 8.21 -8.72
C ILE C 172 6.46 6.86 -8.53
N ARG C 173 5.41 6.66 -9.32
CA ARG C 173 4.57 5.48 -9.21
C ARG C 173 5.22 4.15 -9.62
N ASN C 174 6.19 4.21 -10.52
CA ASN C 174 6.87 3.02 -11.03
C ASN C 174 5.93 2.07 -11.77
N GLN C 175 5.00 2.64 -12.52
CA GLN C 175 4.31 1.86 -13.55
C GLN C 175 4.24 2.60 -14.89
N TRP C 176 4.37 1.84 -15.97
CA TRP C 176 4.18 2.33 -17.34
C TRP C 176 2.80 1.87 -17.80
N GLU C 177 1.87 2.79 -18.03
CA GLU C 177 0.46 2.41 -18.32
C GLU C 177 -0.39 3.51 -18.94
N GLY C 178 -1.55 3.12 -19.42
CA GLY C 178 -2.51 4.05 -19.99
C GLY C 178 -3.24 4.98 -19.03
N VAL C 179 -2.45 5.75 -18.26
CA VAL C 179 -2.92 6.75 -17.27
C VAL C 179 -3.18 8.15 -17.88
N LEU C 180 -2.76 8.35 -19.12
CA LEU C 180 -3.11 9.56 -19.85
C LEU C 180 -3.42 9.17 -21.29
N THR C 181 -4.27 9.96 -21.94
CA THR C 181 -4.51 9.79 -23.37
C THR C 181 -3.90 11.01 -24.07
N GLY C 182 -3.75 10.94 -25.40
CA GLY C 182 -3.00 11.95 -26.17
C GLY C 182 -1.48 11.83 -26.14
N LYS C 183 -1.00 10.62 -25.91
CA LYS C 183 0.41 10.34 -25.81
C LYS C 183 1.07 10.31 -27.19
N GLY C 184 2.40 10.31 -27.19
CA GLY C 184 3.20 10.24 -28.42
C GLY C 184 3.20 8.84 -29.03
N GLY C 185 3.34 8.79 -30.36
CA GLY C 185 3.23 7.54 -31.15
C GLY C 185 4.00 6.33 -30.68
N SER C 186 5.18 6.54 -30.08
CA SER C 186 6.10 5.46 -29.67
C SER C 186 6.03 5.12 -28.18
N TRP C 187 5.44 6.01 -27.36
CA TRP C 187 5.15 5.72 -25.94
C TRP C 187 3.63 5.71 -25.68
N GLY C 188 2.96 4.72 -26.29
CA GLY C 188 1.57 4.42 -25.98
C GLY C 188 0.53 5.25 -26.72
N GLY C 189 0.93 6.03 -27.71
CA GLY C 189 0.00 6.81 -28.52
C GLY C 189 -0.86 5.96 -29.44
N SER C 190 -1.87 6.60 -30.03
CA SER C 190 -2.81 5.97 -30.99
C SER C 190 -2.79 6.65 -32.35
N LEU C 191 -2.82 5.87 -33.41
CA LEU C 191 -3.01 6.46 -34.74
C LEU C 191 -4.40 7.05 -34.81
N ILE C 192 -4.55 8.07 -35.65
CA ILE C 192 -5.82 8.78 -35.89
C ILE C 192 -6.18 9.80 -34.76
N ARG C 193 -5.32 9.95 -33.73
CA ARG C 193 -5.52 10.94 -32.63
C ARG C 193 -5.62 12.41 -33.09
N PRO C 194 -4.74 12.87 -34.01
CA PRO C 194 -4.94 14.21 -34.60
C PRO C 194 -6.21 14.34 -35.44
N GLU C 195 -6.50 13.33 -36.26
CA GLU C 195 -7.62 13.36 -37.22
C GLU C 195 -9.02 13.12 -36.60
N ALA C 196 -9.04 12.70 -35.34
CA ALA C 196 -10.21 12.05 -34.72
C ALA C 196 -11.44 12.93 -34.54
N THR C 197 -11.26 14.17 -34.10
CA THR C 197 -12.43 15.05 -33.84
C THR C 197 -13.00 15.53 -35.17
N GLY C 198 -12.16 15.89 -36.12
CA GLY C 198 -12.65 16.26 -37.46
C GLY C 198 -13.47 15.19 -38.17
N TYR C 199 -12.87 14.03 -38.41
CA TYR C 199 -13.52 12.93 -39.15
C TYR C 199 -14.83 12.56 -38.46
N GLY C 200 -14.80 12.58 -37.13
CA GLY C 200 -15.96 12.18 -36.32
C GLY C 200 -17.19 13.04 -36.51
N VAL C 201 -16.97 14.34 -36.71
CA VAL C 201 -18.09 15.27 -36.88
C VAL C 201 -18.63 15.06 -38.25
N VAL C 202 -17.73 14.86 -39.22
CA VAL C 202 -18.18 14.53 -40.56
C VAL C 202 -18.95 13.21 -40.55
N TYR C 203 -18.38 12.14 -39.95
CA TYR C 203 -19.06 10.83 -39.96
C TYR C 203 -20.46 10.96 -39.41
N TYR C 204 -20.59 11.65 -38.29
CA TYR C 204 -21.89 11.84 -37.62
C TYR C 204 -22.89 12.57 -38.49
N VAL C 205 -22.44 13.64 -39.15
CA VAL C 205 -23.28 14.40 -40.10
C VAL C 205 -23.68 13.51 -41.29
N GLU C 206 -22.79 12.63 -41.77
CA GLU C 206 -23.12 11.70 -42.87
C GLU C 206 -24.49 11.02 -42.64
N HIS C 207 -24.71 10.57 -41.41
CA HIS C 207 -25.96 9.86 -41.04
C HIS C 207 -27.13 10.83 -40.82
N MET C 208 -26.83 12.06 -40.35
CA MET C 208 -27.84 13.14 -40.31
C MET C 208 -28.44 13.36 -41.72
N ILE C 209 -27.57 13.43 -42.73
CA ILE C 209 -27.98 13.57 -44.13
C ILE C 209 -28.82 12.36 -44.61
N ALA C 210 -28.26 11.17 -44.45
CA ALA C 210 -28.88 9.89 -44.80
C ALA C 210 -30.28 9.79 -44.23
N HIS C 211 -30.38 10.02 -42.92
CA HIS C 211 -31.68 9.95 -42.28
C HIS C 211 -32.69 10.93 -42.86
N ALA C 212 -32.32 12.21 -42.96
CA ALA C 212 -33.25 13.29 -43.33
C ALA C 212 -33.70 13.30 -44.82
N THR C 213 -32.97 12.56 -45.66
CA THR C 213 -33.22 12.53 -47.09
C THR C 213 -33.49 11.08 -47.55
N ASN C 214 -34.10 10.29 -46.67
CA ASN C 214 -34.21 8.82 -46.82
C ASN C 214 -33.17 8.25 -47.79
N GLY C 215 -31.90 8.60 -47.54
CA GLY C 215 -30.77 8.14 -48.35
C GLY C 215 -30.56 8.74 -49.74
N GLN C 216 -31.38 9.72 -50.15
CA GLN C 216 -31.25 10.41 -51.45
C GLN C 216 -29.93 11.23 -51.59
N GLU C 217 -29.38 11.68 -50.46
CA GLU C 217 -28.27 12.63 -50.43
C GLU C 217 -27.11 12.14 -49.57
N SER C 218 -25.94 12.73 -49.80
CA SER C 218 -24.71 12.46 -49.01
C SER C 218 -23.94 13.78 -48.81
N PHE C 219 -22.65 13.71 -48.47
CA PHE C 219 -21.75 14.88 -48.60
C PHE C 219 -21.45 15.23 -50.05
N LYS C 220 -21.67 14.30 -50.98
CA LYS C 220 -21.49 14.57 -52.42
C LYS C 220 -22.48 15.64 -52.92
N GLY C 221 -21.95 16.71 -53.48
CA GLY C 221 -22.76 17.86 -53.93
C GLY C 221 -23.01 18.94 -52.88
N LYS C 222 -22.61 18.69 -51.64
CA LYS C 222 -22.85 19.63 -50.53
C LYS C 222 -21.75 20.68 -50.45
N ARG C 223 -22.17 21.93 -50.21
CA ARG C 223 -21.27 23.03 -49.90
C ARG C 223 -21.18 23.15 -48.38
N VAL C 224 -19.98 22.93 -47.83
CA VAL C 224 -19.74 22.99 -46.39
C VAL C 224 -18.98 24.25 -45.98
N ALA C 225 -19.41 24.87 -44.87
CA ALA C 225 -18.72 26.04 -44.32
C ALA C 225 -18.08 25.73 -42.97
N ILE C 226 -16.79 25.96 -42.88
CA ILE C 226 -16.02 25.59 -41.71
C ILE C 226 -15.31 26.80 -41.14
N SER C 227 -15.29 26.88 -39.83
CA SER C 227 -14.50 27.86 -39.09
C SER C 227 -13.34 27.14 -38.43
N GLY C 228 -12.21 27.83 -38.24
CA GLY C 228 -11.04 27.22 -37.58
C GLY C 228 -10.08 26.67 -38.62
N SER C 229 -8.80 26.63 -38.29
CA SER C 229 -7.79 26.05 -39.19
C SER C 229 -6.69 25.32 -38.42
N GLY C 230 -7.10 24.61 -37.36
CA GLY C 230 -6.26 23.62 -36.70
C GLY C 230 -6.68 22.21 -37.08
N ASN C 231 -6.10 21.22 -36.39
CA ASN C 231 -6.41 19.78 -36.57
C ASN C 231 -7.87 19.45 -36.87
N VAL C 232 -8.72 19.99 -36.01
CA VAL C 232 -10.13 19.71 -36.01
C VAL C 232 -10.75 20.09 -37.37
N ALA C 233 -10.63 21.37 -37.70
CA ALA C 233 -11.16 21.91 -38.96
C ALA C 233 -10.51 21.26 -40.19
N GLN C 234 -9.18 21.25 -40.18
CA GLN C 234 -8.37 20.60 -41.21
C GLN C 234 -8.94 19.28 -41.67
N TYR C 235 -8.98 18.34 -40.74
CA TYR C 235 -9.23 16.96 -41.09
C TYR C 235 -10.75 16.70 -41.29
N ALA C 236 -11.61 17.52 -40.67
CA ALA C 236 -13.03 17.57 -41.07
C ALA C 236 -13.20 18.02 -42.53
N ALA C 237 -12.37 18.98 -42.96
CA ALA C 237 -12.33 19.42 -44.36
C ALA C 237 -11.80 18.32 -45.29
N LEU C 238 -10.64 17.79 -44.94
CA LEU C 238 -10.10 16.68 -45.69
C LEU C 238 -11.08 15.53 -45.82
N LYS C 239 -11.84 15.21 -44.76
CA LYS C 239 -12.88 14.15 -44.88
C LYS C 239 -13.98 14.58 -45.84
N VAL C 240 -14.41 15.84 -45.75
CA VAL C 240 -15.45 16.39 -46.63
C VAL C 240 -15.04 16.40 -48.12
N ILE C 241 -13.78 16.76 -48.38
CA ILE C 241 -13.25 16.71 -49.74
C ILE C 241 -13.18 15.26 -50.21
N GLU C 242 -12.58 14.37 -49.40
CA GLU C 242 -12.64 12.92 -49.66
C GLU C 242 -14.07 12.53 -50.03
N LEU C 243 -15.00 12.65 -49.08
CA LEU C 243 -16.39 12.22 -49.31
C LEU C 243 -17.06 12.86 -50.53
N GLY C 244 -16.50 13.96 -51.01
CA GLY C 244 -16.84 14.53 -52.33
C GLY C 244 -17.78 15.70 -52.27
N GLY C 245 -17.55 16.58 -51.29
CA GLY C 245 -18.28 17.83 -51.14
C GLY C 245 -17.29 18.97 -51.03
N SER C 246 -17.79 20.18 -51.12
CA SER C 246 -16.95 21.37 -51.19
C SER C 246 -16.82 22.06 -49.85
N VAL C 247 -15.58 22.40 -49.49
CA VAL C 247 -15.28 23.24 -48.31
C VAL C 247 -14.98 24.63 -48.83
N VAL C 248 -15.79 25.62 -48.44
CA VAL C 248 -15.66 27.01 -48.91
C VAL C 248 -15.31 28.01 -47.81
N SER C 249 -14.63 27.53 -46.76
CA SER C 249 -14.07 28.43 -45.76
C SER C 249 -13.24 27.65 -44.75
N LEU C 250 -12.25 28.34 -44.21
CA LEU C 250 -11.68 28.02 -42.91
C LEU C 250 -11.57 29.39 -42.23
N SER C 251 -11.04 29.46 -41.01
CA SER C 251 -10.92 30.74 -40.29
C SER C 251 -10.03 30.65 -39.05
N ASP C 252 -9.31 31.72 -38.73
CA ASP C 252 -8.59 31.80 -37.45
C ASP C 252 -9.12 32.98 -36.62
N SER C 253 -8.43 33.29 -35.51
CA SER C 253 -8.76 34.44 -34.65
C SER C 253 -8.91 35.77 -35.42
N GLN C 254 -8.04 35.98 -36.41
CA GLN C 254 -8.06 37.22 -37.21
C GLN C 254 -9.20 37.25 -38.20
N GLY C 255 -9.18 36.27 -39.12
CA GLY C 255 -10.04 36.30 -40.31
C GLY C 255 -10.40 34.94 -40.88
N SER C 256 -11.04 35.00 -42.04
CA SER C 256 -11.69 33.85 -42.69
C SER C 256 -11.33 33.82 -44.18
N LEU C 257 -10.86 32.68 -44.64
CA LEU C 257 -10.35 32.50 -45.99
C LEU C 257 -11.38 31.83 -46.90
N ILE C 258 -12.22 32.66 -47.51
CA ILE C 258 -13.38 32.19 -48.27
C ILE C 258 -13.00 31.65 -49.68
N ILE C 259 -13.89 30.85 -50.27
CA ILE C 259 -13.81 30.52 -51.70
C ILE C 259 -14.95 31.20 -52.44
N ASN C 260 -14.66 31.62 -53.69
CA ASN C 260 -15.60 32.38 -54.50
C ASN C 260 -16.32 31.48 -55.49
N GLY C 261 -17.60 31.81 -55.74
CA GLY C 261 -18.41 31.17 -56.76
C GLY C 261 -18.97 29.81 -56.35
N GLU C 262 -18.44 28.78 -56.98
CA GLU C 262 -18.66 27.40 -56.59
C GLU C 262 -17.25 26.91 -56.27
N GLY C 263 -17.10 25.62 -55.99
CA GLY C 263 -15.78 25.00 -55.84
C GLY C 263 -15.24 25.08 -54.42
N SER C 264 -14.12 24.38 -54.19
CA SER C 264 -13.66 24.01 -52.83
C SER C 264 -12.16 24.27 -52.55
N PHE C 265 -11.78 24.06 -51.30
CA PHE C 265 -10.37 23.89 -50.93
C PHE C 265 -9.89 22.55 -51.45
N THR C 266 -8.61 22.46 -51.81
CA THR C 266 -8.01 21.17 -52.13
C THR C 266 -7.21 20.75 -50.91
N PRO C 267 -6.84 19.46 -50.82
CA PRO C 267 -5.95 18.98 -49.74
C PRO C 267 -4.57 19.63 -49.76
N GLU C 268 -4.10 19.95 -50.96
CA GLU C 268 -2.82 20.59 -51.16
C GLU C 268 -2.84 21.93 -50.40
N GLU C 269 -3.87 22.74 -50.69
CA GLU C 269 -4.10 24.02 -50.02
C GLU C 269 -4.14 23.84 -48.50
N ILE C 270 -4.97 22.90 -48.04
CA ILE C 270 -5.17 22.71 -46.61
C ILE C 270 -3.84 22.32 -45.91
N GLU C 271 -3.00 21.51 -46.57
CA GLU C 271 -1.67 21.17 -46.00
C GLU C 271 -0.81 22.43 -45.86
N LEU C 272 -0.85 23.30 -46.86
CA LEU C 272 -0.04 24.51 -46.79
C LEU C 272 -0.48 25.34 -45.59
N ILE C 273 -1.79 25.50 -45.45
CA ILE C 273 -2.41 26.22 -44.31
C ILE C 273 -2.03 25.59 -42.97
N ALA C 274 -2.08 24.27 -42.89
CA ALA C 274 -1.62 23.54 -41.71
C ALA C 274 -0.17 23.91 -41.40
N GLN C 275 0.69 23.74 -42.41
CA GLN C 275 2.12 24.05 -42.31
C GLN C 275 2.38 25.49 -41.87
N THR C 276 1.48 26.43 -42.18
CA THR C 276 1.62 27.80 -41.62
C THR C 276 1.26 27.82 -40.14
N LYS C 277 0.14 27.19 -39.77
CA LYS C 277 -0.33 27.14 -38.37
CA LYS C 277 -0.30 27.19 -38.37
C LYS C 277 0.68 26.43 -37.46
N VAL C 278 1.46 25.52 -38.05
CA VAL C 278 2.60 24.89 -37.36
C VAL C 278 3.57 25.98 -36.84
N GLU C 279 3.98 26.91 -37.71
CA GLU C 279 4.93 27.99 -37.34
C GLU C 279 4.30 29.26 -36.72
N ARG C 280 3.07 29.15 -36.22
CA ARG C 280 2.38 30.20 -35.42
C ARG C 280 1.87 31.46 -36.20
N LYS C 281 2.08 31.52 -37.52
CA LYS C 281 1.69 32.73 -38.28
C LYS C 281 0.17 32.69 -38.59
N GLN C 282 -0.31 33.25 -39.70
CA GLN C 282 -1.77 33.46 -39.86
C GLN C 282 -2.31 33.18 -41.27
N LEU C 283 -3.62 33.27 -41.43
CA LEU C 283 -4.25 33.18 -42.76
C LEU C 283 -4.10 34.50 -43.51
N ALA C 284 -3.97 35.59 -42.74
CA ALA C 284 -3.60 36.90 -43.26
C ALA C 284 -2.20 36.89 -43.88
N SER C 285 -1.25 36.29 -43.16
CA SER C 285 0.17 36.20 -43.56
C SER C 285 0.50 35.47 -44.88
N ILE C 286 -0.51 34.96 -45.59
CA ILE C 286 -0.32 34.03 -46.71
C ILE C 286 -1.21 34.31 -47.93
N VAL C 287 -1.85 35.48 -47.99
CA VAL C 287 -2.80 35.77 -49.10
C VAL C 287 -2.09 36.42 -50.30
N GLY C 288 -1.01 37.15 -50.05
CA GLY C 288 -0.17 37.74 -51.11
C GLY C 288 0.96 36.81 -51.47
N ALA C 289 0.61 35.58 -51.84
CA ALA C 289 1.55 34.46 -52.07
C ALA C 289 0.73 33.22 -52.50
N ALA C 290 1.13 32.59 -53.61
CA ALA C 290 0.30 31.57 -54.29
C ALA C 290 -0.10 30.35 -53.42
N PRO C 291 -1.22 29.69 -53.71
CA PRO C 291 -2.23 30.08 -54.72
C PRO C 291 -3.45 30.82 -54.11
N PHE C 292 -3.23 31.51 -52.99
CA PHE C 292 -4.25 32.32 -52.30
C PHE C 292 -4.29 33.76 -52.81
N SER C 293 -3.25 34.14 -53.55
CA SER C 293 -3.24 35.41 -54.28
C SER C 293 -4.32 35.44 -55.36
N ASP C 294 -4.45 34.33 -56.09
CA ASP C 294 -5.53 34.18 -57.07
C ASP C 294 -6.91 34.44 -56.43
N ALA C 295 -7.41 35.67 -56.60
CA ALA C 295 -8.67 36.15 -56.00
C ALA C 295 -9.96 35.82 -56.78
N ASN C 296 -9.84 35.13 -57.91
CA ASN C 296 -11.01 34.48 -58.57
C ASN C 296 -11.57 33.30 -57.77
N LYS C 297 -10.66 32.62 -57.09
CA LYS C 297 -10.99 31.58 -56.14
C LYS C 297 -11.11 32.17 -54.73
N PHE C 298 -10.06 32.86 -54.28
CA PHE C 298 -9.92 33.23 -52.86
C PHE C 298 -10.33 34.66 -52.46
N LYS C 299 -10.79 34.80 -51.21
CA LYS C 299 -11.17 36.07 -50.62
C LYS C 299 -10.93 36.06 -49.11
N TYR C 300 -9.87 36.73 -48.67
CA TYR C 300 -9.64 36.90 -47.24
C TYR C 300 -10.44 38.09 -46.71
N ILE C 301 -10.97 37.96 -45.49
CA ILE C 301 -11.74 39.00 -44.83
C ILE C 301 -11.35 39.02 -43.35
N ALA C 302 -10.64 40.08 -42.93
CA ALA C 302 -10.19 40.21 -41.53
C ALA C 302 -11.35 40.52 -40.58
N GLY C 303 -11.12 40.24 -39.30
CA GLY C 303 -12.11 40.45 -38.24
C GLY C 303 -13.28 39.48 -38.12
N ALA C 304 -13.52 38.71 -39.19
CA ALA C 304 -14.83 38.09 -39.43
C ALA C 304 -14.92 36.61 -39.04
N ARG C 305 -16.17 36.17 -38.87
CA ARG C 305 -16.53 34.74 -38.85
C ARG C 305 -17.13 34.40 -40.24
N PRO C 306 -16.84 33.19 -40.80
CA PRO C 306 -17.18 32.88 -42.22
C PRO C 306 -18.64 32.91 -42.69
N TRP C 307 -19.61 32.86 -41.76
CA TRP C 307 -21.03 32.47 -42.05
C TRP C 307 -21.77 33.34 -43.05
N VAL C 308 -21.66 34.66 -42.87
CA VAL C 308 -22.31 35.63 -43.77
C VAL C 308 -21.72 35.56 -45.18
N HIS C 309 -20.40 35.33 -45.24
CA HIS C 309 -19.62 35.48 -46.47
C HIS C 309 -19.79 34.33 -47.46
N VAL C 310 -19.73 33.10 -46.94
CA VAL C 310 -19.86 31.91 -47.79
C VAL C 310 -21.13 31.94 -48.62
N GLY C 311 -22.18 32.56 -48.08
CA GLY C 311 -23.45 32.76 -48.77
C GLY C 311 -24.31 31.52 -48.63
N LYS C 312 -24.85 31.03 -49.76
CA LYS C 312 -25.55 29.72 -49.84
C LYS C 312 -24.67 28.57 -49.31
N VAL C 313 -25.23 27.74 -48.43
CA VAL C 313 -24.48 26.66 -47.78
C VAL C 313 -25.43 25.53 -47.35
N ASP C 314 -24.98 24.28 -47.52
CA ASP C 314 -25.76 23.09 -47.15
C ASP C 314 -25.43 22.63 -45.74
N VAL C 315 -24.13 22.54 -45.44
CA VAL C 315 -23.65 22.11 -44.12
C VAL C 315 -22.76 23.19 -43.53
N ALA C 316 -22.86 23.37 -42.20
CA ALA C 316 -21.98 24.32 -41.46
C ALA C 316 -21.29 23.66 -40.26
N LEU C 317 -19.95 23.62 -40.27
CA LEU C 317 -19.15 22.88 -39.29
C LEU C 317 -18.27 23.81 -38.46
N PRO C 318 -18.82 24.37 -37.37
CA PRO C 318 -18.03 25.23 -36.48
C PRO C 318 -16.89 24.47 -35.76
N SER C 319 -15.65 24.87 -36.06
CA SER C 319 -14.45 24.13 -35.66
C SER C 319 -13.26 25.01 -35.18
N ALA C 320 -13.54 26.26 -34.81
CA ALA C 320 -12.50 27.17 -34.33
C ALA C 320 -12.41 27.10 -32.81
N THR C 321 -13.50 27.49 -32.16
CA THR C 321 -13.49 27.84 -30.75
C THR C 321 -14.93 27.76 -30.19
N GLN C 322 -15.09 27.90 -28.86
CA GLN C 322 -16.43 27.83 -28.26
C GLN C 322 -17.19 29.16 -28.40
N ASN C 323 -18.52 29.09 -28.29
CA ASN C 323 -19.41 30.26 -28.46
C ASN C 323 -19.01 31.07 -29.71
N GLU C 324 -18.76 30.35 -30.79
CA GLU C 324 -18.34 30.90 -32.07
C GLU C 324 -19.51 31.06 -33.04
N ILE C 325 -20.69 30.56 -32.64
CA ILE C 325 -21.93 30.86 -33.35
C ILE C 325 -22.93 31.49 -32.35
N SER C 326 -23.40 32.68 -32.72
CA SER C 326 -24.45 33.41 -32.01
C SER C 326 -25.81 32.90 -32.45
N GLY C 327 -26.85 33.53 -31.90
CA GLY C 327 -28.22 33.38 -32.41
C GLY C 327 -28.36 34.04 -33.77
N GLU C 328 -27.91 35.29 -33.86
CA GLU C 328 -27.97 36.03 -35.11
C GLU C 328 -27.43 35.14 -36.21
N GLU C 329 -26.16 34.76 -36.06
CA GLU C 329 -25.44 33.92 -37.01
C GLU C 329 -26.17 32.63 -37.31
N ALA C 330 -26.80 32.05 -36.28
CA ALA C 330 -27.65 30.88 -36.46
C ALA C 330 -28.79 31.17 -37.45
N GLN C 331 -29.44 32.33 -37.31
CA GLN C 331 -30.41 32.81 -38.32
C GLN C 331 -29.79 33.22 -39.67
N VAL C 332 -28.54 33.67 -39.64
CA VAL C 332 -27.78 33.92 -40.87
C VAL C 332 -27.59 32.63 -41.66
N LEU C 333 -27.08 31.61 -40.99
CA LEU C 333 -26.96 30.27 -41.56
C LEU C 333 -28.30 29.69 -42.08
N ILE C 334 -29.36 29.83 -41.28
CA ILE C 334 -30.71 29.35 -41.66
C ILE C 334 -31.23 30.00 -42.96
N ASN C 335 -31.24 31.33 -43.01
CA ASN C 335 -31.70 32.09 -44.19
C ASN C 335 -30.73 31.94 -45.39
N ALA C 336 -29.49 31.54 -45.09
CA ALA C 336 -28.55 31.01 -46.08
C ALA C 336 -28.86 29.55 -46.48
N GLY C 337 -29.88 28.93 -45.88
CA GLY C 337 -30.38 27.62 -46.30
C GLY C 337 -29.62 26.41 -45.77
N CYS C 338 -28.94 26.57 -44.64
CA CYS C 338 -28.16 25.49 -44.07
C CYS C 338 -29.09 24.43 -43.49
N LYS C 339 -28.79 23.17 -43.73
CA LYS C 339 -29.69 22.06 -43.38
C LYS C 339 -29.16 21.10 -42.30
N PHE C 340 -27.84 21.12 -42.04
CA PHE C 340 -27.21 20.20 -41.10
C PHE C 340 -26.05 20.87 -40.41
N ILE C 341 -26.03 20.86 -39.08
CA ILE C 341 -24.96 21.49 -38.28
C ILE C 341 -24.51 20.59 -37.13
N ALA C 342 -23.20 20.42 -37.05
CA ALA C 342 -22.55 19.70 -35.97
C ALA C 342 -21.26 20.46 -35.59
N GLU C 343 -20.93 20.49 -34.30
CA GLU C 343 -19.75 21.24 -33.83
C GLU C 343 -18.51 20.39 -33.89
N GLY C 344 -17.45 20.94 -34.49
CA GLY C 344 -16.09 20.39 -34.41
C GLY C 344 -15.36 20.90 -33.17
N SER C 345 -15.58 22.17 -32.82
CA SER C 345 -15.02 22.77 -31.61
C SER C 345 -15.96 22.50 -30.44
N ASN C 346 -15.37 22.30 -29.27
CA ASN C 346 -16.10 22.06 -28.02
C ASN C 346 -17.09 23.18 -27.70
N MET C 347 -18.38 22.90 -27.93
CA MET C 347 -19.50 23.85 -27.72
C MET C 347 -19.34 25.13 -28.54
N GLY C 348 -19.22 24.97 -29.86
CA GLY C 348 -19.14 26.10 -30.78
C GLY C 348 -20.34 27.03 -30.77
N CYS C 349 -21.53 26.45 -30.61
CA CYS C 349 -22.76 27.22 -30.68
C CYS C 349 -23.20 27.69 -29.30
N THR C 350 -23.44 28.99 -29.18
CA THR C 350 -24.02 29.59 -27.98
C THR C 350 -25.42 29.00 -27.77
N GLN C 351 -25.93 29.10 -26.55
CA GLN C 351 -27.21 28.48 -26.20
C GLN C 351 -28.40 29.09 -26.96
N GLU C 352 -28.28 30.34 -27.42
CA GLU C 352 -29.33 30.99 -28.23
C GLU C 352 -29.32 30.46 -29.66
N ALA C 353 -28.14 30.04 -30.13
CA ALA C 353 -28.00 29.31 -31.41
C ALA C 353 -28.81 28.03 -31.37
N ILE C 354 -28.58 27.23 -30.33
CA ILE C 354 -29.26 25.94 -30.11
C ILE C 354 -30.79 26.16 -30.17
N ASP C 355 -31.25 27.05 -29.28
CA ASP C 355 -32.66 27.45 -29.22
C ASP C 355 -33.25 27.78 -30.59
N THR C 356 -32.52 28.52 -31.43
CA THR C 356 -33.02 28.97 -32.74
C THR C 356 -33.12 27.85 -33.77
N PHE C 357 -32.02 27.09 -33.86
CA PHE C 357 -31.94 25.90 -34.69
C PHE C 357 -33.09 24.97 -34.34
N GLU C 358 -33.25 24.69 -33.04
CA GLU C 358 -34.29 23.76 -32.56
C GLU C 358 -35.70 24.30 -32.69
N ALA C 359 -35.88 25.59 -32.45
CA ALA C 359 -37.16 26.24 -32.73
C ALA C 359 -37.53 26.05 -34.20
N HIS C 360 -36.54 26.15 -35.08
CA HIS C 360 -36.70 26.01 -36.52
C HIS C 360 -36.93 24.55 -37.00
N ARG C 361 -36.52 23.60 -36.16
CA ARG C 361 -36.68 22.17 -36.41
C ARG C 361 -38.16 21.85 -36.23
N THR C 362 -38.67 22.16 -35.04
CA THR C 362 -40.02 21.81 -34.61
C THR C 362 -41.16 22.60 -35.28
N ALA C 363 -40.86 23.73 -35.93
CA ALA C 363 -41.85 24.53 -36.65
C ALA C 363 -41.92 24.16 -38.15
N ASN C 364 -40.93 23.42 -38.64
CA ASN C 364 -40.89 22.93 -40.03
C ASN C 364 -40.99 21.40 -40.07
N ALA C 365 -42.21 20.91 -40.32
CA ALA C 365 -42.45 19.54 -40.80
C ALA C 365 -41.88 19.48 -42.21
N GLY C 366 -41.50 18.29 -42.67
CA GLY C 366 -40.71 18.14 -43.89
C GLY C 366 -39.23 18.42 -43.68
N ALA C 367 -38.54 18.72 -44.79
CA ALA C 367 -37.07 18.79 -44.89
C ALA C 367 -36.51 20.21 -45.02
N ALA C 368 -37.38 21.22 -45.08
CA ALA C 368 -36.96 22.62 -44.92
C ALA C 368 -36.32 22.95 -43.55
N ALA C 369 -36.37 22.01 -42.61
CA ALA C 369 -35.75 22.11 -41.28
C ALA C 369 -34.21 21.94 -41.27
N ILE C 370 -33.50 22.94 -40.73
CA ILE C 370 -32.11 22.81 -40.28
C ILE C 370 -32.02 21.81 -39.11
N TRP C 371 -31.07 20.87 -39.18
CA TRP C 371 -30.92 19.84 -38.16
C TRP C 371 -29.60 20.07 -37.43
N TYR C 372 -29.69 20.32 -36.13
CA TYR C 372 -28.53 20.62 -35.29
C TYR C 372 -28.18 19.44 -34.37
N ALA C 373 -26.88 19.15 -34.26
CA ALA C 373 -26.38 18.04 -33.48
C ALA C 373 -25.57 18.49 -32.28
N PRO C 374 -25.98 18.08 -31.06
CA PRO C 374 -25.29 18.57 -29.87
C PRO C 374 -23.87 18.02 -29.75
N GLY C 375 -23.05 18.70 -28.97
CA GLY C 375 -21.64 18.39 -28.84
C GLY C 375 -21.34 17.08 -28.16
N LYS C 376 -22.18 16.68 -27.20
CA LYS C 376 -21.94 15.43 -26.48
C LYS C 376 -21.99 14.21 -27.42
N ALA C 377 -22.80 14.32 -28.48
CA ALA C 377 -22.90 13.29 -29.52
C ALA C 377 -21.86 13.45 -30.64
N ALA C 378 -21.71 14.68 -31.12
CA ALA C 378 -21.18 14.94 -32.48
C ALA C 378 -19.69 15.31 -32.60
N ASN C 379 -19.07 15.88 -31.58
CA ASN C 379 -17.57 15.88 -31.53
C ASN C 379 -17.05 15.04 -30.36
N ALA C 380 -17.64 13.86 -30.25
CA ALA C 380 -17.18 12.81 -29.35
C ALA C 380 -16.15 11.88 -30.01
N GLY C 381 -15.54 12.33 -31.11
CA GLY C 381 -14.63 11.50 -31.91
C GLY C 381 -13.25 11.44 -31.30
N GLY C 382 -12.86 12.57 -30.72
CA GLY C 382 -11.59 12.71 -30.03
C GLY C 382 -11.61 11.91 -28.75
N VAL C 383 -12.58 12.23 -27.91
CA VAL C 383 -12.77 11.51 -26.65
C VAL C 383 -12.90 9.99 -26.88
N ALA C 384 -13.51 9.58 -28.00
CA ALA C 384 -13.68 8.15 -28.37
C ALA C 384 -12.38 7.45 -28.75
N VAL C 385 -11.50 8.13 -29.46
CA VAL C 385 -10.17 7.60 -29.81
C VAL C 385 -9.21 7.63 -28.60
N SER C 386 -9.53 8.35 -27.52
CA SER C 386 -8.90 8.12 -26.21
C SER C 386 -9.30 6.72 -25.66
N GLY C 387 -10.59 6.42 -25.67
CA GLY C 387 -11.07 5.10 -25.29
C GLY C 387 -10.31 4.02 -26.03
N LEU C 388 -10.18 4.20 -27.34
CA LEU C 388 -9.41 3.30 -28.21
C LEU C 388 -7.90 3.34 -27.91
N GLU C 389 -7.37 4.50 -27.55
CA GLU C 389 -6.00 4.64 -27.02
C GLU C 389 -5.75 3.79 -25.77
N MET C 390 -6.71 3.80 -24.85
CA MET C 390 -6.63 3.00 -23.62
C MET C 390 -6.81 1.51 -23.88
N ALA C 391 -7.67 1.22 -24.85
CA ALA C 391 -7.86 -0.15 -25.33
C ALA C 391 -6.55 -0.74 -25.87
N GLN C 392 -5.82 0.08 -26.64
CA GLN C 392 -4.52 -0.29 -27.20
C GLN C 392 -3.42 -0.43 -26.13
N ASN C 393 -3.41 0.47 -25.14
CA ASN C 393 -2.46 0.39 -24.01
C ASN C 393 -2.63 -0.93 -23.25
N SER C 394 -3.89 -1.24 -22.94
CA SER C 394 -4.21 -2.49 -22.27
C SER C 394 -3.95 -3.72 -23.19
N ALA C 395 -4.23 -3.59 -24.50
CA ALA C 395 -3.85 -4.64 -25.49
C ALA C 395 -2.33 -4.72 -25.75
N ARG C 396 -1.61 -3.65 -25.36
CA ARG C 396 -0.17 -3.54 -25.54
C ARG C 396 0.16 -3.80 -26.99
N LEU C 397 -0.61 -3.13 -27.86
CA LEU C 397 -0.43 -3.15 -29.30
C LEU C 397 -0.73 -1.77 -29.84
N SER C 398 -0.40 -1.61 -31.12
CA SER C 398 -0.62 -0.38 -31.87
C SER C 398 -1.42 -0.83 -33.08
N TRP C 399 -2.72 -0.64 -33.01
CA TRP C 399 -3.63 -0.89 -34.13
C TRP C 399 -3.25 -0.05 -35.35
N THR C 400 -3.63 -0.52 -36.53
CA THR C 400 -3.38 0.22 -37.77
C THR C 400 -4.44 1.33 -37.96
N SER C 401 -4.09 2.38 -38.71
CA SER C 401 -5.03 3.47 -39.09
C SER C 401 -6.41 2.96 -39.50
N GLU C 402 -6.40 1.87 -40.28
CA GLU C 402 -7.61 1.22 -40.78
C GLU C 402 -8.49 0.64 -39.65
N GLU C 403 -7.85 0.00 -38.67
CA GLU C 403 -8.55 -0.58 -37.53
C GLU C 403 -9.13 0.46 -36.58
N VAL C 404 -8.36 1.49 -36.25
CA VAL C 404 -8.87 2.60 -35.39
C VAL C 404 -10.08 3.27 -36.01
N ASP C 405 -9.89 3.71 -37.27
CA ASP C 405 -10.93 4.43 -38.01
C ASP C 405 -12.18 3.62 -38.22
N ALA C 406 -12.00 2.33 -38.50
CA ALA C 406 -13.12 1.39 -38.60
C ALA C 406 -13.89 1.30 -37.28
N ARG C 407 -13.16 1.38 -36.17
CA ARG C 407 -13.80 1.53 -34.84
C ARG C 407 -14.46 2.88 -34.61
N LEU C 408 -13.73 3.98 -34.86
CA LEU C 408 -14.28 5.33 -34.74
C LEU C 408 -15.59 5.52 -35.54
N LYS C 409 -15.69 4.95 -36.75
CA LYS C 409 -16.93 5.01 -37.55
C LYS C 409 -18.11 4.36 -36.84
N ASP C 410 -17.93 3.13 -36.36
CA ASP C 410 -18.99 2.39 -35.67
C ASP C 410 -19.50 3.14 -34.44
N ILE C 411 -18.57 3.76 -33.70
CA ILE C 411 -18.91 4.48 -32.47
C ILE C 411 -19.70 5.73 -32.80
N MET C 412 -19.25 6.48 -33.81
CA MET C 412 -19.99 7.67 -34.25
C MET C 412 -21.38 7.32 -34.79
N ARG C 413 -21.48 6.24 -35.57
CA ARG C 413 -22.76 5.77 -36.07
C ARG C 413 -23.63 5.35 -34.89
N ASP C 414 -23.13 4.41 -34.09
CA ASP C 414 -23.90 3.87 -32.98
C ASP C 414 -24.41 5.02 -32.10
N CYS C 415 -23.58 6.06 -31.87
CA CYS C 415 -24.00 7.26 -31.10
C CYS C 415 -25.14 8.07 -31.76
N PHE C 416 -25.08 8.24 -33.07
CA PHE C 416 -26.17 8.88 -33.83
C PHE C 416 -27.47 8.10 -33.65
N LYS C 417 -27.45 6.79 -33.94
CA LYS C 417 -28.66 5.94 -33.80
C LYS C 417 -29.25 5.99 -32.40
N ASN C 418 -28.38 6.05 -31.39
CA ASN C 418 -28.75 6.21 -29.97
C ASN C 418 -29.62 7.45 -29.76
N GLY C 419 -29.11 8.62 -30.12
CA GLY C 419 -29.85 9.86 -30.06
C GLY C 419 -31.17 9.73 -30.82
N LEU C 420 -31.07 9.28 -32.08
CA LEU C 420 -32.20 9.19 -33.01
C LEU C 420 -33.38 8.42 -32.45
N GLU C 421 -33.14 7.16 -32.11
CA GLU C 421 -34.19 6.27 -31.60
C GLU C 421 -34.75 6.75 -30.25
N THR C 422 -33.89 7.29 -29.39
CA THR C 422 -34.26 7.72 -28.04
C THR C 422 -35.13 8.99 -28.04
N ALA C 423 -34.85 9.95 -28.93
CA ALA C 423 -35.76 11.11 -29.14
C ALA C 423 -37.11 10.59 -29.64
N GLN C 424 -37.08 9.77 -30.69
CA GLN C 424 -38.27 9.19 -31.32
C GLN C 424 -39.14 8.46 -30.31
N GLU C 425 -38.51 7.83 -29.32
CA GLU C 425 -39.23 7.24 -28.18
C GLU C 425 -39.72 8.32 -27.18
N TYR C 426 -38.78 8.98 -26.50
CA TYR C 426 -39.08 9.82 -25.32
C TYR C 426 -39.43 11.30 -25.60
N ALA C 427 -39.36 11.68 -26.86
CA ALA C 427 -39.63 13.04 -27.28
C ALA C 427 -40.10 12.99 -28.73
N THR C 428 -41.02 12.07 -28.98
CA THR C 428 -41.49 11.77 -30.31
C THR C 428 -41.85 13.05 -31.04
N PRO C 429 -41.25 13.28 -32.22
CA PRO C 429 -41.58 14.52 -32.89
C PRO C 429 -42.89 14.32 -33.61
N ALA C 430 -43.51 15.43 -33.99
CA ALA C 430 -44.63 15.43 -34.92
C ALA C 430 -44.30 14.71 -36.24
N GLU C 431 -45.35 14.48 -37.01
CA GLU C 431 -45.20 14.00 -38.38
C GLU C 431 -44.42 15.03 -39.19
N GLY C 432 -43.42 14.55 -39.91
CA GLY C 432 -42.62 15.38 -40.78
C GLY C 432 -41.51 16.15 -40.08
N VAL C 433 -41.51 16.14 -38.76
CA VAL C 433 -40.51 16.80 -37.95
C VAL C 433 -39.41 15.77 -37.64
N LEU C 434 -38.15 16.17 -37.86
CA LEU C 434 -37.00 15.32 -37.57
C LEU C 434 -36.83 15.11 -36.06
N PRO C 435 -36.35 13.93 -35.65
CA PRO C 435 -36.12 13.73 -34.22
C PRO C 435 -35.03 14.63 -33.66
N SER C 436 -35.31 15.27 -32.53
CA SER C 436 -34.32 16.05 -31.78
C SER C 436 -33.10 15.24 -31.39
N LEU C 437 -31.96 15.56 -31.99
CA LEU C 437 -30.69 14.93 -31.58
C LEU C 437 -30.16 15.52 -30.27
N VAL C 438 -30.55 16.75 -29.95
CA VAL C 438 -30.24 17.39 -28.66
C VAL C 438 -30.89 16.64 -27.50
N THR C 439 -32.21 16.65 -27.47
CA THR C 439 -33.00 16.06 -26.40
C THR C 439 -32.82 14.54 -26.32
N GLY C 440 -32.82 13.88 -27.48
CA GLY C 440 -32.51 12.44 -27.56
C GLY C 440 -31.09 12.06 -27.17
N SER C 441 -30.14 13.00 -27.31
CA SER C 441 -28.78 12.84 -26.76
C SER C 441 -28.72 12.91 -25.22
N ASN C 442 -29.28 13.97 -24.63
CA ASN C 442 -29.33 14.15 -23.16
C ASN C 442 -30.05 12.97 -22.43
N ILE C 443 -31.24 12.60 -22.92
CA ILE C 443 -31.99 11.42 -22.43
C ILE C 443 -31.17 10.14 -22.55
N ALA C 444 -30.41 9.97 -23.63
CA ALA C 444 -29.62 8.74 -23.87
C ALA C 444 -28.48 8.62 -22.89
N GLY C 445 -27.65 9.65 -22.82
CA GLY C 445 -26.53 9.69 -21.89
C GLY C 445 -26.91 9.79 -20.43
N PHE C 446 -27.93 10.58 -20.10
CA PHE C 446 -28.38 10.68 -18.71
C PHE C 446 -28.92 9.34 -18.22
N THR C 447 -29.73 8.69 -19.04
CA THR C 447 -30.33 7.42 -18.63
C THR C 447 -29.34 6.27 -18.59
N LYS C 448 -28.38 6.24 -19.51
CA LYS C 448 -27.26 5.28 -19.46
C LYS C 448 -26.51 5.35 -18.14
N VAL C 449 -26.15 6.56 -17.73
CA VAL C 449 -25.46 6.79 -16.45
C VAL C 449 -26.38 6.66 -15.23
N ALA C 450 -27.62 7.15 -15.33
CA ALA C 450 -28.56 7.04 -14.20
C ALA C 450 -29.00 5.60 -14.01
N ALA C 451 -29.19 4.85 -15.09
CA ALA C 451 -29.52 3.41 -15.04
C ALA C 451 -28.37 2.55 -14.49
N ALA C 452 -27.16 2.82 -14.96
CA ALA C 452 -25.96 2.19 -14.42
C ALA C 452 -25.69 2.58 -12.95
N MET C 453 -25.95 3.83 -12.58
CA MET C 453 -25.83 4.22 -11.17
C MET C 453 -26.79 3.44 -10.27
N LYS C 454 -28.04 3.28 -10.72
CA LYS C 454 -29.04 2.54 -9.93
C LYS C 454 -28.61 1.10 -9.76
N ASP C 455 -28.13 0.50 -10.83
CA ASP C 455 -27.62 -0.88 -10.77
C ASP C 455 -26.61 -0.98 -9.61
N GLN C 456 -25.77 0.06 -9.48
CA GLN C 456 -24.62 0.07 -8.57
C GLN C 456 -24.83 0.67 -7.18
N GLY C 457 -26.08 0.90 -6.80
CA GLY C 457 -26.42 1.39 -5.46
C GLY C 457 -26.04 2.83 -5.18
N ASP C 458 -25.88 3.65 -6.22
CA ASP C 458 -25.55 5.08 -6.04
C ASP C 458 -26.78 5.86 -5.56
N TRP C 459 -27.92 5.53 -6.15
CA TRP C 459 -29.21 6.01 -5.72
C TRP C 459 -30.18 4.82 -5.71
N TRP C 460 -31.39 5.08 -5.24
CA TRP C 460 -32.43 4.05 -5.15
C TRP C 460 -33.76 4.72 -4.83
N ASN D 3 -10.27 32.92 -12.64
CA ASN D 3 -10.13 33.84 -11.47
C ASN D 3 -10.69 33.19 -10.21
N LEU D 4 -10.15 33.61 -9.06
CA LEU D 4 -10.57 33.14 -7.73
C LEU D 4 -12.08 33.23 -7.48
N PRO D 5 -12.61 32.42 -6.53
CA PRO D 5 -14.00 32.50 -6.09
C PRO D 5 -14.10 33.36 -4.83
N HIS D 6 -15.34 33.64 -4.41
CA HIS D 6 -15.58 34.47 -3.22
C HIS D 6 -15.61 33.60 -1.97
N GLU D 7 -14.80 33.98 -0.99
CA GLU D 7 -14.60 33.18 0.21
C GLU D 7 -14.46 34.13 1.41
N PRO D 8 -15.49 34.97 1.64
CA PRO D 8 -15.38 36.13 2.56
C PRO D 8 -14.74 35.76 3.88
N GLU D 9 -15.20 34.65 4.45
CA GLU D 9 -14.71 34.13 5.72
C GLU D 9 -13.18 33.95 5.70
N PHE D 10 -12.66 33.41 4.59
CA PHE D 10 -11.24 33.14 4.45
C PHE D 10 -10.46 34.40 4.17
N GLU D 11 -10.94 35.15 3.18
CA GLU D 11 -10.38 36.46 2.80
C GLU D 11 -10.24 37.39 4.01
N GLN D 12 -11.24 37.41 4.88
CA GLN D 12 -11.24 38.23 6.11
C GLN D 12 -10.14 37.81 7.08
N ALA D 13 -9.99 36.50 7.27
CA ALA D 13 -8.97 35.94 8.15
C ALA D 13 -7.56 36.03 7.55
N TYR D 14 -7.47 35.96 6.23
CA TYR D 14 -6.19 36.16 5.52
C TYR D 14 -5.71 37.59 5.72
N LYS D 15 -6.64 38.55 5.64
CA LYS D 15 -6.35 39.97 5.85
C LYS D 15 -5.81 40.21 7.24
N GLU D 16 -6.58 39.78 8.23
CA GLU D 16 -6.22 40.02 9.61
C GLU D 16 -4.78 39.59 9.93
N LEU D 17 -4.36 38.44 9.39
CA LEU D 17 -2.99 37.94 9.60
C LEU D 17 -1.98 38.84 8.86
N ALA D 18 -2.21 39.11 7.59
CA ALA D 18 -1.37 40.06 6.85
C ALA D 18 -1.17 41.34 7.67
N SER D 19 -2.28 41.93 8.14
CA SER D 19 -2.27 43.20 8.88
C SER D 19 -1.66 43.11 10.29
N THR D 20 -1.75 41.95 10.93
CA THR D 20 -0.96 41.69 12.14
C THR D 20 0.52 41.77 11.76
N LEU D 21 0.87 41.02 10.72
CA LEU D 21 2.27 40.82 10.32
C LEU D 21 2.93 42.12 9.81
N GLU D 22 2.17 42.91 9.04
CA GLU D 22 2.68 44.16 8.50
C GLU D 22 2.95 45.15 9.63
N ASN D 23 2.06 45.20 10.62
CA ASN D 23 2.23 46.14 11.75
C ASN D 23 3.29 45.72 12.76
N SER D 24 4.42 45.20 12.28
CA SER D 24 5.48 44.63 13.13
C SER D 24 6.83 44.71 12.41
N THR D 25 7.89 44.27 13.09
CA THR D 25 9.24 44.26 12.50
C THR D 25 9.52 43.01 11.64
N LEU D 26 8.62 42.01 11.66
CA LEU D 26 8.82 40.78 10.87
C LEU D 26 9.35 41.02 9.45
N PHE D 27 8.74 41.94 8.70
CA PHE D 27 9.10 42.11 7.27
C PHE D 27 10.27 43.03 6.99
N GLN D 28 10.80 43.69 8.01
CA GLN D 28 12.00 44.53 7.82
C GLN D 28 13.28 43.71 8.05
N LYS D 29 13.16 42.67 8.86
CA LYS D 29 14.28 41.78 9.08
C LYS D 29 14.25 40.76 7.98
N ASN D 30 13.09 40.12 7.80
CA ASN D 30 12.95 39.09 6.78
C ASN D 30 11.87 39.45 5.76
N PRO D 31 12.21 40.28 4.75
CA PRO D 31 11.20 40.66 3.74
C PRO D 31 10.79 39.50 2.84
N GLU D 32 11.69 38.52 2.72
CA GLU D 32 11.41 37.26 2.03
C GLU D 32 10.25 36.45 2.66
N TYR D 33 10.03 36.59 3.97
CA TYR D 33 8.87 35.96 4.63
C TYR D 33 7.52 36.39 4.06
N ARG D 34 7.49 37.48 3.30
CA ARG D 34 6.33 37.80 2.47
C ARG D 34 5.98 36.67 1.52
N LYS D 35 7.00 36.04 0.92
CA LYS D 35 6.78 34.90 0.03
C LYS D 35 6.14 33.68 0.74
N ALA D 36 6.50 33.45 2.01
CA ALA D 36 5.88 32.39 2.82
C ALA D 36 4.39 32.63 2.95
N LEU D 37 4.02 33.88 3.25
CA LEU D 37 2.62 34.28 3.38
C LEU D 37 1.83 33.91 2.12
N ALA D 38 2.36 34.26 0.96
CA ALA D 38 1.74 33.92 -0.33
C ALA D 38 1.48 32.42 -0.50
N VAL D 39 2.44 31.60 -0.03
CA VAL D 39 2.43 30.14 -0.26
C VAL D 39 1.59 29.41 0.81
N VAL D 40 1.79 29.77 2.08
CA VAL D 40 1.11 29.09 3.21
C VAL D 40 -0.42 29.15 3.10
N SER D 41 -0.93 30.26 2.61
CA SER D 41 -2.38 30.49 2.52
C SER D 41 -3.06 29.96 1.22
N VAL D 42 -2.31 29.22 0.40
CA VAL D 42 -2.90 28.30 -0.58
C VAL D 42 -2.83 26.90 0.05
N PRO D 43 -3.96 26.17 0.17
CA PRO D 43 -3.90 24.84 0.83
C PRO D 43 -3.11 23.72 0.12
N GLU D 44 -2.31 22.99 0.89
CA GLU D 44 -1.64 21.81 0.40
C GLU D 44 -2.59 20.87 -0.35
N ARG D 45 -3.78 20.66 0.20
CA ARG D 45 -4.72 19.68 -0.37
C ARG D 45 -6.12 19.95 0.12
N VAL D 46 -7.10 19.63 -0.70
CA VAL D 46 -8.49 19.73 -0.32
C VAL D 46 -9.20 18.59 -1.01
N ILE D 47 -9.90 17.76 -0.24
CA ILE D 47 -10.81 16.75 -0.83
C ILE D 47 -12.24 17.23 -0.59
N GLN D 48 -13.00 17.30 -1.66
CA GLN D 48 -14.42 17.46 -1.57
C GLN D 48 -14.98 16.16 -2.12
N PHE D 49 -16.15 15.76 -1.63
CA PHE D 49 -16.74 14.48 -1.98
C PHE D 49 -18.24 14.42 -1.69
N ARG D 50 -18.95 13.66 -2.51
CA ARG D 50 -20.36 13.39 -2.30
C ARG D 50 -20.50 12.34 -1.22
N VAL D 51 -21.55 12.49 -0.41
CA VAL D 51 -21.97 11.49 0.58
C VAL D 51 -23.46 11.17 0.33
N VAL D 52 -23.76 9.96 -0.17
CA VAL D 52 -25.14 9.50 -0.30
C VAL D 52 -25.43 8.68 0.94
N TRP D 53 -26.50 9.01 1.66
CA TRP D 53 -26.89 8.28 2.89
C TRP D 53 -28.42 8.09 3.03
N GLU D 54 -28.83 7.00 3.70
CA GLU D 54 -30.25 6.59 3.83
C GLU D 54 -30.95 7.09 5.11
N ASP D 55 -31.96 7.96 4.98
CA ASP D 55 -32.78 8.36 6.17
C ASP D 55 -33.71 7.24 6.63
N ASP D 56 -34.35 7.39 7.79
CA ASP D 56 -35.17 6.30 8.40
C ASP D 56 -36.40 5.81 7.58
N ALA D 57 -36.77 6.61 6.57
CA ALA D 57 -37.93 6.37 5.70
C ALA D 57 -37.61 5.60 4.40
N GLY D 58 -36.32 5.37 4.14
CA GLY D 58 -35.84 4.63 2.97
C GLY D 58 -35.56 5.50 1.77
N ASN D 59 -35.15 6.76 1.99
CA ASN D 59 -34.93 7.70 0.90
C ASN D 59 -33.48 8.04 0.73
N VAL D 60 -33.13 8.38 -0.51
CA VAL D 60 -31.79 8.84 -0.85
C VAL D 60 -31.52 10.26 -0.33
N GLN D 61 -30.52 10.41 0.51
CA GLN D 61 -30.10 11.75 0.89
C GLN D 61 -28.71 12.06 0.35
N VAL D 62 -28.52 13.33 0.00
CA VAL D 62 -27.27 13.82 -0.57
C VAL D 62 -26.70 14.93 0.32
N ASN D 63 -25.42 14.83 0.65
CA ASN D 63 -24.70 15.90 1.36
C ASN D 63 -23.28 16.12 0.80
N ARG D 64 -22.68 17.23 1.19
CA ARG D 64 -21.34 17.61 0.72
C ARG D 64 -20.32 17.31 1.80
N GLY D 65 -19.25 16.60 1.44
CA GLY D 65 -18.17 16.23 2.35
C GLY D 65 -16.91 17.00 1.99
N PHE D 66 -16.14 17.39 3.02
CA PHE D 66 -15.01 18.29 2.86
C PHE D 66 -13.87 17.91 3.77
N ARG D 67 -12.65 17.90 3.26
CA ARG D 67 -11.50 17.91 4.13
C ARG D 67 -10.40 18.78 3.52
N VAL D 68 -10.17 19.91 4.19
CA VAL D 68 -9.15 20.88 3.86
C VAL D 68 -7.93 20.53 4.68
N GLN D 69 -6.88 20.13 3.97
CA GLN D 69 -5.63 19.74 4.57
C GLN D 69 -4.70 20.82 4.15
N PHE D 70 -4.48 21.78 5.04
CA PHE D 70 -3.90 23.07 4.66
C PHE D 70 -2.38 23.11 4.63
N ASN D 71 -1.76 22.65 5.71
CA ASN D 71 -0.33 22.75 5.90
C ASN D 71 0.17 21.64 6.81
N SER D 72 1.25 20.95 6.44
CA SER D 72 1.75 19.82 7.27
C SER D 72 3.22 19.91 7.64
N ALA D 73 3.76 21.13 7.74
CA ALA D 73 5.20 21.32 7.93
C ALA D 73 5.69 20.91 9.32
N LEU D 74 4.90 21.22 10.34
CA LEU D 74 5.24 20.95 11.75
C LEU D 74 4.73 19.60 12.23
N GLY D 75 3.84 19.02 11.43
CA GLY D 75 3.13 17.81 11.81
C GLY D 75 2.07 17.43 10.80
N PRO D 76 1.39 16.32 11.03
CA PRO D 76 0.31 15.91 10.16
C PRO D 76 -0.93 16.76 10.42
N TYR D 77 -1.85 16.71 9.47
CA TYR D 77 -3.00 17.62 9.49
C TYR D 77 -3.74 17.37 10.80
N LYS D 78 -3.98 18.46 11.53
CA LYS D 78 -4.69 18.40 12.81
C LYS D 78 -5.78 19.49 12.87
N GLY D 79 -7.02 19.06 13.13
CA GLY D 79 -8.16 19.97 13.22
C GLY D 79 -9.45 19.22 13.03
N GLY D 80 -10.55 19.85 13.43
CA GLY D 80 -11.80 19.13 13.72
C GLY D 80 -12.67 18.85 12.53
N LEU D 81 -13.78 18.16 12.79
CA LEU D 81 -14.84 17.99 11.79
C LEU D 81 -16.03 18.74 12.32
N ARG D 82 -16.72 19.47 11.43
CA ARG D 82 -17.96 20.18 11.73
C ARG D 82 -19.09 19.70 10.81
N PHE D 83 -20.23 19.37 11.40
CA PHE D 83 -21.47 19.07 10.69
C PHE D 83 -22.50 20.15 10.99
N HIS D 84 -22.69 21.08 10.06
CA HIS D 84 -23.69 22.13 10.22
C HIS D 84 -24.12 22.54 8.83
N PRO D 85 -25.41 22.90 8.60
CA PRO D 85 -25.82 23.23 7.19
C PRO D 85 -25.09 24.42 6.56
N SER D 86 -24.51 25.29 7.39
CA SER D 86 -23.66 26.40 6.91
C SER D 86 -22.36 25.98 6.21
N VAL D 87 -21.85 24.79 6.52
CA VAL D 87 -20.53 24.34 6.07
C VAL D 87 -20.31 24.46 4.55
N ASN D 88 -19.13 24.95 4.20
CA ASN D 88 -18.65 25.04 2.83
C ASN D 88 -17.15 25.29 2.86
N LEU D 89 -16.53 25.25 1.68
CA LEU D 89 -15.07 25.32 1.54
C LEU D 89 -14.45 26.55 2.20
N SER D 90 -15.06 27.72 1.97
CA SER D 90 -14.58 28.99 2.52
C SER D 90 -14.51 28.96 4.06
N ILE D 91 -15.64 28.58 4.66
CA ILE D 91 -15.75 28.40 6.10
C ILE D 91 -14.66 27.45 6.62
N LEU D 92 -14.60 26.25 6.03
CA LEU D 92 -13.60 25.28 6.44
C LEU D 92 -12.16 25.79 6.21
N LYS D 93 -11.95 26.43 5.05
CA LYS D 93 -10.68 27.15 4.75
C LYS D 93 -10.34 28.26 5.74
N PHE D 94 -11.35 28.95 6.26
CA PHE D 94 -11.16 29.92 7.36
C PHE D 94 -10.62 29.18 8.58
N LEU D 95 -11.47 28.34 9.18
CA LEU D 95 -11.16 27.62 10.43
C LEU D 95 -9.92 26.72 10.35
N GLY D 96 -9.66 26.19 9.17
CA GLY D 96 -8.46 25.38 8.93
C GLY D 96 -7.20 26.21 8.87
N PHE D 97 -7.28 27.37 8.20
CA PHE D 97 -6.16 28.33 8.16
C PHE D 97 -5.75 28.78 9.56
N GLU D 98 -6.72 29.24 10.34
CA GLU D 98 -6.51 29.64 11.76
C GLU D 98 -5.85 28.50 12.53
N GLN D 99 -6.38 27.29 12.34
CA GLN D 99 -5.95 26.12 13.12
C GLN D 99 -4.48 25.71 12.86
N ILE D 100 -3.92 26.07 11.70
CA ILE D 100 -2.47 25.92 11.43
C ILE D 100 -1.62 26.65 12.48
N PHE D 101 -2.02 27.90 12.76
CA PHE D 101 -1.20 28.81 13.55
C PHE D 101 -1.47 28.63 15.02
N LYS D 102 -2.73 28.35 15.37
CA LYS D 102 -3.10 28.09 16.76
C LYS D 102 -2.65 26.66 17.23
N ASN D 103 -2.62 25.67 16.33
CA ASN D 103 -1.93 24.40 16.63
C ASN D 103 -0.43 24.62 16.73
N ALA D 104 0.16 25.39 15.82
CA ALA D 104 1.62 25.63 15.79
C ALA D 104 2.12 26.27 17.06
N LEU D 105 1.30 27.19 17.56
CA LEU D 105 1.57 27.97 18.77
C LEU D 105 1.82 27.12 20.01
N THR D 106 1.27 25.91 20.05
CA THR D 106 1.45 25.03 21.19
C THR D 106 2.86 24.46 21.26
N GLY D 107 3.50 24.27 20.10
CA GLY D 107 4.85 23.66 20.03
C GLY D 107 4.87 22.14 19.83
N LEU D 108 3.71 21.52 20.04
CA LEU D 108 3.43 20.14 19.59
C LEU D 108 3.62 20.03 18.08
N ASN D 109 3.88 18.81 17.62
CA ASN D 109 4.12 18.58 16.19
C ASN D 109 2.79 18.31 15.48
N MET D 110 2.11 19.41 15.14
CA MET D 110 0.76 19.39 14.57
C MET D 110 0.65 20.32 13.37
N GLY D 111 -0.06 19.85 12.34
CA GLY D 111 -0.30 20.65 11.14
C GLY D 111 -1.61 21.42 11.26
N GLY D 112 -2.28 21.64 10.13
CA GLY D 112 -3.49 22.45 10.10
C GLY D 112 -4.48 21.97 9.07
N GLY D 113 -5.70 21.72 9.52
CA GLY D 113 -6.76 21.34 8.62
C GLY D 113 -8.12 21.54 9.23
N LYS D 114 -9.13 21.37 8.38
CA LYS D 114 -10.52 21.30 8.83
C LYS D 114 -11.35 20.62 7.75
N GLY D 115 -12.39 19.90 8.18
CA GLY D 115 -13.31 19.19 7.30
C GLY D 115 -14.70 19.10 7.90
N GLY D 116 -15.59 18.33 7.27
CA GLY D 116 -16.95 18.14 7.79
C GLY D 116 -17.97 18.10 6.66
N SER D 117 -19.21 18.55 6.92
CA SER D 117 -20.27 18.41 5.91
C SER D 117 -21.41 19.40 6.09
N ASP D 118 -22.22 19.58 5.04
CA ASP D 118 -23.47 20.36 5.14
C ASP D 118 -24.64 19.55 5.76
N PHE D 119 -24.37 18.29 6.14
CA PHE D 119 -25.31 17.44 6.90
C PHE D 119 -25.64 18.06 8.28
N ASP D 120 -26.92 18.02 8.62
CA ASP D 120 -27.50 18.80 9.70
C ASP D 120 -28.03 17.83 10.76
N PRO D 121 -27.31 17.67 11.91
CA PRO D 121 -27.75 16.65 12.87
C PRO D 121 -29.04 16.95 13.65
N LYS D 122 -29.49 18.21 13.59
CA LYS D 122 -30.80 18.62 14.13
C LYS D 122 -31.93 17.73 13.58
N GLY D 123 -32.75 17.18 14.49
CA GLY D 123 -33.88 16.34 14.11
C GLY D 123 -33.54 15.01 13.47
N LYS D 124 -32.32 14.52 13.69
CA LYS D 124 -31.88 13.27 13.09
C LYS D 124 -31.85 12.17 14.14
N SER D 125 -32.46 11.02 13.86
CA SER D 125 -32.33 9.88 14.78
C SER D 125 -30.86 9.48 14.89
N ASP D 126 -30.49 8.90 16.01
CA ASP D 126 -29.13 8.41 16.14
C ASP D 126 -28.86 7.41 15.04
N ASN D 127 -29.87 6.67 14.61
CA ASN D 127 -29.75 5.78 13.41
C ASN D 127 -29.34 6.51 12.10
N GLU D 128 -29.98 7.64 11.79
CA GLU D 128 -29.59 8.50 10.65
C GLU D 128 -28.17 9.07 10.75
N ILE D 129 -27.77 9.46 11.97
CA ILE D 129 -26.40 9.94 12.29
C ILE D 129 -25.37 8.85 11.99
N ARG D 130 -25.66 7.63 12.44
CA ARG D 130 -24.74 6.49 12.27
C ARG D 130 -24.47 6.16 10.80
N ARG D 131 -25.52 6.17 9.98
CA ARG D 131 -25.41 5.83 8.55
C ARG D 131 -24.73 6.94 7.75
N PHE D 132 -24.94 8.20 8.16
CA PHE D 132 -24.19 9.31 7.58
C PHE D 132 -22.71 9.19 7.95
N CYS D 133 -22.45 8.92 9.22
CA CYS D 133 -21.08 8.78 9.72
C CYS D 133 -20.32 7.63 9.02
N VAL D 134 -21.02 6.52 8.79
CA VAL D 134 -20.50 5.35 8.04
C VAL D 134 -20.18 5.68 6.58
N SER D 135 -21.04 6.47 5.94
CA SER D 135 -20.79 6.90 4.56
C SER D 135 -19.70 7.98 4.42
N PHE D 136 -19.80 9.04 5.24
CA PHE D 136 -18.82 10.08 5.26
C PHE D 136 -17.46 9.48 5.51
N MET D 137 -17.36 8.47 6.37
CA MET D 137 -16.03 7.85 6.61
C MET D 137 -15.51 7.00 5.43
N THR D 138 -16.39 6.20 4.83
CA THR D 138 -16.08 5.44 3.61
C THR D 138 -15.22 6.14 2.54
N GLU D 139 -15.42 7.43 2.35
CA GLU D 139 -14.54 8.25 1.50
C GLU D 139 -13.40 8.89 2.28
N LEU D 140 -13.68 9.37 3.51
CA LEU D 140 -12.66 10.14 4.23
C LEU D 140 -11.46 9.30 4.60
N CYS D 141 -11.66 8.01 4.78
CA CYS D 141 -10.62 7.08 5.21
CA CYS D 141 -10.58 7.13 5.25
C CYS D 141 -9.45 6.96 4.24
N LYS D 142 -9.70 7.20 2.95
CA LYS D 142 -8.61 7.14 1.95
C LYS D 142 -7.46 8.19 2.12
N HIS D 143 -7.80 9.37 2.66
CA HIS D 143 -6.95 10.56 2.68
C HIS D 143 -6.41 10.91 4.05
N ILE D 144 -6.77 10.11 5.06
CA ILE D 144 -6.43 10.38 6.45
C ILE D 144 -5.76 9.15 7.03
N GLY D 145 -5.35 9.24 8.30
CA GLY D 145 -4.60 8.18 8.98
C GLY D 145 -3.71 8.88 9.97
N ALA D 146 -3.32 8.16 11.02
CA ALA D 146 -2.56 8.73 12.15
C ALA D 146 -1.27 9.45 11.76
N ASP D 147 -0.55 9.00 10.73
CA ASP D 147 0.71 9.66 10.31
C ASP D 147 0.50 10.72 9.26
N THR D 148 -0.77 11.06 9.01
CA THR D 148 -1.19 11.77 7.80
C THR D 148 -2.13 12.94 8.16
N ASP D 149 -3.33 12.59 8.66
CA ASP D 149 -4.40 13.55 9.02
C ASP D 149 -5.29 13.00 10.13
N VAL D 150 -5.31 13.70 11.28
CA VAL D 150 -6.01 13.27 12.51
C VAL D 150 -7.14 14.27 12.87
N PRO D 151 -8.39 13.99 12.46
CA PRO D 151 -9.53 14.85 12.84
C PRO D 151 -10.01 14.76 14.28
N ALA D 152 -11.07 15.50 14.59
CA ALA D 152 -11.70 15.50 15.91
C ALA D 152 -13.13 16.08 15.86
N GLY D 153 -13.66 16.42 17.05
CA GLY D 153 -14.90 17.16 17.18
C GLY D 153 -14.86 18.63 16.80
N ASP D 154 -16.06 19.19 16.68
CA ASP D 154 -16.35 20.60 16.44
C ASP D 154 -17.90 20.71 16.51
N ILE D 155 -18.54 21.65 15.81
CA ILE D 155 -19.99 21.80 15.89
C ILE D 155 -20.65 20.66 15.12
N GLY D 156 -21.60 20.00 15.77
CA GLY D 156 -22.29 18.84 15.21
C GLY D 156 -21.55 17.51 15.30
N VAL D 157 -20.33 17.50 15.86
CA VAL D 157 -19.52 16.27 15.96
C VAL D 157 -18.88 16.14 17.35
N THR D 158 -19.32 15.14 18.12
CA THR D 158 -18.74 14.86 19.45
C THR D 158 -18.56 13.33 19.60
N GLY D 159 -18.58 12.82 20.83
CA GLY D 159 -18.41 11.39 21.12
C GLY D 159 -19.10 10.44 20.17
N ARG D 160 -20.39 10.69 19.96
CA ARG D 160 -21.25 9.83 19.11
C ARG D 160 -20.68 9.62 17.70
N GLU D 161 -20.36 10.72 17.06
CA GLU D 161 -19.90 10.74 15.68
C GLU D 161 -18.41 10.35 15.61
N VAL D 162 -17.61 10.81 16.56
CA VAL D 162 -16.20 10.40 16.63
C VAL D 162 -16.10 8.89 16.75
N GLY D 163 -17.03 8.28 17.51
CA GLY D 163 -17.17 6.80 17.59
C GLY D 163 -17.54 6.13 16.27
N PHE D 164 -18.66 6.53 15.68
CA PHE D 164 -19.14 5.97 14.42
C PHE D 164 -18.11 6.11 13.30
N LEU D 165 -17.48 7.28 13.21
CA LEU D 165 -16.36 7.52 12.29
C LEU D 165 -15.17 6.59 12.56
N PHE D 166 -14.76 6.45 13.83
CA PHE D 166 -13.64 5.56 14.19
C PHE D 166 -13.88 4.10 13.80
N GLY D 167 -15.10 3.64 14.07
CA GLY D 167 -15.49 2.25 13.84
C GLY D 167 -15.49 1.88 12.36
N GLN D 168 -16.06 2.76 11.55
CA GLN D 168 -16.07 2.57 10.11
C GLN D 168 -14.69 2.67 9.51
N TYR D 169 -13.83 3.52 10.08
CA TYR D 169 -12.42 3.64 9.64
C TYR D 169 -11.74 2.30 9.91
N ARG D 170 -11.88 1.82 11.14
CA ARG D 170 -11.37 0.51 11.52
C ARG D 170 -11.86 -0.56 10.53
N LYS D 171 -13.16 -0.62 10.33
CA LYS D 171 -13.75 -1.59 9.39
C LYS D 171 -13.08 -1.65 8.02
N ILE D 172 -12.91 -0.52 7.34
CA ILE D 172 -12.28 -0.49 6.00
C ILE D 172 -10.78 -0.66 6.09
N ARG D 173 -10.14 0.12 6.94
CA ARG D 173 -8.68 0.20 6.98
C ARG D 173 -8.01 -0.98 7.70
N ASN D 174 -8.78 -1.75 8.45
CA ASN D 174 -8.29 -2.88 9.26
C ASN D 174 -7.06 -2.55 10.11
N GLN D 175 -7.18 -1.43 10.82
CA GLN D 175 -6.11 -0.93 11.68
C GLN D 175 -6.69 -0.18 12.85
N TRP D 176 -6.18 -0.49 14.04
CA TRP D 176 -6.44 0.28 15.24
C TRP D 176 -5.32 1.31 15.54
N GLU D 177 -5.67 2.60 15.61
CA GLU D 177 -4.68 3.68 15.64
C GLU D 177 -5.22 5.04 16.11
N GLY D 178 -4.34 5.95 16.46
CA GLY D 178 -4.74 7.33 16.70
C GLY D 178 -5.08 8.12 15.44
N VAL D 179 -6.21 7.83 14.82
CA VAL D 179 -6.66 8.53 13.57
C VAL D 179 -7.63 9.68 13.84
N LEU D 180 -8.49 9.49 14.83
CA LEU D 180 -9.32 10.55 15.40
C LEU D 180 -8.93 10.79 16.86
N THR D 181 -9.30 11.97 17.37
CA THR D 181 -9.13 12.32 18.79
C THR D 181 -10.54 12.57 19.38
N GLY D 182 -10.61 12.92 20.68
CA GLY D 182 -11.89 12.99 21.41
C GLY D 182 -12.56 11.62 21.54
N LYS D 183 -11.73 10.59 21.47
CA LYS D 183 -12.15 9.20 21.46
C LYS D 183 -12.55 8.84 22.86
N GLY D 184 -13.23 7.70 22.98
CA GLY D 184 -13.75 7.23 24.25
C GLY D 184 -12.59 6.84 25.16
N GLY D 185 -12.87 6.74 26.45
CA GLY D 185 -11.86 6.37 27.44
C GLY D 185 -11.34 4.96 27.33
N SER D 186 -12.17 4.04 26.88
CA SER D 186 -11.80 2.63 26.75
C SER D 186 -11.21 2.26 25.37
N TRP D 187 -11.43 3.09 24.36
CA TRP D 187 -10.90 2.84 23.02
C TRP D 187 -9.91 3.95 22.54
N GLY D 188 -9.17 4.52 23.50
CA GLY D 188 -8.01 5.36 23.20
C GLY D 188 -8.11 6.85 23.49
N GLY D 189 -9.12 7.27 24.26
CA GLY D 189 -9.18 8.64 24.77
C GLY D 189 -8.16 8.85 25.90
N SER D 190 -7.83 10.10 26.18
CA SER D 190 -6.87 10.43 27.23
C SER D 190 -7.60 10.87 28.46
N LEU D 191 -7.11 10.44 29.62
CA LEU D 191 -7.53 11.05 30.89
C LEU D 191 -7.20 12.52 30.85
N ILE D 192 -7.95 13.31 31.62
CA ILE D 192 -7.86 14.79 31.66
C ILE D 192 -8.52 15.40 30.42
N ARG D 193 -9.29 14.61 29.65
CA ARG D 193 -9.94 15.15 28.45
C ARG D 193 -10.91 16.30 28.84
N PRO D 194 -11.80 16.08 29.82
CA PRO D 194 -12.75 17.16 30.20
C PRO D 194 -12.12 18.36 30.92
N GLU D 195 -11.13 18.06 31.76
CA GLU D 195 -10.42 19.06 32.55
C GLU D 195 -9.35 19.86 31.76
N ALA D 196 -9.31 19.71 30.43
CA ALA D 196 -8.15 20.08 29.64
C ALA D 196 -8.10 21.55 29.28
N THR D 197 -9.28 22.15 29.06
CA THR D 197 -9.39 23.56 28.71
C THR D 197 -9.32 24.42 29.94
N GLY D 198 -10.08 24.06 30.97
CA GLY D 198 -10.00 24.72 32.30
C GLY D 198 -8.59 24.78 32.90
N TYR D 199 -7.95 23.61 32.98
CA TYR D 199 -6.58 23.45 33.55
C TYR D 199 -5.49 24.19 32.76
N GLY D 200 -5.53 24.01 31.45
CA GLY D 200 -4.65 24.71 30.52
C GLY D 200 -4.65 26.22 30.68
N VAL D 201 -5.81 26.83 30.88
CA VAL D 201 -5.92 28.30 31.10
C VAL D 201 -5.24 28.66 32.41
N VAL D 202 -5.55 27.91 33.46
CA VAL D 202 -4.91 28.10 34.77
C VAL D 202 -3.39 27.92 34.70
N TYR D 203 -2.94 26.93 33.92
CA TYR D 203 -1.50 26.70 33.75
C TYR D 203 -0.80 27.82 32.98
N TYR D 204 -1.44 28.29 31.91
CA TYR D 204 -0.98 29.47 31.14
C TYR D 204 -0.79 30.68 32.05
N VAL D 205 -1.78 30.93 32.91
CA VAL D 205 -1.73 32.04 33.87
C VAL D 205 -0.58 31.86 34.86
N GLU D 206 -0.41 30.64 35.37
CA GLU D 206 0.70 30.38 36.29
C GLU D 206 2.07 30.83 35.72
N HIS D 207 2.28 30.63 34.42
CA HIS D 207 3.53 31.00 33.74
C HIS D 207 3.60 32.47 33.45
N MET D 208 2.43 33.11 33.29
CA MET D 208 2.37 34.57 33.30
C MET D 208 2.86 35.09 34.68
N ILE D 209 2.34 34.54 35.77
CA ILE D 209 2.67 35.05 37.09
C ILE D 209 4.17 34.95 37.36
N ALA D 210 4.81 33.85 36.92
CA ALA D 210 6.22 33.60 37.23
C ALA D 210 7.11 34.55 36.48
N HIS D 211 6.84 34.72 35.19
CA HIS D 211 7.58 35.69 34.39
C HIS D 211 7.42 37.10 34.96
N ALA D 212 6.17 37.50 35.16
CA ALA D 212 5.82 38.87 35.62
C ALA D 212 6.34 39.28 37.02
N THR D 213 6.64 38.32 37.88
CA THR D 213 7.20 38.58 39.22
C THR D 213 8.58 37.92 39.46
N ASN D 214 9.17 37.33 38.40
CA ASN D 214 10.44 36.56 38.45
C ASN D 214 10.42 35.23 39.21
N GLY D 215 9.23 34.66 39.35
CA GLY D 215 9.05 33.44 40.13
C GLY D 215 8.96 33.73 41.62
N GLN D 216 8.56 34.95 41.99
CA GLN D 216 8.27 35.33 43.38
CA GLN D 216 8.28 35.32 43.38
C GLN D 216 6.81 35.06 43.73
N GLU D 217 5.94 34.95 42.70
CA GLU D 217 4.51 34.67 42.90
C GLU D 217 4.01 33.43 42.14
N SER D 218 2.79 33.04 42.50
CA SER D 218 2.07 31.96 41.84
C SER D 218 0.56 32.22 42.04
N PHE D 219 -0.27 31.17 42.03
CA PHE D 219 -1.69 31.27 42.39
C PHE D 219 -1.92 31.18 43.89
N LYS D 220 -0.86 30.87 44.63
CA LYS D 220 -0.96 30.66 46.06
C LYS D 220 -1.13 32.03 46.70
N GLY D 221 -2.29 32.22 47.34
CA GLY D 221 -2.64 33.46 48.04
C GLY D 221 -3.50 34.45 47.27
N LYS D 222 -3.77 34.15 45.99
CA LYS D 222 -4.50 35.06 45.13
C LYS D 222 -5.98 34.75 45.06
N ARG D 223 -6.76 35.80 44.83
CA ARG D 223 -8.20 35.72 44.65
C ARG D 223 -8.47 35.72 43.14
N VAL D 224 -9.27 34.77 42.67
CA VAL D 224 -9.60 34.61 41.24
C VAL D 224 -11.09 34.81 40.95
N ALA D 225 -11.41 35.79 40.12
CA ALA D 225 -12.77 35.94 39.57
C ALA D 225 -12.98 35.00 38.39
N ILE D 226 -14.04 34.20 38.46
CA ILE D 226 -14.41 33.31 37.36
C ILE D 226 -15.89 33.41 37.03
N SER D 227 -16.19 33.84 35.80
CA SER D 227 -17.55 33.74 35.25
C SER D 227 -17.63 32.43 34.50
N GLY D 228 -18.85 32.04 34.17
CA GLY D 228 -19.14 30.71 33.60
C GLY D 228 -19.31 29.71 34.71
N SER D 229 -20.07 28.65 34.43
CA SER D 229 -20.19 27.53 35.36
C SER D 229 -20.47 26.18 34.68
N GLY D 230 -19.96 26.02 33.44
CA GLY D 230 -19.87 24.71 32.78
C GLY D 230 -18.49 24.11 32.99
N ASN D 231 -18.13 23.17 32.13
CA ASN D 231 -16.94 22.33 32.38
C ASN D 231 -15.62 23.12 32.40
N VAL D 232 -15.50 24.16 31.57
CA VAL D 232 -14.28 24.99 31.60
C VAL D 232 -14.14 25.77 32.92
N ALA D 233 -15.21 26.47 33.31
CA ALA D 233 -15.21 27.26 34.53
C ALA D 233 -14.99 26.38 35.77
N GLN D 234 -15.79 25.32 35.85
CA GLN D 234 -15.64 24.28 36.88
C GLN D 234 -14.18 23.93 37.12
N TYR D 235 -13.56 23.38 36.08
CA TYR D 235 -12.23 22.79 36.17
C TYR D 235 -11.09 23.79 36.32
N ALA D 236 -11.28 25.02 35.87
CA ALA D 236 -10.33 26.11 36.12
C ALA D 236 -10.38 26.54 37.59
N ALA D 237 -11.60 26.60 38.13
CA ALA D 237 -11.83 26.90 39.54
C ALA D 237 -11.21 25.82 40.44
N LEU D 238 -11.31 24.55 40.03
CA LEU D 238 -10.72 23.42 40.79
C LEU D 238 -9.19 23.50 40.84
N LYS D 239 -8.58 23.75 39.68
CA LYS D 239 -7.12 23.84 39.58
C LYS D 239 -6.52 25.04 40.35
N VAL D 240 -7.23 26.17 40.28
CA VAL D 240 -6.97 27.32 41.12
C VAL D 240 -6.93 26.97 42.62
N ILE D 241 -7.95 26.24 43.08
CA ILE D 241 -8.06 25.81 44.48
C ILE D 241 -6.97 24.82 44.86
N GLU D 242 -6.59 23.97 43.91
CA GLU D 242 -5.52 23.00 44.12
C GLU D 242 -4.18 23.72 44.28
N LEU D 243 -3.97 24.84 43.56
CA LEU D 243 -2.74 25.63 43.67
C LEU D 243 -2.69 26.58 44.88
N GLY D 244 -3.67 26.51 45.78
CA GLY D 244 -3.78 27.42 46.92
C GLY D 244 -4.56 28.70 46.63
N GLY D 245 -5.13 28.81 45.43
CA GLY D 245 -5.88 29.99 45.02
C GLY D 245 -7.31 30.00 45.57
N SER D 246 -7.86 31.21 45.67
CA SER D 246 -9.25 31.44 46.05
C SER D 246 -10.12 31.66 44.80
N VAL D 247 -11.13 30.82 44.64
CA VAL D 247 -12.14 31.00 43.59
C VAL D 247 -13.23 31.83 44.23
N VAL D 248 -13.31 33.11 43.88
CA VAL D 248 -14.23 34.03 44.56
C VAL D 248 -15.53 34.27 43.81
N SER D 249 -15.68 33.68 42.62
CA SER D 249 -16.93 33.88 41.85
C SER D 249 -17.24 32.75 40.88
N LEU D 250 -18.55 32.52 40.68
CA LEU D 250 -19.08 31.76 39.54
C LEU D 250 -20.35 32.42 39.04
N SER D 251 -20.68 32.13 37.79
CA SER D 251 -21.74 32.83 37.06
C SER D 251 -22.42 31.90 36.07
N ASP D 252 -23.59 32.31 35.61
CA ASP D 252 -24.26 31.74 34.44
C ASP D 252 -25.02 32.88 33.74
N SER D 253 -25.78 32.55 32.70
CA SER D 253 -26.47 33.56 31.88
C SER D 253 -27.42 34.43 32.69
N GLN D 254 -28.17 33.81 33.61
CA GLN D 254 -29.14 34.54 34.43
C GLN D 254 -28.51 35.40 35.53
N GLY D 255 -27.42 34.94 36.17
CA GLY D 255 -26.76 35.73 37.25
C GLY D 255 -25.41 35.25 37.82
N SER D 256 -25.03 35.81 38.98
CA SER D 256 -23.70 35.59 39.62
C SER D 256 -23.74 35.13 41.09
N LEU D 257 -22.84 34.21 41.44
CA LEU D 257 -22.68 33.73 42.79
C LEU D 257 -21.26 34.06 43.23
N ILE D 258 -21.15 34.98 44.17
CA ILE D 258 -19.86 35.50 44.61
C ILE D 258 -19.60 35.12 46.06
N ILE D 259 -18.32 35.06 46.39
CA ILE D 259 -17.89 34.83 47.76
C ILE D 259 -18.02 36.15 48.49
N ASN D 260 -18.50 36.06 49.73
CA ASN D 260 -18.72 37.22 50.58
C ASN D 260 -17.43 37.48 51.36
N GLY D 261 -16.91 38.69 51.23
CA GLY D 261 -15.77 39.16 52.01
C GLY D 261 -14.43 38.59 51.53
N GLU D 262 -14.10 37.43 52.07
CA GLU D 262 -12.95 36.63 51.64
C GLU D 262 -13.30 35.14 51.82
N GLY D 263 -12.39 34.26 51.37
CA GLY D 263 -12.63 32.82 51.30
C GLY D 263 -12.73 32.39 49.86
N SER D 264 -13.20 31.16 49.66
CA SER D 264 -13.28 30.53 48.35
C SER D 264 -14.38 29.48 48.27
N PHE D 265 -14.83 29.21 47.05
CA PHE D 265 -15.52 27.96 46.75
C PHE D 265 -14.59 26.77 47.11
N THR D 266 -15.17 25.70 47.63
CA THR D 266 -14.48 24.44 47.88
C THR D 266 -14.69 23.51 46.67
N PRO D 267 -13.96 22.38 46.61
CA PRO D 267 -14.21 21.38 45.52
C PRO D 267 -15.60 20.72 45.53
N GLU D 268 -16.16 20.44 46.72
CA GLU D 268 -17.51 19.87 46.82
C GLU D 268 -18.63 20.87 46.51
N GLU D 269 -18.30 22.17 46.50
CA GLU D 269 -19.24 23.23 46.06
C GLU D 269 -19.30 23.34 44.54
N ILE D 270 -18.14 23.30 43.88
CA ILE D 270 -18.10 23.22 42.42
C ILE D 270 -18.94 22.03 41.93
N GLU D 271 -18.77 20.88 42.57
CA GLU D 271 -19.40 19.61 42.19
C GLU D 271 -20.92 19.66 42.29
N LEU D 272 -21.44 20.15 43.42
CA LEU D 272 -22.87 20.43 43.58
C LEU D 272 -23.45 21.32 42.46
N ILE D 273 -22.72 22.40 42.12
CA ILE D 273 -23.03 23.30 40.99
C ILE D 273 -23.03 22.54 39.66
N ALA D 274 -21.97 21.77 39.45
CA ALA D 274 -21.83 20.88 38.29
C ALA D 274 -22.99 19.91 38.12
N GLN D 275 -23.50 19.38 39.23
CA GLN D 275 -24.67 18.48 39.19
C GLN D 275 -25.92 19.22 38.74
N THR D 276 -26.19 20.34 39.37
CA THR D 276 -27.37 21.15 39.05
C THR D 276 -27.26 21.76 37.64
N LYS D 277 -26.03 21.88 37.14
CA LYS D 277 -25.80 22.30 35.75
CA LYS D 277 -25.81 22.30 35.75
C LYS D 277 -26.17 21.17 34.79
N VAL D 278 -25.84 19.92 35.16
CA VAL D 278 -26.24 18.72 34.40
C VAL D 278 -27.76 18.58 34.42
N GLU D 279 -28.37 18.90 35.57
CA GLU D 279 -29.84 18.96 35.71
C GLU D 279 -30.51 20.14 34.96
N ARG D 280 -29.71 21.01 34.33
CA ARG D 280 -30.17 22.16 33.52
C ARG D 280 -30.88 23.28 34.32
N LYS D 281 -30.72 23.28 35.65
CA LYS D 281 -31.25 24.36 36.46
C LYS D 281 -30.13 25.36 36.74
N GLN D 282 -30.56 26.59 37.05
CA GLN D 282 -29.68 27.74 37.18
C GLN D 282 -29.23 27.96 38.63
N LEU D 283 -28.21 28.81 38.80
CA LEU D 283 -27.65 29.11 40.12
C LEU D 283 -28.66 29.70 41.11
N ALA D 284 -29.53 30.60 40.63
CA ALA D 284 -30.57 31.21 41.46
C ALA D 284 -31.44 30.21 42.19
N SER D 285 -31.65 29.02 41.61
CA SER D 285 -32.56 28.01 42.18
C SER D 285 -31.94 27.12 43.28
N ILE D 286 -30.62 27.09 43.40
CA ILE D 286 -29.94 26.34 44.49
C ILE D 286 -29.61 27.19 45.77
N VAL D 287 -29.76 28.51 45.68
CA VAL D 287 -29.43 29.40 46.80
C VAL D 287 -30.54 29.40 47.90
N GLY D 288 -31.73 28.86 47.60
CA GLY D 288 -32.76 28.63 48.62
C GLY D 288 -32.29 27.67 49.72
N ALA D 289 -31.43 26.72 49.33
CA ALA D 289 -30.96 25.65 50.22
C ALA D 289 -29.50 25.82 50.64
N ALA D 290 -29.06 24.92 51.52
CA ALA D 290 -27.66 24.76 51.91
C ALA D 290 -26.84 24.10 50.78
N PRO D 291 -25.52 24.32 50.72
CA PRO D 291 -24.76 25.23 51.55
C PRO D 291 -24.76 26.67 51.04
N PHE D 292 -25.49 26.96 49.98
CA PHE D 292 -25.48 28.27 49.32
C PHE D 292 -26.42 29.29 49.97
N SER D 293 -27.30 28.83 50.85
CA SER D 293 -28.10 29.74 51.69
C SER D 293 -27.31 30.45 52.80
N ASP D 294 -26.05 30.05 53.02
CA ASP D 294 -25.18 30.74 53.98
C ASP D 294 -24.85 32.16 53.49
N ALA D 295 -25.55 33.15 54.06
CA ALA D 295 -25.36 34.57 53.70
C ALA D 295 -23.99 35.12 54.12
N ASN D 296 -23.35 34.46 55.10
CA ASN D 296 -21.96 34.75 55.51
C ASN D 296 -20.93 34.44 54.42
N LYS D 297 -21.22 33.42 53.62
CA LYS D 297 -20.30 32.94 52.57
C LYS D 297 -20.70 33.36 51.16
N PHE D 298 -21.97 33.18 50.80
CA PHE D 298 -22.43 33.46 49.44
C PHE D 298 -23.38 34.64 49.34
N LYS D 299 -23.37 35.24 48.17
CA LYS D 299 -24.25 36.34 47.85
C LYS D 299 -24.65 36.10 46.40
N TYR D 300 -25.91 35.73 46.18
CA TYR D 300 -26.42 35.72 44.82
C TYR D 300 -26.72 37.16 44.36
N ILE D 301 -26.38 37.43 43.09
CA ILE D 301 -26.67 38.70 42.42
C ILE D 301 -27.32 38.39 41.05
N ALA D 302 -28.61 38.70 40.91
CA ALA D 302 -29.36 38.40 39.67
C ALA D 302 -29.00 39.36 38.55
N GLY D 303 -28.88 38.83 37.33
CA GLY D 303 -28.64 39.63 36.12
C GLY D 303 -27.31 40.37 36.00
N ALA D 304 -26.41 40.21 36.98
CA ALA D 304 -25.12 40.85 36.96
C ALA D 304 -24.10 39.89 36.38
N ARG D 305 -23.01 40.46 35.87
CA ARG D 305 -21.79 39.69 35.68
C ARG D 305 -21.01 39.83 37.00
N PRO D 306 -20.09 38.88 37.30
CA PRO D 306 -19.35 38.95 38.60
C PRO D 306 -18.41 40.13 38.84
N TRP D 307 -17.93 40.78 37.78
CA TRP D 307 -16.69 41.59 37.82
C TRP D 307 -16.69 42.79 38.80
N VAL D 308 -17.76 43.60 38.81
CA VAL D 308 -17.84 44.78 39.70
C VAL D 308 -18.16 44.42 41.15
N HIS D 309 -18.68 43.23 41.36
CA HIS D 309 -19.15 42.78 42.67
C HIS D 309 -18.17 41.91 43.44
N VAL D 310 -17.07 41.49 42.82
CA VAL D 310 -16.04 40.69 43.54
C VAL D 310 -15.07 41.51 44.41
N GLY D 311 -15.09 42.83 44.29
CA GLY D 311 -14.16 43.71 45.02
C GLY D 311 -12.75 43.59 44.44
N LYS D 312 -11.73 43.70 45.30
CA LYS D 312 -10.33 43.57 44.87
C LYS D 312 -10.01 42.13 44.52
N VAL D 313 -9.42 41.94 43.35
CA VAL D 313 -9.22 40.62 42.78
C VAL D 313 -7.86 40.61 42.08
N ASP D 314 -7.22 39.44 42.04
CA ASP D 314 -5.86 39.32 41.46
C ASP D 314 -5.83 38.80 40.03
N VAL D 315 -6.61 37.77 39.76
CA VAL D 315 -6.72 37.14 38.44
C VAL D 315 -8.18 37.27 38.00
N ALA D 316 -8.43 37.23 36.69
CA ALA D 316 -9.80 37.12 36.15
C ALA D 316 -9.81 36.09 35.03
N LEU D 317 -10.81 35.22 35.04
CA LEU D 317 -10.90 34.10 34.11
C LEU D 317 -12.28 34.08 33.40
N PRO D 318 -12.44 34.89 32.33
CA PRO D 318 -13.61 34.83 31.47
C PRO D 318 -13.83 33.45 30.89
N SER D 319 -14.86 32.76 31.36
CA SER D 319 -15.14 31.38 30.92
C SER D 319 -16.63 31.08 30.78
N ALA D 320 -17.45 32.09 30.49
CA ALA D 320 -18.86 31.89 30.16
C ALA D 320 -19.09 32.03 28.64
N THR D 321 -19.26 33.26 28.16
CA THR D 321 -19.69 33.53 26.78
C THR D 321 -18.75 34.51 26.12
N GLN D 322 -18.98 34.69 24.82
CA GLN D 322 -18.38 35.80 24.10
C GLN D 322 -18.99 37.09 24.61
N ASN D 323 -18.15 38.12 24.70
CA ASN D 323 -18.59 39.48 25.01
C ASN D 323 -19.20 39.61 26.42
N GLU D 324 -18.49 39.07 27.41
CA GLU D 324 -18.88 39.19 28.84
C GLU D 324 -18.02 40.18 29.67
N ILE D 325 -16.99 40.80 29.05
CA ILE D 325 -16.23 41.92 29.64
C ILE D 325 -16.32 43.12 28.69
N SER D 326 -16.95 44.20 29.14
CA SER D 326 -17.08 45.44 28.35
C SER D 326 -15.88 46.35 28.64
N GLY D 327 -15.87 47.56 28.06
CA GLY D 327 -14.85 48.57 28.36
C GLY D 327 -14.87 49.03 29.81
N GLU D 328 -16.07 49.25 30.33
CA GLU D 328 -16.27 49.61 31.73
C GLU D 328 -15.73 48.54 32.71
N GLU D 329 -15.94 47.26 32.41
CA GLU D 329 -15.51 46.18 33.31
C GLU D 329 -14.00 45.96 33.33
N ALA D 330 -13.33 46.23 32.21
CA ALA D 330 -11.85 46.18 32.15
C ALA D 330 -11.25 47.17 33.15
N GLN D 331 -11.74 48.40 33.11
CA GLN D 331 -11.27 49.49 33.97
C GLN D 331 -11.52 49.26 35.45
N VAL D 332 -12.63 48.58 35.76
CA VAL D 332 -13.00 48.23 37.14
C VAL D 332 -12.09 47.12 37.66
N LEU D 333 -11.75 46.16 36.79
CA LEU D 333 -10.74 45.15 37.15
C LEU D 333 -9.35 45.81 37.36
N ILE D 334 -9.01 46.77 36.50
CA ILE D 334 -7.79 47.61 36.68
C ILE D 334 -7.83 48.48 37.97
N ASN D 335 -9.00 49.02 38.30
CA ASN D 335 -9.21 49.68 39.61
C ASN D 335 -9.08 48.69 40.77
N ALA D 336 -9.56 47.46 40.55
CA ALA D 336 -9.51 46.41 41.56
C ALA D 336 -8.21 45.59 41.54
N GLY D 337 -7.15 46.13 40.92
CA GLY D 337 -5.79 45.56 41.05
C GLY D 337 -5.52 44.24 40.33
N CYS D 338 -6.44 43.81 39.47
CA CYS D 338 -6.32 42.53 38.75
C CYS D 338 -5.18 42.58 37.74
N LYS D 339 -4.15 41.74 37.93
CA LYS D 339 -2.92 41.79 37.13
C LYS D 339 -2.91 40.82 35.96
N PHE D 340 -3.82 39.84 35.98
CA PHE D 340 -3.87 38.77 34.98
C PHE D 340 -5.30 38.47 34.59
N ILE D 341 -5.54 38.51 33.29
CA ILE D 341 -6.84 38.24 32.70
C ILE D 341 -6.56 37.30 31.51
N ALA D 342 -7.39 36.27 31.39
CA ALA D 342 -7.15 35.23 30.40
C ALA D 342 -8.45 34.53 30.01
N GLU D 343 -8.66 34.39 28.70
CA GLU D 343 -9.89 33.89 28.15
C GLU D 343 -9.94 32.36 28.16
N GLY D 344 -10.70 31.80 29.10
CA GLY D 344 -11.11 30.40 29.08
C GLY D 344 -12.22 30.17 28.07
N SER D 345 -13.18 31.11 28.03
CA SER D 345 -14.20 31.14 26.99
C SER D 345 -13.57 31.67 25.71
N ASN D 346 -14.26 31.49 24.60
CA ASN D 346 -13.74 31.95 23.32
C ASN D 346 -14.16 33.40 23.04
N MET D 347 -13.21 34.22 22.60
CA MET D 347 -13.42 35.66 22.36
C MET D 347 -14.08 36.37 23.55
N GLY D 348 -13.77 35.90 24.77
CA GLY D 348 -14.44 36.34 26.00
C GLY D 348 -14.49 37.83 26.24
N CYS D 349 -13.40 38.51 25.87
CA CYS D 349 -13.26 39.97 26.02
C CYS D 349 -13.61 40.71 24.70
N THR D 350 -14.32 41.82 24.85
CA THR D 350 -14.69 42.66 23.73
C THR D 350 -13.48 43.47 23.35
N GLN D 351 -13.39 43.87 22.08
CA GLN D 351 -12.24 44.62 21.56
C GLN D 351 -11.78 45.81 22.44
N GLU D 352 -12.72 46.52 23.06
CA GLU D 352 -12.40 47.64 23.97
C GLU D 352 -11.70 47.19 25.26
N ALA D 353 -12.10 46.05 25.81
CA ALA D 353 -11.43 45.48 26.99
C ALA D 353 -9.99 45.11 26.67
N ILE D 354 -9.79 44.52 25.49
CA ILE D 354 -8.46 44.14 24.98
C ILE D 354 -7.60 45.38 24.77
N ASP D 355 -8.18 46.40 24.15
CA ASP D 355 -7.51 47.67 23.94
C ASP D 355 -7.18 48.35 25.26
N THR D 356 -8.17 48.38 26.16
CA THR D 356 -7.97 48.89 27.53
C THR D 356 -6.74 48.23 28.15
N PHE D 357 -6.74 46.90 28.17
CA PHE D 357 -5.63 46.12 28.76
C PHE D 357 -4.30 46.32 28.06
N GLU D 358 -4.32 46.47 26.75
CA GLU D 358 -3.09 46.73 26.00
C GLU D 358 -2.56 48.14 26.25
N ALA D 359 -3.45 49.15 26.27
CA ALA D 359 -3.07 50.51 26.63
C ALA D 359 -2.69 50.71 28.11
N HIS D 360 -3.05 49.75 28.96
CA HIS D 360 -2.60 49.74 30.36
C HIS D 360 -1.23 49.08 30.53
N ARG D 361 -0.92 48.09 29.69
CA ARG D 361 0.39 47.41 29.71
C ARG D 361 1.51 48.34 29.24
N THR D 362 1.24 49.00 28.14
CA THR D 362 2.14 49.98 27.55
C THR D 362 2.41 51.14 28.52
N ALA D 363 1.43 51.48 29.35
CA ALA D 363 1.54 52.54 30.37
C ALA D 363 2.16 52.13 31.72
N ASN D 364 2.47 50.86 31.92
CA ASN D 364 2.90 50.35 33.22
C ASN D 364 3.98 49.28 33.09
N ALA D 365 5.18 49.62 33.54
CA ALA D 365 6.31 48.70 33.50
C ALA D 365 6.20 47.67 34.62
N GLY D 366 6.52 46.41 34.29
CA GLY D 366 6.62 45.32 35.27
C GLY D 366 5.28 44.77 35.73
N ALA D 367 5.23 44.34 37.00
CA ALA D 367 4.00 43.78 37.60
C ALA D 367 2.91 44.80 37.94
N ALA D 368 3.19 46.08 37.71
CA ALA D 368 2.17 47.15 37.78
C ALA D 368 1.03 46.93 36.76
N ALA D 369 1.41 46.40 35.58
CA ALA D 369 0.50 46.21 34.45
C ALA D 369 -0.41 45.02 34.62
N ILE D 370 -1.65 45.19 34.17
CA ILE D 370 -2.59 44.10 33.86
C ILE D 370 -2.14 43.46 32.55
N TRP D 371 -2.04 42.13 32.57
CA TRP D 371 -1.59 41.33 31.43
C TRP D 371 -2.73 40.48 30.87
N TYR D 372 -3.12 40.79 29.63
CA TYR D 372 -4.13 40.02 28.92
C TYR D 372 -3.52 38.91 28.04
N ALA D 373 -4.08 37.70 28.16
CA ALA D 373 -3.68 36.55 27.34
C ALA D 373 -4.88 36.08 26.54
N PRO D 374 -4.76 36.04 25.20
CA PRO D 374 -5.91 35.75 24.34
C PRO D 374 -6.29 34.29 24.27
N GLY D 375 -7.48 34.05 23.74
CA GLY D 375 -8.10 32.73 23.64
C GLY D 375 -7.17 31.70 23.00
N LYS D 376 -6.70 32.00 21.79
CA LYS D 376 -5.83 31.07 21.03
C LYS D 376 -4.61 30.58 21.82
N ALA D 377 -4.18 31.33 22.82
CA ALA D 377 -3.05 30.96 23.67
C ALA D 377 -3.49 30.35 24.98
N ALA D 378 -4.42 31.01 25.66
CA ALA D 378 -4.83 30.57 27.01
C ALA D 378 -5.68 29.29 27.04
N ASN D 379 -6.50 29.05 26.03
CA ASN D 379 -7.38 27.86 26.10
C ASN D 379 -7.08 26.78 25.03
N ALA D 380 -5.81 26.62 24.66
CA ALA D 380 -5.38 25.54 23.77
C ALA D 380 -5.07 24.24 24.51
N GLY D 381 -5.54 24.11 25.76
CA GLY D 381 -5.40 22.86 26.52
C GLY D 381 -6.25 21.66 26.04
N GLY D 382 -7.40 21.92 25.42
CA GLY D 382 -8.13 20.90 24.66
C GLY D 382 -7.34 20.43 23.43
N VAL D 383 -6.70 21.40 22.77
CA VAL D 383 -5.79 21.10 21.65
C VAL D 383 -4.52 20.33 22.13
N ALA D 384 -3.99 20.69 23.32
CA ALA D 384 -2.76 20.07 23.86
C ALA D 384 -2.92 18.62 24.33
N VAL D 385 -4.08 18.32 24.92
CA VAL D 385 -4.41 16.97 25.34
C VAL D 385 -4.77 16.09 24.12
N SER D 386 -5.13 16.73 22.99
CA SER D 386 -5.23 16.03 21.69
C SER D 386 -3.88 15.47 21.27
N GLY D 387 -2.85 16.27 21.51
CA GLY D 387 -1.49 15.80 21.37
C GLY D 387 -1.20 14.63 22.28
N LEU D 388 -1.55 14.76 23.56
CA LEU D 388 -1.27 13.71 24.53
C LEU D 388 -2.14 12.46 24.31
N GLU D 389 -3.29 12.64 23.68
CA GLU D 389 -4.11 11.51 23.29
C GLU D 389 -3.35 10.67 22.25
N MET D 390 -2.84 11.37 21.23
CA MET D 390 -2.08 10.74 20.15
C MET D 390 -0.79 10.05 20.59
N ALA D 391 -0.07 10.68 21.52
CA ALA D 391 1.16 10.13 22.10
C ALA D 391 0.93 8.78 22.66
N GLN D 392 -0.17 8.69 23.41
CA GLN D 392 -0.52 7.50 24.16
C GLN D 392 -0.96 6.41 23.20
N ASN D 393 -1.93 6.74 22.34
CA ASN D 393 -2.40 5.84 21.24
C ASN D 393 -1.30 5.07 20.53
N SER D 394 -0.19 5.75 20.27
CA SER D 394 1.00 5.19 19.62
C SER D 394 1.61 3.98 20.33
N ALA D 395 1.83 4.08 21.64
CA ALA D 395 2.34 2.94 22.41
C ALA D 395 1.21 1.99 22.88
N ARG D 396 -0.05 2.42 22.67
CA ARG D 396 -1.25 1.67 23.05
C ARG D 396 -1.18 1.43 24.54
N LEU D 397 -1.13 2.54 25.25
CA LEU D 397 -0.88 2.56 26.68
C LEU D 397 -1.47 3.84 27.26
N SER D 398 -2.42 3.72 28.18
CA SER D 398 -2.96 4.89 28.90
C SER D 398 -1.91 5.47 29.89
N TRP D 399 -1.88 6.80 29.99
CA TRP D 399 -1.13 7.52 31.05
C TRP D 399 -2.00 7.65 32.30
N THR D 400 -1.41 8.16 33.38
CA THR D 400 -2.16 8.49 34.59
C THR D 400 -2.85 9.83 34.39
N SER D 401 -3.70 10.22 35.33
CA SER D 401 -4.14 11.63 35.43
C SER D 401 -2.93 12.51 35.73
N GLU D 402 -2.12 12.07 36.69
CA GLU D 402 -0.91 12.82 37.14
C GLU D 402 0.08 13.14 36.02
N GLU D 403 0.19 12.24 35.04
CA GLU D 403 1.09 12.43 33.89
C GLU D 403 0.49 13.34 32.84
N VAL D 404 -0.70 13.00 32.34
CA VAL D 404 -1.38 13.82 31.33
C VAL D 404 -1.40 15.25 31.86
N ASP D 405 -1.82 15.38 33.13
CA ASP D 405 -1.89 16.68 33.81
C ASP D 405 -0.53 17.40 33.87
N ALA D 406 0.50 16.73 34.40
CA ALA D 406 1.86 17.30 34.42
C ALA D 406 2.24 17.83 33.03
N ARG D 407 2.10 16.96 32.03
CA ARG D 407 2.49 17.33 30.67
C ARG D 407 1.74 18.52 30.09
N LEU D 408 0.44 18.65 30.42
CA LEU D 408 -0.37 19.79 29.95
C LEU D 408 0.27 21.14 30.31
N LYS D 409 0.63 21.28 31.60
CA LYS D 409 1.36 22.47 32.08
C LYS D 409 2.58 22.74 31.21
N ASP D 410 3.43 21.73 31.02
CA ASP D 410 4.60 21.83 30.09
C ASP D 410 4.21 22.43 28.74
N ILE D 411 3.15 21.88 28.15
CA ILE D 411 2.72 22.33 26.82
C ILE D 411 2.20 23.77 26.88
N MET D 412 1.49 24.11 27.95
CA MET D 412 1.03 25.50 28.14
C MET D 412 2.21 26.47 28.40
N ARG D 413 3.29 25.98 29.01
CA ARG D 413 4.55 26.76 29.06
C ARG D 413 5.06 27.10 27.66
N ASP D 414 5.04 26.12 26.75
CA ASP D 414 5.52 26.32 25.39
C ASP D 414 4.66 27.31 24.66
N CYS D 415 3.35 27.12 24.73
CA CYS D 415 2.42 28.10 24.19
CA CYS D 415 2.35 28.11 24.28
C CYS D 415 2.75 29.51 24.69
N PHE D 416 2.97 29.64 26.00
CA PHE D 416 3.30 30.92 26.59
C PHE D 416 4.62 31.47 26.05
N LYS D 417 5.66 30.63 26.04
CA LYS D 417 7.01 31.05 25.57
C LYS D 417 6.97 31.55 24.14
N ASN D 418 6.27 30.80 23.27
CA ASN D 418 6.16 31.13 21.85
C ASN D 418 5.61 32.51 21.58
N GLY D 419 4.52 32.83 22.25
CA GLY D 419 3.92 34.16 22.20
C GLY D 419 4.79 35.21 22.86
N LEU D 420 5.37 34.87 24.02
CA LEU D 420 6.18 35.85 24.78
C LEU D 420 7.40 36.35 23.99
N GLU D 421 8.23 35.38 23.60
CA GLU D 421 9.48 35.58 22.84
C GLU D 421 9.24 36.27 21.50
N THR D 422 8.17 35.86 20.79
CA THR D 422 7.79 36.48 19.49
C THR D 422 7.43 37.98 19.64
N ALA D 423 6.86 38.37 20.77
CA ALA D 423 6.68 39.80 21.06
C ALA D 423 8.00 40.53 21.39
N GLN D 424 8.93 39.89 22.11
CA GLN D 424 10.25 40.50 22.39
C GLN D 424 11.00 40.85 21.08
N GLU D 425 11.06 39.86 20.19
CA GLU D 425 11.68 39.99 18.88
C GLU D 425 10.97 40.96 17.91
N TYR D 426 9.73 40.63 17.54
CA TYR D 426 9.03 41.27 16.41
C TYR D 426 7.99 42.38 16.73
N ALA D 427 7.74 42.63 18.02
CA ALA D 427 6.86 43.73 18.47
C ALA D 427 7.37 44.25 19.81
N THR D 428 8.59 44.79 19.78
CA THR D 428 9.40 44.99 20.98
C THR D 428 8.85 46.11 21.88
N PRO D 429 8.39 45.76 23.10
CA PRO D 429 7.96 46.79 24.02
C PRO D 429 9.15 47.54 24.62
N ALA D 430 8.91 48.75 25.11
CA ALA D 430 9.93 49.51 25.83
C ALA D 430 10.43 48.75 27.05
N GLU D 431 11.63 49.10 27.52
CA GLU D 431 12.33 48.35 28.59
C GLU D 431 11.55 48.39 29.93
N GLY D 432 11.49 47.25 30.61
CA GLY D 432 10.69 47.11 31.81
C GLY D 432 9.19 46.87 31.60
N VAL D 433 8.71 47.10 30.36
CA VAL D 433 7.30 46.87 30.00
C VAL D 433 7.15 45.45 29.46
N LEU D 434 6.07 44.77 29.87
CA LEU D 434 5.82 43.39 29.45
C LEU D 434 5.53 43.33 27.95
N PRO D 435 5.97 42.23 27.27
CA PRO D 435 5.55 42.01 25.86
C PRO D 435 4.06 41.66 25.68
N SER D 436 3.58 41.89 24.48
CA SER D 436 2.19 41.63 24.14
C SER D 436 1.92 40.17 23.79
N LEU D 437 1.07 39.53 24.58
CA LEU D 437 0.65 38.14 24.34
C LEU D 437 -0.40 37.99 23.22
N VAL D 438 -1.09 39.08 22.88
CA VAL D 438 -2.05 39.08 21.77
CA VAL D 438 -2.06 39.13 21.76
C VAL D 438 -1.30 39.13 20.43
N THR D 439 -0.34 40.04 20.34
CA THR D 439 0.52 40.20 19.18
C THR D 439 1.39 38.96 19.06
N GLY D 440 2.14 38.67 20.13
CA GLY D 440 3.02 37.50 20.18
C GLY D 440 2.39 36.25 19.60
N SER D 441 1.18 35.95 20.08
CA SER D 441 0.46 34.72 19.74
C SER D 441 -0.21 34.70 18.36
N ASN D 442 -0.46 35.87 17.78
CA ASN D 442 -0.97 35.96 16.39
C ASN D 442 0.13 35.81 15.32
N ILE D 443 1.39 36.00 15.74
CA ILE D 443 2.58 35.91 14.88
C ILE D 443 3.37 34.62 15.08
N ALA D 444 3.57 34.20 16.35
CA ALA D 444 4.35 32.96 16.66
C ALA D 444 3.95 31.77 15.77
N GLY D 445 2.65 31.63 15.55
CA GLY D 445 2.15 30.64 14.65
C GLY D 445 2.80 30.77 13.30
N PHE D 446 2.50 31.88 12.61
CA PHE D 446 3.09 32.19 11.29
C PHE D 446 4.59 31.91 11.16
N THR D 447 5.37 32.37 12.14
CA THR D 447 6.85 32.34 12.05
C THR D 447 7.44 30.91 12.12
N LYS D 448 6.95 30.16 13.09
CA LYS D 448 7.31 28.76 13.27
C LYS D 448 7.10 27.99 11.96
N VAL D 449 5.88 28.06 11.43
CA VAL D 449 5.50 27.40 10.17
C VAL D 449 6.31 27.92 8.95
N ALA D 450 6.28 29.23 8.71
CA ALA D 450 7.06 29.87 7.63
C ALA D 450 8.53 29.50 7.60
N ALA D 451 9.15 29.49 8.79
CA ALA D 451 10.57 29.13 8.93
C ALA D 451 10.75 27.65 8.65
N ALA D 452 9.85 26.85 9.22
CA ALA D 452 9.85 25.40 8.99
C ALA D 452 9.59 25.07 7.53
N MET D 453 8.60 25.74 6.94
CA MET D 453 8.30 25.62 5.52
C MET D 453 9.52 25.91 4.63
N LYS D 454 10.30 26.92 5.03
CA LYS D 454 11.51 27.27 4.29
C LYS D 454 12.54 26.14 4.38
N ASP D 455 12.82 25.71 5.62
CA ASP D 455 13.71 24.61 5.92
C ASP D 455 13.45 23.43 5.02
N GLN D 456 12.17 23.19 4.76
CA GLN D 456 11.70 22.06 3.94
C GLN D 456 11.59 22.31 2.42
N GLY D 457 11.95 23.49 1.95
CA GLY D 457 11.81 23.82 0.53
C GLY D 457 10.38 23.90 0.04
N ASP D 458 9.44 24.31 0.89
CA ASP D 458 8.04 24.60 0.49
C ASP D 458 7.99 25.95 -0.25
N TRP D 459 8.88 26.85 0.18
CA TRP D 459 9.23 28.03 -0.54
C TRP D 459 10.74 28.23 -0.38
N TRP D 460 11.27 29.08 -1.25
CA TRP D 460 12.65 29.54 -1.19
C TRP D 460 12.70 30.92 -1.78
N ASN E 3 32.34 -13.34 -10.81
CA ASN E 3 33.45 -12.62 -10.11
C ASN E 3 32.96 -11.30 -9.53
N LEU E 4 33.46 -11.00 -8.33
CA LEU E 4 33.05 -9.81 -7.56
C LEU E 4 33.95 -8.60 -7.89
N PRO E 5 33.38 -7.36 -7.92
CA PRO E 5 34.16 -6.15 -8.26
C PRO E 5 35.16 -5.70 -7.19
N HIS E 6 36.17 -4.96 -7.62
CA HIS E 6 37.21 -4.49 -6.72
C HIS E 6 36.61 -3.44 -5.79
N GLU E 7 36.50 -3.77 -4.50
CA GLU E 7 35.90 -2.89 -3.51
C GLU E 7 36.87 -2.62 -2.35
N PRO E 8 37.97 -1.91 -2.65
CA PRO E 8 39.10 -1.87 -1.71
C PRO E 8 38.75 -1.41 -0.31
N GLU E 9 37.97 -0.33 -0.15
CA GLU E 9 37.68 0.24 1.20
C GLU E 9 36.78 -0.66 2.04
N PHE E 10 35.86 -1.38 1.39
CA PHE E 10 35.04 -2.41 2.03
C PHE E 10 35.86 -3.64 2.36
N GLU E 11 36.66 -4.07 1.39
CA GLU E 11 37.48 -5.27 1.56
C GLU E 11 38.41 -5.13 2.76
N GLN E 12 39.08 -4.00 2.91
CA GLN E 12 39.92 -3.76 4.09
C GLN E 12 39.12 -3.79 5.42
N ALA E 13 37.93 -3.19 5.45
CA ALA E 13 37.07 -3.14 6.64
C ALA E 13 36.50 -4.50 7.04
N TYR E 14 36.13 -5.31 6.04
CA TYR E 14 35.82 -6.74 6.29
C TYR E 14 37.02 -7.45 6.93
N LYS E 15 38.20 -7.26 6.34
CA LYS E 15 39.40 -8.02 6.75
C LYS E 15 39.77 -7.69 8.21
N GLU E 16 39.62 -6.42 8.59
CA GLU E 16 39.89 -5.96 9.97
C GLU E 16 38.98 -6.62 11.00
N LEU E 17 37.70 -6.79 10.65
CA LEU E 17 36.75 -7.49 11.53
C LEU E 17 37.08 -8.97 11.63
N ALA E 18 37.20 -9.62 10.47
CA ALA E 18 37.59 -11.03 10.39
C ALA E 18 38.82 -11.32 11.24
N SER E 19 39.74 -10.35 11.26
CA SER E 19 40.95 -10.37 12.10
C SER E 19 40.59 -10.28 13.59
N THR E 20 39.91 -9.22 13.98
CA THR E 20 39.63 -9.01 15.43
C THR E 20 38.69 -10.11 15.94
N LEU E 21 37.90 -10.72 15.06
CA LEU E 21 37.13 -11.90 15.43
C LEU E 21 38.02 -13.15 15.63
N GLU E 22 39.05 -13.28 14.80
CA GLU E 22 40.04 -14.38 14.98
C GLU E 22 40.89 -14.28 16.25
N ASN E 23 41.31 -13.07 16.61
CA ASN E 23 42.03 -12.81 17.88
C ASN E 23 41.05 -12.75 19.05
N SER E 24 40.45 -13.88 19.34
CA SER E 24 39.47 -13.98 20.42
C SER E 24 39.10 -15.43 20.56
N THR E 25 38.34 -15.73 21.60
CA THR E 25 37.79 -17.07 21.81
C THR E 25 36.48 -17.34 21.04
N LEU E 26 36.00 -16.38 20.24
CA LEU E 26 34.64 -16.45 19.66
C LEU E 26 34.43 -17.65 18.76
N PHE E 27 35.38 -17.84 17.85
CA PHE E 27 35.29 -18.95 16.92
C PHE E 27 35.64 -20.33 17.53
N GLN E 28 36.33 -20.35 18.67
CA GLN E 28 36.51 -21.57 19.47
C GLN E 28 35.18 -21.99 20.10
N LYS E 29 34.56 -21.04 20.78
CA LYS E 29 33.34 -21.29 21.56
C LYS E 29 32.13 -21.45 20.67
N ASN E 30 32.20 -20.91 19.46
CA ASN E 30 31.07 -20.93 18.54
C ASN E 30 31.58 -20.90 17.10
N PRO E 31 32.11 -22.03 16.62
CA PRO E 31 32.66 -22.05 15.25
C PRO E 31 31.62 -21.91 14.14
N GLU E 32 30.35 -22.13 14.49
CA GLU E 32 29.26 -21.85 13.60
C GLU E 32 29.16 -20.35 13.19
N TYR E 33 29.45 -19.43 14.11
CA TYR E 33 29.38 -17.96 13.85
C TYR E 33 30.28 -17.40 12.72
N ARG E 34 31.20 -18.22 12.19
CA ARG E 34 31.87 -17.92 10.92
C ARG E 34 30.90 -17.83 9.77
N LYS E 35 29.86 -18.68 9.82
CA LYS E 35 28.78 -18.66 8.84
C LYS E 35 27.95 -17.37 8.94
N ALA E 36 27.86 -16.79 10.14
CA ALA E 36 27.25 -15.46 10.30
C ALA E 36 28.02 -14.34 9.59
N LEU E 37 29.34 -14.32 9.80
CA LEU E 37 30.26 -13.34 9.18
C LEU E 37 30.18 -13.36 7.67
N ALA E 38 30.00 -14.56 7.13
CA ALA E 38 29.75 -14.73 5.71
C ALA E 38 28.42 -14.12 5.32
N VAL E 39 27.35 -14.56 5.97
CA VAL E 39 26.00 -14.16 5.57
C VAL E 39 25.78 -12.65 5.78
N VAL E 40 26.07 -12.17 6.98
CA VAL E 40 25.96 -10.74 7.31
C VAL E 40 26.72 -9.83 6.31
N SER E 41 27.88 -10.26 5.83
CA SER E 41 28.77 -9.36 5.04
C SER E 41 28.37 -9.14 3.55
N VAL E 42 27.28 -9.78 3.11
CA VAL E 42 26.59 -9.42 1.87
C VAL E 42 25.36 -8.60 2.28
N PRO E 43 25.26 -7.31 1.84
CA PRO E 43 24.10 -6.46 2.19
C PRO E 43 22.74 -7.06 1.88
N GLU E 44 21.78 -6.88 2.79
CA GLU E 44 20.40 -7.35 2.56
C GLU E 44 19.88 -6.79 1.23
N ARG E 45 20.20 -5.53 0.94
CA ARG E 45 19.70 -4.84 -0.25
C ARG E 45 20.47 -3.57 -0.54
N VAL E 46 20.67 -3.28 -1.83
CA VAL E 46 21.23 -1.98 -2.27
C VAL E 46 20.37 -1.39 -3.40
N ILE E 47 20.05 -0.11 -3.26
CA ILE E 47 19.41 0.64 -4.33
C ILE E 47 20.43 1.63 -4.89
N GLN E 48 20.65 1.50 -6.19
CA GLN E 48 21.34 2.50 -6.97
C GLN E 48 20.31 3.10 -7.88
N PHE E 49 20.46 4.40 -8.17
CA PHE E 49 19.51 5.10 -9.01
C PHE E 49 20.14 6.33 -9.69
N ARG E 50 19.78 6.52 -10.95
CA ARG E 50 20.13 7.73 -11.67
C ARG E 50 19.37 8.87 -11.07
N VAL E 51 20.09 9.97 -10.87
CA VAL E 51 19.51 11.22 -10.42
C VAL E 51 19.79 12.19 -11.54
N VAL E 52 18.72 12.74 -12.11
CA VAL E 52 18.81 13.83 -13.08
C VAL E 52 18.21 15.07 -12.42
N TRP E 53 18.92 16.18 -12.53
CA TRP E 53 18.57 17.45 -11.88
C TRP E 53 19.10 18.62 -12.74
N GLU E 54 18.50 19.80 -12.57
CA GLU E 54 18.78 21.02 -13.37
C GLU E 54 19.66 22.05 -12.62
N ASP E 55 20.64 22.66 -13.31
CA ASP E 55 21.52 23.73 -12.70
C ASP E 55 20.90 25.12 -12.88
N ASP E 56 21.48 26.14 -12.25
CA ASP E 56 21.00 27.54 -12.36
C ASP E 56 20.93 28.12 -13.79
N ALA E 57 21.75 27.58 -14.69
CA ALA E 57 21.71 27.90 -16.12
C ALA E 57 20.61 27.20 -16.96
N GLY E 58 20.01 26.16 -16.40
CA GLY E 58 19.03 25.36 -17.10
C GLY E 58 19.65 24.28 -17.97
N ASN E 59 20.67 23.60 -17.44
CA ASN E 59 21.25 22.40 -18.08
C ASN E 59 20.98 21.13 -17.26
N VAL E 60 20.63 20.07 -17.98
CA VAL E 60 20.46 18.72 -17.42
C VAL E 60 21.79 18.17 -16.90
N GLN E 61 21.87 17.95 -15.58
CA GLN E 61 23.05 17.35 -14.96
C GLN E 61 22.70 15.99 -14.41
N VAL E 62 23.69 15.10 -14.39
CA VAL E 62 23.53 13.71 -13.95
C VAL E 62 24.49 13.39 -12.81
N ASN E 63 23.95 12.76 -11.78
CA ASN E 63 24.74 12.17 -10.70
C ASN E 63 24.10 10.89 -10.24
N ARG E 64 24.92 10.03 -9.61
CA ARG E 64 24.49 8.74 -9.13
C ARG E 64 24.06 8.88 -7.69
N GLY E 65 23.06 8.08 -7.29
CA GLY E 65 22.51 8.02 -5.93
C GLY E 65 22.49 6.60 -5.38
N PHE E 66 22.78 6.43 -4.10
CA PHE E 66 22.97 5.11 -3.47
C PHE E 66 22.29 5.03 -2.12
N ARG E 67 21.61 3.91 -1.85
CA ARG E 67 21.28 3.54 -0.47
C ARG E 67 21.59 2.05 -0.23
N VAL E 68 22.67 1.80 0.51
CA VAL E 68 23.03 0.47 0.98
C VAL E 68 22.23 0.25 2.27
N GLN E 69 21.39 -0.79 2.24
CA GLN E 69 20.60 -1.22 3.40
C GLN E 69 21.25 -2.54 3.73
N PHE E 70 22.13 -2.48 4.71
CA PHE E 70 23.09 -3.54 4.88
C PHE E 70 22.50 -4.68 5.69
N ASN E 71 22.12 -4.35 6.92
CA ASN E 71 21.58 -5.32 7.89
C ASN E 71 20.46 -4.67 8.68
N SER E 72 19.37 -5.39 8.88
CA SER E 72 18.18 -4.82 9.55
C SER E 72 17.72 -5.67 10.76
N ALA E 73 18.65 -6.44 11.32
CA ALA E 73 18.33 -7.41 12.35
C ALA E 73 17.92 -6.80 13.69
N LEU E 74 18.67 -5.80 14.16
CA LEU E 74 18.37 -5.14 15.44
C LEU E 74 17.39 -3.95 15.32
N GLY E 75 17.00 -3.59 14.10
CA GLY E 75 16.05 -2.51 13.91
C GLY E 75 15.81 -2.23 12.44
N PRO E 76 15.19 -1.07 12.14
CA PRO E 76 15.22 -0.62 10.77
C PRO E 76 16.62 -0.07 10.43
N TYR E 77 16.91 0.01 9.15
CA TYR E 77 18.23 0.46 8.72
C TYR E 77 18.46 1.87 9.28
N LYS E 78 19.65 2.12 9.83
CA LYS E 78 19.99 3.45 10.32
C LYS E 78 21.38 3.85 9.83
N GLY E 79 21.53 5.08 9.33
CA GLY E 79 22.83 5.59 8.93
C GLY E 79 22.82 6.77 8.00
N GLY E 80 23.97 7.43 7.88
CA GLY E 80 24.09 8.71 7.20
C GLY E 80 24.01 8.68 5.67
N LEU E 81 23.78 9.88 5.10
CA LEU E 81 23.92 10.13 3.66
C LEU E 81 25.13 11.07 3.50
N ARG E 82 25.90 10.88 2.40
CA ARG E 82 27.11 11.66 2.10
C ARG E 82 27.05 12.13 0.63
N PHE E 83 27.20 13.44 0.41
CA PHE E 83 27.29 14.00 -0.94
C PHE E 83 28.74 14.46 -1.14
N HIS E 84 29.54 13.59 -1.75
CA HIS E 84 30.95 13.88 -2.01
C HIS E 84 31.38 13.19 -3.31
N PRO E 85 32.24 13.85 -4.14
CA PRO E 85 32.56 13.26 -5.46
C PRO E 85 33.33 11.93 -5.44
N SER E 86 33.90 11.55 -4.31
CA SER E 86 34.50 10.23 -4.12
C SER E 86 33.48 9.11 -4.08
N VAL E 87 32.23 9.42 -3.72
CA VAL E 87 31.23 8.39 -3.43
C VAL E 87 31.13 7.32 -4.55
N ASN E 88 31.26 6.07 -4.14
CA ASN E 88 30.85 4.92 -4.93
C ASN E 88 30.26 3.87 -3.99
N LEU E 89 29.73 2.80 -4.55
CA LEU E 89 29.17 1.70 -3.74
C LEU E 89 30.19 1.17 -2.72
N SER E 90 31.46 1.06 -3.13
CA SER E 90 32.52 0.47 -2.30
C SER E 90 32.71 1.22 -0.98
N ILE E 91 32.87 2.53 -1.10
CA ILE E 91 32.99 3.44 0.05
C ILE E 91 31.73 3.42 0.95
N LEU E 92 30.55 3.39 0.36
CA LEU E 92 29.31 3.33 1.14
C LEU E 92 29.07 1.93 1.73
N LYS E 93 29.49 0.91 1.00
CA LYS E 93 29.48 -0.44 1.55
C LYS E 93 30.35 -0.52 2.78
N PHE E 94 31.52 0.11 2.73
CA PHE E 94 32.51 0.16 3.83
C PHE E 94 31.87 0.71 5.08
N LEU E 95 31.32 1.91 4.91
CA LEU E 95 30.76 2.74 5.99
C LEU E 95 29.46 2.17 6.57
N GLY E 96 28.61 1.68 5.68
CA GLY E 96 27.42 0.96 6.08
C GLY E 96 27.79 -0.22 6.94
N PHE E 97 28.71 -1.07 6.46
CA PHE E 97 29.19 -2.27 7.20
C PHE E 97 29.53 -1.94 8.64
N GLU E 98 30.37 -0.93 8.80
CA GLU E 98 30.80 -0.47 10.14
C GLU E 98 29.67 0.19 10.94
N GLN E 99 28.71 0.83 10.26
CA GLN E 99 27.56 1.44 10.96
C GLN E 99 26.67 0.41 11.69
N ILE E 100 26.55 -0.79 11.12
CA ILE E 100 25.75 -1.91 11.66
C ILE E 100 26.23 -2.31 13.05
N PHE E 101 27.54 -2.32 13.20
CA PHE E 101 28.21 -2.76 14.41
C PHE E 101 28.32 -1.56 15.36
N LYS E 102 28.70 -0.40 14.86
CA LYS E 102 28.68 0.85 15.65
C LYS E 102 27.26 1.07 16.28
N ASN E 103 26.21 0.81 15.49
CA ASN E 103 24.83 1.05 15.92
C ASN E 103 24.40 0.04 16.97
N ALA E 104 24.75 -1.23 16.78
CA ALA E 104 24.41 -2.28 17.75
C ALA E 104 25.04 -2.05 19.14
N LEU E 105 26.17 -1.34 19.15
CA LEU E 105 26.94 -1.10 20.38
C LEU E 105 26.14 -0.29 21.39
N THR E 106 25.33 0.65 20.92
CA THR E 106 24.51 1.50 21.79
C THR E 106 23.41 0.76 22.57
N GLY E 107 23.00 -0.43 22.09
CA GLY E 107 21.85 -1.15 22.66
C GLY E 107 20.56 -0.87 21.91
N LEU E 108 20.47 0.31 21.31
CA LEU E 108 19.26 0.73 20.58
C LEU E 108 18.85 -0.19 19.43
N ASN E 109 17.59 -0.08 19.01
CA ASN E 109 17.07 -0.88 17.92
C ASN E 109 17.30 -0.10 16.63
N MET E 110 18.56 -0.19 16.17
CA MET E 110 18.99 0.37 14.88
C MET E 110 19.77 -0.68 14.11
N GLY E 111 19.39 -0.88 12.85
CA GLY E 111 20.19 -1.66 11.92
C GLY E 111 21.40 -0.86 11.45
N GLY E 112 21.68 -0.95 10.15
CA GLY E 112 22.89 -0.37 9.56
C GLY E 112 22.77 -0.16 8.06
N GLY E 113 23.07 1.05 7.63
CA GLY E 113 23.11 1.37 6.21
C GLY E 113 23.99 2.57 5.96
N LYS E 114 24.21 2.84 4.69
CA LYS E 114 24.80 4.10 4.27
C LYS E 114 24.23 4.46 2.89
N GLY E 115 24.30 5.74 2.55
CA GLY E 115 23.84 6.18 1.25
C GLY E 115 24.38 7.54 0.85
N GLY E 116 23.91 8.02 -0.28
CA GLY E 116 24.39 9.28 -0.83
C GLY E 116 24.53 9.24 -2.34
N SER E 117 25.48 10.03 -2.82
CA SER E 117 25.62 10.30 -4.24
C SER E 117 26.99 10.89 -4.52
N ASP E 118 27.44 10.79 -5.76
CA ASP E 118 28.65 11.50 -6.19
C ASP E 118 28.42 13.01 -6.53
N PHE E 119 27.20 13.51 -6.35
CA PHE E 119 26.88 14.97 -6.41
C PHE E 119 27.85 15.81 -5.56
N ASP E 120 28.48 16.83 -6.18
CA ASP E 120 29.45 17.71 -5.51
C ASP E 120 28.78 19.03 -5.03
N PRO E 121 28.65 19.23 -3.70
CA PRO E 121 28.12 20.51 -3.22
C PRO E 121 29.08 21.71 -3.34
N LYS E 122 30.39 21.46 -3.34
CA LYS E 122 31.37 22.55 -3.34
C LYS E 122 31.15 23.47 -4.53
N GLY E 123 30.87 24.74 -4.24
CA GLY E 123 30.61 25.75 -5.28
C GLY E 123 29.25 25.71 -5.96
N LYS E 124 28.29 24.95 -5.40
CA LYS E 124 26.92 24.92 -5.88
C LYS E 124 26.04 25.89 -5.09
N SER E 125 25.18 26.64 -5.78
CA SER E 125 24.20 27.55 -5.13
C SER E 125 23.13 26.78 -4.31
N ASP E 126 22.54 27.45 -3.32
CA ASP E 126 21.51 26.80 -2.46
C ASP E 126 20.25 26.36 -3.23
N ASN E 127 20.02 26.94 -4.41
CA ASN E 127 18.95 26.51 -5.35
C ASN E 127 19.20 25.18 -6.11
N GLU E 128 20.46 24.91 -6.43
CA GLU E 128 20.86 23.67 -7.10
C GLU E 128 20.82 22.46 -6.14
N ILE E 129 21.35 22.65 -4.92
CA ILE E 129 21.30 21.65 -3.82
C ILE E 129 19.86 21.14 -3.63
N ARG E 130 18.94 22.10 -3.46
CA ARG E 130 17.49 21.90 -3.32
C ARG E 130 16.85 21.08 -4.44
N ARG E 131 17.24 21.38 -5.69
CA ARG E 131 16.70 20.67 -6.88
C ARG E 131 17.20 19.22 -6.96
N PHE E 132 18.48 19.04 -6.69
CA PHE E 132 19.04 17.71 -6.59
C PHE E 132 18.40 16.93 -5.43
N CYS E 133 18.26 17.54 -4.25
CA CYS E 133 17.59 16.86 -3.12
C CYS E 133 16.18 16.35 -3.55
N VAL E 134 15.41 17.21 -4.20
CA VAL E 134 14.05 16.89 -4.67
C VAL E 134 14.07 15.71 -5.65
N SER E 135 14.97 15.78 -6.64
CA SER E 135 15.14 14.72 -7.63
C SER E 135 15.65 13.44 -6.99
N PHE E 136 16.71 13.59 -6.18
CA PHE E 136 17.29 12.52 -5.37
C PHE E 136 16.25 11.80 -4.52
N MET E 137 15.46 12.55 -3.77
CA MET E 137 14.51 11.98 -2.80
C MET E 137 13.22 11.45 -3.45
N THR E 138 12.97 11.85 -4.70
CA THR E 138 11.80 11.35 -5.46
C THR E 138 11.81 9.82 -5.65
N GLU E 139 12.99 9.27 -5.89
CA GLU E 139 13.21 7.84 -5.97
C GLU E 139 13.48 7.20 -4.61
N LEU E 140 14.31 7.86 -3.79
CA LEU E 140 14.74 7.28 -2.52
C LEU E 140 13.57 7.13 -1.57
N CYS E 141 12.63 8.07 -1.61
CA CYS E 141 11.37 7.97 -0.87
CA CYS E 141 11.43 7.95 -0.78
C CYS E 141 10.76 6.59 -0.91
N LYS E 142 10.84 5.93 -2.07
CA LYS E 142 10.27 4.57 -2.26
C LYS E 142 10.82 3.48 -1.34
N HIS E 143 12.07 3.60 -0.88
CA HIS E 143 12.78 2.55 -0.12
C HIS E 143 13.19 2.92 1.30
N ILE E 144 12.68 4.03 1.83
CA ILE E 144 12.93 4.40 3.22
C ILE E 144 11.61 4.73 3.90
N GLY E 145 11.66 5.02 5.19
CA GLY E 145 10.45 5.34 5.97
C GLY E 145 10.77 5.22 7.45
N ALA E 146 9.81 5.48 8.32
CA ALA E 146 10.09 5.53 9.77
C ALA E 146 10.31 4.14 10.38
N ASP E 147 9.79 3.10 9.71
CA ASP E 147 9.96 1.69 10.13
C ASP E 147 10.88 0.83 9.25
N THR E 148 11.28 1.35 8.09
CA THR E 148 12.10 0.59 7.16
C THR E 148 13.52 1.11 7.25
N ASP E 149 13.70 2.40 7.00
CA ASP E 149 15.02 3.02 6.93
C ASP E 149 14.97 4.51 7.28
N VAL E 150 15.83 4.93 8.20
CA VAL E 150 15.82 6.28 8.73
C VAL E 150 17.21 6.89 8.44
N PRO E 151 17.36 7.55 7.27
CA PRO E 151 18.71 8.07 7.00
C PRO E 151 19.07 9.26 7.89
N ALA E 152 20.22 9.87 7.62
CA ALA E 152 20.68 11.05 8.38
C ALA E 152 21.77 11.81 7.59
N GLY E 153 22.56 12.66 8.26
CA GLY E 153 23.65 13.41 7.61
C GLY E 153 25.01 12.70 7.58
N ASP E 154 25.95 13.29 6.81
CA ASP E 154 27.39 12.97 6.80
C ASP E 154 28.15 14.10 6.03
N ILE E 155 29.32 13.85 5.45
CA ILE E 155 30.00 14.88 4.62
C ILE E 155 29.16 15.29 3.38
N GLY E 156 28.72 16.55 3.35
CA GLY E 156 27.86 17.08 2.28
C GLY E 156 26.36 17.10 2.57
N VAL E 157 25.96 16.60 3.73
CA VAL E 157 24.55 16.56 4.14
C VAL E 157 24.40 17.00 5.62
N THR E 158 24.05 18.28 5.82
CA THR E 158 23.75 18.90 7.14
C THR E 158 22.25 19.22 7.30
N GLY E 159 21.88 19.91 8.38
CA GLY E 159 20.52 20.42 8.60
C GLY E 159 19.78 20.85 7.34
N ARG E 160 20.42 21.70 6.53
CA ARG E 160 19.82 22.27 5.31
C ARG E 160 19.40 21.20 4.31
N GLU E 161 20.33 20.30 3.99
CA GLU E 161 20.07 19.18 3.07
C GLU E 161 18.97 18.29 3.64
N VAL E 162 19.08 17.99 4.94
CA VAL E 162 18.11 17.15 5.67
C VAL E 162 16.68 17.64 5.51
N GLY E 163 16.48 18.94 5.62
CA GLY E 163 15.17 19.57 5.46
C GLY E 163 14.62 19.45 4.06
N PHE E 164 15.49 19.72 3.08
CA PHE E 164 15.17 19.51 1.67
C PHE E 164 14.71 18.06 1.40
N LEU E 165 15.43 17.09 2.00
CA LEU E 165 15.06 15.64 1.91
C LEU E 165 13.73 15.33 2.60
N PHE E 166 13.56 15.87 3.80
CA PHE E 166 12.34 15.67 4.57
C PHE E 166 11.09 16.14 3.81
N GLY E 167 11.20 17.30 3.17
CA GLY E 167 10.07 17.95 2.54
C GLY E 167 9.56 17.27 1.29
N GLN E 168 10.47 16.68 0.54
CA GLN E 168 10.10 15.96 -0.66
C GLN E 168 9.48 14.59 -0.34
N TYR E 169 9.98 13.98 0.73
CA TYR E 169 9.36 12.81 1.33
C TYR E 169 7.96 13.11 1.84
N ARG E 170 7.77 14.26 2.46
CA ARG E 170 6.43 14.70 2.89
C ARG E 170 5.47 14.81 1.70
N LYS E 171 5.81 15.58 0.69
CA LYS E 171 4.97 15.74 -0.50
C LYS E 171 4.57 14.49 -1.23
N ILE E 172 5.52 13.61 -1.44
CA ILE E 172 5.23 12.33 -2.11
C ILE E 172 4.39 11.42 -1.22
N ARG E 173 4.96 11.10 -0.07
CA ARG E 173 4.40 10.11 0.81
C ARG E 173 3.18 10.63 1.58
N ASN E 174 3.06 11.96 1.68
CA ASN E 174 2.00 12.60 2.45
C ASN E 174 1.97 11.99 3.83
N GLN E 175 3.11 12.11 4.51
CA GLN E 175 3.27 11.59 5.87
C GLN E 175 4.32 12.37 6.64
N TRP E 176 3.94 12.84 7.82
CA TRP E 176 4.92 13.41 8.75
C TRP E 176 5.29 12.33 9.76
N GLU E 177 6.54 11.85 9.67
CA GLU E 177 7.03 10.75 10.48
C GLU E 177 8.50 10.95 10.76
N GLY E 178 9.07 10.15 11.67
CA GLY E 178 10.54 10.13 11.88
C GLY E 178 11.27 9.35 10.78
N VAL E 179 11.23 9.89 9.56
CA VAL E 179 11.90 9.31 8.38
C VAL E 179 13.39 9.65 8.34
N LEU E 180 13.75 10.83 8.86
CA LEU E 180 15.17 11.24 8.98
C LEU E 180 15.53 11.75 10.41
N THR E 181 16.84 11.82 10.66
CA THR E 181 17.38 12.35 11.92
C THR E 181 18.43 13.44 11.62
N GLY E 182 18.63 14.31 12.61
CA GLY E 182 19.28 15.60 12.42
C GLY E 182 18.30 16.68 12.02
N LYS E 183 17.04 16.53 12.44
CA LYS E 183 15.94 17.43 12.03
C LYS E 183 15.96 18.73 12.82
N GLY E 184 15.55 19.82 12.15
CA GLY E 184 15.29 21.12 12.77
C GLY E 184 14.37 20.97 13.99
N GLY E 185 14.65 21.78 15.01
CA GLY E 185 13.96 21.71 16.31
C GLY E 185 12.49 22.03 16.31
N SER E 186 12.00 22.72 15.27
CA SER E 186 10.57 22.95 15.12
C SER E 186 9.86 21.79 14.42
N TRP E 187 10.56 21.09 13.53
CA TRP E 187 9.96 20.01 12.70
C TRP E 187 10.63 18.63 13.02
N GLY E 188 10.57 18.26 14.31
CA GLY E 188 10.97 16.93 14.80
C GLY E 188 12.37 16.73 15.37
N GLY E 189 13.13 17.82 15.50
CA GLY E 189 14.41 17.76 16.19
C GLY E 189 14.26 17.32 17.62
N SER E 190 15.39 17.25 18.31
CA SER E 190 15.45 16.84 19.70
C SER E 190 16.36 17.81 20.38
N LEU E 191 16.11 18.05 21.66
CA LEU E 191 17.09 18.70 22.51
C LEU E 191 18.27 17.77 22.82
N ILE E 192 19.39 18.37 23.24
CA ILE E 192 20.67 17.67 23.54
C ILE E 192 21.36 17.13 22.27
N ARG E 193 21.02 17.66 21.10
CA ARG E 193 21.70 17.30 19.86
C ARG E 193 23.10 17.90 19.88
N PRO E 194 23.23 19.24 19.97
CA PRO E 194 24.60 19.80 19.99
C PRO E 194 25.49 19.16 21.05
N GLU E 195 24.95 19.00 22.25
CA GLU E 195 25.72 18.49 23.40
C GLU E 195 25.98 16.99 23.32
N ALA E 196 25.43 16.32 22.30
CA ALA E 196 25.36 14.85 22.26
C ALA E 196 26.71 14.15 22.43
N THR E 197 27.66 14.52 21.58
CA THR E 197 29.01 13.92 21.58
C THR E 197 29.80 14.27 22.85
N GLY E 198 29.82 15.56 23.24
CA GLY E 198 30.52 16.01 24.45
C GLY E 198 30.06 15.36 25.76
N TYR E 199 28.75 15.46 26.04
CA TYR E 199 28.15 14.83 27.24
C TYR E 199 28.32 13.33 27.17
N GLY E 200 27.95 12.78 26.00
CA GLY E 200 28.03 11.36 25.74
C GLY E 200 29.37 10.82 26.17
N VAL E 201 30.45 11.45 25.70
CA VAL E 201 31.79 11.08 26.12
C VAL E 201 31.92 11.03 27.64
N VAL E 202 31.55 12.12 28.30
CA VAL E 202 31.74 12.26 29.76
C VAL E 202 31.00 11.16 30.51
N TYR E 203 29.74 10.93 30.14
CA TYR E 203 28.94 9.88 30.75
C TYR E 203 29.58 8.49 30.60
N TYR E 204 30.21 8.22 29.45
CA TYR E 204 30.85 6.91 29.24
C TYR E 204 32.03 6.73 30.17
N VAL E 205 32.77 7.81 30.38
CA VAL E 205 33.84 7.84 31.36
C VAL E 205 33.33 7.74 32.81
N GLU E 206 32.16 8.31 33.12
CA GLU E 206 31.55 8.15 34.44
C GLU E 206 31.20 6.66 34.72
N HIS E 207 30.68 5.97 33.72
CA HIS E 207 30.38 4.53 33.85
C HIS E 207 31.62 3.70 34.00
N MET E 208 32.71 4.13 33.36
CA MET E 208 34.01 3.46 33.51
C MET E 208 34.47 3.57 34.95
N ILE E 209 34.50 4.80 35.45
CA ILE E 209 34.98 5.08 36.80
C ILE E 209 34.22 4.13 37.75
N ALA E 210 32.89 4.24 37.72
CA ALA E 210 31.97 3.43 38.56
C ALA E 210 32.36 1.95 38.65
N HIS E 211 32.56 1.32 37.50
CA HIS E 211 32.96 -0.08 37.47
C HIS E 211 34.36 -0.28 38.10
N ALA E 212 35.31 0.59 37.72
CA ALA E 212 36.74 0.43 38.11
C ALA E 212 37.08 0.84 39.56
N THR E 213 36.11 1.40 40.28
CA THR E 213 36.25 1.70 41.72
C THR E 213 35.03 1.16 42.49
N ASN E 214 34.60 -0.05 42.15
CA ASN E 214 33.34 -0.64 42.63
C ASN E 214 32.26 0.36 43.08
N GLY E 215 32.09 1.42 42.28
CA GLY E 215 31.06 2.45 42.51
C GLY E 215 31.28 3.60 43.49
N GLN E 216 32.47 3.74 44.07
CA GLN E 216 32.75 4.76 45.10
CA GLN E 216 32.73 4.74 45.10
C GLN E 216 33.18 6.10 44.52
N GLU E 217 33.89 6.06 43.41
CA GLU E 217 34.30 7.27 42.74
C GLU E 217 33.37 7.56 41.57
N SER E 218 33.40 8.82 41.18
CA SER E 218 32.70 9.29 40.02
C SER E 218 33.63 10.35 39.43
N PHE E 219 33.07 11.36 38.76
CA PHE E 219 33.79 12.57 38.39
C PHE E 219 34.04 13.53 39.55
N LYS E 220 33.32 13.38 40.66
CA LYS E 220 33.48 14.25 41.83
C LYS E 220 34.94 14.28 42.34
N GLY E 221 35.56 15.46 42.30
CA GLY E 221 36.93 15.69 42.80
C GLY E 221 38.06 15.56 41.79
N LYS E 222 37.74 15.04 40.62
CA LYS E 222 38.75 14.62 39.68
C LYS E 222 39.24 15.74 38.80
N ARG E 223 40.53 15.70 38.48
CA ARG E 223 41.17 16.64 37.55
C ARG E 223 41.04 16.06 36.15
N VAL E 224 40.46 16.84 35.24
CA VAL E 224 40.11 16.33 33.92
C VAL E 224 40.79 17.13 32.80
N ALA E 225 41.72 16.49 32.11
CA ALA E 225 42.39 17.09 30.96
C ALA E 225 41.53 17.04 29.69
N ILE E 226 41.24 18.22 29.14
CA ILE E 226 40.57 18.33 27.85
C ILE E 226 41.49 19.04 26.87
N SER E 227 41.48 18.56 25.62
CA SER E 227 42.02 19.33 24.50
C SER E 227 40.87 19.59 23.57
N GLY E 228 41.05 20.62 22.74
CA GLY E 228 39.99 21.13 21.91
C GLY E 228 39.28 22.27 22.57
N SER E 229 38.57 23.04 21.75
CA SER E 229 37.72 24.09 22.24
C SER E 229 36.53 24.34 21.34
N GLY E 230 36.20 23.40 20.46
CA GLY E 230 34.91 23.42 19.79
C GLY E 230 33.82 22.87 20.72
N ASN E 231 32.62 22.72 20.19
CA ASN E 231 31.47 22.34 21.03
C ASN E 231 31.68 21.02 21.79
N VAL E 232 32.45 20.11 21.22
CA VAL E 232 32.60 18.75 21.75
C VAL E 232 33.42 18.78 23.04
N ALA E 233 34.54 19.49 22.99
CA ALA E 233 35.35 19.74 24.20
C ALA E 233 34.58 20.60 25.19
N GLN E 234 33.89 21.64 24.68
CA GLN E 234 33.07 22.57 25.47
C GLN E 234 31.93 21.90 26.22
N TYR E 235 31.23 20.98 25.57
CA TYR E 235 30.10 20.33 26.19
C TYR E 235 30.52 19.15 27.06
N ALA E 236 31.65 18.51 26.73
CA ALA E 236 32.32 17.61 27.69
C ALA E 236 32.83 18.33 28.94
N ALA E 237 33.26 19.58 28.78
CA ALA E 237 33.83 20.39 29.89
C ALA E 237 32.77 20.98 30.82
N LEU E 238 31.59 21.29 30.27
CA LEU E 238 30.46 21.75 31.07
C LEU E 238 29.92 20.62 31.93
N LYS E 239 29.81 19.43 31.33
CA LYS E 239 29.31 18.23 32.01
C LYS E 239 30.23 17.72 33.17
N VAL E 240 31.53 17.63 32.92
CA VAL E 240 32.53 17.35 33.98
C VAL E 240 32.27 18.22 35.22
N ILE E 241 32.15 19.54 34.99
CA ILE E 241 31.91 20.55 36.03
C ILE E 241 30.51 20.39 36.64
N GLU E 242 29.52 20.00 35.83
CA GLU E 242 28.20 19.78 36.39
C GLU E 242 28.29 18.68 37.45
N LEU E 243 29.13 17.67 37.18
CA LEU E 243 29.33 16.49 38.05
C LEU E 243 30.39 16.62 39.16
N GLY E 244 30.81 17.83 39.50
CA GLY E 244 31.76 18.07 40.60
C GLY E 244 33.20 17.81 40.24
N GLY E 245 33.56 17.88 38.96
CA GLY E 245 34.93 17.67 38.47
C GLY E 245 35.56 18.97 37.98
N SER E 246 36.86 18.92 37.67
CA SER E 246 37.67 20.11 37.36
C SER E 246 38.27 20.05 35.95
N VAL E 247 37.80 20.94 35.09
CA VAL E 247 38.35 21.11 33.75
C VAL E 247 39.59 22.00 33.86
N VAL E 248 40.77 21.37 33.73
CA VAL E 248 42.09 22.05 33.91
C VAL E 248 42.81 22.43 32.62
N SER E 249 42.25 22.07 31.47
CA SER E 249 42.82 22.44 30.17
C SER E 249 41.74 22.61 29.10
N LEU E 250 41.92 23.61 28.24
CA LEU E 250 41.36 23.59 26.86
C LEU E 250 42.48 24.05 25.93
N SER E 251 42.32 23.74 24.65
CA SER E 251 43.38 23.95 23.65
C SER E 251 42.87 24.07 22.23
N ASP E 252 43.43 25.03 21.48
CA ASP E 252 43.22 25.14 20.04
C ASP E 252 44.44 24.59 19.33
N SER E 253 44.35 24.45 18.01
CA SER E 253 45.47 23.97 17.21
C SER E 253 46.75 24.81 17.39
N GLN E 254 46.61 26.08 17.78
CA GLN E 254 47.75 27.01 17.99
C GLN E 254 48.41 26.87 19.37
N GLY E 255 47.61 26.61 20.41
CA GLY E 255 48.13 26.46 21.75
C GLY E 255 47.13 25.98 22.79
N SER E 256 47.55 26.03 24.05
CA SER E 256 46.83 25.42 25.17
C SER E 256 46.60 26.37 26.36
N LEU E 257 45.37 26.49 26.82
CA LEU E 257 45.06 27.24 28.03
C LEU E 257 44.86 26.24 29.14
N ILE E 258 45.58 26.41 30.24
CA ILE E 258 45.51 25.50 31.39
C ILE E 258 45.31 26.30 32.67
N ILE E 259 45.17 25.58 33.78
CA ILE E 259 45.08 26.15 35.14
C ILE E 259 46.43 26.06 35.88
N ASN E 260 46.61 26.94 36.86
CA ASN E 260 47.77 26.90 37.78
C ASN E 260 47.36 26.27 39.12
N GLY E 261 47.79 25.02 39.31
CA GLY E 261 47.52 24.28 40.52
C GLY E 261 46.06 23.96 40.60
N GLU E 262 45.48 24.12 41.78
CA GLU E 262 44.08 23.78 42.00
C GLU E 262 43.19 24.89 41.43
N GLY E 263 41.90 24.62 41.36
CA GLY E 263 40.95 25.44 40.59
C GLY E 263 40.70 24.80 39.24
N SER E 264 39.66 25.25 38.55
CA SER E 264 39.23 24.69 37.27
C SER E 264 38.45 25.73 36.47
N PHE E 265 38.21 25.44 35.18
CA PHE E 265 37.39 26.35 34.35
C PHE E 265 35.97 26.43 34.95
N THR E 266 35.38 27.61 34.86
CA THR E 266 33.98 27.83 35.23
C THR E 266 33.16 27.91 33.95
N PRO E 267 31.88 27.49 34.01
CA PRO E 267 30.98 27.61 32.88
C PRO E 267 31.09 28.93 32.11
N GLU E 268 31.05 30.05 32.84
CA GLU E 268 31.05 31.40 32.23
C GLU E 268 32.29 31.60 31.34
N GLU E 269 33.46 31.18 31.84
CA GLU E 269 34.74 31.22 31.09
C GLU E 269 34.72 30.34 29.82
N ILE E 270 34.09 29.16 29.93
CA ILE E 270 33.75 28.34 28.74
C ILE E 270 32.84 29.08 27.73
N GLU E 271 31.86 29.85 28.21
CA GLU E 271 30.99 30.66 27.32
C GLU E 271 31.76 31.82 26.65
N LEU E 272 32.82 32.31 27.26
CA LEU E 272 33.72 33.28 26.61
C LEU E 272 34.61 32.62 25.53
N ILE E 273 35.09 31.41 25.82
CA ILE E 273 35.85 30.60 24.83
C ILE E 273 34.91 30.21 23.68
N ALA E 274 33.64 29.97 24.01
CA ALA E 274 32.58 29.67 23.02
C ALA E 274 32.20 30.91 22.20
N GLN E 275 32.05 32.06 22.86
CA GLN E 275 31.84 33.36 22.18
C GLN E 275 32.93 33.64 21.16
N THR E 276 34.18 33.63 21.62
CA THR E 276 35.34 33.96 20.79
C THR E 276 35.76 32.82 19.83
N LYS E 277 35.21 31.60 19.98
CA LYS E 277 35.36 30.55 18.96
C LYS E 277 34.28 30.57 17.87
N VAL E 278 33.19 31.30 18.11
CA VAL E 278 32.21 31.63 17.07
C VAL E 278 32.79 32.71 16.14
N GLU E 279 33.40 33.74 16.74
CA GLU E 279 34.09 34.80 15.98
C GLU E 279 35.45 34.38 15.36
N ARG E 280 35.71 33.08 15.33
CA ARG E 280 36.86 32.46 14.64
C ARG E 280 38.21 32.91 15.17
N LYS E 281 38.24 33.47 16.38
CA LYS E 281 39.46 34.03 16.97
C LYS E 281 40.09 32.96 17.86
N GLN E 282 41.38 33.13 18.17
CA GLN E 282 42.13 32.08 18.84
C GLN E 282 42.32 32.34 20.32
N LEU E 283 42.79 31.30 21.01
CA LEU E 283 43.04 31.35 22.46
C LEU E 283 44.12 32.35 22.84
N ALA E 284 45.17 32.44 22.02
CA ALA E 284 46.25 33.41 22.24
C ALA E 284 45.78 34.86 22.23
N SER E 285 44.68 35.15 21.53
CA SER E 285 44.19 36.51 21.38
C SER E 285 43.50 36.96 22.66
N ILE E 286 42.64 36.10 23.21
CA ILE E 286 41.83 36.45 24.41
C ILE E 286 42.56 36.52 25.78
N VAL E 287 43.82 36.08 25.82
CA VAL E 287 44.62 36.04 27.05
C VAL E 287 45.04 37.45 27.46
N GLY E 288 44.98 38.40 26.53
CA GLY E 288 45.27 39.82 26.81
C GLY E 288 44.38 40.39 27.90
N ALA E 289 43.10 40.05 27.80
CA ALA E 289 42.06 40.55 28.71
C ALA E 289 41.75 39.59 29.86
N ALA E 290 41.12 40.16 30.88
CA ALA E 290 40.45 39.38 31.92
C ALA E 290 39.25 38.62 31.29
N PRO E 291 38.80 37.51 31.90
CA PRO E 291 39.34 36.93 33.14
C PRO E 291 40.62 36.11 32.95
N PHE E 292 40.94 35.75 31.71
CA PHE E 292 42.02 34.82 31.40
C PHE E 292 43.41 35.38 31.69
N SER E 293 43.55 36.69 31.52
CA SER E 293 44.81 37.38 31.79
C SER E 293 45.32 37.17 33.22
N ASP E 294 44.44 36.81 34.15
CA ASP E 294 44.88 36.48 35.52
C ASP E 294 45.88 35.32 35.46
N ALA E 295 47.18 35.65 35.49
CA ALA E 295 48.27 34.66 35.47
C ALA E 295 48.29 33.67 36.66
N ASN E 296 47.59 34.00 37.76
CA ASN E 296 47.45 33.08 38.88
C ASN E 296 46.59 31.86 38.56
N LYS E 297 45.43 32.09 37.93
CA LYS E 297 44.52 30.98 37.58
C LYS E 297 44.97 30.32 36.28
N PHE E 298 45.16 31.12 35.23
CA PHE E 298 45.44 30.60 33.89
C PHE E 298 46.86 30.81 33.40
N LYS E 299 47.20 30.03 32.38
CA LYS E 299 48.55 29.95 31.85
C LYS E 299 48.49 29.47 30.41
N TYR E 300 48.74 30.36 29.44
CA TYR E 300 48.76 29.99 28.01
C TYR E 300 50.16 29.58 27.55
N ILE E 301 50.22 28.46 26.83
CA ILE E 301 51.47 27.87 26.33
C ILE E 301 51.35 27.68 24.81
N ALA E 302 52.07 28.51 24.06
CA ALA E 302 51.98 28.52 22.60
C ALA E 302 52.75 27.36 22.01
N GLY E 303 52.19 26.80 20.93
CA GLY E 303 52.74 25.62 20.26
C GLY E 303 52.16 24.32 20.78
N ALA E 304 52.09 24.22 22.11
CA ALA E 304 51.94 22.96 22.82
C ALA E 304 50.52 22.43 22.92
N ARG E 305 50.45 21.14 23.19
CA ARG E 305 49.22 20.46 23.60
C ARG E 305 49.18 20.44 25.15
N PRO E 306 48.00 20.16 25.75
CA PRO E 306 47.89 20.25 27.21
C PRO E 306 48.74 19.25 28.00
N TRP E 307 48.98 18.09 27.42
CA TRP E 307 49.26 16.85 28.17
C TRP E 307 50.47 16.90 29.11
N VAL E 308 51.57 17.49 28.66
CA VAL E 308 52.80 17.57 29.47
C VAL E 308 52.78 18.72 30.47
N HIS E 309 51.87 19.68 30.25
CA HIS E 309 51.83 20.91 31.05
C HIS E 309 50.78 20.93 32.18
N VAL E 310 49.84 19.98 32.16
CA VAL E 310 48.72 19.91 33.14
C VAL E 310 49.07 19.20 34.45
N GLY E 311 50.36 19.04 34.77
CA GLY E 311 50.81 18.26 35.94
C GLY E 311 50.10 16.92 36.18
N LYS E 312 49.86 16.62 37.45
CA LYS E 312 49.15 15.42 37.88
C LYS E 312 47.73 15.53 37.38
N VAL E 313 47.20 14.47 36.78
CA VAL E 313 45.81 14.48 36.28
C VAL E 313 45.13 13.12 36.42
N ASP E 314 43.80 13.11 36.46
CA ASP E 314 43.02 11.89 36.60
C ASP E 314 42.41 11.39 35.31
N VAL E 315 41.76 12.28 34.56
CA VAL E 315 41.02 11.89 33.35
C VAL E 315 41.49 12.73 32.14
N ALA E 316 41.51 12.10 30.94
CA ALA E 316 42.07 12.71 29.74
C ALA E 316 41.12 12.52 28.58
N LEU E 317 40.47 13.62 28.16
CA LEU E 317 39.48 13.60 27.07
C LEU E 317 39.99 14.40 25.86
N PRO E 318 40.70 13.72 24.93
CA PRO E 318 40.98 14.35 23.64
C PRO E 318 39.70 14.54 22.82
N SER E 319 39.47 15.78 22.39
CA SER E 319 38.23 16.22 21.73
C SER E 319 38.44 17.43 20.77
N ALA E 320 39.60 17.46 20.09
CA ALA E 320 40.02 18.57 19.21
C ALA E 320 40.15 18.11 17.76
N THR E 321 41.13 17.23 17.49
CA THR E 321 41.41 16.68 16.15
C THR E 321 42.32 15.44 16.19
N GLN E 322 42.48 14.78 15.05
CA GLN E 322 43.13 13.45 15.01
C GLN E 322 44.63 13.44 15.38
N ASN E 323 45.09 12.28 15.86
CA ASN E 323 46.49 12.00 16.26
C ASN E 323 47.08 12.98 17.29
N GLU E 324 46.26 13.35 18.27
CA GLU E 324 46.65 14.41 19.20
C GLU E 324 47.28 13.93 20.53
N ILE E 325 47.24 12.61 20.75
CA ILE E 325 48.01 11.95 21.82
C ILE E 325 48.94 10.94 21.14
N SER E 326 50.25 11.21 21.20
CA SER E 326 51.28 10.28 20.74
C SER E 326 51.58 9.22 21.79
N GLY E 327 52.41 8.25 21.39
CA GLY E 327 52.98 7.27 22.30
C GLY E 327 53.58 7.90 23.54
N GLU E 328 54.33 8.98 23.35
CA GLU E 328 55.08 9.62 24.44
C GLU E 328 54.14 10.37 25.41
N GLU E 329 53.14 11.07 24.87
CA GLU E 329 52.13 11.74 25.69
C GLU E 329 51.25 10.75 26.45
N ALA E 330 51.07 9.56 25.91
CA ALA E 330 50.46 8.47 26.68
C ALA E 330 51.31 8.18 27.92
N GLN E 331 52.62 8.01 27.74
CA GLN E 331 53.51 7.69 28.87
C GLN E 331 53.49 8.77 29.96
N VAL E 332 53.37 10.04 29.54
CA VAL E 332 53.28 11.19 30.44
C VAL E 332 51.94 11.21 31.16
N LEU E 333 50.85 11.02 30.41
CA LEU E 333 49.52 10.84 31.02
C LEU E 333 49.51 9.74 32.13
N ILE E 334 50.22 8.63 31.87
CA ILE E 334 50.41 7.53 32.83
C ILE E 334 51.21 7.96 34.08
N ASN E 335 52.30 8.68 33.89
CA ASN E 335 53.13 9.18 34.99
C ASN E 335 52.52 10.34 35.77
N ALA E 336 51.59 11.05 35.13
CA ALA E 336 50.76 12.06 35.78
C ALA E 336 49.65 11.44 36.63
N GLY E 337 49.48 10.12 36.55
CA GLY E 337 48.45 9.40 37.32
C GLY E 337 47.10 9.28 36.64
N CYS E 338 47.03 9.59 35.34
CA CYS E 338 45.80 9.43 34.56
C CYS E 338 45.36 7.98 34.66
N LYS E 339 44.09 7.76 35.00
CA LYS E 339 43.48 6.41 35.04
C LYS E 339 42.42 6.14 33.93
N PHE E 340 41.97 7.21 33.26
CA PHE E 340 40.81 7.16 32.37
C PHE E 340 41.02 8.06 31.18
N ILE E 341 40.76 7.51 30.01
CA ILE E 341 40.98 8.22 28.78
C ILE E 341 39.98 7.74 27.73
N ALA E 342 39.20 8.68 27.24
CA ALA E 342 38.21 8.45 26.23
C ALA E 342 38.48 9.34 25.03
N GLU E 343 37.92 8.96 23.89
CA GLU E 343 37.91 9.80 22.73
C GLU E 343 36.56 10.50 22.57
N GLY E 344 36.60 11.82 22.38
CA GLY E 344 35.49 12.59 21.78
C GLY E 344 35.73 12.95 20.32
N SER E 345 36.99 13.11 19.94
CA SER E 345 37.41 13.31 18.56
C SER E 345 37.84 11.96 17.98
N ASN E 346 37.35 11.63 16.79
CA ASN E 346 37.64 10.31 16.21
C ASN E 346 39.12 10.20 15.85
N MET E 347 39.66 8.99 16.06
CA MET E 347 41.07 8.69 15.92
C MET E 347 41.91 9.68 16.74
N GLY E 348 41.44 9.97 17.95
CA GLY E 348 42.11 10.92 18.84
C GLY E 348 43.46 10.39 19.31
N CYS E 349 43.47 9.17 19.79
CA CYS E 349 44.69 8.51 20.17
C CYS E 349 45.31 7.86 18.95
N THR E 350 46.64 7.92 18.88
CA THR E 350 47.42 7.23 17.88
C THR E 350 47.52 5.75 18.25
N GLN E 351 47.77 4.89 17.27
CA GLN E 351 47.90 3.45 17.54
C GLN E 351 48.94 3.13 18.62
N GLU E 352 50.07 3.84 18.63
CA GLU E 352 51.14 3.67 19.64
C GLU E 352 50.63 3.97 21.07
N ALA E 353 49.75 4.97 21.18
CA ALA E 353 49.19 5.39 22.46
C ALA E 353 48.06 4.45 22.90
N ILE E 354 47.23 3.99 21.95
CA ILE E 354 46.29 2.90 22.22
C ILE E 354 47.09 1.74 22.82
N ASP E 355 48.17 1.36 22.12
CA ASP E 355 49.03 0.23 22.50
C ASP E 355 49.66 0.36 23.89
N THR E 356 50.16 1.55 24.21
CA THR E 356 50.71 1.87 25.53
C THR E 356 49.64 1.74 26.60
N PHE E 357 48.46 2.28 26.32
CA PHE E 357 47.34 2.18 27.24
C PHE E 357 46.89 0.76 27.52
N GLU E 358 46.88 -0.11 26.52
CA GLU E 358 46.45 -1.49 26.68
C GLU E 358 47.49 -2.32 27.43
N ALA E 359 48.74 -2.19 27.01
CA ALA E 359 49.87 -2.86 27.64
C ALA E 359 50.13 -2.32 29.04
N HIS E 360 49.68 -1.09 29.32
CA HIS E 360 49.65 -0.62 30.70
C HIS E 360 48.52 -1.29 31.49
N ARG E 361 47.32 -1.32 30.92
CA ARG E 361 46.16 -2.02 31.53
C ARG E 361 46.48 -3.49 31.86
N THR E 362 47.10 -4.19 30.91
CA THR E 362 47.44 -5.61 31.08
C THR E 362 48.41 -5.80 32.22
N ALA E 363 49.31 -4.83 32.41
CA ALA E 363 50.37 -4.92 33.41
C ALA E 363 50.04 -4.39 34.83
N ASN E 364 48.80 -3.93 35.05
CA ASN E 364 48.42 -3.24 36.31
C ASN E 364 47.01 -3.59 36.74
N ALA E 365 46.86 -4.60 37.59
CA ALA E 365 45.53 -5.00 38.07
C ALA E 365 44.66 -3.85 38.66
N GLY E 366 43.43 -3.75 38.16
CA GLY E 366 42.34 -2.97 38.78
C GLY E 366 42.34 -1.47 38.55
N ALA E 367 42.31 -0.71 39.64
CA ALA E 367 42.34 0.75 39.57
C ALA E 367 43.76 1.34 39.39
N ALA E 368 44.80 0.49 39.42
CA ALA E 368 46.16 0.93 39.08
C ALA E 368 46.30 1.22 37.56
N ALA E 369 45.49 0.56 36.75
CA ALA E 369 45.50 0.72 35.31
C ALA E 369 44.95 2.08 34.86
N ILE E 370 45.61 2.63 33.84
CA ILE E 370 44.95 3.53 32.88
C ILE E 370 44.02 2.72 31.96
N TRP E 371 42.78 3.19 31.79
CA TRP E 371 41.75 2.51 30.98
C TRP E 371 41.44 3.34 29.73
N TYR E 372 41.62 2.76 28.55
CA TYR E 372 41.36 3.46 27.28
C TYR E 372 40.03 3.04 26.66
N ALA E 373 39.10 4.00 26.58
CA ALA E 373 37.80 3.85 25.88
C ALA E 373 37.84 4.39 24.45
N PRO E 374 37.48 3.56 23.46
CA PRO E 374 37.63 3.92 22.02
C PRO E 374 36.46 4.71 21.45
N GLY E 375 36.76 5.64 20.56
CA GLY E 375 35.77 6.53 19.94
C GLY E 375 34.41 5.92 19.60
N LYS E 376 34.43 4.75 18.95
CA LYS E 376 33.18 4.06 18.57
C LYS E 376 32.18 3.86 19.70
N ALA E 377 32.68 3.66 20.91
CA ALA E 377 31.86 3.55 22.12
C ALA E 377 31.69 4.89 22.88
N ALA E 378 32.78 5.65 22.96
CA ALA E 378 32.81 6.91 23.70
C ALA E 378 32.07 8.06 23.01
N ASN E 379 32.18 8.18 21.67
CA ASN E 379 31.44 9.22 20.92
C ASN E 379 30.23 8.65 20.16
N ALA E 380 29.54 7.70 20.79
CA ALA E 380 28.25 7.21 20.29
C ALA E 380 27.07 8.07 20.76
N GLY E 381 27.32 9.33 21.13
CA GLY E 381 26.29 10.20 21.75
C GLY E 381 25.33 10.77 20.73
N GLY E 382 25.87 11.22 19.60
CA GLY E 382 25.08 11.68 18.47
C GLY E 382 24.19 10.61 17.88
N VAL E 383 24.67 9.36 17.95
CA VAL E 383 23.90 8.16 17.52
C VAL E 383 22.80 7.87 18.52
N ALA E 384 23.14 7.96 19.80
CA ALA E 384 22.21 7.67 20.86
C ALA E 384 21.01 8.59 20.72
N VAL E 385 21.31 9.88 20.62
CA VAL E 385 20.29 10.92 20.49
C VAL E 385 19.55 10.83 19.15
N SER E 386 20.17 10.28 18.09
CA SER E 386 19.42 9.88 16.88
C SER E 386 18.28 8.91 17.22
N GLY E 387 18.57 7.90 18.03
CA GLY E 387 17.54 7.02 18.54
C GLY E 387 16.50 7.75 19.36
N LEU E 388 16.95 8.64 20.23
CA LEU E 388 16.04 9.40 21.07
C LEU E 388 15.18 10.39 20.23
N GLU E 389 15.75 10.90 19.14
CA GLU E 389 15.01 11.79 18.24
C GLU E 389 13.84 11.04 17.61
N MET E 390 14.11 9.83 17.13
CA MET E 390 13.09 8.97 16.57
C MET E 390 12.03 8.63 17.59
N ALA E 391 12.50 8.16 18.74
CA ALA E 391 11.65 7.86 19.88
C ALA E 391 10.65 8.96 20.12
N GLN E 392 11.13 10.19 20.11
CA GLN E 392 10.25 11.36 20.22
C GLN E 392 9.29 11.55 19.02
N ASN E 393 9.76 11.32 17.80
CA ASN E 393 8.91 11.40 16.61
C ASN E 393 7.81 10.33 16.47
N SER E 394 7.94 9.22 17.21
CA SER E 394 6.95 8.15 17.19
CA SER E 394 6.96 8.12 17.22
C SER E 394 5.69 8.47 18.01
N ALA E 395 5.79 9.45 18.93
CA ALA E 395 4.64 9.94 19.75
C ALA E 395 4.13 11.36 19.39
N ARG E 396 4.83 12.05 18.49
CA ARG E 396 4.61 13.48 18.19
C ARG E 396 4.55 14.30 19.47
N LEU E 397 5.59 14.12 20.27
CA LEU E 397 5.67 14.74 21.58
C LEU E 397 7.14 14.81 22.00
N SER E 398 7.70 16.02 21.96
CA SER E 398 9.10 16.24 22.29
C SER E 398 9.31 16.29 23.81
N TRP E 399 10.48 15.79 24.21
CA TRP E 399 10.92 15.70 25.61
C TRP E 399 11.58 17.00 26.05
N THR E 400 11.91 17.09 27.34
CA THR E 400 12.65 18.22 27.90
C THR E 400 14.14 17.95 27.70
N SER E 401 14.95 19.01 27.75
CA SER E 401 16.40 18.81 27.79
C SER E 401 16.78 17.75 28.83
N GLU E 402 16.22 17.84 30.03
CA GLU E 402 16.60 16.97 31.17
C GLU E 402 16.25 15.49 30.94
N GLU E 403 15.18 15.25 30.20
CA GLU E 403 14.77 13.87 29.89
C GLU E 403 15.66 13.24 28.82
N VAL E 404 15.97 14.01 27.77
CA VAL E 404 16.86 13.52 26.72
C VAL E 404 18.25 13.35 27.32
N ASP E 405 18.58 14.18 28.30
CA ASP E 405 19.87 14.12 28.98
C ASP E 405 20.02 12.85 29.84
N ALA E 406 19.02 12.60 30.68
CA ALA E 406 18.97 11.38 31.48
C ALA E 406 19.10 10.14 30.62
N ARG E 407 18.43 10.13 29.47
CA ARG E 407 18.42 8.96 28.58
C ARG E 407 19.68 8.75 27.79
N LEU E 408 20.32 9.85 27.37
CA LEU E 408 21.63 9.78 26.75
C LEU E 408 22.59 9.05 27.69
N LYS E 409 22.51 9.35 28.99
CA LYS E 409 23.34 8.66 30.00
C LYS E 409 23.15 7.14 29.93
N ASP E 410 21.92 6.66 30.01
CA ASP E 410 21.65 5.21 30.06
C ASP E 410 22.07 4.44 28.82
N ILE E 411 21.83 5.03 27.65
CA ILE E 411 22.34 4.48 26.38
C ILE E 411 23.88 4.32 26.42
N MET E 412 24.56 5.35 26.93
CA MET E 412 26.01 5.23 27.16
C MET E 412 26.39 4.13 28.18
N ARG E 413 25.53 3.86 29.15
CA ARG E 413 25.72 2.71 30.05
C ARG E 413 25.68 1.38 29.31
N ASP E 414 24.59 1.17 28.54
CA ASP E 414 24.41 -0.03 27.69
C ASP E 414 25.60 -0.27 26.77
N CYS E 415 26.08 0.81 26.20
CA CYS E 415 27.24 0.83 25.32
C CYS E 415 28.53 0.36 26.02
N PHE E 416 28.71 0.82 27.26
CA PHE E 416 29.79 0.39 28.15
C PHE E 416 29.62 -1.07 28.42
N LYS E 417 28.46 -1.44 28.98
CA LYS E 417 28.14 -2.84 29.28
C LYS E 417 28.49 -3.78 28.12
N ASN E 418 27.87 -3.57 26.97
CA ASN E 418 28.13 -4.37 25.76
C ASN E 418 29.61 -4.63 25.47
N GLY E 419 30.44 -3.60 25.64
CA GLY E 419 31.88 -3.73 25.51
C GLY E 419 32.46 -4.61 26.61
N LEU E 420 32.26 -4.16 27.85
CA LEU E 420 32.82 -4.78 29.06
C LEU E 420 32.51 -6.27 29.11
N GLU E 421 31.22 -6.59 29.02
CA GLU E 421 30.75 -7.99 29.03
C GLU E 421 31.33 -8.86 27.89
N THR E 422 31.29 -8.38 26.65
CA THR E 422 31.96 -9.04 25.50
C THR E 422 33.44 -9.27 25.72
N ALA E 423 34.12 -8.25 26.24
CA ALA E 423 35.53 -8.41 26.62
C ALA E 423 35.72 -9.50 27.71
N GLN E 424 34.89 -9.48 28.76
CA GLN E 424 34.92 -10.52 29.81
C GLN E 424 34.70 -11.92 29.29
N GLU E 425 33.84 -12.00 28.28
CA GLU E 425 33.50 -13.24 27.61
C GLU E 425 34.57 -13.68 26.65
N TYR E 426 34.78 -12.93 25.56
CA TYR E 426 35.61 -13.41 24.46
C TYR E 426 37.07 -12.92 24.44
N ALA E 427 37.50 -12.23 25.50
CA ALA E 427 38.92 -11.90 25.70
C ALA E 427 39.24 -11.87 27.19
N THR E 428 38.89 -12.95 27.89
CA THR E 428 38.96 -12.98 29.36
C THR E 428 40.29 -12.41 29.88
N PRO E 429 40.23 -11.32 30.68
CA PRO E 429 41.44 -10.87 31.34
C PRO E 429 41.71 -11.64 32.62
N ALA E 430 42.97 -11.63 33.03
CA ALA E 430 43.40 -12.22 34.28
C ALA E 430 42.70 -11.56 35.45
N GLU E 431 42.72 -12.22 36.59
CA GLU E 431 41.96 -11.78 37.75
C GLU E 431 42.52 -10.47 38.27
N GLY E 432 41.63 -9.51 38.44
CA GLY E 432 42.00 -8.17 38.91
C GLY E 432 42.24 -7.19 37.79
N VAL E 433 42.41 -7.68 36.55
CA VAL E 433 42.69 -6.83 35.40
C VAL E 433 41.39 -6.48 34.65
N LEU E 434 41.31 -5.22 34.21
CA LEU E 434 40.14 -4.69 33.52
C LEU E 434 40.03 -5.24 32.10
N PRO E 435 38.79 -5.50 31.60
CA PRO E 435 38.68 -5.96 30.21
C PRO E 435 38.95 -4.87 29.21
N SER E 436 39.37 -5.31 28.02
CA SER E 436 39.67 -4.40 26.91
C SER E 436 38.39 -3.91 26.26
N LEU E 437 38.10 -2.63 26.47
CA LEU E 437 36.94 -1.97 25.82
C LEU E 437 37.12 -1.76 24.30
N VAL E 438 38.37 -1.59 23.83
CA VAL E 438 38.66 -1.50 22.38
C VAL E 438 38.29 -2.83 21.74
N THR E 439 38.79 -3.92 22.31
CA THR E 439 38.48 -5.28 21.83
C THR E 439 37.01 -5.57 22.11
N GLY E 440 36.57 -5.24 23.32
CA GLY E 440 35.18 -5.28 23.68
C GLY E 440 34.29 -4.73 22.59
N SER E 441 34.41 -3.44 22.32
CA SER E 441 33.54 -2.77 21.35
C SER E 441 33.67 -3.23 19.86
N ASN E 442 34.69 -4.05 19.54
CA ASN E 442 34.93 -4.52 18.17
C ASN E 442 34.15 -5.79 17.84
N ILE E 443 34.03 -6.62 18.86
CA ILE E 443 33.35 -7.92 18.78
C ILE E 443 31.85 -7.78 19.10
N ALA E 444 31.55 -7.03 20.17
CA ALA E 444 30.20 -6.91 20.72
C ALA E 444 29.16 -6.57 19.65
N GLY E 445 29.48 -5.61 18.80
CA GLY E 445 28.67 -5.30 17.62
C GLY E 445 28.30 -6.53 16.78
N PHE E 446 29.32 -7.27 16.35
CA PHE E 446 29.12 -8.48 15.50
C PHE E 446 28.32 -9.61 16.14
N THR E 447 28.60 -9.90 17.40
CA THR E 447 27.95 -10.99 18.13
C THR E 447 26.48 -10.71 18.36
N LYS E 448 26.17 -9.45 18.63
CA LYS E 448 24.79 -9.05 18.92
C LYS E 448 23.98 -9.20 17.64
N VAL E 449 24.49 -8.64 16.55
CA VAL E 449 23.88 -8.78 15.23
C VAL E 449 23.88 -10.23 14.71
N ALA E 450 24.92 -11.00 15.02
CA ALA E 450 25.01 -12.41 14.57
C ALA E 450 23.99 -13.34 15.24
N ALA E 451 23.76 -13.13 16.54
CA ALA E 451 22.85 -13.96 17.33
C ALA E 451 21.42 -13.69 16.91
N ALA E 452 21.11 -12.40 16.77
CA ALA E 452 19.80 -11.96 16.32
C ALA E 452 19.45 -12.50 14.93
N MET E 453 20.42 -12.54 14.04
CA MET E 453 20.24 -13.13 12.71
C MET E 453 19.92 -14.63 12.78
N LYS E 454 20.48 -15.31 13.77
CA LYS E 454 20.21 -16.72 14.01
C LYS E 454 18.83 -16.91 14.63
N ASP E 455 18.51 -16.11 15.66
CA ASP E 455 17.17 -16.08 16.24
C ASP E 455 16.16 -15.95 15.12
N GLN E 456 16.41 -15.01 14.21
CA GLN E 456 15.46 -14.74 13.13
C GLN E 456 15.66 -15.57 11.85
N GLY E 457 16.47 -16.63 11.91
CA GLY E 457 16.68 -17.50 10.77
C GLY E 457 17.22 -16.87 9.49
N ASP E 458 18.02 -15.83 9.61
CA ASP E 458 18.76 -15.26 8.48
C ASP E 458 20.02 -16.10 8.14
N TRP E 459 20.52 -16.83 9.13
CA TRP E 459 21.43 -17.97 8.91
C TRP E 459 21.12 -19.11 9.91
N TRP E 460 21.62 -20.28 9.57
CA TRP E 460 21.52 -21.47 10.39
C TRP E 460 22.72 -22.29 9.96
N ASN F 3 -26.41 -23.02 7.91
CA ASN F 3 -26.37 -23.88 9.13
C ASN F 3 -24.93 -24.09 9.55
N LEU F 4 -24.66 -23.93 10.85
CA LEU F 4 -23.30 -23.95 11.40
C LEU F 4 -22.71 -25.37 11.38
N PRO F 5 -21.37 -25.49 11.47
CA PRO F 5 -20.74 -26.78 11.72
C PRO F 5 -20.56 -26.93 13.22
N HIS F 6 -20.11 -28.11 13.63
CA HIS F 6 -19.99 -28.45 15.06
C HIS F 6 -18.68 -27.89 15.60
N GLU F 7 -18.79 -27.03 16.61
CA GLU F 7 -17.65 -26.34 17.19
C GLU F 7 -17.75 -26.41 18.73
N PRO F 8 -17.72 -27.64 19.28
CA PRO F 8 -18.11 -27.91 20.65
C PRO F 8 -17.26 -27.21 21.70
N GLU F 9 -15.98 -27.02 21.39
CA GLU F 9 -15.04 -26.29 22.22
C GLU F 9 -15.44 -24.81 22.36
N PHE F 10 -15.97 -24.23 21.27
CA PHE F 10 -16.42 -22.83 21.20
C PHE F 10 -17.81 -22.59 21.79
N GLU F 11 -18.76 -23.44 21.39
CA GLU F 11 -20.13 -23.49 21.96
C GLU F 11 -20.16 -23.46 23.49
N GLN F 12 -19.26 -24.19 24.14
CA GLN F 12 -19.18 -24.20 25.62
C GLN F 12 -18.65 -22.87 26.18
N ALA F 13 -17.61 -22.33 25.54
CA ALA F 13 -17.03 -21.04 25.92
C ALA F 13 -18.03 -19.90 25.75
N TYR F 14 -18.73 -19.94 24.62
CA TYR F 14 -19.94 -19.12 24.41
C TYR F 14 -20.91 -19.30 25.57
N LYS F 15 -21.32 -20.55 25.80
CA LYS F 15 -22.34 -20.85 26.81
C LYS F 15 -21.93 -20.47 28.25
N GLU F 16 -20.67 -20.67 28.62
CA GLU F 16 -20.17 -20.22 29.94
C GLU F 16 -20.29 -18.69 30.16
N LEU F 17 -20.14 -17.90 29.10
CA LEU F 17 -20.24 -16.44 29.19
C LEU F 17 -21.69 -16.04 29.35
N ALA F 18 -22.53 -16.44 28.40
CA ALA F 18 -23.96 -16.10 28.39
C ALA F 18 -24.59 -16.20 29.76
N SER F 19 -24.33 -17.35 30.40
CA SER F 19 -24.90 -17.73 31.69
C SER F 19 -24.47 -16.81 32.83
N THR F 20 -23.22 -16.38 32.83
CA THR F 20 -22.72 -15.48 33.87
C THR F 20 -23.28 -14.07 33.70
N LEU F 21 -23.55 -13.68 32.46
CA LEU F 21 -24.18 -12.38 32.15
C LEU F 21 -25.65 -12.37 32.56
N GLU F 22 -26.31 -13.51 32.37
CA GLU F 22 -27.70 -13.73 32.83
C GLU F 22 -27.73 -13.84 34.37
N ASN F 23 -26.80 -14.58 34.98
CA ASN F 23 -26.74 -14.69 36.46
C ASN F 23 -26.25 -13.41 37.15
N SER F 24 -26.75 -12.27 36.69
CA SER F 24 -26.28 -10.95 37.10
C SER F 24 -27.31 -9.91 36.64
N THR F 25 -27.13 -8.67 37.07
CA THR F 25 -28.09 -7.62 36.76
C THR F 25 -27.84 -6.94 35.42
N LEU F 26 -27.00 -7.52 34.55
CA LEU F 26 -26.56 -6.79 33.37
C LEU F 26 -27.70 -6.60 32.37
N PHE F 27 -28.49 -7.63 32.13
CA PHE F 27 -29.60 -7.55 31.16
C PHE F 27 -30.94 -6.95 31.68
N GLN F 28 -31.06 -6.71 33.00
CA GLN F 28 -32.17 -5.90 33.53
C GLN F 28 -31.85 -4.44 33.18
N LYS F 29 -30.63 -4.03 33.53
CA LYS F 29 -30.20 -2.63 33.44
C LYS F 29 -29.85 -2.20 32.03
N ASN F 30 -29.62 -3.17 31.16
CA ASN F 30 -29.27 -2.93 29.76
C ASN F 30 -29.73 -4.13 28.94
N PRO F 31 -31.04 -4.24 28.65
CA PRO F 31 -31.50 -5.43 27.91
C PRO F 31 -30.89 -5.52 26.53
N GLU F 32 -30.64 -4.36 25.91
CA GLU F 32 -29.99 -4.24 24.59
C GLU F 32 -28.60 -4.90 24.45
N TYR F 33 -27.91 -5.25 25.53
CA TYR F 33 -26.63 -6.00 25.44
C TYR F 33 -26.75 -7.49 25.04
N ARG F 34 -27.95 -7.99 24.82
CA ARG F 34 -28.09 -9.29 24.16
C ARG F 34 -27.71 -9.23 22.67
N LYS F 35 -27.91 -8.06 22.07
CA LYS F 35 -27.45 -7.80 20.71
C LYS F 35 -25.92 -7.76 20.63
N ALA F 36 -25.26 -7.25 21.69
CA ALA F 36 -23.79 -7.22 21.76
C ALA F 36 -23.22 -8.63 21.77
N LEU F 37 -23.73 -9.48 22.66
CA LEU F 37 -23.38 -10.90 22.69
C LEU F 37 -23.53 -11.59 21.30
N ALA F 38 -24.58 -11.21 20.58
CA ALA F 38 -24.90 -11.81 19.27
C ALA F 38 -23.89 -11.39 18.18
N VAL F 39 -23.57 -10.10 18.16
CA VAL F 39 -22.59 -9.57 17.20
C VAL F 39 -21.16 -10.00 17.57
N VAL F 40 -20.78 -9.86 18.86
CA VAL F 40 -19.39 -10.10 19.32
C VAL F 40 -18.93 -11.55 19.08
N SER F 41 -19.86 -12.49 19.23
CA SER F 41 -19.54 -13.91 19.15
C SER F 41 -19.49 -14.47 17.71
N VAL F 42 -19.78 -13.66 16.70
CA VAL F 42 -19.34 -13.98 15.32
C VAL F 42 -17.98 -13.31 15.15
N PRO F 43 -16.94 -14.05 14.71
CA PRO F 43 -15.64 -13.37 14.54
C PRO F 43 -15.64 -12.40 13.36
N GLU F 44 -14.90 -11.29 13.50
CA GLU F 44 -14.79 -10.29 12.45
C GLU F 44 -14.21 -10.92 11.20
N ARG F 45 -13.16 -11.73 11.39
CA ARG F 45 -12.41 -12.30 10.28
C ARG F 45 -11.71 -13.57 10.71
N VAL F 46 -11.79 -14.58 9.83
CA VAL F 46 -10.96 -15.76 9.96
C VAL F 46 -10.33 -16.00 8.60
N ILE F 47 -9.00 -16.12 8.60
CA ILE F 47 -8.25 -16.49 7.42
C ILE F 47 -7.73 -17.90 7.67
N GLN F 48 -8.05 -18.80 6.76
CA GLN F 48 -7.44 -20.13 6.79
C GLN F 48 -6.54 -20.22 5.59
N PHE F 49 -5.41 -20.92 5.75
CA PHE F 49 -4.49 -21.11 4.62
C PHE F 49 -3.77 -22.43 4.71
N ARG F 50 -3.66 -23.08 3.55
CA ARG F 50 -2.69 -24.16 3.34
C ARG F 50 -1.31 -23.63 3.73
N VAL F 51 -0.46 -24.51 4.25
CA VAL F 51 0.96 -24.19 4.45
C VAL F 51 1.76 -25.36 3.89
N VAL F 52 2.54 -25.13 2.85
CA VAL F 52 3.35 -26.20 2.24
C VAL F 52 4.82 -25.99 2.59
N TRP F 53 5.38 -26.99 3.24
CA TRP F 53 6.74 -26.97 3.73
C TRP F 53 7.40 -28.29 3.40
N GLU F 54 8.72 -28.32 3.53
CA GLU F 54 9.58 -29.41 3.06
C GLU F 54 10.37 -29.99 4.22
N ASP F 55 10.40 -31.32 4.36
CA ASP F 55 11.17 -31.96 5.45
C ASP F 55 12.69 -32.05 5.13
N ASP F 56 13.46 -32.74 5.98
CA ASP F 56 14.93 -32.93 5.78
C ASP F 56 15.27 -33.97 4.68
N ALA F 57 14.27 -34.79 4.35
CA ALA F 57 14.32 -35.74 3.25
C ALA F 57 13.93 -35.13 1.91
N GLY F 58 13.30 -33.95 1.93
CA GLY F 58 12.82 -33.28 0.70
C GLY F 58 11.37 -33.54 0.26
N ASN F 59 10.67 -34.46 0.92
CA ASN F 59 9.27 -34.73 0.63
C ASN F 59 8.39 -33.54 0.97
N VAL F 60 7.36 -33.33 0.17
CA VAL F 60 6.34 -32.33 0.45
C VAL F 60 5.48 -32.72 1.67
N GLN F 61 5.12 -31.71 2.46
CA GLN F 61 4.26 -31.84 3.64
C GLN F 61 3.25 -30.69 3.67
N VAL F 62 2.00 -31.01 3.99
CA VAL F 62 0.91 -30.04 4.01
C VAL F 62 0.30 -29.89 5.40
N ASN F 63 0.05 -28.65 5.79
CA ASN F 63 -0.61 -28.33 7.05
C ASN F 63 -1.59 -27.18 6.88
N ARG F 64 -2.48 -27.08 7.86
CA ARG F 64 -3.49 -26.05 7.89
C ARG F 64 -3.05 -24.96 8.84
N GLY F 65 -3.12 -23.72 8.38
CA GLY F 65 -2.75 -22.56 9.17
C GLY F 65 -4.01 -21.74 9.33
N PHE F 66 -4.20 -21.17 10.52
CA PHE F 66 -5.36 -20.34 10.85
C PHE F 66 -4.91 -19.05 11.57
N ARG F 67 -5.64 -17.95 11.38
CA ARG F 67 -5.63 -16.82 12.34
C ARG F 67 -7.06 -16.31 12.57
N VAL F 68 -7.64 -16.65 13.71
CA VAL F 68 -8.92 -16.08 14.09
C VAL F 68 -8.62 -14.71 14.64
N GLN F 69 -9.23 -13.70 14.02
CA GLN F 69 -9.14 -12.28 14.41
C GLN F 69 -10.55 -11.85 14.84
N PHE F 70 -10.80 -11.92 16.14
CA PHE F 70 -12.17 -11.89 16.67
C PHE F 70 -12.68 -10.47 16.82
N ASN F 71 -11.94 -9.69 17.58
CA ASN F 71 -12.41 -8.37 17.95
C ASN F 71 -11.25 -7.39 17.97
N SER F 72 -11.51 -6.16 17.52
CA SER F 72 -10.46 -5.15 17.45
C SER F 72 -10.93 -3.79 17.93
N ALA F 73 -11.97 -3.77 18.76
CA ALA F 73 -12.63 -2.53 19.17
C ALA F 73 -11.80 -1.81 20.20
N LEU F 74 -11.13 -2.58 21.06
CA LEU F 74 -10.29 -2.01 22.10
C LEU F 74 -8.80 -2.03 21.75
N GLY F 75 -8.43 -2.58 20.60
CA GLY F 75 -7.05 -2.56 20.16
C GLY F 75 -6.80 -3.38 18.91
N PRO F 76 -5.55 -3.39 18.41
CA PRO F 76 -5.25 -4.37 17.38
C PRO F 76 -5.49 -5.79 17.90
N TYR F 77 -5.89 -6.69 16.99
CA TYR F 77 -6.01 -8.11 17.27
C TYR F 77 -4.75 -8.56 18.01
N LYS F 78 -4.91 -9.16 19.19
CA LYS F 78 -3.79 -9.64 20.00
C LYS F 78 -4.11 -10.99 20.62
N GLY F 79 -3.16 -11.92 20.56
CA GLY F 79 -3.33 -13.26 21.10
C GLY F 79 -2.39 -14.26 20.47
N GLY F 80 -2.25 -15.42 21.09
CA GLY F 80 -1.18 -16.37 20.73
C GLY F 80 -1.27 -17.09 19.37
N LEU F 81 -0.16 -17.77 19.01
CA LEU F 81 -0.14 -18.81 17.94
C LEU F 81 0.07 -20.18 18.59
N ARG F 82 -0.74 -21.18 18.23
CA ARG F 82 -0.61 -22.57 18.70
C ARG F 82 -0.21 -23.58 17.60
N PHE F 83 0.83 -24.35 17.88
CA PHE F 83 1.37 -25.34 16.94
C PHE F 83 1.18 -26.71 17.57
N HIS F 84 0.14 -27.44 17.13
CA HIS F 84 -0.21 -28.73 17.73
C HIS F 84 -1.24 -29.51 16.88
N PRO F 85 -1.08 -30.85 16.72
CA PRO F 85 -1.95 -31.62 15.78
C PRO F 85 -3.46 -31.65 16.07
N SER F 86 -3.84 -31.30 17.29
CA SER F 86 -5.24 -31.01 17.65
C SER F 86 -5.82 -29.78 16.97
N VAL F 87 -5.02 -28.71 16.86
CA VAL F 87 -5.48 -27.40 16.35
C VAL F 87 -6.51 -27.44 15.19
N ASN F 88 -7.64 -26.79 15.44
CA ASN F 88 -8.65 -26.56 14.42
C ASN F 88 -9.44 -25.31 14.77
N LEU F 89 -10.32 -24.89 13.84
CA LEU F 89 -11.00 -23.59 13.89
C LEU F 89 -11.71 -23.47 15.23
N SER F 90 -12.58 -24.46 15.48
CA SER F 90 -13.34 -24.57 16.72
C SER F 90 -12.49 -24.25 17.93
N ILE F 91 -11.31 -24.84 17.98
CA ILE F 91 -10.38 -24.65 19.10
C ILE F 91 -9.81 -23.22 19.16
N LEU F 92 -9.46 -22.64 18.02
CA LEU F 92 -8.87 -21.31 17.98
C LEU F 92 -9.87 -20.18 18.21
N LYS F 93 -11.14 -20.48 17.93
CA LYS F 93 -12.24 -19.58 18.24
C LYS F 93 -12.40 -19.56 19.76
N PHE F 94 -12.52 -20.75 20.34
CA PHE F 94 -12.64 -20.91 21.79
C PHE F 94 -11.58 -20.07 22.49
N LEU F 95 -10.36 -20.06 21.95
CA LEU F 95 -9.23 -19.36 22.58
C LEU F 95 -9.11 -17.89 22.16
N GLY F 96 -9.39 -17.59 20.89
CA GLY F 96 -9.64 -16.22 20.42
C GLY F 96 -10.72 -15.49 21.22
N PHE F 97 -11.98 -15.95 21.12
CA PHE F 97 -13.11 -15.46 21.94
C PHE F 97 -12.66 -14.99 23.35
N GLU F 98 -12.12 -15.92 24.14
CA GLU F 98 -11.78 -15.66 25.55
C GLU F 98 -10.67 -14.62 25.71
N GLN F 99 -9.73 -14.61 24.75
CA GLN F 99 -8.63 -13.67 24.76
C GLN F 99 -9.13 -12.22 24.56
N ILE F 100 -10.26 -12.04 23.88
CA ILE F 100 -10.86 -10.73 23.78
C ILE F 100 -11.04 -10.17 25.17
N PHE F 101 -11.69 -10.96 26.01
CA PHE F 101 -12.17 -10.49 27.30
C PHE F 101 -11.08 -10.52 28.37
N LYS F 102 -10.14 -11.46 28.25
CA LYS F 102 -9.00 -11.54 29.18
C LYS F 102 -8.00 -10.40 28.93
N ASN F 103 -7.90 -10.02 27.65
CA ASN F 103 -7.10 -8.85 27.22
C ASN F 103 -7.79 -7.57 27.64
N ALA F 104 -9.11 -7.52 27.43
CA ALA F 104 -9.93 -6.35 27.72
C ALA F 104 -9.89 -6.01 29.19
N LEU F 105 -9.82 -7.05 30.01
CA LEU F 105 -9.79 -6.93 31.46
C LEU F 105 -8.54 -6.24 32.00
N THR F 106 -7.45 -6.24 31.26
CA THR F 106 -6.21 -5.54 31.67
C THR F 106 -6.22 -4.02 31.59
N GLY F 107 -7.12 -3.47 30.77
CA GLY F 107 -7.23 -2.04 30.54
C GLY F 107 -6.39 -1.50 29.38
N LEU F 108 -5.55 -2.36 28.78
CA LEU F 108 -4.75 -1.97 27.62
C LEU F 108 -5.60 -1.97 26.37
N ASN F 109 -5.05 -1.32 25.35
CA ASN F 109 -5.72 -1.14 24.07
C ASN F 109 -5.30 -2.32 23.20
N MET F 110 -5.96 -3.46 23.47
CA MET F 110 -5.73 -4.73 22.77
C MET F 110 -7.06 -5.39 22.46
N GLY F 111 -7.17 -5.91 21.25
CA GLY F 111 -8.35 -6.67 20.83
C GLY F 111 -8.17 -8.12 21.21
N GLY F 112 -8.68 -9.02 20.36
CA GLY F 112 -8.71 -10.45 20.67
C GLY F 112 -8.73 -11.36 19.44
N GLY F 113 -7.85 -12.37 19.48
CA GLY F 113 -7.79 -13.39 18.43
C GLY F 113 -6.91 -14.55 18.84
N LYS F 114 -6.85 -15.58 17.98
CA LYS F 114 -5.91 -16.70 18.14
C LYS F 114 -5.78 -17.45 16.86
N GLY F 115 -4.64 -18.09 16.69
CA GLY F 115 -4.35 -18.80 15.46
C GLY F 115 -3.25 -19.82 15.64
N GLY F 116 -2.83 -20.39 14.53
CA GLY F 116 -1.77 -21.38 14.55
C GLY F 116 -1.97 -22.41 13.48
N SER F 117 -1.47 -23.61 13.74
CA SER F 117 -1.51 -24.65 12.77
C SER F 117 -1.52 -26.01 13.42
N ASP F 118 -1.88 -27.03 12.63
CA ASP F 118 -1.87 -28.41 13.09
C ASP F 118 -0.55 -29.11 12.80
N PHE F 119 0.46 -28.36 12.36
CA PHE F 119 1.83 -28.88 12.28
C PHE F 119 2.28 -29.28 13.71
N ASP F 120 2.90 -30.46 13.81
CA ASP F 120 3.26 -31.11 15.08
C ASP F 120 4.76 -30.96 15.22
N PRO F 121 5.24 -30.10 16.15
CA PRO F 121 6.69 -29.87 16.23
C PRO F 121 7.50 -31.02 16.86
N LYS F 122 6.81 -31.89 17.61
CA LYS F 122 7.39 -33.11 18.22
C LYS F 122 8.05 -33.99 17.20
N GLY F 123 9.34 -34.25 17.37
CA GLY F 123 10.13 -35.09 16.46
C GLY F 123 10.79 -34.35 15.32
N LYS F 124 10.28 -33.16 15.01
CA LYS F 124 10.80 -32.35 13.91
C LYS F 124 12.14 -31.76 14.31
N SER F 125 13.03 -31.60 13.35
CA SER F 125 14.30 -30.90 13.61
C SER F 125 14.06 -29.39 13.67
N ASP F 126 15.10 -28.65 14.07
CA ASP F 126 15.05 -27.19 14.02
C ASP F 126 14.93 -26.69 12.58
N ASN F 127 15.53 -27.41 11.63
CA ASN F 127 15.41 -27.06 10.21
C ASN F 127 13.99 -27.15 9.70
N GLU F 128 13.34 -28.27 10.01
CA GLU F 128 11.91 -28.47 9.68
C GLU F 128 11.00 -27.37 10.28
N ILE F 129 11.22 -27.07 11.55
CA ILE F 129 10.51 -25.98 12.22
C ILE F 129 10.72 -24.66 11.45
N ARG F 130 11.98 -24.32 11.17
CA ARG F 130 12.35 -23.09 10.45
C ARG F 130 11.71 -23.06 9.08
N ARG F 131 11.75 -24.19 8.37
CA ARG F 131 11.15 -24.25 7.04
C ARG F 131 9.63 -24.06 7.11
N PHE F 132 8.99 -24.64 8.11
CA PHE F 132 7.55 -24.44 8.30
C PHE F 132 7.20 -23.00 8.69
N CYS F 133 7.93 -22.43 9.65
CA CYS F 133 7.71 -21.04 10.08
C CYS F 133 7.76 -20.10 8.89
N VAL F 134 8.81 -20.24 8.08
CA VAL F 134 8.98 -19.46 6.84
C VAL F 134 7.79 -19.56 5.88
N SER F 135 7.23 -20.77 5.73
CA SER F 135 6.06 -20.94 4.87
C SER F 135 4.82 -20.34 5.53
N PHE F 136 4.66 -20.59 6.84
CA PHE F 136 3.54 -20.06 7.62
C PHE F 136 3.47 -18.54 7.48
N MET F 137 4.58 -17.88 7.79
CA MET F 137 4.66 -16.41 7.71
C MET F 137 4.55 -15.84 6.27
N THR F 138 4.93 -16.62 5.25
CA THR F 138 4.78 -16.18 3.83
C THR F 138 3.34 -15.82 3.47
N GLU F 139 2.37 -16.54 4.02
CA GLU F 139 0.95 -16.19 3.87
C GLU F 139 0.40 -15.30 5.00
N LEU F 140 0.81 -15.57 6.23
CA LEU F 140 0.31 -14.86 7.39
C LEU F 140 0.71 -13.37 7.42
N CYS F 141 1.90 -13.05 6.91
CA CYS F 141 2.40 -11.65 6.85
CA CYS F 141 2.39 -11.67 6.89
C CYS F 141 1.37 -10.70 6.27
N LYS F 142 0.58 -11.19 5.31
CA LYS F 142 -0.47 -10.39 4.65
C LYS F 142 -1.51 -9.77 5.57
N HIS F 143 -1.82 -10.45 6.69
CA HIS F 143 -3.00 -10.15 7.51
C HIS F 143 -2.67 -9.61 8.91
N ILE F 144 -1.39 -9.40 9.21
CA ILE F 144 -0.94 -8.93 10.51
C ILE F 144 -0.15 -7.61 10.38
N GLY F 145 0.43 -7.15 11.48
CA GLY F 145 1.20 -5.89 11.48
C GLY F 145 1.11 -5.27 12.86
N ALA F 146 2.03 -4.37 13.17
CA ALA F 146 2.10 -3.77 14.51
C ALA F 146 0.91 -2.87 14.86
N ASP F 147 0.09 -2.47 13.88
CA ASP F 147 -1.13 -1.69 14.14
C ASP F 147 -2.44 -2.38 13.69
N THR F 148 -2.36 -3.67 13.38
CA THR F 148 -3.49 -4.43 12.81
C THR F 148 -3.73 -5.76 13.53
N ASP F 149 -2.70 -6.59 13.61
CA ASP F 149 -2.73 -7.82 14.39
C ASP F 149 -1.35 -8.17 14.92
N VAL F 150 -1.23 -8.37 16.24
CA VAL F 150 0.06 -8.66 16.89
C VAL F 150 0.04 -10.05 17.53
N PRO F 151 0.45 -11.09 16.79
CA PRO F 151 0.45 -12.39 17.45
C PRO F 151 1.47 -12.53 18.59
N ALA F 152 1.52 -13.73 19.14
CA ALA F 152 2.50 -14.10 20.16
C ALA F 152 2.66 -15.64 20.22
N GLY F 153 3.30 -16.10 21.30
CA GLY F 153 3.50 -17.52 21.54
C GLY F 153 2.31 -18.19 22.19
N ASP F 154 2.39 -19.52 22.25
CA ASP F 154 1.45 -20.41 22.97
C ASP F 154 2.07 -21.83 22.95
N ILE F 155 1.26 -22.89 22.99
CA ILE F 155 1.75 -24.29 22.93
C ILE F 155 2.46 -24.61 21.59
N GLY F 156 3.74 -24.96 21.70
CA GLY F 156 4.57 -25.23 20.52
C GLY F 156 5.05 -24.02 19.72
N VAL F 157 4.87 -22.83 20.28
CA VAL F 157 5.44 -21.60 19.72
C VAL F 157 6.00 -20.79 20.89
N THR F 158 7.34 -20.78 21.01
CA THR F 158 8.03 -19.96 22.03
C THR F 158 9.10 -19.15 21.30
N GLY F 159 9.95 -18.48 22.07
CA GLY F 159 11.07 -17.68 21.56
C GLY F 159 11.67 -18.06 20.22
N ARG F 160 11.92 -19.36 20.03
CA ARG F 160 12.53 -19.89 18.79
C ARG F 160 11.68 -19.67 17.54
N GLU F 161 10.41 -20.03 17.62
CA GLU F 161 9.49 -19.93 16.50
C GLU F 161 9.06 -18.50 16.29
N VAL F 162 8.89 -17.76 17.39
CA VAL F 162 8.62 -16.32 17.30
C VAL F 162 9.74 -15.66 16.48
N GLY F 163 10.99 -16.08 16.75
CA GLY F 163 12.15 -15.72 15.91
C GLY F 163 12.00 -15.99 14.42
N PHE F 164 11.79 -17.25 14.06
CA PHE F 164 11.62 -17.59 12.65
C PHE F 164 10.51 -16.76 11.98
N LEU F 165 9.43 -16.53 12.70
CA LEU F 165 8.28 -15.82 12.19
C LEU F 165 8.56 -14.32 12.01
N PHE F 166 9.20 -13.73 13.00
CA PHE F 166 9.64 -12.34 12.92
C PHE F 166 10.57 -12.15 11.75
N GLY F 167 11.54 -13.03 11.64
CA GLY F 167 12.56 -12.98 10.60
C GLY F 167 12.06 -13.01 9.17
N GLN F 168 11.00 -13.76 8.92
CA GLN F 168 10.40 -13.85 7.60
C GLN F 168 9.40 -12.73 7.34
N TYR F 169 8.71 -12.25 8.38
CA TYR F 169 7.89 -11.06 8.26
C TYR F 169 8.76 -9.95 7.67
N ARG F 170 9.89 -9.70 8.33
CA ARG F 170 10.89 -8.70 7.95
C ARG F 170 11.34 -8.87 6.49
N LYS F 171 11.87 -10.04 6.18
CA LYS F 171 12.26 -10.44 4.82
C LYS F 171 11.27 -10.10 3.72
N ILE F 172 9.97 -10.33 3.95
CA ILE F 172 8.87 -10.00 3.01
C ILE F 172 8.47 -8.53 3.10
N ARG F 173 8.19 -8.12 4.32
CA ARG F 173 7.56 -6.82 4.54
C ARG F 173 8.53 -5.64 4.57
N ASN F 174 9.80 -5.89 4.81
CA ASN F 174 10.84 -4.85 4.85
C ASN F 174 10.52 -3.80 5.95
N GLN F 175 10.26 -4.32 7.14
CA GLN F 175 9.81 -3.54 8.26
C GLN F 175 10.23 -4.19 9.54
N TRP F 176 10.86 -3.39 10.39
CA TRP F 176 11.12 -3.78 11.76
C TRP F 176 10.08 -3.05 12.59
N GLU F 177 9.32 -3.81 13.39
CA GLU F 177 8.19 -3.29 14.19
C GLU F 177 7.69 -4.33 15.16
N GLY F 178 6.87 -3.93 16.13
CA GLY F 178 6.27 -4.87 17.07
C GLY F 178 5.13 -5.69 16.46
N VAL F 179 5.44 -6.57 15.51
CA VAL F 179 4.45 -7.46 14.89
C VAL F 179 4.20 -8.69 15.73
N LEU F 180 5.23 -9.13 16.45
CA LEU F 180 5.16 -10.26 17.37
C LEU F 180 5.67 -9.86 18.76
N THR F 181 5.14 -10.51 19.78
CA THR F 181 5.62 -10.32 21.15
C THR F 181 6.16 -11.65 21.67
N GLY F 182 6.95 -11.59 22.73
CA GLY F 182 7.78 -12.72 23.16
C GLY F 182 8.99 -12.91 22.25
N LYS F 183 9.55 -11.77 21.83
CA LYS F 183 10.77 -11.69 21.02
C LYS F 183 12.03 -11.62 21.90
N GLY F 184 13.17 -11.87 21.27
CA GLY F 184 14.47 -11.85 21.94
C GLY F 184 14.81 -10.44 22.40
N GLY F 185 15.52 -10.33 23.52
CA GLY F 185 15.77 -9.04 24.17
C GLY F 185 16.56 -8.03 23.35
N SER F 186 17.45 -8.52 22.50
CA SER F 186 18.23 -7.65 21.64
C SER F 186 17.45 -7.11 20.45
N TRP F 187 16.39 -7.81 20.02
CA TRP F 187 15.60 -7.42 18.84
C TRP F 187 14.14 -7.19 19.21
N GLY F 188 13.95 -6.27 20.15
CA GLY F 188 12.62 -5.80 20.55
C GLY F 188 11.88 -6.60 21.60
N GLY F 189 12.56 -7.51 22.27
CA GLY F 189 12.01 -8.18 23.46
C GLY F 189 12.06 -7.24 24.65
N SER F 190 11.34 -7.60 25.70
CA SER F 190 11.18 -6.73 26.87
C SER F 190 11.77 -7.30 28.15
N LEU F 191 12.42 -6.44 28.91
CA LEU F 191 12.80 -6.75 30.29
C LEU F 191 11.57 -7.02 31.15
N ILE F 192 11.73 -7.88 32.17
CA ILE F 192 10.64 -8.32 33.10
C ILE F 192 9.62 -9.27 32.43
N ARG F 193 9.98 -9.86 31.29
CA ARG F 193 9.16 -10.90 30.65
C ARG F 193 9.16 -12.19 31.49
N PRO F 194 10.36 -12.71 31.85
CA PRO F 194 10.38 -13.96 32.65
C PRO F 194 9.71 -13.81 34.01
N GLU F 195 9.86 -12.62 34.60
CA GLU F 195 9.26 -12.30 35.88
C GLU F 195 7.80 -11.78 35.80
N ALA F 196 7.18 -11.82 34.63
CA ALA F 196 5.95 -11.07 34.40
C ALA F 196 4.77 -11.68 35.14
N THR F 197 4.60 -13.00 35.00
CA THR F 197 3.45 -13.67 35.57
C THR F 197 3.64 -13.84 37.07
N GLY F 198 4.86 -14.07 37.51
CA GLY F 198 5.16 -14.19 38.95
C GLY F 198 4.86 -12.91 39.69
N TYR F 199 5.42 -11.82 39.19
CA TYR F 199 5.29 -10.49 39.82
C TYR F 199 3.85 -9.97 39.73
N GLY F 200 3.24 -10.13 38.56
CA GLY F 200 1.88 -9.68 38.28
C GLY F 200 0.84 -10.21 39.26
N VAL F 201 0.92 -11.50 39.59
CA VAL F 201 0.07 -12.10 40.64
C VAL F 201 0.23 -11.40 41.99
N VAL F 202 1.48 -11.22 42.40
CA VAL F 202 1.77 -10.57 43.67
C VAL F 202 1.27 -9.13 43.71
N TYR F 203 1.50 -8.35 42.65
CA TYR F 203 0.98 -6.98 42.60
C TYR F 203 -0.54 -6.96 42.66
N TYR F 204 -1.18 -7.94 42.03
CA TYR F 204 -2.64 -8.02 42.05
C TYR F 204 -3.16 -8.21 43.48
N VAL F 205 -2.66 -9.23 44.17
CA VAL F 205 -3.05 -9.52 45.56
C VAL F 205 -2.81 -8.32 46.48
N GLU F 206 -1.67 -7.64 46.28
CA GLU F 206 -1.38 -6.38 46.97
C GLU F 206 -2.51 -5.34 46.82
N HIS F 207 -3.06 -5.19 45.61
CA HIS F 207 -4.20 -4.26 45.39
C HIS F 207 -5.49 -4.73 46.09
N MET F 208 -5.62 -6.04 46.29
CA MET F 208 -6.71 -6.59 47.09
C MET F 208 -6.55 -6.24 48.57
N ILE F 209 -5.33 -6.37 49.11
CA ILE F 209 -5.08 -6.17 50.55
C ILE F 209 -5.47 -4.76 50.94
N ALA F 210 -4.86 -3.78 50.28
CA ALA F 210 -5.13 -2.36 50.53
C ALA F 210 -6.61 -2.06 50.49
N HIS F 211 -7.32 -2.59 49.49
CA HIS F 211 -8.75 -2.39 49.43
C HIS F 211 -9.41 -2.93 50.70
N ALA F 212 -9.26 -4.23 50.95
CA ALA F 212 -9.90 -4.87 52.10
C ALA F 212 -9.51 -4.24 53.45
N THR F 213 -8.29 -3.74 53.54
CA THR F 213 -7.74 -3.22 54.79
C THR F 213 -7.62 -1.69 54.79
N ASN F 214 -8.28 -1.02 53.84
CA ASN F 214 -8.27 0.45 53.74
C ASN F 214 -6.88 1.13 53.84
N GLY F 215 -5.92 0.59 53.10
CA GLY F 215 -4.56 1.16 53.01
C GLY F 215 -3.63 0.95 54.21
N GLN F 216 -4.08 0.15 55.19
CA GLN F 216 -3.41 -0.01 56.50
C GLN F 216 -2.42 -1.20 56.52
N GLU F 217 -2.72 -2.24 55.73
CA GLU F 217 -1.90 -3.45 55.63
C GLU F 217 -1.31 -3.61 54.22
N SER F 218 -0.40 -4.58 54.09
CA SER F 218 0.24 -4.90 52.82
C SER F 218 0.83 -6.31 52.87
N PHE F 219 1.70 -6.64 51.91
CA PHE F 219 2.44 -7.90 51.98
C PHE F 219 3.42 -8.02 53.13
N LYS F 220 3.89 -6.87 53.62
CA LYS F 220 4.83 -6.82 54.76
C LYS F 220 4.23 -7.51 56.00
N GLY F 221 5.09 -8.24 56.70
CA GLY F 221 4.67 -9.06 57.79
C GLY F 221 3.98 -10.35 57.40
N LYS F 222 3.36 -10.44 56.22
CA LYS F 222 2.51 -11.59 55.88
C LYS F 222 3.32 -12.84 55.51
N ARG F 223 2.72 -14.00 55.78
CA ARG F 223 3.26 -15.30 55.43
C ARG F 223 2.46 -15.82 54.23
N VAL F 224 3.20 -16.29 53.22
CA VAL F 224 2.67 -16.59 51.88
C VAL F 224 3.10 -17.99 51.49
N ALA F 225 2.12 -18.89 51.45
CA ALA F 225 2.31 -20.25 51.00
C ALA F 225 2.13 -20.32 49.46
N ILE F 226 3.11 -20.94 48.79
CA ILE F 226 3.20 -20.98 47.34
C ILE F 226 3.49 -22.42 46.90
N SER F 227 2.94 -22.76 45.73
CA SER F 227 3.16 -24.06 45.11
C SER F 227 3.87 -23.87 43.78
N GLY F 228 4.56 -24.92 43.34
CA GLY F 228 5.35 -24.87 42.11
C GLY F 228 6.73 -24.28 42.35
N SER F 229 7.60 -24.43 41.35
CA SER F 229 8.97 -23.91 41.43
C SER F 229 9.55 -23.45 40.08
N GLY F 230 8.69 -23.20 39.09
CA GLY F 230 9.13 -22.76 37.76
C GLY F 230 9.27 -21.26 37.73
N ASN F 231 9.05 -20.67 36.56
CA ASN F 231 8.99 -19.20 36.42
C ASN F 231 8.12 -18.60 37.53
N VAL F 232 6.94 -19.19 37.67
CA VAL F 232 5.80 -18.50 38.20
C VAL F 232 5.89 -18.40 39.72
N ALA F 233 6.31 -19.50 40.33
CA ALA F 233 6.41 -19.55 41.76
C ALA F 233 7.65 -18.82 42.19
N GLN F 234 8.77 -19.10 41.52
CA GLN F 234 10.07 -18.44 41.80
C GLN F 234 9.92 -16.95 41.95
N TYR F 235 9.27 -16.38 40.95
CA TYR F 235 9.21 -14.94 40.78
C TYR F 235 8.13 -14.28 41.64
N ALA F 236 6.97 -14.91 41.78
CA ALA F 236 6.01 -14.49 42.81
C ALA F 236 6.63 -14.59 44.20
N ALA F 237 7.50 -15.57 44.42
CA ALA F 237 8.22 -15.72 45.70
C ALA F 237 9.18 -14.57 45.92
N LEU F 238 9.97 -14.24 44.90
CA LEU F 238 10.93 -13.12 44.99
C LEU F 238 10.28 -11.77 45.27
N LYS F 239 9.13 -11.53 44.64
CA LYS F 239 8.35 -10.29 44.91
C LYS F 239 7.86 -10.17 46.36
N VAL F 240 7.23 -11.24 46.87
CA VAL F 240 6.82 -11.29 48.31
C VAL F 240 8.00 -10.85 49.22
N ILE F 241 9.18 -11.39 48.93
CA ILE F 241 10.39 -11.17 49.73
C ILE F 241 10.87 -9.70 49.66
N GLU F 242 11.01 -9.19 48.44
CA GLU F 242 11.39 -7.79 48.25
C GLU F 242 10.39 -6.86 48.96
N LEU F 243 9.10 -7.24 48.95
CA LEU F 243 8.04 -6.49 49.63
C LEU F 243 7.93 -6.78 51.11
N GLY F 244 9.02 -7.30 51.71
CA GLY F 244 9.10 -7.62 53.15
C GLY F 244 8.20 -8.72 53.67
N GLY F 245 7.59 -9.51 52.78
CA GLY F 245 6.72 -10.62 53.19
C GLY F 245 7.51 -11.89 53.44
N SER F 246 6.81 -13.02 53.64
CA SER F 246 7.45 -14.32 53.93
C SER F 246 6.98 -15.42 53.01
N VAL F 247 7.86 -15.88 52.11
CA VAL F 247 7.61 -17.09 51.34
C VAL F 247 7.86 -18.24 52.34
N VAL F 248 6.80 -19.02 52.62
CA VAL F 248 6.80 -20.15 53.59
C VAL F 248 6.61 -21.53 52.96
N SER F 249 6.46 -21.61 51.64
CA SER F 249 6.37 -22.91 50.97
C SER F 249 6.71 -22.80 49.50
N LEU F 250 7.44 -23.81 49.01
CA LEU F 250 7.46 -24.15 47.58
C LEU F 250 7.16 -25.63 47.44
N SER F 251 6.86 -26.03 46.20
CA SER F 251 6.49 -27.39 45.89
C SER F 251 6.82 -27.69 44.44
N ASP F 252 7.04 -28.97 44.14
CA ASP F 252 7.00 -29.48 42.78
C ASP F 252 6.06 -30.69 42.79
N SER F 253 5.93 -31.36 41.66
CA SER F 253 4.93 -32.43 41.53
C SER F 253 5.12 -33.66 42.46
N GLN F 254 6.30 -33.81 43.08
CA GLN F 254 6.63 -34.93 44.00
C GLN F 254 6.54 -34.64 45.51
N GLY F 255 6.45 -33.38 45.90
CA GLY F 255 6.41 -33.04 47.32
C GLY F 255 6.66 -31.58 47.63
N SER F 256 6.38 -31.22 48.88
CA SER F 256 6.44 -29.82 49.35
C SER F 256 7.70 -29.55 50.20
N LEU F 257 8.36 -28.42 49.95
CA LEU F 257 9.40 -27.89 50.84
C LEU F 257 8.81 -26.66 51.56
N ILE F 258 8.63 -26.78 52.88
CA ILE F 258 8.02 -25.70 53.68
C ILE F 258 8.99 -25.23 54.74
N ILE F 259 8.76 -24.00 55.22
CA ILE F 259 9.56 -23.39 56.27
C ILE F 259 9.04 -23.87 57.64
N ASN F 260 9.93 -24.45 58.44
CA ASN F 260 9.63 -24.83 59.84
C ASN F 260 9.57 -23.60 60.76
N GLY F 261 8.35 -23.23 61.14
CA GLY F 261 8.12 -22.09 62.01
C GLY F 261 8.23 -20.75 61.27
N GLU F 262 8.78 -19.77 61.96
CA GLU F 262 8.72 -18.40 61.53
C GLU F 262 9.96 -18.14 60.70
N GLY F 263 9.78 -17.43 59.58
CA GLY F 263 10.86 -17.11 58.63
C GLY F 263 10.42 -17.07 57.17
N SER F 264 11.40 -17.07 56.26
CA SER F 264 11.11 -17.26 54.85
C SER F 264 12.24 -17.84 54.03
N PHE F 265 11.91 -18.17 52.78
CA PHE F 265 12.91 -18.37 51.75
C PHE F 265 13.63 -17.04 51.55
N THR F 266 14.90 -17.09 51.17
CA THR F 266 15.66 -15.91 50.80
C THR F 266 15.85 -15.90 49.30
N PRO F 267 16.21 -14.74 48.69
CA PRO F 267 16.50 -14.71 47.23
C PRO F 267 17.67 -15.61 46.80
N GLU F 268 18.61 -15.87 47.71
CA GLU F 268 19.73 -16.80 47.48
C GLU F 268 19.21 -18.22 47.29
N GLU F 269 18.36 -18.64 48.23
CA GLU F 269 17.74 -19.97 48.24
C GLU F 269 16.83 -20.24 47.04
N ILE F 270 16.02 -19.26 46.65
CA ILE F 270 15.17 -19.42 45.47
C ILE F 270 15.96 -19.67 44.17
N GLU F 271 17.10 -18.98 44.02
CA GLU F 271 17.98 -19.17 42.88
C GLU F 271 18.62 -20.54 42.87
N LEU F 272 18.87 -21.13 44.02
CA LEU F 272 19.35 -22.51 44.04
C LEU F 272 18.29 -23.42 43.45
N ILE F 273 17.05 -23.23 43.91
CA ILE F 273 15.90 -24.05 43.48
C ILE F 273 15.58 -23.91 42.01
N ALA F 274 15.89 -22.73 41.46
CA ALA F 274 15.78 -22.46 40.04
C ALA F 274 16.78 -23.29 39.27
N GLN F 275 18.05 -23.15 39.65
CA GLN F 275 19.19 -23.85 39.04
C GLN F 275 18.99 -25.34 38.89
N THR F 276 18.30 -25.95 39.86
CA THR F 276 18.05 -27.40 39.83
C THR F 276 16.83 -27.74 38.97
N LYS F 277 15.89 -26.79 38.89
CA LYS F 277 14.77 -26.82 37.92
C LYS F 277 15.15 -26.60 36.44
N VAL F 278 16.31 -26.00 36.21
CA VAL F 278 16.90 -25.88 34.87
C VAL F 278 17.43 -27.23 34.41
N GLU F 279 18.23 -27.85 35.28
CA GLU F 279 18.74 -29.22 35.05
C GLU F 279 17.72 -30.30 35.37
N ARG F 280 16.48 -29.90 35.67
CA ARG F 280 15.34 -30.80 35.73
C ARG F 280 15.52 -31.90 36.79
N LYS F 281 15.88 -31.46 38.00
CA LYS F 281 16.02 -32.30 39.17
C LYS F 281 14.95 -31.89 40.18
N GLN F 282 14.41 -32.88 40.90
CA GLN F 282 13.26 -32.67 41.79
C GLN F 282 13.65 -32.30 43.21
N LEU F 283 12.81 -31.51 43.88
CA LEU F 283 13.12 -30.88 45.17
C LEU F 283 13.69 -31.82 46.25
N ALA F 284 13.18 -33.06 46.29
CA ALA F 284 13.74 -34.13 47.13
C ALA F 284 15.25 -34.35 46.95
N SER F 285 15.78 -34.09 45.76
CA SER F 285 17.23 -34.24 45.46
C SER F 285 18.19 -33.21 46.06
N ILE F 286 17.68 -32.06 46.51
CA ILE F 286 18.55 -30.98 47.06
C ILE F 286 18.45 -30.79 48.59
N VAL F 287 17.57 -31.58 49.23
CA VAL F 287 17.32 -31.51 50.66
C VAL F 287 18.48 -32.17 51.44
N GLY F 288 19.21 -33.10 50.82
CA GLY F 288 20.38 -33.75 51.44
C GLY F 288 21.64 -32.91 51.58
N ALA F 289 21.68 -31.72 50.98
CA ALA F 289 22.83 -30.82 51.06
C ALA F 289 22.45 -29.48 51.68
N ALA F 290 23.47 -28.67 52.00
CA ALA F 290 23.26 -27.28 52.45
C ALA F 290 22.84 -26.40 51.26
N PRO F 291 21.94 -25.44 51.47
CA PRO F 291 21.38 -25.02 52.77
C PRO F 291 20.11 -25.75 53.19
N PHE F 292 19.47 -26.42 52.24
CA PHE F 292 18.14 -27.04 52.45
C PHE F 292 18.18 -28.20 53.45
N SER F 293 19.36 -28.81 53.63
CA SER F 293 19.64 -29.76 54.74
C SER F 293 19.41 -29.21 56.13
N ASP F 294 19.47 -27.90 56.33
CA ASP F 294 19.14 -27.37 57.62
C ASP F 294 17.73 -27.84 57.98
N ALA F 295 17.63 -28.73 58.98
CA ALA F 295 16.34 -29.27 59.41
C ALA F 295 15.55 -28.31 60.31
N ASN F 296 16.22 -27.30 60.88
CA ASN F 296 15.52 -26.29 61.70
C ASN F 296 14.77 -25.27 60.87
N LYS F 297 15.18 -25.11 59.60
CA LYS F 297 14.53 -24.19 58.69
C LYS F 297 13.53 -24.91 57.75
N PHE F 298 13.96 -26.00 57.12
CA PHE F 298 13.15 -26.71 56.11
C PHE F 298 12.73 -28.12 56.50
N LYS F 299 11.46 -28.41 56.23
CA LYS F 299 10.90 -29.75 56.35
C LYS F 299 10.36 -30.11 54.97
N TYR F 300 10.93 -31.15 54.36
CA TYR F 300 10.44 -31.68 53.08
C TYR F 300 9.42 -32.76 53.38
N ILE F 301 8.20 -32.57 52.87
CA ILE F 301 7.12 -33.55 52.96
C ILE F 301 6.82 -34.12 51.57
N ALA F 302 6.80 -35.45 51.47
CA ALA F 302 6.69 -36.16 50.20
C ALA F 302 5.24 -36.41 49.80
N GLY F 303 4.98 -36.35 48.50
CA GLY F 303 3.65 -36.61 47.96
C GLY F 303 2.62 -35.52 48.21
N ALA F 304 3.01 -34.47 48.94
CA ALA F 304 2.08 -33.55 49.57
C ALA F 304 2.04 -32.18 48.87
N ARG F 305 0.84 -31.61 48.77
CA ARG F 305 0.68 -30.21 48.44
C ARG F 305 0.88 -29.47 49.76
N PRO F 306 1.29 -28.20 49.70
CA PRO F 306 1.73 -27.53 50.92
C PRO F 306 0.63 -27.06 51.87
N TRP F 307 -0.59 -26.87 51.36
CA TRP F 307 -1.66 -26.10 52.02
C TRP F 307 -1.98 -26.50 53.46
N VAL F 308 -1.88 -27.81 53.74
CA VAL F 308 -2.18 -28.35 55.09
C VAL F 308 -0.99 -28.32 56.02
N HIS F 309 0.21 -28.21 55.46
CA HIS F 309 1.42 -28.32 56.25
C HIS F 309 2.01 -26.96 56.68
N VAL F 310 1.56 -25.88 56.05
CA VAL F 310 2.14 -24.54 56.35
C VAL F 310 1.65 -23.92 57.66
N GLY F 311 0.59 -24.46 58.24
CA GLY F 311 -0.01 -23.90 59.46
C GLY F 311 -0.71 -22.57 59.19
N LYS F 312 -0.51 -21.59 60.08
CA LYS F 312 -1.08 -20.24 59.92
C LYS F 312 -0.50 -19.55 58.71
N VAL F 313 -1.37 -19.13 57.79
CA VAL F 313 -0.94 -18.39 56.61
C VAL F 313 -1.95 -17.28 56.27
N ASP F 314 -1.47 -16.17 55.69
CA ASP F 314 -2.31 -15.01 55.33
C ASP F 314 -2.73 -14.96 53.84
N VAL F 315 -1.82 -15.40 52.97
CA VAL F 315 -2.02 -15.38 51.55
C VAL F 315 -1.73 -16.75 50.97
N ALA F 316 -2.40 -17.11 49.88
CA ALA F 316 -2.18 -18.39 49.20
C ALA F 316 -2.12 -18.18 47.71
N LEU F 317 -1.07 -18.73 47.09
CA LEU F 317 -0.75 -18.52 45.67
C LEU F 317 -0.45 -19.88 44.97
N PRO F 318 -1.48 -20.58 44.43
CA PRO F 318 -1.18 -21.72 43.56
C PRO F 318 -0.44 -21.28 42.29
N SER F 319 0.71 -21.88 42.03
CA SER F 319 1.49 -21.58 40.79
C SER F 319 2.21 -22.84 40.22
N ALA F 320 1.55 -23.99 40.22
CA ALA F 320 2.17 -25.29 39.86
C ALA F 320 1.49 -26.03 38.68
N THR F 321 0.17 -26.22 38.81
CA THR F 321 -0.64 -26.83 37.76
C THR F 321 -2.14 -26.46 37.94
N GLN F 322 -3.04 -27.11 37.21
CA GLN F 322 -4.48 -26.93 37.45
C GLN F 322 -4.97 -27.93 38.49
N ASN F 323 -6.07 -27.57 39.16
CA ASN F 323 -6.68 -28.35 40.26
C ASN F 323 -5.69 -28.81 41.34
N GLU F 324 -4.91 -27.86 41.83
CA GLU F 324 -3.93 -28.11 42.92
C GLU F 324 -4.41 -27.62 44.30
N ILE F 325 -5.63 -27.06 44.34
CA ILE F 325 -6.37 -26.74 45.58
C ILE F 325 -7.78 -27.38 45.54
N SER F 326 -8.00 -28.37 46.41
CA SER F 326 -9.31 -29.03 46.54
C SER F 326 -10.23 -28.28 47.53
N GLY F 327 -11.44 -28.80 47.70
CA GLY F 327 -12.40 -28.24 48.65
C GLY F 327 -11.99 -28.42 50.09
N GLU F 328 -11.35 -29.55 50.38
CA GLU F 328 -10.82 -29.83 51.72
C GLU F 328 -9.59 -28.99 52.06
N GLU F 329 -8.83 -28.59 51.04
CA GLU F 329 -7.68 -27.70 51.21
C GLU F 329 -8.10 -26.23 51.27
N ALA F 330 -9.18 -25.89 50.57
CA ALA F 330 -9.79 -24.57 50.70
C ALA F 330 -10.24 -24.29 52.13
N GLN F 331 -10.88 -25.27 52.77
CA GLN F 331 -11.40 -25.07 54.14
C GLN F 331 -10.28 -24.97 55.20
N VAL F 332 -9.26 -25.81 55.01
CA VAL F 332 -8.11 -25.84 55.91
C VAL F 332 -7.38 -24.51 55.81
N LEU F 333 -7.21 -24.02 54.58
CA LEU F 333 -6.74 -22.65 54.35
C LEU F 333 -7.59 -21.60 55.14
N ILE F 334 -8.91 -21.76 55.19
CA ILE F 334 -9.78 -20.83 55.95
C ILE F 334 -9.56 -20.91 57.47
N ASN F 335 -9.46 -22.14 58.00
CA ASN F 335 -9.11 -22.36 59.42
C ASN F 335 -7.71 -21.84 59.80
N ALA F 336 -6.82 -21.80 58.81
CA ALA F 336 -5.47 -21.27 58.97
C ALA F 336 -5.35 -19.75 58.89
N GLY F 337 -6.46 -19.03 58.71
CA GLY F 337 -6.46 -17.55 58.74
C GLY F 337 -6.08 -16.82 57.45
N CYS F 338 -5.91 -17.58 56.36
CA CYS F 338 -5.61 -17.05 55.03
C CYS F 338 -6.77 -16.22 54.50
N LYS F 339 -6.51 -14.93 54.26
CA LYS F 339 -7.52 -13.95 53.87
C LYS F 339 -7.54 -13.61 52.38
N PHE F 340 -6.54 -14.11 51.63
CA PHE F 340 -6.35 -13.78 50.22
C PHE F 340 -5.82 -14.97 49.43
N ILE F 341 -6.30 -15.10 48.19
CA ILE F 341 -5.92 -16.23 47.34
C ILE F 341 -6.07 -15.94 45.84
N ALA F 342 -4.99 -16.14 45.12
CA ALA F 342 -4.97 -15.91 43.69
C ALA F 342 -4.24 -17.01 42.95
N GLU F 343 -4.62 -17.20 41.70
CA GLU F 343 -4.08 -18.25 40.89
C GLU F 343 -2.94 -17.70 40.05
N GLY F 344 -1.73 -18.20 40.30
CA GLY F 344 -0.58 -18.03 39.37
C GLY F 344 -0.69 -19.00 38.21
N SER F 345 -1.35 -20.13 38.48
CA SER F 345 -1.62 -21.16 37.51
C SER F 345 -3.06 -21.06 37.01
N ASN F 346 -3.27 -21.39 35.74
CA ASN F 346 -4.58 -21.34 35.08
C ASN F 346 -5.53 -22.47 35.59
N MET F 347 -6.76 -22.10 35.95
CA MET F 347 -7.75 -22.99 36.59
C MET F 347 -7.17 -23.74 37.80
N GLY F 348 -6.30 -23.08 38.58
CA GLY F 348 -5.60 -23.72 39.71
C GLY F 348 -6.48 -24.28 40.81
N CYS F 349 -7.56 -23.57 41.13
CA CYS F 349 -8.50 -23.98 42.15
C CYS F 349 -9.65 -24.71 41.50
N THR F 350 -10.08 -25.79 42.15
CA THR F 350 -11.21 -26.56 41.69
C THR F 350 -12.49 -25.74 41.93
N GLN F 351 -13.51 -25.99 41.11
CA GLN F 351 -14.85 -25.40 41.28
C GLN F 351 -15.41 -25.56 42.72
N GLU F 352 -15.12 -26.73 43.31
CA GLU F 352 -15.44 -27.02 44.70
C GLU F 352 -14.82 -25.97 45.63
N ALA F 353 -13.51 -25.76 45.47
CA ALA F 353 -12.75 -24.79 46.24
C ALA F 353 -13.16 -23.35 45.98
N ILE F 354 -13.54 -23.06 44.72
CA ILE F 354 -14.01 -21.72 44.31
C ILE F 354 -15.27 -21.31 45.05
N ASP F 355 -16.29 -22.18 45.01
CA ASP F 355 -17.54 -21.97 45.76
C ASP F 355 -17.29 -21.82 47.26
N THR F 356 -16.36 -22.62 47.77
CA THR F 356 -15.99 -22.58 49.19
C THR F 356 -15.44 -21.21 49.58
N PHE F 357 -14.55 -20.64 48.77
CA PHE F 357 -14.08 -19.27 48.97
C PHE F 357 -15.17 -18.19 48.78
N GLU F 358 -16.08 -18.39 47.83
CA GLU F 358 -17.11 -17.37 47.52
C GLU F 358 -18.22 -17.33 48.57
N ALA F 359 -18.71 -18.50 48.99
CA ALA F 359 -19.68 -18.57 50.11
C ALA F 359 -19.10 -18.06 51.43
N HIS F 360 -17.82 -18.36 51.69
CA HIS F 360 -17.16 -17.84 52.86
C HIS F 360 -17.09 -16.31 52.79
N ARG F 361 -16.73 -15.78 51.63
CA ARG F 361 -16.75 -14.32 51.40
C ARG F 361 -18.15 -13.77 51.64
N THR F 362 -19.11 -14.45 51.02
CA THR F 362 -20.53 -14.12 51.16
C THR F 362 -20.90 -14.01 52.62
N ALA F 363 -20.54 -15.02 53.40
CA ALA F 363 -20.86 -15.05 54.85
C ALA F 363 -19.96 -14.21 55.83
N ASN F 364 -18.92 -13.52 55.36
CA ASN F 364 -18.01 -12.76 56.23
C ASN F 364 -17.83 -11.36 55.71
N ALA F 365 -18.33 -10.35 56.41
CA ALA F 365 -18.25 -8.96 55.90
C ALA F 365 -16.85 -8.37 56.09
N GLY F 366 -16.27 -7.85 55.00
CA GLY F 366 -15.02 -7.09 55.03
C GLY F 366 -13.72 -7.89 54.98
N ALA F 367 -12.88 -7.74 56.00
CA ALA F 367 -11.52 -8.34 56.06
C ALA F 367 -11.43 -9.56 56.99
N ALA F 368 -12.60 -10.08 57.38
CA ALA F 368 -12.71 -11.41 57.94
C ALA F 368 -12.86 -12.47 56.83
N ALA F 369 -13.26 -12.04 55.63
CA ALA F 369 -13.39 -12.95 54.48
C ALA F 369 -12.04 -13.42 53.88
N ILE F 370 -12.11 -14.53 53.14
CA ILE F 370 -11.01 -15.00 52.29
C ILE F 370 -11.38 -14.55 50.88
N TRP F 371 -10.54 -13.72 50.28
CA TRP F 371 -10.85 -13.11 48.98
C TRP F 371 -10.08 -13.81 47.88
N TYR F 372 -10.83 -14.22 46.87
CA TYR F 372 -10.32 -15.08 45.82
C TYR F 372 -10.24 -14.38 44.48
N ALA F 373 -9.13 -14.61 43.78
CA ALA F 373 -8.93 -14.03 42.45
C ALA F 373 -8.70 -15.14 41.44
N PRO F 374 -9.53 -15.17 40.38
CA PRO F 374 -9.34 -16.20 39.38
C PRO F 374 -8.09 -15.92 38.55
N GLY F 375 -7.61 -16.95 37.85
CA GLY F 375 -6.44 -16.82 36.98
C GLY F 375 -6.54 -15.66 35.99
N LYS F 376 -7.66 -15.61 35.27
CA LYS F 376 -7.84 -14.67 34.15
C LYS F 376 -7.56 -13.17 34.42
N ALA F 377 -7.52 -12.77 35.69
CA ALA F 377 -7.17 -11.41 36.11
C ALA F 377 -5.81 -11.34 36.79
N ALA F 378 -5.67 -12.07 37.91
CA ALA F 378 -4.46 -12.07 38.72
C ALA F 378 -3.19 -12.50 37.97
N ASN F 379 -3.30 -13.46 37.05
CA ASN F 379 -2.12 -13.96 36.30
C ASN F 379 -1.87 -13.29 34.94
N ALA F 380 -2.54 -12.19 34.65
CA ALA F 380 -2.40 -11.51 33.36
C ALA F 380 -1.12 -10.60 33.25
N GLY F 381 -0.10 -10.86 34.07
CA GLY F 381 1.15 -10.11 34.02
C GLY F 381 1.94 -10.42 32.79
N GLY F 382 1.81 -11.66 32.33
CA GLY F 382 2.34 -12.10 31.03
C GLY F 382 1.74 -11.31 29.89
N VAL F 383 0.43 -11.13 29.92
CA VAL F 383 -0.26 -10.35 28.91
C VAL F 383 0.13 -8.87 29.01
N ALA F 384 0.13 -8.34 30.24
CA ALA F 384 0.45 -6.91 30.49
C ALA F 384 1.79 -6.49 29.92
N VAL F 385 2.82 -7.27 30.25
CA VAL F 385 4.18 -7.05 29.76
C VAL F 385 4.31 -7.15 28.22
N SER F 386 3.44 -7.93 27.56
N SER F 386 3.44 -7.93 27.56
CA SER F 386 3.32 -7.89 26.09
CA SER F 386 3.33 -7.91 26.09
C SER F 386 2.93 -6.53 25.60
C SER F 386 2.92 -6.54 25.60
N GLY F 387 1.95 -5.93 26.29
CA GLY F 387 1.55 -4.55 26.03
C GLY F 387 2.74 -3.62 26.04
N LEU F 388 3.59 -3.77 27.06
CA LEU F 388 4.78 -2.94 27.25
C LEU F 388 5.91 -3.23 26.24
N GLU F 389 5.98 -4.46 25.78
CA GLU F 389 6.86 -4.78 24.66
C GLU F 389 6.49 -3.89 23.46
N MET F 390 5.23 -3.93 23.04
CA MET F 390 4.73 -3.14 21.90
C MET F 390 4.87 -1.63 22.12
N ALA F 391 4.64 -1.18 23.36
CA ALA F 391 4.79 0.23 23.76
C ALA F 391 6.20 0.72 23.47
N GLN F 392 7.15 -0.06 23.94
CA GLN F 392 8.56 0.20 23.70
C GLN F 392 8.93 0.08 22.24
N ASN F 393 8.49 -1.02 21.60
CA ASN F 393 8.61 -1.22 20.14
C ASN F 393 8.11 -0.01 19.35
N SER F 394 7.02 0.61 19.79
CA SER F 394 6.50 1.83 19.14
C SER F 394 7.44 3.02 19.23
N ALA F 395 8.04 3.23 20.40
CA ALA F 395 9.08 4.26 20.58
C ALA F 395 10.48 3.83 20.07
N ARG F 396 10.63 2.56 19.74
CA ARG F 396 11.92 1.98 19.43
C ARG F 396 12.93 2.40 20.49
N LEU F 397 12.77 1.80 21.66
CA LEU F 397 13.52 2.16 22.84
C LEU F 397 13.30 1.19 23.98
N SER F 398 14.36 0.94 24.74
CA SER F 398 14.33 -0.04 25.82
C SER F 398 14.13 0.69 27.15
N TRP F 399 13.04 0.40 27.84
CA TRP F 399 12.88 0.86 29.22
C TRP F 399 13.84 0.12 30.12
N THR F 400 13.96 0.60 31.35
CA THR F 400 14.71 -0.09 32.39
C THR F 400 13.86 -1.21 32.98
N SER F 401 14.49 -2.09 33.74
CA SER F 401 13.74 -3.13 34.46
C SER F 401 12.85 -2.58 35.59
N GLU F 402 13.18 -1.37 36.07
CA GLU F 402 12.43 -0.68 37.11
C GLU F 402 11.19 -0.05 36.52
N GLU F 403 11.39 0.57 35.36
CA GLU F 403 10.33 1.24 34.60
C GLU F 403 9.24 0.31 34.05
N VAL F 404 9.62 -0.90 33.63
CA VAL F 404 8.63 -1.89 33.17
C VAL F 404 7.89 -2.45 34.38
N ASP F 405 8.66 -2.83 35.41
CA ASP F 405 8.11 -3.38 36.65
C ASP F 405 7.04 -2.49 37.26
N ALA F 406 7.40 -1.24 37.53
CA ALA F 406 6.44 -0.24 38.05
C ALA F 406 5.17 -0.16 37.21
N ARG F 407 5.33 -0.15 35.89
CA ARG F 407 4.22 -0.02 34.98
C ARG F 407 3.35 -1.25 34.99
N LEU F 408 3.99 -2.43 35.09
CA LEU F 408 3.28 -3.71 35.22
C LEU F 408 2.30 -3.71 36.38
N LYS F 409 2.75 -3.18 37.52
CA LYS F 409 1.90 -3.07 38.72
C LYS F 409 0.67 -2.24 38.41
N ASP F 410 0.85 -0.98 37.99
CA ASP F 410 -0.27 -0.11 37.55
C ASP F 410 -1.30 -0.86 36.68
N ILE F 411 -0.80 -1.65 35.72
CA ILE F 411 -1.65 -2.46 34.80
C ILE F 411 -2.41 -3.58 35.55
N MET F 412 -1.83 -4.14 36.62
CA MET F 412 -2.59 -5.06 37.49
C MET F 412 -3.61 -4.33 38.41
N ARG F 413 -3.38 -3.05 38.68
CA ARG F 413 -4.37 -2.23 39.37
C ARG F 413 -5.63 -2.03 38.50
N ASP F 414 -5.44 -1.66 37.22
CA ASP F 414 -6.57 -1.52 36.28
C ASP F 414 -7.38 -2.83 36.13
N CYS F 415 -6.67 -3.93 35.99
CA CYS F 415 -7.24 -5.26 36.02
C CYS F 415 -7.96 -5.55 37.35
N PHE F 416 -7.36 -5.14 38.47
CA PHE F 416 -8.02 -5.22 39.79
C PHE F 416 -9.26 -4.35 39.88
N LYS F 417 -9.11 -3.07 39.57
CA LYS F 417 -10.24 -2.14 39.50
C LYS F 417 -11.39 -2.63 38.61
N ASN F 418 -11.09 -3.21 37.44
CA ASN F 418 -12.15 -3.63 36.48
C ASN F 418 -13.03 -4.70 37.08
N GLY F 419 -12.43 -5.66 37.79
CA GLY F 419 -13.20 -6.66 38.54
C GLY F 419 -14.02 -6.01 39.65
N LEU F 420 -13.34 -5.31 40.56
CA LEU F 420 -13.96 -4.71 41.74
C LEU F 420 -15.19 -3.87 41.46
N GLU F 421 -15.07 -3.03 40.43
CA GLU F 421 -16.12 -2.10 40.01
C GLU F 421 -17.26 -2.78 39.27
N THR F 422 -16.95 -3.81 38.47
CA THR F 422 -17.97 -4.54 37.69
C THR F 422 -18.80 -5.46 38.58
N ALA F 423 -18.19 -6.04 39.62
CA ALA F 423 -18.95 -6.86 40.60
C ALA F 423 -19.82 -6.01 41.54
N GLN F 424 -19.32 -4.84 41.93
CA GLN F 424 -20.10 -3.90 42.71
C GLN F 424 -21.32 -3.46 41.91
N GLU F 425 -21.17 -3.32 40.59
CA GLU F 425 -22.29 -2.92 39.70
C GLU F 425 -23.24 -4.04 39.27
N TYR F 426 -22.73 -5.23 38.94
CA TYR F 426 -23.58 -6.30 38.37
C TYR F 426 -23.91 -7.50 39.28
N ALA F 427 -23.26 -7.58 40.45
CA ALA F 427 -23.59 -8.58 41.47
C ALA F 427 -23.35 -7.94 42.82
N THR F 428 -24.11 -6.90 43.08
CA THR F 428 -23.93 -6.05 44.24
C THR F 428 -23.94 -6.88 45.51
N PRO F 429 -22.80 -6.92 46.25
CA PRO F 429 -22.87 -7.58 47.54
C PRO F 429 -23.59 -6.70 48.57
N ALA F 430 -23.81 -7.25 49.76
CA ALA F 430 -24.44 -6.55 50.88
C ALA F 430 -23.52 -5.50 51.53
N GLU F 431 -24.11 -4.53 52.23
CA GLU F 431 -23.32 -3.47 52.89
C GLU F 431 -22.34 -4.17 53.83
N GLY F 432 -21.05 -3.87 53.67
CA GLY F 432 -19.96 -4.52 54.41
C GLY F 432 -19.17 -5.56 53.65
N VAL F 433 -19.82 -6.25 52.71
CA VAL F 433 -19.28 -7.45 52.03
C VAL F 433 -18.37 -7.09 50.83
N LEU F 434 -17.30 -7.86 50.63
CA LEU F 434 -16.41 -7.69 49.46
C LEU F 434 -17.10 -8.22 48.19
N PRO F 435 -17.01 -7.47 47.07
CA PRO F 435 -17.55 -8.04 45.82
C PRO F 435 -16.76 -9.25 45.30
N SER F 436 -17.33 -9.91 44.31
CA SER F 436 -16.79 -11.16 43.79
C SER F 436 -15.89 -10.87 42.63
N LEU F 437 -14.58 -10.98 42.87
CA LEU F 437 -13.59 -10.73 41.81
C LEU F 437 -13.67 -11.74 40.67
N VAL F 438 -14.14 -12.95 40.98
CA VAL F 438 -14.37 -13.96 39.93
C VAL F 438 -15.54 -13.51 39.08
N THR F 439 -16.68 -13.22 39.73
CA THR F 439 -17.93 -12.85 39.03
C THR F 439 -17.79 -11.51 38.29
N GLY F 440 -17.16 -10.56 38.96
CA GLY F 440 -16.74 -9.32 38.31
C GLY F 440 -15.89 -9.55 37.08
N SER F 441 -14.89 -10.43 37.18
CA SER F 441 -13.90 -10.58 36.12
C SER F 441 -14.37 -11.37 34.89
N ASN F 442 -15.45 -12.15 35.04
CA ASN F 442 -16.06 -12.86 33.92
C ASN F 442 -17.00 -11.99 33.11
N ILE F 443 -17.38 -10.86 33.69
CA ILE F 443 -18.34 -9.91 33.10
C ILE F 443 -17.67 -8.64 32.55
N ALA F 444 -16.68 -8.11 33.24
CA ALA F 444 -16.03 -6.82 32.90
C ALA F 444 -15.45 -6.78 31.49
N GLY F 445 -14.79 -7.86 31.09
CA GLY F 445 -14.30 -8.01 29.73
C GLY F 445 -15.39 -7.81 28.70
N PHE F 446 -16.54 -8.46 28.91
CA PHE F 446 -17.67 -8.35 28.00
C PHE F 446 -18.27 -6.94 27.94
N THR F 447 -18.41 -6.30 29.10
CA THR F 447 -19.04 -4.97 29.18
C THR F 447 -18.18 -3.85 28.57
N LYS F 448 -16.88 -3.84 28.84
CA LYS F 448 -15.97 -2.88 28.20
C LYS F 448 -16.01 -3.03 26.65
N VAL F 449 -15.93 -4.27 26.18
CA VAL F 449 -15.94 -4.56 24.75
C VAL F 449 -17.27 -4.24 24.04
N ALA F 450 -18.40 -4.43 24.73
CA ALA F 450 -19.72 -4.19 24.16
C ALA F 450 -20.08 -2.70 24.13
N ALA F 451 -19.73 -2.00 25.21
CA ALA F 451 -19.82 -0.53 25.27
C ALA F 451 -18.95 0.10 24.19
N ALA F 452 -17.75 -0.46 23.96
CA ALA F 452 -16.88 -0.03 22.84
C ALA F 452 -17.56 -0.25 21.47
N MET F 453 -17.95 -1.49 21.19
CA MET F 453 -18.66 -1.86 19.97
C MET F 453 -19.89 -0.94 19.63
N LYS F 454 -20.62 -0.53 20.67
CA LYS F 454 -21.76 0.37 20.52
C LYS F 454 -21.33 1.81 20.21
N ASP F 455 -20.32 2.32 20.90
CA ASP F 455 -19.72 3.62 20.55
C ASP F 455 -19.35 3.65 19.05
N GLN F 456 -18.80 2.54 18.56
CA GLN F 456 -18.27 2.45 17.18
C GLN F 456 -19.22 1.99 16.06
N GLY F 457 -20.49 1.78 16.38
CA GLY F 457 -21.49 1.31 15.41
C GLY F 457 -21.31 -0.11 14.90
N ASP F 458 -20.73 -0.96 15.73
CA ASP F 458 -20.63 -2.39 15.41
C ASP F 458 -21.99 -3.05 15.66
N TRP F 459 -22.69 -2.60 16.70
CA TRP F 459 -24.10 -2.89 16.89
C TRP F 459 -24.84 -1.61 17.32
N TRP F 460 -26.16 -1.72 17.36
CA TRP F 460 -27.04 -0.63 17.80
C TRP F 460 -28.43 -1.14 18.22
C1 GOL G . 2.73 -23.09 -25.44
O1 GOL G . 2.46 -24.47 -25.81
C2 GOL G . 4.23 -22.77 -25.41
O2 GOL G . 4.47 -21.44 -24.91
C3 GOL G . 4.99 -23.75 -24.49
O3 GOL G . 5.86 -24.62 -25.24
C1 GOL H . 9.42 10.26 28.49
O1 GOL H . 10.74 10.25 29.11
C2 GOL H . 8.31 10.62 29.50
O2 GOL H . 7.49 11.67 28.96
C3 GOL H . 7.45 9.40 29.83
O3 GOL H . 8.26 8.31 30.31
#